data_6CN1
#
_entry.id   6CN1
#
_cell.length_a   128.615
_cell.length_b   148.119
_cell.length_c   164.627
_cell.angle_alpha   90.00
_cell.angle_beta   90.00
_cell.angle_gamma   90.00
#
_symmetry.space_group_name_H-M   'P 21 21 21'
#
loop_
_entity.id
_entity.type
_entity.pdbx_description
1 polymer 'UDP-N-acetylglucosamine 1-carboxyvinyltransferase'
2 non-polymer 'URIDINE-DIPHOSPHATE-2(N-ACETYLGLUCOSAMINYL) BUTYRIC ACID'
3 non-polymer '(2R)-2-(phosphonooxy)propanoic acid'
4 non-polymer 'MAGNESIUM ION'
5 non-polymer 'CHLORIDE ION'
6 water water
#
_entity_poly.entity_id   1
_entity_poly.type   'polypeptide(L)'
_entity_poly.pdbx_seq_one_letter_code
;SNAMDKLIITGGARLDGEIRISGAKNAALPILAATLLADGPVTVGNLPHLHDITTMIELFGRMGIEPVIDEKLSVEIDPR
TIKTLVAPYELVKTMRASILVLGPMVARFGEAEVALPGGCAIGSRPVDLHIRGLEAMGAKIEVEGGYIKAKAPEGGLRGA
HFFFDTVSVTGTENIMMAAALAKGRSVLQNAAREPEVVDLANFINAMGGNIQGAGTDTITIDGVERLDSANYRVMPDRIE
TGTYLVAAAVTGGRVKVKDTDPTILEAVLEKLKEAGADINTGEDWIELDMHGKRPKAVNLRTAPYPAFPTDMQAQFISLN
AIAEGTGAVIETIFENRFMHVYEMHRMGAQIQVEGNTAIVTGVKALKGAPVMATDLRASASLVLSALVAEGDTLIDRIYH
IDRGYECIEEKLQMLGAKIRRVPG
;
_entity_poly.pdbx_strand_id   A,B,C,D,E,F,G,H
#
# COMPACT_ATOMS: atom_id res chain seq x y z
N ALA A 3 -7.55 61.31 -3.18
CA ALA A 3 -6.08 61.24 -3.44
C ALA A 3 -5.75 61.32 -4.92
N MET A 4 -6.52 60.61 -5.75
CA MET A 4 -6.29 60.61 -7.21
C MET A 4 -7.57 60.31 -8.01
N ASP A 5 -7.55 60.75 -9.28
CA ASP A 5 -8.68 60.60 -10.20
C ASP A 5 -9.00 59.15 -10.58
N LYS A 6 -10.25 58.93 -11.02
CA LYS A 6 -10.73 57.61 -11.44
C LYS A 6 -11.65 57.75 -12.66
N LEU A 7 -12.03 56.62 -13.25
CA LEU A 7 -12.93 56.59 -14.40
C LEU A 7 -14.05 55.58 -14.20
N ILE A 8 -15.29 56.01 -14.42
CA ILE A 8 -16.44 55.11 -14.32
C ILE A 8 -16.99 54.95 -15.74
N ILE A 9 -17.12 53.70 -16.19
CA ILE A 9 -17.58 53.39 -17.54
C ILE A 9 -18.74 52.42 -17.55
N THR A 10 -19.83 52.79 -18.24
CA THR A 10 -21.02 51.96 -18.36
C THR A 10 -21.01 51.38 -19.78
N GLY A 11 -20.99 50.06 -19.88
CA GLY A 11 -20.94 49.38 -21.19
C GLY A 11 -22.28 49.24 -21.90
N GLY A 12 -22.23 48.70 -23.12
CA GLY A 12 -23.41 48.48 -23.95
C GLY A 12 -23.60 49.44 -25.12
N ALA A 13 -23.11 50.67 -24.98
CA ALA A 13 -23.25 51.68 -26.02
C ALA A 13 -22.36 51.43 -27.24
N ARG A 14 -22.99 51.36 -28.42
CA ARG A 14 -22.30 51.15 -29.68
C ARG A 14 -21.72 52.50 -30.09
N LEU A 15 -20.40 52.57 -30.29
CA LEU A 15 -19.75 53.85 -30.64
C LEU A 15 -19.98 54.32 -32.07
N ASP A 16 -20.03 55.63 -32.23
CA ASP A 16 -20.25 56.26 -33.54
C ASP A 16 -19.89 57.75 -33.45
N GLY A 17 -18.88 58.16 -34.22
CA GLY A 17 -18.44 59.56 -34.24
C GLY A 17 -17.07 59.72 -34.89
N GLU A 18 -16.43 60.86 -34.62
CA GLU A 18 -15.09 61.13 -35.16
C GLU A 18 -14.28 61.95 -34.16
N ILE A 19 -12.98 61.67 -34.11
CA ILE A 19 -12.05 62.37 -33.21
C ILE A 19 -10.74 62.70 -33.91
N ARG A 20 -10.10 63.77 -33.46
CA ARG A 20 -8.84 64.23 -34.02
C ARG A 20 -7.67 63.63 -33.26
N ILE A 21 -6.75 63.03 -34.01
CA ILE A 21 -5.58 62.40 -33.42
C ILE A 21 -4.54 63.44 -33.06
N SER A 22 -3.96 63.27 -31.88
CA SER A 22 -2.96 64.16 -31.34
C SER A 22 -1.60 63.85 -31.93
N GLY A 23 -0.62 64.65 -31.56
CA GLY A 23 0.75 64.45 -32.00
C GLY A 23 1.29 63.22 -31.31
N ALA A 24 2.18 62.52 -32.01
CA ALA A 24 2.79 61.30 -31.48
C ALA A 24 3.60 61.56 -30.22
N LYS A 25 3.20 60.86 -29.15
CA LYS A 25 3.89 60.94 -27.87
C LYS A 25 5.37 60.57 -28.05
N ASN A 26 5.61 59.39 -28.60
CA ASN A 26 6.96 58.87 -28.82
C ASN A 26 7.78 59.60 -29.91
N ALA A 27 7.18 60.61 -30.53
CA ALA A 27 7.87 61.45 -31.52
C ALA A 27 8.07 62.81 -30.87
N ALA A 28 7.06 63.27 -30.14
CA ALA A 28 7.12 64.54 -29.43
C ALA A 28 8.20 64.50 -28.35
N LEU A 29 8.40 63.35 -27.73
CA LEU A 29 9.43 63.20 -26.69
C LEU A 29 10.86 63.40 -27.22
N PRO A 30 11.26 62.63 -28.26
CA PRO A 30 12.61 62.83 -28.81
C PRO A 30 12.82 64.17 -29.53
N ILE A 31 11.78 64.67 -30.21
CA ILE A 31 11.86 65.95 -30.92
C ILE A 31 12.14 67.09 -29.95
N LEU A 32 11.55 67.03 -28.76
CA LEU A 32 11.77 68.05 -27.74
C LEU A 32 13.20 67.96 -27.23
N ALA A 33 13.67 66.73 -26.99
CA ALA A 33 15.06 66.52 -26.53
C ALA A 33 16.07 66.96 -27.60
N ALA A 34 15.67 66.87 -28.87
CA ALA A 34 16.52 67.28 -29.99
C ALA A 34 16.68 68.79 -30.12
N THR A 35 15.84 69.55 -29.39
CA THR A 35 15.95 71.02 -29.42
C THR A 35 17.24 71.47 -28.75
N LEU A 36 17.81 70.62 -27.90
CA LEU A 36 19.07 70.91 -27.22
C LEU A 36 20.24 71.03 -28.22
N LEU A 37 20.11 70.35 -29.36
CA LEU A 37 21.12 70.40 -30.42
C LEU A 37 21.21 71.78 -31.08
N ALA A 38 20.06 72.44 -31.20
CA ALA A 38 19.99 73.75 -31.84
C ALA A 38 20.58 74.88 -31.00
N ASP A 39 20.83 76.02 -31.66
CA ASP A 39 21.37 77.23 -31.02
C ASP A 39 20.48 78.44 -31.35
N GLY A 40 19.17 78.23 -31.32
CA GLY A 40 18.20 79.29 -31.62
C GLY A 40 16.79 78.96 -31.13
N PRO A 41 15.83 79.85 -31.41
CA PRO A 41 14.44 79.64 -31.00
C PRO A 41 13.69 78.60 -31.85
N VAL A 42 13.72 77.34 -31.41
CA VAL A 42 13.04 76.25 -32.12
C VAL A 42 11.60 76.12 -31.63
N THR A 43 10.64 76.10 -32.56
CA THR A 43 9.22 75.98 -32.23
C THR A 43 8.71 74.59 -32.63
N VAL A 44 8.08 73.89 -31.69
CA VAL A 44 7.55 72.54 -31.92
C VAL A 44 6.02 72.55 -31.80
N GLY A 45 5.34 72.25 -32.91
CA GLY A 45 3.87 72.24 -32.95
C GLY A 45 3.22 70.87 -32.88
N ASN A 46 1.90 70.87 -32.68
CA ASN A 46 1.06 69.67 -32.58
C ASN A 46 1.42 68.76 -31.38
N LEU A 47 1.93 69.35 -30.30
CA LEU A 47 2.27 68.57 -29.12
C LEU A 47 1.00 68.06 -28.44
N PRO A 48 1.00 66.78 -28.00
CA PRO A 48 -0.17 66.22 -27.34
C PRO A 48 -0.23 66.65 -25.88
N HIS A 49 -1.45 66.83 -25.37
CA HIS A 49 -1.66 67.22 -23.98
C HIS A 49 -1.77 65.97 -23.12
N LEU A 50 -0.63 65.48 -22.66
CA LEU A 50 -0.54 64.31 -21.80
C LEU A 50 0.62 64.52 -20.81
N HIS A 51 0.52 63.93 -19.62
CA HIS A 51 1.50 64.16 -18.54
C HIS A 51 2.99 63.99 -18.90
N ASP A 52 3.32 63.08 -19.82
CA ASP A 52 4.74 62.89 -20.20
C ASP A 52 5.35 64.08 -20.95
N ILE A 53 4.53 64.85 -21.67
CA ILE A 53 5.02 66.05 -22.34
C ILE A 53 5.25 67.11 -21.26
N THR A 54 4.38 67.12 -20.25
CA THR A 54 4.54 68.05 -19.12
C THR A 54 5.80 67.69 -18.33
N THR A 55 6.09 66.39 -18.21
CA THR A 55 7.27 65.90 -17.50
C THR A 55 8.56 66.29 -18.22
N MET A 56 8.54 66.22 -19.56
CA MET A 56 9.71 66.60 -20.36
C MET A 56 9.94 68.10 -20.23
N ILE A 57 8.86 68.88 -20.13
CA ILE A 57 8.97 70.34 -19.96
C ILE A 57 9.57 70.66 -18.59
N GLU A 58 9.23 69.87 -17.57
CA GLU A 58 9.79 70.05 -16.22
C GLU A 58 11.30 69.76 -16.23
N LEU A 59 11.71 68.75 -17.01
CA LEU A 59 13.12 68.38 -17.14
C LEU A 59 13.91 69.55 -17.74
N PHE A 60 13.29 70.26 -18.69
CA PHE A 60 13.91 71.45 -19.30
C PHE A 60 13.98 72.61 -18.32
N GLY A 61 12.98 72.71 -17.43
CA GLY A 61 12.94 73.77 -16.42
C GLY A 61 14.05 73.62 -15.38
N ARG A 62 14.29 72.38 -14.96
CA ARG A 62 15.35 72.08 -13.98
C ARG A 62 16.74 72.38 -14.54
N MET A 63 16.87 72.37 -15.87
CA MET A 63 18.12 72.69 -16.55
C MET A 63 18.28 74.20 -16.82
N GLY A 64 17.20 74.95 -16.63
CA GLY A 64 17.19 76.41 -16.84
C GLY A 64 16.70 76.83 -18.22
N ILE A 65 15.71 76.11 -18.75
CA ILE A 65 15.15 76.39 -20.07
C ILE A 65 13.62 76.41 -19.99
N GLU A 66 13.06 77.54 -19.55
CA GLU A 66 11.61 77.67 -19.46
C GLU A 66 11.03 77.99 -20.85
N PRO A 67 10.18 77.08 -21.40
CA PRO A 67 9.63 77.34 -22.74
C PRO A 67 8.53 78.41 -22.77
N VAL A 68 8.37 79.02 -23.94
CA VAL A 68 7.37 80.07 -24.16
C VAL A 68 6.44 79.58 -25.28
N ILE A 69 5.13 79.59 -25.01
CA ILE A 69 4.11 79.14 -25.97
C ILE A 69 3.78 80.26 -26.98
N ASP A 70 4.25 80.10 -28.22
CA ASP A 70 4.03 81.08 -29.31
C ASP A 70 2.55 81.20 -29.65
N GLU A 71 1.94 80.05 -29.93
CA GLU A 71 0.51 79.96 -30.24
C GLU A 71 0.00 78.62 -29.70
N LYS A 72 -1.30 78.37 -29.88
CA LYS A 72 -1.91 77.12 -29.41
C LYS A 72 -1.10 75.87 -29.78
N LEU A 73 -0.70 75.11 -28.74
CA LEU A 73 0.07 73.86 -28.89
C LEU A 73 1.48 73.99 -29.51
N SER A 74 1.95 75.23 -29.70
CA SER A 74 3.28 75.47 -30.29
C SER A 74 4.24 75.99 -29.22
N VAL A 75 5.11 75.11 -28.74
CA VAL A 75 6.08 75.44 -27.70
C VAL A 75 7.42 75.84 -28.33
N GLU A 76 7.86 77.06 -28.04
CA GLU A 76 9.12 77.62 -28.55
C GLU A 76 10.21 77.44 -27.49
N ILE A 77 11.28 76.73 -27.87
CA ILE A 77 12.40 76.45 -26.97
C ILE A 77 13.72 77.03 -27.50
N ASP A 78 14.49 77.62 -26.58
CA ASP A 78 15.79 78.22 -26.89
C ASP A 78 16.80 77.69 -25.86
N PRO A 79 17.61 76.66 -26.24
CA PRO A 79 18.59 76.07 -25.32
C PRO A 79 19.82 76.91 -24.96
N ARG A 80 19.98 78.08 -25.58
CA ARG A 80 21.13 78.96 -25.26
C ARG A 80 21.12 79.44 -23.81
N THR A 81 19.94 79.44 -23.18
CA THR A 81 19.78 79.88 -21.80
C THR A 81 19.97 78.76 -20.75
N ILE A 82 20.41 77.58 -21.19
CA ILE A 82 20.61 76.44 -20.29
C ILE A 82 21.71 76.72 -19.25
N LYS A 83 21.45 76.29 -18.01
CA LYS A 83 22.38 76.49 -16.89
C LYS A 83 23.05 75.19 -16.45
N THR A 84 22.23 74.22 -16.05
CA THR A 84 22.73 72.93 -15.53
C THR A 84 22.62 71.79 -16.56
N LEU A 85 23.72 71.03 -16.71
CA LEU A 85 23.79 69.90 -17.64
C LEU A 85 23.53 68.58 -16.91
N VAL A 86 22.39 68.50 -16.23
CA VAL A 86 22.01 67.31 -15.44
C VAL A 86 20.52 66.98 -15.60
N ALA A 87 20.22 65.69 -15.74
CA ALA A 87 18.84 65.21 -15.83
C ALA A 87 18.63 64.51 -14.48
N PRO A 88 18.06 65.22 -13.49
CA PRO A 88 17.91 64.67 -12.14
C PRO A 88 17.07 63.40 -12.00
N TYR A 89 17.48 62.53 -11.07
CA TYR A 89 16.80 61.27 -10.77
C TYR A 89 15.33 61.46 -10.39
N GLU A 90 15.02 62.60 -9.75
CA GLU A 90 13.65 62.91 -9.33
C GLU A 90 12.67 62.98 -10.53
N LEU A 91 13.18 63.29 -11.72
CA LEU A 91 12.36 63.33 -12.93
C LEU A 91 12.57 62.09 -13.81
N VAL A 92 13.78 61.55 -13.84
CA VAL A 92 14.08 60.36 -14.64
C VAL A 92 13.38 59.13 -14.06
N LYS A 93 13.28 59.04 -12.74
CA LYS A 93 12.62 57.89 -12.09
C LYS A 93 11.13 57.82 -12.46
N THR A 94 10.54 58.98 -12.76
CA THR A 94 9.13 59.07 -13.14
C THR A 94 8.91 58.81 -14.64
N MET A 95 9.94 59.05 -15.45
CA MET A 95 9.86 58.81 -16.90
C MET A 95 11.24 58.43 -17.44
N ARG A 96 11.40 57.14 -17.75
CA ARG A 96 12.68 56.61 -18.26
C ARG A 96 13.02 57.11 -19.67
N ALA A 97 12.05 57.69 -20.37
CA ALA A 97 12.27 58.24 -21.70
C ALA A 97 13.15 59.50 -21.62
N SER A 98 13.30 60.03 -20.39
CA SER A 98 14.13 61.20 -20.13
C SER A 98 15.59 60.98 -20.55
N ILE A 99 15.98 59.71 -20.72
CA ILE A 99 17.33 59.36 -21.15
C ILE A 99 17.63 59.92 -22.55
N LEU A 100 16.59 60.26 -23.29
CA LEU A 100 16.74 60.85 -24.63
C LEU A 100 17.53 62.16 -24.68
N VAL A 101 17.64 62.86 -23.54
CA VAL A 101 18.40 64.11 -23.49
C VAL A 101 19.93 63.87 -23.46
N LEU A 102 20.34 62.67 -23.06
CA LEU A 102 21.76 62.31 -22.97
C LEU A 102 22.52 62.56 -24.27
N GLY A 103 22.07 61.92 -25.35
CA GLY A 103 22.69 62.05 -26.68
C GLY A 103 22.99 63.49 -27.11
N PRO A 104 21.93 64.31 -27.25
CA PRO A 104 22.13 65.71 -27.67
C PRO A 104 22.90 66.58 -26.66
N MET A 105 22.71 66.34 -25.37
CA MET A 105 23.40 67.13 -24.34
C MET A 105 24.92 66.87 -24.37
N VAL A 106 25.30 65.64 -24.72
CA VAL A 106 26.72 65.25 -24.81
C VAL A 106 27.36 65.79 -26.10
N ALA A 107 26.64 65.71 -27.21
CA ALA A 107 27.15 66.16 -28.51
C ALA A 107 27.31 67.67 -28.63
N ARG A 108 26.33 68.42 -28.14
CA ARG A 108 26.36 69.89 -28.23
C ARG A 108 27.21 70.55 -27.17
N PHE A 109 26.85 70.32 -25.90
CA PHE A 109 27.52 70.96 -24.76
C PHE A 109 28.82 70.32 -24.26
N GLY A 110 29.12 69.09 -24.72
CA GLY A 110 30.36 68.41 -24.33
C GLY A 110 30.26 67.37 -23.23
N GLU A 111 29.32 67.54 -22.30
CA GLU A 111 29.13 66.58 -21.22
C GLU A 111 27.69 66.58 -20.70
N ALA A 112 27.36 65.57 -19.92
CA ALA A 112 26.02 65.43 -19.36
C ALA A 112 25.95 64.38 -18.25
N GLU A 113 25.08 64.60 -17.28
CA GLU A 113 24.85 63.65 -16.18
C GLU A 113 23.36 63.29 -16.15
N VAL A 114 23.02 62.15 -16.73
CA VAL A 114 21.63 61.69 -16.77
C VAL A 114 21.49 60.50 -15.84
N ALA A 115 20.47 60.54 -14.99
CA ALA A 115 20.21 59.46 -14.04
C ALA A 115 19.93 58.16 -14.79
N LEU A 116 20.60 57.08 -14.41
CA LEU A 116 20.43 55.78 -15.06
C LEU A 116 19.06 55.24 -14.70
N PRO A 117 18.17 55.03 -15.70
CA PRO A 117 16.84 54.52 -15.37
C PRO A 117 16.87 53.17 -14.66
N GLY A 118 15.98 53.01 -13.68
CA GLY A 118 15.87 51.77 -12.92
C GLY A 118 14.95 50.78 -13.61
N GLY A 119 14.13 50.09 -12.82
CA GLY A 119 13.19 49.11 -13.35
C GLY A 119 11.87 49.70 -13.81
N CYS A 120 11.22 48.98 -14.71
CA CYS A 120 9.91 49.36 -15.25
C CYS A 120 9.06 48.09 -15.25
N ALA A 121 7.90 48.15 -14.56
CA ALA A 121 6.98 47.00 -14.43
C ALA A 121 6.70 46.25 -15.74
N ILE A 122 6.74 46.97 -16.84
CA ILE A 122 6.51 46.40 -18.18
C ILE A 122 7.41 45.19 -18.46
N GLY A 123 8.71 45.34 -18.22
CA GLY A 123 9.67 44.26 -18.42
C GLY A 123 11.13 44.69 -18.45
N SER A 124 11.97 43.89 -19.09
CA SER A 124 13.40 44.16 -19.19
C SER A 124 13.64 45.28 -20.19
N ARG A 125 14.17 46.40 -19.69
CA ARG A 125 14.43 47.56 -20.53
C ARG A 125 15.78 48.21 -20.19
N PRO A 126 16.88 47.46 -20.39
CA PRO A 126 18.21 48.03 -20.13
C PRO A 126 18.59 49.09 -21.16
N VAL A 127 19.59 49.91 -20.83
CA VAL A 127 20.03 51.00 -21.73
C VAL A 127 21.53 50.89 -22.10
N ASP A 128 22.06 49.67 -22.15
CA ASP A 128 23.48 49.45 -22.48
C ASP A 128 23.87 49.93 -23.89
N LEU A 129 22.96 49.82 -24.85
CA LEU A 129 23.22 50.25 -26.23
C LEU A 129 23.35 51.78 -26.34
N HIS A 130 22.61 52.50 -25.50
CA HIS A 130 22.67 53.96 -25.47
C HIS A 130 24.09 54.40 -25.10
N ILE A 131 24.68 53.72 -24.12
CA ILE A 131 26.03 54.01 -23.65
C ILE A 131 27.07 53.54 -24.67
N ARG A 132 26.95 52.28 -25.10
CA ARG A 132 27.88 51.69 -26.10
C ARG A 132 28.00 52.53 -27.39
N GLY A 133 26.91 53.17 -27.78
CA GLY A 133 26.88 54.01 -28.98
C GLY A 133 27.63 55.31 -28.79
N LEU A 134 27.51 55.91 -27.61
CA LEU A 134 28.21 57.16 -27.29
C LEU A 134 29.69 56.88 -27.05
N GLU A 135 30.01 55.69 -26.52
CA GLU A 135 31.41 55.30 -26.31
C GLU A 135 32.09 55.03 -27.66
N ALA A 136 31.32 54.58 -28.64
CA ALA A 136 31.83 54.35 -29.99
C ALA A 136 32.20 55.67 -30.67
N MET A 137 31.66 56.77 -30.11
CA MET A 137 31.97 58.13 -30.60
C MET A 137 33.01 58.82 -29.70
N GLY A 138 33.79 58.04 -28.95
CA GLY A 138 34.86 58.57 -28.10
C GLY A 138 34.49 59.19 -26.75
N ALA A 139 33.20 59.28 -26.44
CA ALA A 139 32.76 59.87 -25.18
C ALA A 139 32.99 58.91 -24.02
N LYS A 140 33.81 59.31 -23.04
CA LYS A 140 34.06 58.47 -21.88
C LYS A 140 32.89 58.59 -20.92
N ILE A 141 32.30 57.44 -20.56
CA ILE A 141 31.13 57.38 -19.68
C ILE A 141 31.38 56.47 -18.48
N GLU A 142 30.73 56.81 -17.36
CA GLU A 142 30.82 56.04 -16.13
C GLU A 142 29.50 56.20 -15.34
N VAL A 143 29.07 55.11 -14.69
CA VAL A 143 27.85 55.12 -13.88
C VAL A 143 28.25 55.22 -12.42
N GLU A 144 28.26 56.46 -11.90
CA GLU A 144 28.64 56.75 -10.52
C GLU A 144 27.51 57.52 -9.85
N GLY A 145 27.15 57.11 -8.63
CA GLY A 145 26.06 57.74 -7.88
C GLY A 145 24.70 57.57 -8.55
N GLY A 146 24.59 56.54 -9.38
CA GLY A 146 23.36 56.27 -10.12
C GLY A 146 23.17 57.21 -11.30
N TYR A 147 24.25 57.89 -11.71
CA TYR A 147 24.20 58.83 -12.83
C TYR A 147 25.14 58.45 -13.96
N ILE A 148 24.65 58.59 -15.18
CA ILE A 148 25.44 58.34 -16.38
C ILE A 148 26.27 59.60 -16.59
N LYS A 149 27.47 59.62 -16.01
CA LYS A 149 28.37 60.77 -16.14
C LYS A 149 29.18 60.67 -17.44
N ALA A 150 28.62 61.23 -18.51
CA ALA A 150 29.25 61.21 -19.83
C ALA A 150 30.11 62.45 -20.05
N LYS A 151 31.25 62.25 -20.70
CA LYS A 151 32.19 63.35 -21.00
C LYS A 151 32.82 63.11 -22.37
N ALA A 152 32.50 63.98 -23.31
CA ALA A 152 33.03 63.87 -24.67
C ALA A 152 34.47 64.32 -24.70
N PRO A 153 35.27 63.79 -25.65
CA PRO A 153 36.68 64.19 -25.74
C PRO A 153 36.79 65.56 -26.41
N GLU A 154 37.89 66.26 -26.19
CA GLU A 154 38.08 67.58 -26.78
C GLU A 154 38.00 67.49 -28.30
N GLY A 155 37.31 68.46 -28.90
CA GLY A 155 37.11 68.52 -30.35
C GLY A 155 35.75 67.94 -30.75
N GLY A 156 34.89 67.70 -29.76
CA GLY A 156 33.55 67.14 -30.00
C GLY A 156 33.54 65.62 -30.13
N LEU A 157 32.40 65.09 -30.56
CA LEU A 157 32.23 63.65 -30.76
C LEU A 157 32.68 63.25 -32.16
N ARG A 158 33.25 62.05 -32.27
CA ARG A 158 33.72 61.53 -33.55
C ARG A 158 32.70 60.53 -34.09
N GLY A 159 32.40 60.60 -35.38
CA GLY A 159 31.44 59.68 -36.00
C GLY A 159 32.00 58.27 -36.07
N ALA A 160 31.13 57.28 -36.06
CA ALA A 160 31.54 55.86 -36.13
C ALA A 160 30.44 54.92 -36.62
N HIS A 161 30.86 53.78 -37.14
CA HIS A 161 29.94 52.74 -37.63
C HIS A 161 29.50 51.87 -36.45
N PHE A 162 28.41 52.27 -35.77
CA PHE A 162 27.88 51.52 -34.62
C PHE A 162 26.74 50.58 -35.03
N PHE A 163 26.83 49.33 -34.59
CA PHE A 163 25.83 48.30 -34.89
C PHE A 163 25.01 47.90 -33.66
N PHE A 164 23.69 48.05 -33.74
CA PHE A 164 22.80 47.65 -32.65
C PHE A 164 22.56 46.15 -32.68
N ASP A 165 22.91 45.46 -31.60
CA ASP A 165 22.72 44.01 -31.50
C ASP A 165 21.24 43.65 -31.40
N THR A 166 20.44 44.59 -30.94
CA THR A 166 19.00 44.41 -30.80
C THR A 166 18.34 45.73 -31.20
N VAL A 167 17.19 45.64 -31.87
CA VAL A 167 16.48 46.84 -32.31
C VAL A 167 16.00 47.64 -31.10
N SER A 168 16.42 48.92 -31.04
CA SER A 168 16.04 49.82 -29.95
C SER A 168 15.60 51.15 -30.56
N VAL A 169 14.37 51.57 -30.23
CA VAL A 169 13.81 52.82 -30.75
C VAL A 169 14.54 54.03 -30.15
N THR A 170 14.40 54.23 -28.84
CA THR A 170 15.06 55.35 -28.16
C THR A 170 16.58 55.24 -28.26
N GLY A 171 17.08 54.01 -28.36
CA GLY A 171 18.52 53.78 -28.53
C GLY A 171 18.98 54.37 -29.86
N THR A 172 18.18 54.14 -30.91
CA THR A 172 18.48 54.64 -32.25
C THR A 172 18.36 56.16 -32.31
N GLU A 173 17.46 56.72 -31.50
CA GLU A 173 17.25 58.16 -31.45
C GLU A 173 18.40 58.89 -30.76
N ASN A 174 18.90 58.36 -29.64
CA ASN A 174 20.04 58.98 -28.94
C ASN A 174 21.31 59.07 -29.77
N ILE A 175 21.65 57.99 -30.46
CA ILE A 175 22.85 57.99 -31.28
C ILE A 175 22.64 58.87 -32.52
N MET A 176 21.41 58.90 -33.04
CA MET A 176 21.08 59.74 -34.21
C MET A 176 21.28 61.23 -33.88
N MET A 177 20.81 61.63 -32.70
CA MET A 177 20.95 63.02 -32.24
C MET A 177 22.40 63.36 -31.94
N ALA A 178 23.13 62.42 -31.35
CA ALA A 178 24.54 62.62 -31.03
C ALA A 178 25.35 62.78 -32.32
N ALA A 179 25.07 61.91 -33.28
CA ALA A 179 25.75 61.92 -34.59
C ALA A 179 25.43 63.18 -35.41
N ALA A 180 24.27 63.79 -35.15
CA ALA A 180 23.83 64.99 -35.87
C ALA A 180 24.85 66.15 -35.82
N LEU A 181 25.56 66.28 -34.68
CA LEU A 181 26.57 67.33 -34.50
C LEU A 181 28.01 66.80 -34.42
N ALA A 182 28.17 65.48 -34.34
CA ALA A 182 29.51 64.86 -34.26
C ALA A 182 30.32 64.99 -35.55
N LYS A 183 31.61 65.29 -35.45
CA LYS A 183 32.47 65.41 -36.63
C LYS A 183 32.67 64.03 -37.28
N GLY A 184 32.57 63.97 -38.59
CA GLY A 184 32.74 62.72 -39.34
C GLY A 184 31.41 62.06 -39.61
N ARG A 185 31.43 60.96 -40.37
CA ARG A 185 30.21 60.22 -40.70
C ARG A 185 29.92 59.11 -39.69
N SER A 186 28.63 58.96 -39.39
CA SER A 186 28.14 57.94 -38.47
C SER A 186 27.17 57.07 -39.27
N VAL A 187 27.28 55.76 -39.13
CA VAL A 187 26.40 54.82 -39.84
C VAL A 187 25.79 53.86 -38.83
N LEU A 188 24.50 54.03 -38.56
CA LEU A 188 23.80 53.18 -37.61
C LEU A 188 23.24 51.97 -38.35
N GLN A 189 23.68 50.78 -37.95
CA GLN A 189 23.27 49.52 -38.59
C GLN A 189 22.28 48.77 -37.72
N ASN A 190 21.23 48.24 -38.36
CA ASN A 190 20.11 47.54 -37.71
C ASN A 190 19.39 48.57 -36.81
N ALA A 191 19.17 49.74 -37.38
CA ALA A 191 18.52 50.84 -36.69
C ALA A 191 17.01 50.62 -36.60
N ALA A 192 16.37 51.32 -35.67
CA ALA A 192 14.92 51.23 -35.49
C ALA A 192 14.24 51.85 -36.69
N ARG A 193 13.27 51.13 -37.23
CA ARG A 193 12.53 51.57 -38.41
C ARG A 193 11.21 52.23 -38.08
N GLU A 194 10.90 52.39 -36.78
CA GLU A 194 9.66 53.03 -36.35
C GLU A 194 9.48 54.42 -36.99
N PRO A 195 8.22 54.86 -37.17
CA PRO A 195 7.92 56.18 -37.77
C PRO A 195 8.46 57.37 -36.97
N GLU A 196 8.52 57.23 -35.64
CA GLU A 196 9.03 58.32 -34.81
C GLU A 196 10.52 58.59 -35.07
N VAL A 197 11.23 57.57 -35.55
CA VAL A 197 12.64 57.72 -35.91
C VAL A 197 12.74 58.57 -37.17
N VAL A 198 11.80 58.37 -38.10
CA VAL A 198 11.74 59.11 -39.37
C VAL A 198 11.39 60.58 -39.10
N ASP A 199 10.36 60.79 -38.28
CA ASP A 199 9.89 62.12 -37.92
C ASP A 199 10.99 62.91 -37.20
N LEU A 200 11.78 62.21 -36.37
CA LEU A 200 12.89 62.82 -35.64
C LEU A 200 13.98 63.22 -36.63
N ALA A 201 14.26 62.34 -37.58
CA ALA A 201 15.27 62.58 -38.59
C ALA A 201 14.91 63.80 -39.45
N ASN A 202 13.63 63.94 -39.77
CA ASN A 202 13.13 65.06 -40.57
C ASN A 202 13.14 66.37 -39.79
N PHE A 203 13.08 66.28 -38.47
CA PHE A 203 13.14 67.45 -37.59
C PHE A 203 14.57 67.99 -37.56
N ILE A 204 15.54 67.08 -37.45
CA ILE A 204 16.95 67.45 -37.42
C ILE A 204 17.38 68.00 -38.78
N ASN A 205 16.85 67.41 -39.86
CA ASN A 205 17.15 67.90 -41.22
C ASN A 205 16.52 69.28 -41.45
N ALA A 206 15.39 69.55 -40.80
CA ALA A 206 14.71 70.85 -40.91
C ALA A 206 15.53 71.95 -40.23
N MET A 207 16.39 71.55 -39.28
CA MET A 207 17.28 72.50 -38.59
C MET A 207 18.67 72.56 -39.26
N GLY A 208 18.76 72.14 -40.52
CA GLY A 208 20.03 72.16 -41.25
C GLY A 208 20.88 70.91 -41.13
N GLY A 209 20.32 69.85 -40.55
CA GLY A 209 21.03 68.59 -40.37
C GLY A 209 21.15 67.77 -41.65
N ASN A 210 21.82 66.63 -41.55
CA ASN A 210 22.01 65.74 -42.70
C ASN A 210 21.83 64.29 -42.24
N ILE A 211 20.59 63.80 -42.32
CA ILE A 211 20.23 62.44 -41.91
C ILE A 211 19.54 61.69 -43.06
N GLN A 212 20.18 60.61 -43.52
CA GLN A 212 19.68 59.79 -44.61
C GLN A 212 19.36 58.40 -44.10
N GLY A 213 18.45 57.72 -44.80
CA GLY A 213 18.07 56.35 -44.44
C GLY A 213 17.12 56.17 -43.26
N ALA A 214 16.57 57.27 -42.73
CA ALA A 214 15.63 57.17 -41.62
C ALA A 214 14.37 56.49 -42.14
N GLY A 215 14.04 55.34 -41.57
CA GLY A 215 12.90 54.54 -41.99
C GLY A 215 13.45 53.17 -42.33
N THR A 216 14.59 53.14 -42.99
CA THR A 216 15.27 51.90 -43.34
C THR A 216 16.13 51.46 -42.15
N ASP A 217 16.66 50.24 -42.25
CA ASP A 217 17.48 49.67 -41.17
C ASP A 217 18.95 50.15 -41.15
N THR A 218 19.28 51.10 -42.02
CA THR A 218 20.64 51.65 -42.09
C THR A 218 20.54 53.18 -42.21
N ILE A 219 20.92 53.88 -41.15
CA ILE A 219 20.87 55.35 -41.13
C ILE A 219 22.28 55.94 -41.20
N THR A 220 22.55 56.74 -42.22
CA THR A 220 23.86 57.40 -42.37
C THR A 220 23.69 58.88 -42.01
N ILE A 221 24.50 59.34 -41.06
CA ILE A 221 24.45 60.73 -40.58
C ILE A 221 25.74 61.46 -40.91
N ASP A 222 25.64 62.72 -41.32
CA ASP A 222 26.81 63.57 -41.58
C ASP A 222 26.72 64.73 -40.59
N GLY A 223 27.76 64.89 -39.79
CA GLY A 223 27.80 65.94 -38.78
C GLY A 223 27.99 67.34 -39.30
N VAL A 224 27.47 68.30 -38.55
CA VAL A 224 27.56 69.73 -38.87
C VAL A 224 28.03 70.53 -37.65
N GLU A 225 28.41 71.78 -37.88
CA GLU A 225 28.88 72.66 -36.81
C GLU A 225 27.74 73.12 -35.87
N ARG A 226 26.58 73.42 -36.45
CA ARG A 226 25.43 73.90 -35.67
C ARG A 226 24.11 73.68 -36.40
N LEU A 227 23.02 73.69 -35.64
CA LEU A 227 21.66 73.51 -36.18
C LEU A 227 20.80 74.73 -35.88
N ASP A 228 20.40 75.45 -36.94
CA ASP A 228 19.58 76.67 -36.77
C ASP A 228 18.12 76.37 -36.42
N SER A 229 17.38 77.43 -36.08
CA SER A 229 15.98 77.31 -35.70
C SER A 229 15.06 77.00 -36.89
N ALA A 230 13.96 76.30 -36.60
CA ALA A 230 12.98 75.91 -37.61
C ALA A 230 11.68 75.47 -36.93
N ASN A 231 10.55 75.90 -37.48
CA ASN A 231 9.23 75.53 -36.94
C ASN A 231 8.88 74.16 -37.54
N TYR A 232 8.41 73.25 -36.70
CA TYR A 232 8.08 71.89 -37.14
C TYR A 232 6.89 71.34 -36.36
N ARG A 233 6.04 70.57 -37.02
CA ARG A 233 4.87 69.94 -36.39
C ARG A 233 5.10 68.43 -36.28
N VAL A 234 4.89 67.87 -35.09
CA VAL A 234 5.09 66.43 -34.88
C VAL A 234 4.03 65.61 -35.61
N MET A 235 4.41 64.39 -36.00
CA MET A 235 3.53 63.47 -36.72
C MET A 235 2.35 62.98 -35.87
N PRO A 236 1.36 62.34 -36.50
CA PRO A 236 0.24 61.82 -35.72
C PRO A 236 0.62 60.58 -34.91
N ASP A 237 -0.12 60.32 -33.83
CA ASP A 237 0.14 59.17 -32.97
C ASP A 237 -0.54 57.92 -33.53
N ARG A 238 0.26 57.00 -34.01
CA ARG A 238 -0.25 55.74 -34.56
C ARG A 238 -0.89 54.82 -33.49
N ILE A 239 -0.39 54.89 -32.26
CA ILE A 239 -0.92 54.07 -31.18
C ILE A 239 -2.29 54.59 -30.73
N GLU A 240 -2.44 55.92 -30.70
CA GLU A 240 -3.72 56.52 -30.31
C GLU A 240 -4.74 56.13 -31.38
N THR A 241 -4.37 56.31 -32.64
CA THR A 241 -5.21 55.96 -33.78
C THR A 241 -5.74 54.54 -33.62
N GLY A 242 -4.84 53.58 -33.47
CA GLY A 242 -5.20 52.18 -33.31
C GLY A 242 -6.12 51.89 -32.13
N THR A 243 -5.90 52.59 -31.02
CA THR A 243 -6.70 52.38 -29.80
C THR A 243 -8.18 52.72 -30.05
N TYR A 244 -8.43 53.86 -30.68
CA TYR A 244 -9.79 54.29 -30.98
C TYR A 244 -10.43 53.50 -32.13
N LEU A 245 -9.61 52.88 -32.98
CA LEU A 245 -10.13 52.00 -34.03
C LEU A 245 -10.65 50.72 -33.37
N VAL A 246 -9.99 50.29 -32.29
CA VAL A 246 -10.41 49.10 -31.54
C VAL A 246 -11.65 49.46 -30.71
N ALA A 247 -11.67 50.68 -30.15
CA ALA A 247 -12.80 51.16 -29.35
C ALA A 247 -14.11 51.03 -30.11
N ALA A 248 -14.06 51.35 -31.39
CA ALA A 248 -15.24 51.23 -32.25
C ALA A 248 -15.48 49.75 -32.59
N ALA A 249 -14.39 49.01 -32.79
CA ALA A 249 -14.48 47.59 -33.16
C ALA A 249 -15.03 46.66 -32.06
N VAL A 250 -14.63 46.88 -30.82
CA VAL A 250 -15.11 46.03 -29.71
C VAL A 250 -16.61 46.22 -29.44
N THR A 251 -17.08 47.44 -29.67
CA THR A 251 -18.47 47.81 -29.45
C THR A 251 -19.37 47.51 -30.65
N GLY A 252 -18.79 47.03 -31.75
CA GLY A 252 -19.55 46.73 -32.97
C GLY A 252 -19.99 47.99 -33.71
N GLY A 253 -19.45 49.15 -33.29
CA GLY A 253 -19.79 50.43 -33.91
C GLY A 253 -18.80 50.85 -34.98
N ARG A 254 -18.73 52.16 -35.21
CA ARG A 254 -17.81 52.71 -36.20
C ARG A 254 -17.16 54.00 -35.73
N VAL A 255 -16.19 54.46 -36.50
CA VAL A 255 -15.48 55.69 -36.19
C VAL A 255 -14.59 56.12 -37.35
N LYS A 256 -14.45 57.43 -37.54
CA LYS A 256 -13.55 57.97 -38.53
C LYS A 256 -12.48 58.65 -37.71
N VAL A 257 -11.23 58.41 -38.08
CA VAL A 257 -10.09 58.97 -37.37
C VAL A 257 -9.45 60.01 -38.29
N LYS A 258 -9.50 61.28 -37.87
CA LYS A 258 -8.94 62.40 -38.65
C LYS A 258 -7.54 62.79 -38.16
N ASP A 259 -6.84 63.56 -38.98
CA ASP A 259 -5.48 64.04 -38.69
C ASP A 259 -4.51 62.92 -38.27
N THR A 260 -4.57 61.83 -39.02
CA THR A 260 -3.73 60.65 -38.78
C THR A 260 -3.08 60.21 -40.10
N ASP A 261 -2.53 58.99 -40.11
CA ASP A 261 -1.86 58.45 -41.29
C ASP A 261 -2.05 56.94 -41.28
N PRO A 262 -2.67 56.37 -42.34
CA PRO A 262 -2.86 54.91 -42.36
C PRO A 262 -1.58 54.12 -42.58
N THR A 263 -0.62 54.69 -43.31
CA THR A 263 0.65 53.99 -43.61
C THR A 263 1.51 53.66 -42.38
N ILE A 264 1.28 54.36 -41.27
CA ILE A 264 2.05 54.12 -40.03
C ILE A 264 1.47 53.04 -39.08
N LEU A 265 0.55 52.21 -39.57
CA LEU A 265 0.00 51.12 -38.74
C LEU A 265 -0.68 50.04 -39.59
N GLU A 266 -0.02 49.67 -40.69
CA GLU A 266 -0.54 48.65 -41.60
C GLU A 266 -0.85 47.34 -40.88
N ALA A 267 0.05 46.93 -39.99
CA ALA A 267 -0.14 45.69 -39.24
C ALA A 267 -1.42 45.72 -38.41
N VAL A 268 -1.75 46.90 -37.86
CA VAL A 268 -2.96 47.07 -37.05
C VAL A 268 -4.23 47.01 -37.90
N LEU A 269 -4.21 47.68 -39.06
CA LEU A 269 -5.37 47.69 -39.97
C LEU A 269 -5.67 46.32 -40.55
N GLU A 270 -4.63 45.53 -40.80
CA GLU A 270 -4.81 44.18 -41.35
C GLU A 270 -5.48 43.25 -40.34
N LYS A 271 -5.08 43.35 -39.07
CA LYS A 271 -5.68 42.52 -37.99
C LYS A 271 -7.14 42.84 -37.75
N LEU A 272 -7.51 44.10 -37.96
CA LEU A 272 -8.90 44.55 -37.80
C LEU A 272 -9.76 43.99 -38.96
N LYS A 273 -9.16 43.88 -40.16
CA LYS A 273 -9.85 43.30 -41.33
C LYS A 273 -10.01 41.79 -41.13
N GLU A 274 -9.03 41.17 -40.48
CA GLU A 274 -9.09 39.74 -40.16
C GLU A 274 -10.16 39.51 -39.07
N ALA A 275 -10.43 40.55 -38.27
CA ALA A 275 -11.46 40.49 -37.22
C ALA A 275 -12.86 40.70 -37.81
N GLY A 276 -12.92 41.15 -39.06
CA GLY A 276 -14.17 41.39 -39.78
C GLY A 276 -14.64 42.83 -39.74
N ALA A 277 -13.70 43.76 -39.91
CA ALA A 277 -14.01 45.20 -39.89
C ALA A 277 -13.84 45.81 -41.29
N ASP A 278 -14.85 46.54 -41.75
CA ASP A 278 -14.79 47.20 -43.06
C ASP A 278 -13.98 48.49 -42.85
N ILE A 279 -12.86 48.60 -43.57
CA ILE A 279 -11.96 49.75 -43.42
C ILE A 279 -11.69 50.48 -44.73
N ASN A 280 -11.74 51.82 -44.67
CA ASN A 280 -11.46 52.70 -45.80
C ASN A 280 -10.41 53.71 -45.35
N THR A 281 -9.48 54.07 -46.24
CA THR A 281 -8.41 55.02 -45.89
C THR A 281 -8.31 56.18 -46.87
N GLY A 282 -7.45 57.13 -46.52
CA GLY A 282 -7.20 58.31 -47.34
C GLY A 282 -5.89 58.97 -46.93
N GLU A 283 -5.52 60.03 -47.64
CA GLU A 283 -4.29 60.79 -47.38
C GLU A 283 -3.95 60.94 -45.89
N ASP A 284 -4.95 61.26 -45.06
CA ASP A 284 -4.71 61.45 -43.63
C ASP A 284 -5.89 61.06 -42.73
N TRP A 285 -6.58 59.98 -43.09
CA TRP A 285 -7.71 59.51 -42.29
C TRP A 285 -8.03 58.03 -42.49
N ILE A 286 -8.69 57.44 -41.49
CA ILE A 286 -9.09 56.04 -41.52
C ILE A 286 -10.52 55.95 -41.02
N GLU A 287 -11.34 55.15 -41.71
CA GLU A 287 -12.74 54.97 -41.37
C GLU A 287 -13.01 53.48 -41.18
N LEU A 288 -13.39 53.09 -39.96
CA LEU A 288 -13.68 51.70 -39.61
C LEU A 288 -15.14 51.55 -39.22
N ASP A 289 -15.73 50.41 -39.56
CA ASP A 289 -17.13 50.13 -39.24
C ASP A 289 -17.36 48.61 -39.17
N MET A 290 -17.73 48.11 -37.99
CA MET A 290 -18.01 46.68 -37.78
C MET A 290 -19.42 46.29 -38.20
N HIS A 291 -20.27 47.28 -38.41
CA HIS A 291 -21.67 47.05 -38.81
C HIS A 291 -22.40 46.17 -37.78
N GLY A 292 -22.08 46.37 -36.51
CA GLY A 292 -22.70 45.62 -35.41
C GLY A 292 -22.25 44.18 -35.23
N LYS A 293 -21.43 43.66 -36.15
CA LYS A 293 -20.97 42.27 -36.08
C LYS A 293 -19.97 42.02 -34.96
N ARG A 294 -20.06 40.84 -34.36
CA ARG A 294 -19.16 40.43 -33.31
C ARG A 294 -17.79 40.18 -33.95
N PRO A 295 -16.70 40.63 -33.29
CA PRO A 295 -15.39 40.41 -33.92
C PRO A 295 -14.96 38.94 -33.95
N LYS A 296 -14.05 38.61 -34.86
CA LYS A 296 -13.50 37.27 -34.97
C LYS A 296 -12.21 37.25 -34.19
N ALA A 297 -11.89 36.10 -33.62
CA ALA A 297 -10.65 35.95 -32.85
C ALA A 297 -9.49 36.05 -33.81
N VAL A 298 -8.44 36.76 -33.41
CA VAL A 298 -7.24 36.94 -34.23
C VAL A 298 -5.98 36.60 -33.44
N ASN A 299 -4.97 36.12 -34.17
CA ASN A 299 -3.67 35.79 -33.59
C ASN A 299 -2.75 36.98 -33.82
N LEU A 300 -1.82 37.23 -32.89
CA LEU A 300 -0.88 38.35 -33.00
C LEU A 300 0.53 37.96 -32.66
N ARG A 301 1.46 38.77 -33.12
CA ARG A 301 2.86 38.59 -32.80
C ARG A 301 3.49 39.97 -32.78
N THR A 302 3.76 40.48 -31.59
CA THR A 302 4.38 41.80 -31.47
C THR A 302 5.82 41.69 -31.94
N ALA A 303 6.32 42.78 -32.54
CA ALA A 303 7.68 42.82 -33.03
C ALA A 303 8.04 44.27 -33.37
N PRO A 304 9.32 44.52 -33.70
CA PRO A 304 9.70 45.90 -34.07
C PRO A 304 8.99 46.32 -35.36
N TYR A 305 8.65 47.61 -35.45
CA TYR A 305 7.96 48.17 -36.63
C TYR A 305 8.73 47.77 -37.92
N PRO A 306 8.05 47.53 -39.04
CA PRO A 306 6.60 47.65 -39.24
C PRO A 306 5.69 46.51 -38.75
N ALA A 307 6.20 45.59 -37.94
CA ALA A 307 5.37 44.51 -37.39
C ALA A 307 4.38 45.06 -36.35
N PHE A 308 3.42 44.23 -35.95
CA PHE A 308 2.39 44.61 -34.97
C PHE A 308 3.06 45.22 -33.72
N PRO A 309 2.69 46.46 -33.35
CA PRO A 309 3.36 47.11 -32.20
C PRO A 309 2.93 46.58 -30.83
N THR A 310 3.88 46.54 -29.89
CA THR A 310 3.58 46.07 -28.52
C THR A 310 2.66 47.03 -27.75
N ASP A 311 2.61 48.30 -28.17
CA ASP A 311 1.72 49.27 -27.52
C ASP A 311 0.25 49.00 -27.86
N MET A 312 0.01 48.18 -28.89
CA MET A 312 -1.34 47.79 -29.30
C MET A 312 -1.73 46.36 -28.88
N GLN A 313 -0.79 45.64 -28.26
CA GLN A 313 -1.05 44.27 -27.81
C GLN A 313 -2.23 44.15 -26.85
N ALA A 314 -2.20 44.93 -25.78
CA ALA A 314 -3.27 44.92 -24.77
C ALA A 314 -4.65 45.22 -25.37
N GLN A 315 -4.70 46.21 -26.27
CA GLN A 315 -5.96 46.62 -26.90
C GLN A 315 -6.64 45.47 -27.68
N PHE A 316 -5.84 44.65 -28.35
CA PHE A 316 -6.40 43.51 -29.10
C PHE A 316 -6.81 42.35 -28.21
N ILE A 317 -6.36 42.33 -26.96
CA ILE A 317 -6.78 41.29 -26.03
C ILE A 317 -8.21 41.64 -25.59
N SER A 318 -8.49 42.92 -25.39
CA SER A 318 -9.86 43.33 -25.02
C SER A 318 -10.80 43.04 -26.18
N LEU A 319 -10.27 43.08 -27.41
CA LEU A 319 -11.03 42.78 -28.63
C LEU A 319 -11.34 41.28 -28.70
N ASN A 320 -10.33 40.45 -28.49
CA ASN A 320 -10.50 38.98 -28.49
C ASN A 320 -11.34 38.49 -27.30
N ALA A 321 -11.28 39.20 -26.18
CA ALA A 321 -12.04 38.85 -24.97
C ALA A 321 -13.53 38.64 -25.25
N ILE A 322 -14.07 39.38 -26.23
CA ILE A 322 -15.48 39.25 -26.61
C ILE A 322 -15.67 38.85 -28.07
N ALA A 323 -14.61 38.31 -28.68
CA ALA A 323 -14.66 37.89 -30.08
C ALA A 323 -15.22 36.48 -30.23
N GLU A 324 -15.34 36.01 -31.47
CA GLU A 324 -15.84 34.67 -31.77
C GLU A 324 -14.64 33.75 -32.04
N GLY A 325 -14.44 32.76 -31.16
CA GLY A 325 -13.33 31.80 -31.29
C GLY A 325 -12.19 32.09 -30.33
N THR A 326 -11.12 31.30 -30.43
CA THR A 326 -9.93 31.44 -29.58
C THR A 326 -8.77 32.04 -30.37
N GLY A 327 -8.13 33.08 -29.82
CA GLY A 327 -6.99 33.75 -30.47
C GLY A 327 -5.75 33.81 -29.59
N ALA A 328 -4.57 33.73 -30.21
CA ALA A 328 -3.30 33.77 -29.49
C ALA A 328 -2.57 35.10 -29.67
N VAL A 329 -2.34 35.81 -28.56
CA VAL A 329 -1.66 37.09 -28.56
C VAL A 329 -0.25 36.88 -28.00
N ILE A 330 0.76 36.99 -28.87
CA ILE A 330 2.16 36.73 -28.52
C ILE A 330 3.06 37.96 -28.45
N GLU A 331 3.85 38.05 -27.38
CA GLU A 331 4.81 39.12 -27.15
C GLU A 331 6.28 38.68 -27.36
N THR A 332 6.97 39.29 -28.32
CA THR A 332 8.39 38.98 -28.56
C THR A 332 9.27 40.04 -27.88
N ILE A 333 8.73 41.25 -27.69
CA ILE A 333 9.46 42.37 -27.08
C ILE A 333 9.40 42.31 -25.54
N PHE A 334 8.25 42.61 -24.96
CA PHE A 334 8.07 42.58 -23.50
C PHE A 334 7.30 41.30 -23.18
N GLU A 335 8.04 40.20 -22.98
CA GLU A 335 7.45 38.88 -22.75
C GLU A 335 6.48 38.71 -21.58
N ASN A 336 6.50 39.61 -20.60
CA ASN A 336 5.57 39.55 -19.46
C ASN A 336 4.75 40.85 -19.31
N ARG A 337 4.27 41.38 -20.44
CA ARG A 337 3.46 42.61 -20.44
C ARG A 337 1.99 42.22 -20.52
N PHE A 338 1.49 41.60 -19.44
CA PHE A 338 0.10 41.14 -19.39
C PHE A 338 -0.68 41.50 -18.11
N MET A 339 -0.25 42.53 -17.38
CA MET A 339 -0.96 42.96 -16.16
C MET A 339 -2.46 43.13 -16.42
N HIS A 340 -2.78 43.80 -17.52
CA HIS A 340 -4.18 44.02 -17.92
C HIS A 340 -5.02 42.73 -17.99
N VAL A 341 -4.39 41.62 -18.37
CA VAL A 341 -5.09 40.33 -18.47
C VAL A 341 -5.69 39.88 -17.14
N TYR A 342 -4.96 40.07 -16.04
CA TYR A 342 -5.43 39.65 -14.73
C TYR A 342 -6.53 40.59 -14.21
N GLU A 343 -6.53 41.82 -14.70
CA GLU A 343 -7.58 42.78 -14.36
C GLU A 343 -8.80 42.46 -15.23
N MET A 344 -8.57 41.92 -16.43
CA MET A 344 -9.68 41.51 -17.30
C MET A 344 -10.39 40.28 -16.74
N HIS A 345 -9.65 39.41 -16.04
CA HIS A 345 -10.25 38.21 -15.41
C HIS A 345 -11.37 38.63 -14.46
N ARG A 346 -11.17 39.74 -13.75
CA ARG A 346 -12.15 40.30 -12.83
C ARG A 346 -13.43 40.73 -13.53
N MET A 347 -13.29 41.08 -14.81
CA MET A 347 -14.42 41.50 -15.64
C MET A 347 -15.09 40.32 -16.35
N GLY A 348 -14.64 39.09 -16.03
CA GLY A 348 -15.21 37.86 -16.60
C GLY A 348 -14.52 37.26 -17.82
N ALA A 349 -13.36 37.79 -18.19
CA ALA A 349 -12.63 37.31 -19.37
C ALA A 349 -11.94 35.97 -19.15
N GLN A 350 -11.93 35.13 -20.19
CA GLN A 350 -11.29 33.82 -20.16
C GLN A 350 -9.98 33.98 -20.91
N ILE A 351 -8.88 34.11 -20.18
CA ILE A 351 -7.54 34.29 -20.78
C ILE A 351 -6.49 33.48 -20.03
N GLN A 352 -5.86 32.52 -20.71
CA GLN A 352 -4.81 31.69 -20.13
C GLN A 352 -3.46 32.23 -20.60
N VAL A 353 -2.61 32.60 -19.65
CA VAL A 353 -1.29 33.13 -19.97
C VAL A 353 -0.22 32.09 -19.65
N GLU A 354 0.69 31.89 -20.60
CA GLU A 354 1.81 30.97 -20.45
C GLU A 354 3.00 31.62 -21.14
N GLY A 355 3.98 32.03 -20.34
CA GLY A 355 5.16 32.68 -20.86
C GLY A 355 4.75 33.99 -21.52
N ASN A 356 5.03 34.10 -22.82
CA ASN A 356 4.71 35.32 -23.57
C ASN A 356 3.45 35.22 -24.43
N THR A 357 2.73 34.10 -24.34
CA THR A 357 1.53 33.86 -25.13
C THR A 357 0.27 34.00 -24.28
N ALA A 358 -0.69 34.78 -24.77
CA ALA A 358 -1.98 34.97 -24.10
C ALA A 358 -3.05 34.31 -24.95
N ILE A 359 -3.51 33.14 -24.53
CA ILE A 359 -4.54 32.38 -25.24
C ILE A 359 -5.88 32.92 -24.78
N VAL A 360 -6.49 33.77 -25.61
CA VAL A 360 -7.78 34.41 -25.31
C VAL A 360 -8.96 33.69 -25.92
N THR A 361 -9.87 33.20 -25.08
CA THR A 361 -11.09 32.54 -25.56
C THR A 361 -12.22 33.53 -25.33
N GLY A 362 -12.85 33.98 -26.43
CA GLY A 362 -13.92 34.95 -26.37
C GLY A 362 -15.22 34.48 -25.73
N VAL A 363 -15.96 35.42 -25.17
CA VAL A 363 -17.26 35.17 -24.52
C VAL A 363 -18.27 36.20 -25.01
N LYS A 364 -19.56 35.88 -24.90
CA LYS A 364 -20.65 36.78 -25.35
C LYS A 364 -20.47 38.24 -24.93
N ALA A 365 -20.17 38.44 -23.66
CA ALA A 365 -19.95 39.79 -23.13
C ALA A 365 -19.25 39.73 -21.78
N LEU A 366 -18.71 40.87 -21.36
CA LEU A 366 -18.03 40.99 -20.09
C LEU A 366 -19.00 41.50 -19.03
N LYS A 367 -18.52 41.48 -17.78
CA LYS A 367 -19.28 41.93 -16.62
C LYS A 367 -18.49 43.07 -15.99
N GLY A 368 -19.15 44.17 -15.66
CA GLY A 368 -18.48 45.31 -15.06
C GLY A 368 -17.92 44.99 -13.69
N ALA A 369 -16.76 45.57 -13.37
CA ALA A 369 -16.11 45.36 -12.08
C ALA A 369 -15.00 46.40 -11.88
N PRO A 370 -14.70 46.77 -10.62
CA PRO A 370 -13.65 47.77 -10.39
C PRO A 370 -12.25 47.22 -10.71
N VAL A 371 -11.47 47.96 -11.50
CA VAL A 371 -10.12 47.55 -11.90
C VAL A 371 -9.07 48.64 -11.64
N MET A 372 -7.81 48.25 -11.79
CA MET A 372 -6.66 49.10 -11.52
C MET A 372 -5.71 49.14 -12.73
N ALA A 373 -5.27 50.34 -13.12
CA ALA A 373 -4.38 50.53 -14.27
C ALA A 373 -2.93 50.66 -13.79
N THR A 374 -1.98 50.09 -14.56
CA THR A 374 -0.55 50.13 -14.20
C THR A 374 0.43 50.28 -15.40
N ASP A 375 -0.08 50.65 -16.58
CA ASP A 375 0.78 50.80 -17.78
C ASP A 375 0.24 51.94 -18.65
N LEU A 376 1.11 52.92 -18.94
CA LEU A 376 0.70 54.11 -19.72
C LEU A 376 0.01 53.86 -21.08
N ARG A 377 0.27 52.71 -21.70
CA ARG A 377 -0.36 52.35 -22.99
C ARG A 377 -1.26 51.11 -22.89
N ALA A 378 -0.76 50.05 -22.27
CA ALA A 378 -1.52 48.80 -22.15
C ALA A 378 -2.82 48.94 -21.35
N SER A 379 -2.84 49.81 -20.34
CA SER A 379 -4.05 49.99 -19.51
C SER A 379 -5.25 50.61 -20.26
N ALA A 380 -5.04 51.07 -21.49
CA ALA A 380 -6.13 51.59 -22.30
C ALA A 380 -7.09 50.44 -22.61
N SER A 381 -6.58 49.20 -22.59
CA SER A 381 -7.38 48.01 -22.83
C SER A 381 -8.49 47.87 -21.78
N LEU A 382 -8.20 48.28 -20.55
CA LEU A 382 -9.16 48.23 -19.46
C LEU A 382 -10.30 49.20 -19.75
N VAL A 383 -9.98 50.31 -20.39
CA VAL A 383 -10.98 51.31 -20.79
C VAL A 383 -11.79 50.73 -21.95
N LEU A 384 -11.12 49.99 -22.84
CA LEU A 384 -11.78 49.36 -24.00
C LEU A 384 -12.69 48.21 -23.58
N SER A 385 -12.20 47.32 -22.73
CA SER A 385 -12.99 46.18 -22.27
C SER A 385 -14.15 46.63 -21.38
N ALA A 386 -14.03 47.83 -20.81
CA ALA A 386 -15.09 48.42 -19.98
C ALA A 386 -16.29 48.89 -20.81
N LEU A 387 -16.07 49.15 -22.10
CA LEU A 387 -17.13 49.59 -23.02
C LEU A 387 -18.05 48.42 -23.42
N VAL A 388 -17.58 47.18 -23.21
CA VAL A 388 -18.33 45.97 -23.53
C VAL A 388 -18.63 45.16 -22.27
N ALA A 389 -18.66 45.83 -21.11
CA ALA A 389 -18.90 45.18 -19.83
C ALA A 389 -20.25 45.63 -19.23
N GLU A 390 -21.07 44.63 -18.88
CA GLU A 390 -22.40 44.88 -18.30
C GLU A 390 -22.24 45.62 -16.98
N GLY A 391 -22.91 46.76 -16.86
CA GLY A 391 -22.86 47.58 -15.65
C GLY A 391 -21.68 48.53 -15.64
N ASP A 392 -21.44 49.14 -14.48
CA ASP A 392 -20.35 50.10 -14.30
C ASP A 392 -19.01 49.42 -14.08
N THR A 393 -17.94 50.11 -14.50
CA THR A 393 -16.58 49.66 -14.33
C THR A 393 -15.79 50.84 -13.79
N LEU A 394 -15.31 50.73 -12.55
CA LEU A 394 -14.54 51.79 -11.90
C LEU A 394 -13.04 51.53 -12.04
N ILE A 395 -12.38 52.27 -12.92
CA ILE A 395 -10.94 52.13 -13.16
C ILE A 395 -10.17 53.09 -12.27
N ASP A 396 -9.14 52.58 -11.58
CA ASP A 396 -8.33 53.38 -10.66
C ASP A 396 -6.91 53.58 -11.19
N ARG A 397 -6.15 54.48 -10.56
CA ARG A 397 -4.77 54.81 -10.96
C ARG A 397 -4.68 55.25 -12.42
N ILE A 398 -5.61 56.10 -12.83
CA ILE A 398 -5.65 56.58 -14.21
C ILE A 398 -4.53 57.57 -14.55
N TYR A 399 -3.70 57.92 -13.57
CA TYR A 399 -2.58 58.82 -13.84
C TYR A 399 -1.67 58.16 -14.88
N HIS A 400 -1.69 56.83 -14.94
CA HIS A 400 -0.92 56.08 -15.94
C HIS A 400 -1.51 56.31 -17.33
N ILE A 401 -2.84 56.25 -17.44
CA ILE A 401 -3.52 56.47 -18.72
C ILE A 401 -3.32 57.92 -19.22
N ASP A 402 -3.27 58.88 -18.30
CA ASP A 402 -3.04 60.29 -18.64
C ASP A 402 -1.65 60.54 -19.23
N ARG A 403 -0.69 59.66 -18.94
CA ARG A 403 0.66 59.79 -19.47
C ARG A 403 0.74 59.47 -20.95
N GLY A 404 -0.07 58.53 -21.41
CA GLY A 404 -0.05 58.10 -22.82
C GLY A 404 -1.24 58.47 -23.70
N TYR A 405 -2.24 59.14 -23.14
CA TYR A 405 -3.42 59.52 -23.93
C TYR A 405 -3.97 60.89 -23.54
N GLU A 406 -4.22 61.71 -24.55
CA GLU A 406 -4.77 63.05 -24.37
C GLU A 406 -6.26 63.18 -24.06
N CYS A 407 -6.59 63.33 -22.78
CA CYS A 407 -7.97 63.30 -22.25
C CYS A 407 -8.99 62.24 -22.67
N ILE A 408 -8.59 60.98 -22.54
CA ILE A 408 -9.30 59.83 -23.12
C ILE A 408 -10.83 59.87 -22.95
N GLU A 409 -11.33 60.44 -21.86
CA GLU A 409 -12.79 60.49 -21.65
C GLU A 409 -13.49 61.45 -22.60
N GLU A 410 -12.92 62.63 -22.84
CA GLU A 410 -13.54 63.61 -23.76
C GLU A 410 -13.60 63.15 -25.22
N LYS A 411 -12.78 62.16 -25.58
CA LYS A 411 -12.78 61.63 -26.95
C LYS A 411 -13.77 60.49 -27.07
N LEU A 412 -13.85 59.63 -26.06
CA LEU A 412 -14.82 58.52 -26.08
C LEU A 412 -16.23 59.10 -25.97
N GLN A 413 -16.37 60.21 -25.24
CA GLN A 413 -17.66 60.90 -25.11
C GLN A 413 -18.08 61.48 -26.47
N MET A 414 -17.10 61.86 -27.30
CA MET A 414 -17.41 62.36 -28.66
C MET A 414 -17.95 61.24 -29.57
N LEU A 415 -17.60 59.99 -29.24
CA LEU A 415 -18.09 58.83 -29.99
C LEU A 415 -19.42 58.30 -29.43
N GLY A 416 -19.86 58.86 -28.30
CA GLY A 416 -21.12 58.47 -27.65
C GLY A 416 -20.97 57.44 -26.54
N ALA A 417 -19.75 57.29 -26.01
CA ALA A 417 -19.50 56.32 -24.94
C ALA A 417 -19.91 56.89 -23.58
N LYS A 418 -20.48 56.02 -22.75
CA LYS A 418 -20.94 56.39 -21.40
C LYS A 418 -19.77 56.31 -20.40
N ILE A 419 -18.86 57.25 -20.51
CA ILE A 419 -17.68 57.34 -19.63
C ILE A 419 -17.66 58.72 -18.96
N ARG A 420 -17.19 58.76 -17.72
CA ARG A 420 -17.11 60.01 -16.96
C ARG A 420 -15.91 59.96 -16.00
N ARG A 421 -15.29 61.12 -15.81
CA ARG A 421 -14.13 61.23 -14.93
C ARG A 421 -14.63 61.55 -13.52
N VAL A 422 -14.20 60.77 -12.54
CA VAL A 422 -14.60 60.96 -11.15
C VAL A 422 -13.36 61.31 -10.32
N PRO A 423 -13.22 62.58 -9.91
CA PRO A 423 -12.08 62.98 -9.06
C PRO A 423 -12.08 62.38 -7.64
N GLY A 424 -13.21 61.81 -7.22
CA GLY A 424 -13.33 61.21 -5.89
C GLY A 424 -12.64 59.86 -5.74
N MET B 4 5.38 57.62 3.25
CA MET B 4 6.61 58.22 2.61
C MET B 4 7.94 57.78 3.29
N ASP B 5 7.95 56.60 3.91
CA ASP B 5 9.15 56.11 4.62
C ASP B 5 10.24 55.60 3.67
N LYS B 6 11.49 55.84 4.05
CA LYS B 6 12.67 55.44 3.27
C LYS B 6 13.80 54.92 4.17
N LEU B 7 14.63 54.02 3.64
CA LEU B 7 15.79 53.47 4.37
C LEU B 7 17.07 54.02 3.77
N ILE B 8 17.94 54.58 4.60
CA ILE B 8 19.23 55.11 4.13
C ILE B 8 20.35 54.27 4.74
N ILE B 9 20.92 53.41 3.89
CA ILE B 9 21.97 52.48 4.26
C ILE B 9 23.34 52.99 3.80
N THR B 10 24.33 52.80 4.66
CA THR B 10 25.71 53.16 4.37
C THR B 10 26.44 51.83 4.28
N GLY B 11 26.94 51.48 3.08
CA GLY B 11 27.64 50.20 2.90
C GLY B 11 29.10 50.24 3.30
N GLY B 12 29.69 49.05 3.46
CA GLY B 12 31.09 48.91 3.83
C GLY B 12 31.34 48.13 5.10
N ALA B 13 30.32 48.02 5.96
CA ALA B 13 30.46 47.31 7.23
C ALA B 13 30.37 45.79 7.09
N ARG B 14 31.23 45.09 7.82
CA ARG B 14 31.27 43.63 7.83
C ARG B 14 30.36 43.19 8.99
N LEU B 15 29.25 42.53 8.67
CA LEU B 15 28.27 42.11 9.68
C LEU B 15 28.82 41.09 10.69
N ASP B 16 28.27 41.12 11.89
CA ASP B 16 28.71 40.22 12.98
C ASP B 16 27.70 40.28 14.12
N GLY B 17 27.11 39.14 14.47
CA GLY B 17 26.13 39.06 15.57
C GLY B 17 25.23 37.85 15.50
N GLU B 18 24.05 37.98 16.09
CA GLU B 18 23.05 36.91 16.10
C GLU B 18 21.65 37.49 16.26
N ILE B 19 20.65 36.82 15.69
CA ILE B 19 19.26 37.28 15.75
C ILE B 19 18.24 36.12 15.80
N ARG B 20 17.04 36.44 16.30
CA ARG B 20 15.94 35.47 16.38
C ARG B 20 15.02 35.62 15.17
N ILE B 21 14.68 34.48 14.55
CA ILE B 21 13.81 34.47 13.38
C ILE B 21 12.36 34.45 13.81
N SER B 22 11.55 35.23 13.10
CA SER B 22 10.14 35.35 13.37
C SER B 22 9.40 34.13 12.85
N GLY B 23 8.10 34.09 13.13
CA GLY B 23 7.26 33.00 12.64
C GLY B 23 7.05 33.18 11.16
N ALA B 24 6.84 32.06 10.47
CA ALA B 24 6.65 32.07 9.02
C ALA B 24 5.43 32.86 8.63
N LYS B 25 5.67 33.93 7.88
CA LYS B 25 4.64 34.80 7.38
C LYS B 25 3.63 34.02 6.52
N ASN B 26 4.15 33.22 5.58
CA ASN B 26 3.29 32.42 4.69
C ASN B 26 2.67 31.17 5.36
N ALA B 27 2.93 31.01 6.66
CA ALA B 27 2.32 29.94 7.46
C ALA B 27 1.27 30.60 8.36
N ALA B 28 1.57 31.81 8.83
CA ALA B 28 0.65 32.56 9.68
C ALA B 28 -0.63 32.94 8.93
N LEU B 29 -0.49 33.43 7.70
CA LEU B 29 -1.65 33.83 6.89
C LEU B 29 -2.69 32.71 6.70
N PRO B 30 -2.26 31.52 6.23
CA PRO B 30 -3.22 30.42 6.07
C PRO B 30 -3.71 29.81 7.38
N ILE B 31 -2.87 29.80 8.41
CA ILE B 31 -3.25 29.28 9.74
C ILE B 31 -4.30 30.21 10.33
N LEU B 32 -4.14 31.51 10.13
CA LEU B 32 -5.12 32.49 10.59
C LEU B 32 -6.44 32.27 9.82
N ALA B 33 -6.34 32.04 8.52
CA ALA B 33 -7.52 31.78 7.70
C ALA B 33 -8.20 30.48 8.14
N ALA B 34 -7.41 29.51 8.57
CA ALA B 34 -7.95 28.23 9.03
C ALA B 34 -8.75 28.39 10.33
N THR B 35 -8.50 29.45 11.09
CA THR B 35 -9.24 29.69 12.32
C THR B 35 -10.73 29.87 12.03
N LEU B 36 -11.06 30.25 10.79
CA LEU B 36 -12.46 30.40 10.39
C LEU B 36 -13.20 29.05 10.42
N LEU B 37 -12.45 27.95 10.27
CA LEU B 37 -13.03 26.60 10.31
C LEU B 37 -13.49 26.20 11.70
N ALA B 38 -12.81 26.74 12.71
CA ALA B 38 -13.09 26.39 14.10
C ALA B 38 -14.49 26.72 14.61
N ASP B 39 -14.83 26.08 15.73
CA ASP B 39 -16.11 26.26 16.40
C ASP B 39 -15.78 26.56 17.85
N GLY B 40 -15.03 27.62 18.05
CA GLY B 40 -14.61 28.06 19.38
C GLY B 40 -13.37 28.93 19.30
N PRO B 41 -12.95 29.51 20.44
CA PRO B 41 -11.76 30.36 20.41
C PRO B 41 -10.46 29.59 20.14
N VAL B 42 -9.76 29.97 19.07
CA VAL B 42 -8.49 29.37 18.66
C VAL B 42 -7.42 30.44 18.75
N THR B 43 -6.25 30.07 19.28
CA THR B 43 -5.14 31.01 19.45
C THR B 43 -3.93 30.60 18.60
N VAL B 44 -3.45 31.55 17.78
CA VAL B 44 -2.29 31.33 16.93
C VAL B 44 -1.12 32.07 17.56
N GLY B 45 0.03 31.39 17.69
CA GLY B 45 1.24 31.97 18.31
C GLY B 45 2.45 32.09 17.39
N ASN B 46 3.45 32.84 17.87
CA ASN B 46 4.70 33.09 17.15
C ASN B 46 4.48 33.85 15.83
N LEU B 47 3.51 34.76 15.81
CA LEU B 47 3.23 35.56 14.62
C LEU B 47 4.29 36.63 14.41
N PRO B 48 4.66 36.89 13.15
CA PRO B 48 5.64 37.93 12.88
C PRO B 48 4.97 39.31 12.84
N HIS B 49 5.63 40.33 13.38
CA HIS B 49 5.08 41.68 13.37
C HIS B 49 5.42 42.36 12.03
N LEU B 50 4.60 42.07 11.03
CA LEU B 50 4.74 42.65 9.69
C LEU B 50 3.35 43.00 9.11
N HIS B 51 3.32 43.87 8.11
CA HIS B 51 2.05 44.38 7.53
C HIS B 51 1.02 43.36 7.02
N ASP B 52 1.46 42.26 6.40
CA ASP B 52 0.51 41.25 5.90
C ASP B 52 -0.34 40.61 7.00
N ILE B 53 0.19 40.51 8.22
CA ILE B 53 -0.57 39.96 9.35
C ILE B 53 -1.58 41.02 9.81
N THR B 54 -1.18 42.30 9.73
CA THR B 54 -2.06 43.39 10.10
C THR B 54 -3.25 43.46 9.14
N THR B 55 -2.96 43.26 7.85
CA THR B 55 -3.98 43.27 6.80
C THR B 55 -4.95 42.10 6.94
N MET B 56 -4.43 40.95 7.38
CA MET B 56 -5.28 39.77 7.58
C MET B 56 -6.17 39.99 8.81
N ILE B 57 -5.68 40.75 9.80
CA ILE B 57 -6.48 41.05 11.00
C ILE B 57 -7.57 42.09 10.67
N GLU B 58 -7.28 43.02 9.76
CA GLU B 58 -8.27 44.01 9.33
C GLU B 58 -9.43 43.30 8.62
N LEU B 59 -9.09 42.25 7.87
CA LEU B 59 -10.09 41.46 7.15
C LEU B 59 -11.03 40.80 8.15
N PHE B 60 -10.48 40.19 9.22
CA PHE B 60 -11.32 39.58 10.26
C PHE B 60 -12.23 40.64 10.85
N GLY B 61 -11.73 41.88 10.94
CA GLY B 61 -12.50 43.00 11.44
C GLY B 61 -13.68 43.29 10.54
N ARG B 62 -13.42 43.37 9.23
CA ARG B 62 -14.48 43.62 8.22
C ARG B 62 -15.51 42.51 8.18
N MET B 63 -15.09 41.29 8.51
CA MET B 63 -16.01 40.13 8.52
C MET B 63 -16.88 40.09 9.77
N GLY B 64 -16.59 40.95 10.75
CA GLY B 64 -17.37 41.02 12.00
C GLY B 64 -16.69 40.40 13.22
N ILE B 65 -15.58 39.70 13.01
CA ILE B 65 -14.85 39.05 14.11
C ILE B 65 -13.98 40.09 14.82
N GLU B 66 -13.97 40.04 16.16
CA GLU B 66 -13.18 40.95 16.99
C GLU B 66 -12.09 40.12 17.67
N PRO B 67 -10.93 39.95 17.00
CA PRO B 67 -9.86 39.15 17.58
C PRO B 67 -9.12 39.85 18.71
N VAL B 68 -8.66 39.06 19.69
CA VAL B 68 -7.92 39.59 20.83
C VAL B 68 -6.50 39.90 20.34
N ILE B 69 -6.20 41.19 20.20
CA ILE B 69 -4.87 41.64 19.75
C ILE B 69 -4.01 42.21 20.88
N ASP B 70 -4.24 41.69 22.10
CA ASP B 70 -3.48 42.13 23.29
C ASP B 70 -2.00 41.85 23.12
N GLU B 71 -1.69 40.60 22.77
CA GLU B 71 -0.31 40.16 22.60
C GLU B 71 0.22 40.40 21.19
N LYS B 72 1.51 40.72 21.09
CA LYS B 72 2.19 41.01 19.83
C LYS B 72 2.33 39.79 18.91
N LEU B 73 2.97 38.75 19.45
CA LEU B 73 3.24 37.52 18.70
C LEU B 73 2.08 36.51 18.63
N SER B 74 0.96 36.80 19.29
CA SER B 74 -0.20 35.89 19.25
C SER B 74 -1.53 36.62 19.14
N VAL B 75 -2.55 35.90 18.69
CA VAL B 75 -3.90 36.42 18.50
C VAL B 75 -4.91 35.31 18.78
N GLU B 76 -5.99 35.64 19.49
CA GLU B 76 -7.07 34.68 19.78
C GLU B 76 -8.24 35.05 18.86
N ILE B 77 -8.81 34.04 18.20
CA ILE B 77 -9.91 34.26 17.25
C ILE B 77 -11.10 33.33 17.51
N ASP B 78 -12.29 33.92 17.57
CA ASP B 78 -13.53 33.16 17.76
C ASP B 78 -14.40 33.42 16.53
N PRO B 79 -14.42 32.47 15.57
CA PRO B 79 -15.20 32.67 14.35
C PRO B 79 -16.72 32.61 14.52
N ARG B 80 -17.21 32.05 15.63
CA ARG B 80 -18.67 31.96 15.87
C ARG B 80 -19.36 33.32 15.87
N THR B 81 -18.59 34.39 16.10
CA THR B 81 -19.12 35.76 16.11
C THR B 81 -19.01 36.47 14.74
N ILE B 82 -18.86 35.69 13.65
CA ILE B 82 -18.74 36.28 12.31
C ILE B 82 -20.09 36.90 11.92
N LYS B 83 -20.04 38.01 11.18
CA LYS B 83 -21.24 38.75 10.78
C LYS B 83 -21.38 38.94 9.27
N THR B 84 -20.26 38.91 8.55
CA THR B 84 -20.25 39.14 7.11
C THR B 84 -19.37 38.10 6.44
N LEU B 85 -19.94 37.36 5.47
CA LEU B 85 -19.20 36.33 4.72
C LEU B 85 -18.65 36.95 3.43
N VAL B 86 -17.82 37.98 3.59
CA VAL B 86 -17.24 38.70 2.46
C VAL B 86 -15.80 39.16 2.70
N ALA B 87 -15.00 39.10 1.64
CA ALA B 87 -13.64 39.58 1.66
C ALA B 87 -13.69 40.72 0.64
N PRO B 88 -13.83 41.97 1.12
CA PRO B 88 -13.99 43.11 0.21
C PRO B 88 -12.79 43.44 -0.68
N TYR B 89 -13.09 44.01 -1.85
CA TYR B 89 -12.08 44.41 -2.84
C TYR B 89 -11.10 45.46 -2.28
N GLU B 90 -11.59 46.33 -1.39
CA GLU B 90 -10.77 47.38 -0.79
C GLU B 90 -9.53 46.79 -0.08
N LEU B 91 -9.68 45.59 0.49
CA LEU B 91 -8.56 44.90 1.18
C LEU B 91 -7.90 43.86 0.29
N VAL B 92 -8.69 43.09 -0.46
CA VAL B 92 -8.13 42.06 -1.33
C VAL B 92 -7.19 42.63 -2.40
N LYS B 93 -7.47 43.83 -2.89
CA LYS B 93 -6.63 44.47 -3.91
C LYS B 93 -5.22 44.75 -3.38
N THR B 94 -5.09 44.92 -2.06
CA THR B 94 -3.79 45.19 -1.42
C THR B 94 -2.99 43.92 -1.04
N MET B 95 -3.68 42.78 -1.00
CA MET B 95 -3.02 41.49 -0.67
C MET B 95 -3.82 40.30 -1.23
N ARG B 96 -3.34 39.74 -2.33
CA ARG B 96 -4.01 38.60 -2.99
C ARG B 96 -4.03 37.31 -2.14
N ALA B 97 -3.20 37.25 -1.09
CA ALA B 97 -3.19 36.09 -0.18
C ALA B 97 -4.49 36.04 0.61
N SER B 98 -5.30 37.10 0.48
CA SER B 98 -6.61 37.17 1.13
C SER B 98 -7.55 36.09 0.60
N ILE B 99 -7.23 35.49 -0.55
CA ILE B 99 -8.08 34.43 -1.12
C ILE B 99 -8.09 33.16 -0.26
N LEU B 100 -7.12 33.03 0.64
CA LEU B 100 -7.06 31.87 1.55
C LEU B 100 -8.30 31.72 2.44
N VAL B 101 -9.04 32.81 2.65
CA VAL B 101 -10.26 32.74 3.47
C VAL B 101 -11.43 32.13 2.70
N LEU B 102 -11.34 32.07 1.37
CA LEU B 102 -12.42 31.52 0.55
C LEU B 102 -12.80 30.09 0.94
N GLY B 103 -11.84 29.18 0.86
CA GLY B 103 -12.04 27.76 1.18
C GLY B 103 -12.69 27.45 2.53
N PRO B 104 -12.09 27.90 3.64
CA PRO B 104 -12.66 27.65 4.96
C PRO B 104 -14.01 28.31 5.21
N MET B 105 -14.21 29.48 4.62
CA MET B 105 -15.46 30.22 4.78
C MET B 105 -16.61 29.50 4.07
N VAL B 106 -16.32 28.90 2.91
CA VAL B 106 -17.33 28.14 2.15
C VAL B 106 -17.65 26.83 2.87
N ALA B 107 -16.62 26.17 3.39
CA ALA B 107 -16.78 24.90 4.09
C ALA B 107 -17.47 25.04 5.45
N ARG B 108 -17.11 26.08 6.20
CA ARG B 108 -17.67 26.31 7.53
C ARG B 108 -19.03 27.03 7.55
N PHE B 109 -19.20 28.03 6.67
CA PHE B 109 -20.43 28.81 6.66
C PHE B 109 -21.32 28.62 5.42
N GLY B 110 -21.03 27.59 4.62
CA GLY B 110 -21.84 27.29 3.43
C GLY B 110 -21.80 28.25 2.24
N GLU B 111 -21.13 29.39 2.38
CA GLU B 111 -21.03 30.37 1.29
C GLU B 111 -20.03 31.47 1.62
N ALA B 112 -19.59 32.16 0.58
CA ALA B 112 -18.63 33.24 0.71
C ALA B 112 -18.55 34.02 -0.59
N GLU B 113 -18.16 35.28 -0.49
CA GLU B 113 -18.00 36.14 -1.67
C GLU B 113 -16.68 36.89 -1.51
N VAL B 114 -15.63 36.37 -2.16
CA VAL B 114 -14.28 36.93 -2.08
C VAL B 114 -13.87 37.56 -3.41
N ALA B 115 -13.34 38.78 -3.32
CA ALA B 115 -12.91 39.54 -4.50
C ALA B 115 -11.83 38.79 -5.28
N LEU B 116 -12.01 38.71 -6.61
CA LEU B 116 -11.05 38.04 -7.48
C LEU B 116 -9.80 38.90 -7.57
N PRO B 117 -8.63 38.35 -7.18
CA PRO B 117 -7.42 39.16 -7.25
C PRO B 117 -7.10 39.71 -8.63
N GLY B 118 -6.56 40.92 -8.68
CA GLY B 118 -6.16 41.56 -9.93
C GLY B 118 -4.74 41.15 -10.26
N GLY B 119 -4.03 42.00 -11.00
CA GLY B 119 -2.66 41.71 -11.38
C GLY B 119 -1.68 42.00 -10.27
N CYS B 120 -0.53 41.32 -10.33
CA CYS B 120 0.57 41.50 -9.38
C CYS B 120 1.81 41.75 -10.24
N ALA B 121 2.66 42.67 -9.83
CA ALA B 121 3.87 43.01 -10.60
C ALA B 121 4.92 41.89 -10.69
N ILE B 122 4.75 40.83 -9.92
CA ILE B 122 5.68 39.68 -9.92
C ILE B 122 5.58 38.89 -11.22
N GLY B 123 4.38 38.39 -11.52
CA GLY B 123 4.14 37.61 -12.73
C GLY B 123 2.74 37.06 -12.79
N SER B 124 2.54 36.03 -13.60
CA SER B 124 1.23 35.40 -13.77
C SER B 124 0.79 34.66 -12.52
N ARG B 125 -0.32 35.09 -11.92
CA ARG B 125 -0.84 34.46 -10.69
C ARG B 125 -2.36 34.28 -10.68
N PRO B 126 -2.89 33.51 -11.65
CA PRO B 126 -4.32 33.25 -11.68
C PRO B 126 -4.72 32.33 -10.52
N VAL B 127 -6.00 32.39 -10.13
CA VAL B 127 -6.52 31.57 -9.03
C VAL B 127 -7.55 30.57 -9.53
N ASP B 128 -7.31 30.03 -10.73
CA ASP B 128 -8.25 29.07 -11.35
C ASP B 128 -8.30 27.70 -10.65
N LEU B 129 -7.17 27.26 -10.06
CA LEU B 129 -7.14 25.99 -9.31
C LEU B 129 -7.93 26.09 -8.01
N HIS B 130 -8.02 27.29 -7.44
CA HIS B 130 -8.78 27.53 -6.22
C HIS B 130 -10.27 27.32 -6.51
N ILE B 131 -10.74 27.99 -7.55
CA ILE B 131 -12.15 27.91 -7.95
C ILE B 131 -12.55 26.49 -8.33
N ARG B 132 -11.76 25.86 -9.20
CA ARG B 132 -12.02 24.48 -9.65
C ARG B 132 -12.06 23.46 -8.52
N GLY B 133 -11.12 23.59 -7.58
CA GLY B 133 -11.05 22.69 -6.43
C GLY B 133 -12.31 22.71 -5.59
N LEU B 134 -12.87 23.91 -5.40
CA LEU B 134 -14.11 24.07 -4.65
C LEU B 134 -15.29 23.53 -5.47
N GLU B 135 -15.24 23.71 -6.79
CA GLU B 135 -16.29 23.19 -7.69
C GLU B 135 -16.31 21.66 -7.68
N ALA B 136 -15.12 21.05 -7.53
CA ALA B 136 -15.00 19.58 -7.47
C ALA B 136 -15.63 19.02 -6.20
N MET B 137 -15.85 19.90 -5.21
CA MET B 137 -16.50 19.53 -3.93
C MET B 137 -18.01 19.83 -3.90
N GLY B 138 -18.59 20.06 -5.08
CA GLY B 138 -20.03 20.33 -5.21
C GLY B 138 -20.47 21.76 -4.93
N ALA B 139 -19.55 22.72 -5.04
CA ALA B 139 -19.88 24.12 -4.80
C ALA B 139 -20.11 24.88 -6.10
N LYS B 140 -21.26 25.53 -6.23
CA LYS B 140 -21.55 26.34 -7.42
C LYS B 140 -20.86 27.69 -7.23
N ILE B 141 -20.07 28.09 -8.22
CA ILE B 141 -19.30 29.34 -8.17
C ILE B 141 -19.41 30.14 -9.46
N GLU B 142 -19.58 31.46 -9.33
CA GLU B 142 -19.67 32.38 -10.45
C GLU B 142 -18.90 33.66 -10.14
N VAL B 143 -18.40 34.32 -11.19
CA VAL B 143 -17.66 35.58 -11.04
C VAL B 143 -18.58 36.70 -11.46
N GLU B 144 -18.87 37.62 -10.53
CA GLU B 144 -19.77 38.74 -10.80
C GLU B 144 -19.35 39.96 -9.99
N GLY B 145 -19.30 41.12 -10.65
CA GLY B 145 -18.91 42.36 -9.98
C GLY B 145 -17.50 42.33 -9.42
N GLY B 146 -16.67 41.45 -9.97
CA GLY B 146 -15.29 41.27 -9.53
C GLY B 146 -15.17 40.41 -8.29
N TYR B 147 -16.23 39.65 -7.98
CA TYR B 147 -16.26 38.78 -6.79
C TYR B 147 -16.49 37.32 -7.14
N ILE B 148 -15.84 36.45 -6.38
CA ILE B 148 -15.99 35.01 -6.49
C ILE B 148 -17.10 34.68 -5.50
N LYS B 149 -18.31 34.47 -6.00
CA LYS B 149 -19.45 34.14 -5.14
C LYS B 149 -19.66 32.63 -5.14
N ALA B 150 -19.13 31.98 -4.10
CA ALA B 150 -19.26 30.53 -3.95
C ALA B 150 -20.46 30.19 -3.09
N LYS B 151 -21.00 28.98 -3.28
CA LYS B 151 -22.15 28.55 -2.51
C LYS B 151 -22.05 27.02 -2.39
N ALA B 152 -21.98 26.54 -1.15
CA ALA B 152 -21.90 25.10 -0.88
C ALA B 152 -23.30 24.52 -0.87
N PRO B 153 -23.45 23.24 -1.23
CA PRO B 153 -24.78 22.63 -1.24
C PRO B 153 -25.26 22.29 0.16
N GLU B 154 -26.54 21.91 0.28
CA GLU B 154 -27.09 21.53 1.58
C GLU B 154 -26.38 20.25 2.01
N GLY B 155 -25.99 20.20 3.29
CA GLY B 155 -25.25 19.07 3.83
C GLY B 155 -23.75 19.32 3.79
N GLY B 156 -23.36 20.52 3.36
CA GLY B 156 -21.95 20.90 3.26
C GLY B 156 -21.25 20.39 2.02
N LEU B 157 -19.95 20.66 1.93
CA LEU B 157 -19.14 20.23 0.80
C LEU B 157 -18.86 18.72 0.86
N ARG B 158 -18.73 18.10 -0.31
CA ARG B 158 -18.43 16.67 -0.41
C ARG B 158 -16.95 16.51 -0.69
N GLY B 159 -16.32 15.51 -0.08
CA GLY B 159 -14.90 15.24 -0.30
C GLY B 159 -14.70 14.62 -1.68
N ALA B 160 -13.58 14.94 -2.31
CA ALA B 160 -13.31 14.41 -3.66
C ALA B 160 -11.84 14.44 -4.04
N HIS B 161 -11.49 13.60 -5.01
CA HIS B 161 -10.13 13.54 -5.55
C HIS B 161 -9.97 14.74 -6.48
N PHE B 162 -9.04 15.64 -6.16
CA PHE B 162 -8.78 16.81 -7.00
C PHE B 162 -7.31 16.85 -7.38
N PHE B 163 -7.06 17.04 -8.67
CA PHE B 163 -5.71 17.08 -9.21
C PHE B 163 -5.28 18.49 -9.57
N PHE B 164 -4.13 18.89 -9.05
CA PHE B 164 -3.55 20.20 -9.34
C PHE B 164 -2.64 20.08 -10.55
N ASP B 165 -3.03 20.74 -11.64
CA ASP B 165 -2.23 20.73 -12.88
C ASP B 165 -0.85 21.37 -12.69
N THR B 166 -0.80 22.39 -11.85
CA THR B 166 0.43 23.10 -11.52
C THR B 166 0.55 23.07 -10.01
N VAL B 167 1.77 22.94 -9.50
CA VAL B 167 1.98 22.92 -8.07
C VAL B 167 1.68 24.32 -7.53
N SER B 168 0.65 24.42 -6.71
CA SER B 168 0.21 25.70 -6.12
C SER B 168 0.19 25.62 -4.60
N VAL B 169 0.86 26.57 -3.95
CA VAL B 169 0.93 26.63 -2.49
C VAL B 169 -0.43 27.02 -1.91
N THR B 170 -0.87 28.25 -2.17
CA THR B 170 -2.17 28.73 -1.66
C THR B 170 -3.34 27.89 -2.19
N GLY B 171 -3.14 27.28 -3.37
CA GLY B 171 -4.15 26.41 -3.97
C GLY B 171 -4.31 25.17 -3.11
N THR B 172 -3.19 24.57 -2.72
CA THR B 172 -3.21 23.38 -1.86
C THR B 172 -3.83 23.74 -0.51
N GLU B 173 -3.45 24.89 0.04
CA GLU B 173 -3.94 25.35 1.34
C GLU B 173 -5.47 25.57 1.34
N ASN B 174 -6.03 26.20 0.29
CA ASN B 174 -7.49 26.38 0.22
C ASN B 174 -8.28 25.09 0.19
N ILE B 175 -7.89 24.18 -0.71
CA ILE B 175 -8.61 22.92 -0.85
C ILE B 175 -8.40 22.02 0.37
N MET B 176 -7.26 22.16 1.04
CA MET B 176 -6.97 21.39 2.26
C MET B 176 -7.92 21.83 3.38
N MET B 177 -8.07 23.15 3.55
CA MET B 177 -8.96 23.69 4.58
C MET B 177 -10.42 23.33 4.32
N ALA B 178 -10.85 23.44 3.07
CA ALA B 178 -12.23 23.12 2.69
C ALA B 178 -12.56 21.64 2.92
N ALA B 179 -11.60 20.78 2.61
CA ALA B 179 -11.77 19.34 2.78
C ALA B 179 -11.78 18.91 4.25
N ALA B 180 -11.22 19.72 5.14
CA ALA B 180 -11.18 19.41 6.58
C ALA B 180 -12.58 19.31 7.19
N LEU B 181 -13.54 20.05 6.63
CA LEU B 181 -14.94 20.04 7.10
C LEU B 181 -15.92 19.37 6.13
N ALA B 182 -15.42 18.91 4.98
CA ALA B 182 -16.27 18.25 3.97
C ALA B 182 -16.69 16.84 4.40
N LYS B 183 -17.61 16.24 3.66
CA LYS B 183 -18.10 14.89 3.96
C LYS B 183 -17.23 13.82 3.29
N GLY B 184 -16.64 12.94 4.10
CA GLY B 184 -15.83 11.84 3.59
C GLY B 184 -14.37 12.18 3.34
N ARG B 185 -13.75 11.37 2.48
CA ARG B 185 -12.34 11.50 2.14
C ARG B 185 -12.09 12.41 0.92
N SER B 186 -10.99 13.14 0.99
CA SER B 186 -10.54 14.02 -0.09
C SER B 186 -9.08 13.67 -0.36
N VAL B 187 -8.69 13.69 -1.62
CA VAL B 187 -7.32 13.36 -2.01
C VAL B 187 -6.76 14.46 -2.90
N LEU B 188 -5.73 15.16 -2.40
CA LEU B 188 -5.11 16.25 -3.15
C LEU B 188 -3.90 15.70 -3.89
N GLN B 189 -4.09 15.46 -5.20
CA GLN B 189 -3.04 14.90 -6.06
C GLN B 189 -2.13 16.01 -6.59
N ASN B 190 -0.82 15.76 -6.53
CA ASN B 190 0.22 16.72 -6.95
C ASN B 190 0.15 17.98 -6.07
N ALA B 191 0.11 17.75 -4.77
CA ALA B 191 0.00 18.82 -3.78
C ALA B 191 1.32 19.57 -3.60
N ALA B 192 1.22 20.76 -3.01
CA ALA B 192 2.40 21.57 -2.72
C ALA B 192 3.04 21.03 -1.45
N ARG B 193 4.36 20.81 -1.51
CA ARG B 193 5.11 20.24 -0.38
C ARG B 193 5.81 21.28 0.52
N GLU B 194 5.60 22.57 0.25
CA GLU B 194 6.22 23.62 1.06
C GLU B 194 5.93 23.40 2.56
N PRO B 195 6.90 23.73 3.44
CA PRO B 195 6.74 23.56 4.89
C PRO B 195 5.55 24.27 5.52
N GLU B 196 5.08 25.38 4.93
CA GLU B 196 3.92 26.10 5.48
C GLU B 196 2.62 25.29 5.28
N VAL B 197 2.59 24.41 4.28
CA VAL B 197 1.44 23.55 4.03
C VAL B 197 1.40 22.48 5.13
N VAL B 198 2.58 21.99 5.51
CA VAL B 198 2.71 20.99 6.58
C VAL B 198 2.32 21.64 7.90
N ASP B 199 2.77 22.89 8.09
CA ASP B 199 2.48 23.64 9.32
C ASP B 199 0.97 23.88 9.42
N LEU B 200 0.32 24.09 8.28
CA LEU B 200 -1.14 24.28 8.23
C LEU B 200 -1.88 23.00 8.56
N ALA B 201 -1.38 21.88 8.05
CA ALA B 201 -1.99 20.57 8.28
C ALA B 201 -1.96 20.19 9.76
N ASN B 202 -0.80 20.36 10.39
CA ASN B 202 -0.62 20.06 11.81
C ASN B 202 -1.51 20.94 12.69
N PHE B 203 -1.79 22.16 12.23
CA PHE B 203 -2.66 23.10 12.96
C PHE B 203 -4.10 22.62 12.92
N ILE B 204 -4.55 22.21 11.74
CA ILE B 204 -5.90 21.70 11.55
C ILE B 204 -6.06 20.39 12.32
N ASN B 205 -4.99 19.59 12.39
CA ASN B 205 -5.00 18.34 13.15
C ASN B 205 -5.05 18.63 14.64
N ALA B 206 -4.45 19.75 15.05
CA ALA B 206 -4.47 20.17 16.45
C ALA B 206 -5.90 20.57 16.86
N MET B 207 -6.70 21.05 15.90
CA MET B 207 -8.09 21.44 16.15
C MET B 207 -9.07 20.25 16.11
N GLY B 208 -8.60 19.08 15.70
CA GLY B 208 -9.43 17.87 15.62
C GLY B 208 -9.52 17.27 14.24
N GLY B 209 -8.95 17.94 13.24
CA GLY B 209 -8.98 17.45 11.86
C GLY B 209 -8.13 16.21 11.66
N ASN B 210 -8.23 15.63 10.48
CA ASN B 210 -7.48 14.42 10.13
C ASN B 210 -6.85 14.60 8.75
N ILE B 211 -5.66 15.19 8.73
CA ILE B 211 -4.91 15.46 7.50
C ILE B 211 -3.60 14.67 7.47
N GLN B 212 -3.53 13.69 6.56
CA GLN B 212 -2.35 12.85 6.40
C GLN B 212 -1.70 13.10 5.05
N GLY B 213 -0.38 12.93 5.00
CA GLY B 213 0.39 13.14 3.77
C GLY B 213 0.81 14.57 3.52
N ALA B 214 0.69 15.44 4.54
CA ALA B 214 1.11 16.83 4.39
C ALA B 214 2.63 16.85 4.32
N GLY B 215 3.18 17.43 3.25
CA GLY B 215 4.63 17.46 3.04
C GLY B 215 5.02 16.52 1.89
N THR B 216 4.07 15.71 1.42
CA THR B 216 4.28 14.80 0.30
C THR B 216 3.41 15.27 -0.86
N ASP B 217 3.60 14.64 -2.02
CA ASP B 217 2.84 15.00 -3.23
C ASP B 217 1.35 14.61 -3.20
N THR B 218 0.96 13.79 -2.21
CA THR B 218 -0.44 13.35 -2.08
C THR B 218 -0.93 13.55 -0.64
N ILE B 219 -2.00 14.31 -0.47
CA ILE B 219 -2.56 14.61 0.85
C ILE B 219 -3.97 14.04 0.95
N THR B 220 -4.18 13.12 1.90
CA THR B 220 -5.49 12.50 2.12
C THR B 220 -6.13 13.15 3.34
N ILE B 221 -7.24 13.85 3.13
CA ILE B 221 -7.95 14.52 4.21
C ILE B 221 -9.29 13.85 4.47
N ASP B 222 -9.53 13.42 5.70
CA ASP B 222 -10.81 12.84 6.10
C ASP B 222 -11.53 13.95 6.87
N GLY B 223 -12.58 14.50 6.26
CA GLY B 223 -13.32 15.59 6.85
C GLY B 223 -14.06 15.27 8.14
N VAL B 224 -14.09 16.25 9.05
CA VAL B 224 -14.75 16.13 10.34
C VAL B 224 -15.96 17.07 10.41
N GLU B 225 -16.86 16.84 11.37
CA GLU B 225 -18.06 17.69 11.52
C GLU B 225 -17.79 19.01 12.23
N ARG B 226 -16.82 19.01 13.14
CA ARG B 226 -16.51 20.20 13.92
C ARG B 226 -15.03 20.25 14.29
N LEU B 227 -14.45 21.46 14.25
CA LEU B 227 -13.05 21.71 14.63
C LEU B 227 -13.03 22.57 15.89
N ASP B 228 -12.51 22.01 16.96
CA ASP B 228 -12.49 22.65 18.27
C ASP B 228 -11.21 23.46 18.53
N SER B 229 -11.21 24.20 19.64
CA SER B 229 -10.09 25.06 20.07
C SER B 229 -8.70 24.39 20.11
N ALA B 230 -7.66 25.21 20.01
CA ALA B 230 -6.26 24.75 20.05
C ALA B 230 -5.31 25.96 20.13
N ASN B 231 -4.23 25.83 20.89
CA ASN B 231 -3.23 26.90 21.06
C ASN B 231 -1.94 26.46 20.36
N TYR B 232 -1.78 26.88 19.11
CA TYR B 232 -0.66 26.47 18.25
C TYR B 232 0.30 27.61 17.89
N ARG B 233 1.61 27.32 17.89
CA ARG B 233 2.63 28.30 17.54
C ARG B 233 3.15 27.99 16.14
N VAL B 234 3.16 28.98 15.25
CA VAL B 234 3.60 28.77 13.87
C VAL B 234 5.09 28.47 13.74
N MET B 235 5.45 27.94 12.58
CA MET B 235 6.84 27.57 12.28
C MET B 235 7.71 28.81 12.02
N PRO B 236 9.05 28.64 12.03
CA PRO B 236 9.95 29.77 11.74
C PRO B 236 9.95 30.13 10.25
N ASP B 237 10.19 31.40 9.93
CA ASP B 237 10.20 31.88 8.55
C ASP B 237 11.52 31.47 7.87
N ARG B 238 11.42 30.55 6.92
CA ARG B 238 12.60 30.07 6.18
C ARG B 238 13.21 31.12 5.24
N ILE B 239 12.38 32.00 4.71
CA ILE B 239 12.84 33.05 3.79
C ILE B 239 13.57 34.14 4.57
N GLU B 240 13.10 34.40 5.79
CA GLU B 240 13.73 35.39 6.64
C GLU B 240 15.11 34.85 7.03
N THR B 241 15.17 33.57 7.38
CA THR B 241 16.41 32.92 7.75
C THR B 241 17.45 33.11 6.64
N GLY B 242 17.08 32.71 5.43
CA GLY B 242 17.96 32.81 4.27
C GLY B 242 18.43 34.22 3.96
N THR B 243 17.56 35.20 4.15
CA THR B 243 17.90 36.60 3.87
C THR B 243 19.05 37.10 4.76
N TYR B 244 18.96 36.82 6.06
CA TYR B 244 20.02 37.23 6.98
C TYR B 244 21.30 36.41 6.83
N LEU B 245 21.18 35.17 6.33
CA LEU B 245 22.35 34.34 6.06
C LEU B 245 23.12 34.95 4.89
N VAL B 246 22.36 35.45 3.90
CA VAL B 246 22.95 36.10 2.72
C VAL B 246 23.52 37.46 3.13
N ALA B 247 22.83 38.16 4.05
CA ALA B 247 23.29 39.47 4.55
C ALA B 247 24.72 39.39 5.07
N ALA B 248 25.01 38.31 5.79
CA ALA B 248 26.35 38.08 6.32
C ALA B 248 27.30 37.59 5.22
N ALA B 249 26.76 36.82 4.28
CA ALA B 249 27.57 36.28 3.18
C ALA B 249 28.06 37.36 2.21
N VAL B 250 27.21 38.35 1.93
CA VAL B 250 27.54 39.45 1.01
C VAL B 250 28.61 40.37 1.61
N THR B 251 28.44 40.74 2.87
CA THR B 251 29.40 41.62 3.57
C THR B 251 30.66 40.88 4.05
N GLY B 252 30.73 39.58 3.81
CA GLY B 252 31.88 38.78 4.22
C GLY B 252 31.94 38.56 5.72
N GLY B 253 30.86 38.87 6.42
CA GLY B 253 30.80 38.73 7.87
C GLY B 253 30.27 37.40 8.34
N ARG B 254 29.71 37.39 9.54
CA ARG B 254 29.11 36.20 10.12
C ARG B 254 27.80 36.51 10.82
N VAL B 255 27.01 35.47 11.07
CA VAL B 255 25.74 35.62 11.75
C VAL B 255 25.22 34.28 12.25
N LYS B 256 24.74 34.25 13.49
CA LYS B 256 24.15 33.04 14.05
C LYS B 256 22.65 33.28 14.10
N VAL B 257 21.91 32.53 13.29
CA VAL B 257 20.47 32.65 13.24
C VAL B 257 19.87 31.71 14.28
N LYS B 258 19.01 32.23 15.16
CA LYS B 258 18.37 31.45 16.22
C LYS B 258 16.86 31.30 15.97
N ASP B 259 16.26 30.33 16.67
CA ASP B 259 14.81 30.03 16.54
C ASP B 259 14.42 29.77 15.08
N THR B 260 15.18 28.94 14.41
CA THR B 260 14.95 28.58 13.02
C THR B 260 14.95 27.06 12.88
N ASP B 261 15.19 26.57 11.66
CA ASP B 261 15.24 25.14 11.38
C ASP B 261 16.05 24.95 10.09
N PRO B 262 17.17 24.22 10.15
CA PRO B 262 17.96 24.03 8.92
C PRO B 262 17.31 23.13 7.87
N THR B 263 16.45 22.20 8.29
CA THR B 263 15.79 21.26 7.37
C THR B 263 14.79 21.91 6.39
N ILE B 264 14.32 23.13 6.69
CA ILE B 264 13.36 23.84 5.81
C ILE B 264 14.02 24.74 4.75
N LEU B 265 15.35 24.66 4.60
CA LEU B 265 16.04 25.45 3.56
C LEU B 265 17.37 24.81 3.16
N GLU B 266 17.37 23.49 2.97
CA GLU B 266 18.58 22.74 2.56
C GLU B 266 19.14 23.26 1.22
N ALA B 267 18.24 23.63 0.31
CA ALA B 267 18.64 24.15 -1.00
C ALA B 267 19.43 25.46 -0.87
N VAL B 268 19.00 26.32 0.04
CA VAL B 268 19.65 27.61 0.27
C VAL B 268 21.01 27.41 0.95
N LEU B 269 21.06 26.53 1.95
CA LEU B 269 22.31 26.25 2.67
C LEU B 269 23.37 25.68 1.74
N GLU B 270 22.93 24.87 0.77
CA GLU B 270 23.85 24.25 -0.18
C GLU B 270 24.46 25.28 -1.13
N LYS B 271 23.66 26.26 -1.56
CA LYS B 271 24.15 27.31 -2.47
C LYS B 271 25.14 28.26 -1.77
N LEU B 272 24.96 28.44 -0.47
CA LEU B 272 25.85 29.28 0.32
C LEU B 272 27.23 28.61 0.46
N LYS B 273 27.26 27.28 0.48
CA LYS B 273 28.51 26.52 0.55
C LYS B 273 29.26 26.64 -0.78
N GLU B 274 28.52 26.54 -1.88
CA GLU B 274 29.09 26.68 -3.22
C GLU B 274 29.63 28.09 -3.45
N ALA B 275 29.13 29.05 -2.67
CA ALA B 275 29.60 30.43 -2.76
C ALA B 275 30.91 30.62 -2.00
N GLY B 276 31.12 29.79 -0.97
CA GLY B 276 32.34 29.85 -0.15
C GLY B 276 32.10 30.11 1.33
N ALA B 277 30.84 30.03 1.77
CA ALA B 277 30.48 30.27 3.17
C ALA B 277 30.54 28.98 3.99
N ASP B 278 31.12 29.07 5.18
CA ASP B 278 31.23 27.92 6.09
C ASP B 278 29.97 27.92 6.97
N ILE B 279 29.18 26.85 6.85
CA ILE B 279 27.93 26.71 7.62
C ILE B 279 27.96 25.57 8.63
N ASN B 280 27.42 25.86 9.80
CA ASN B 280 27.33 24.91 10.91
C ASN B 280 25.90 25.04 11.43
N THR B 281 25.23 23.90 11.65
CA THR B 281 23.82 23.90 12.11
C THR B 281 23.60 23.15 13.43
N GLY B 282 22.35 23.21 13.90
CA GLY B 282 21.90 22.55 15.13
C GLY B 282 20.43 22.21 14.99
N GLU B 283 19.74 21.98 16.12
CA GLU B 283 18.31 21.67 16.08
C GLU B 283 17.48 22.87 15.60
N ASP B 284 17.75 24.04 16.17
CA ASP B 284 17.01 25.27 15.84
C ASP B 284 17.91 26.48 15.53
N TRP B 285 19.15 26.24 15.10
CA TRP B 285 20.06 27.35 14.77
C TRP B 285 20.96 27.06 13.59
N ILE B 286 21.41 28.13 12.94
CA ILE B 286 22.28 28.05 11.77
C ILE B 286 23.30 29.17 11.86
N GLU B 287 24.60 28.82 11.82
CA GLU B 287 25.67 29.80 11.88
C GLU B 287 26.41 29.83 10.55
N LEU B 288 26.60 31.03 10.00
CA LEU B 288 27.33 31.22 8.75
C LEU B 288 28.44 32.23 8.98
N ASP B 289 29.58 32.03 8.32
CA ASP B 289 30.74 32.92 8.45
C ASP B 289 31.59 32.82 7.18
N MET B 290 31.76 33.94 6.49
CA MET B 290 32.59 34.02 5.27
C MET B 290 34.07 34.25 5.59
N HIS B 291 34.35 34.77 6.79
CA HIS B 291 35.73 35.04 7.21
C HIS B 291 36.42 36.02 6.26
N GLY B 292 35.71 37.10 5.93
CA GLY B 292 36.22 38.14 5.04
C GLY B 292 36.43 37.78 3.58
N LYS B 293 36.05 36.56 3.19
CA LYS B 293 36.22 36.11 1.82
C LYS B 293 35.21 36.72 0.85
N ARG B 294 35.64 36.92 -0.40
CA ARG B 294 34.76 37.41 -1.44
C ARG B 294 34.11 36.12 -1.95
N PRO B 295 32.77 36.11 -2.12
CA PRO B 295 32.13 34.88 -2.56
C PRO B 295 32.40 34.52 -4.02
N LYS B 296 32.07 33.28 -4.39
CA LYS B 296 32.22 32.79 -5.74
C LYS B 296 30.84 32.71 -6.39
N ALA B 297 30.79 32.99 -7.70
CA ALA B 297 29.54 32.97 -8.46
C ALA B 297 28.87 31.61 -8.42
N VAL B 298 27.55 31.63 -8.25
CA VAL B 298 26.76 30.40 -8.19
C VAL B 298 25.55 30.45 -9.10
N ASN B 299 25.22 29.29 -9.68
CA ASN B 299 24.07 29.14 -10.55
C ASN B 299 22.93 28.62 -9.68
N LEU B 300 21.69 28.88 -10.06
CA LEU B 300 20.53 28.40 -9.29
C LEU B 300 19.29 28.36 -10.15
N ARG B 301 18.39 27.43 -9.83
CA ARG B 301 17.14 27.24 -10.54
C ARG B 301 16.00 27.19 -9.53
N THR B 302 15.10 28.17 -9.57
CA THR B 302 13.97 28.19 -8.65
C THR B 302 12.94 27.15 -9.07
N ALA B 303 12.25 26.58 -8.09
CA ALA B 303 11.21 25.56 -8.34
C ALA B 303 10.44 25.30 -7.03
N PRO B 304 9.35 24.51 -7.10
CA PRO B 304 8.59 24.20 -5.88
C PRO B 304 9.45 23.46 -4.85
N TYR B 305 9.24 23.74 -3.57
CA TYR B 305 9.98 23.10 -2.46
C TYR B 305 9.97 21.56 -2.64
N PRO B 306 11.04 20.84 -2.27
CA PRO B 306 12.27 21.37 -1.65
C PRO B 306 13.31 22.06 -2.55
N ALA B 307 12.95 22.38 -3.79
CA ALA B 307 13.90 23.06 -4.69
C ALA B 307 14.22 24.47 -4.17
N PHE B 308 15.12 25.17 -4.85
CA PHE B 308 15.49 26.53 -4.44
C PHE B 308 14.26 27.43 -4.53
N PRO B 309 13.92 28.14 -3.45
CA PRO B 309 12.72 29.01 -3.45
C PRO B 309 12.85 30.32 -4.24
N THR B 310 11.79 30.69 -4.94
CA THR B 310 11.76 31.95 -5.72
C THR B 310 11.84 33.22 -4.85
N ASP B 311 11.48 33.08 -3.57
CA ASP B 311 11.53 34.19 -2.61
C ASP B 311 12.96 34.51 -2.17
N MET B 312 13.92 33.68 -2.62
CA MET B 312 15.35 33.85 -2.34
C MET B 312 16.13 34.16 -3.63
N GLN B 313 15.46 34.09 -4.77
CA GLN B 313 16.10 34.35 -6.06
C GLN B 313 16.75 35.73 -6.17
N ALA B 314 16.11 36.75 -5.62
CA ALA B 314 16.66 38.11 -5.66
C ALA B 314 17.86 38.25 -4.70
N GLN B 315 17.74 37.63 -3.53
CA GLN B 315 18.79 37.68 -2.50
C GLN B 315 20.13 37.17 -3.04
N PHE B 316 20.09 36.06 -3.77
CA PHE B 316 21.31 35.49 -4.37
C PHE B 316 21.80 36.27 -5.58
N ILE B 317 20.96 37.12 -6.17
CA ILE B 317 21.40 37.97 -7.29
C ILE B 317 22.34 39.04 -6.75
N SER B 318 22.05 39.56 -5.56
CA SER B 318 22.93 40.57 -4.95
C SER B 318 24.25 39.93 -4.55
N LEU B 319 24.19 38.65 -4.14
CA LEU B 319 25.37 37.88 -3.76
C LEU B 319 26.26 37.65 -4.98
N ASN B 320 25.65 37.35 -6.12
CA ASN B 320 26.43 37.15 -7.36
C ASN B 320 27.01 38.46 -7.91
N ALA B 321 26.39 39.59 -7.57
CA ALA B 321 26.90 40.89 -8.04
C ALA B 321 28.31 41.16 -7.51
N ILE B 322 28.50 40.88 -6.22
CA ILE B 322 29.81 41.07 -5.55
C ILE B 322 30.70 39.82 -5.74
N ALA B 323 30.11 38.71 -6.20
CA ALA B 323 30.86 37.45 -6.40
C ALA B 323 31.96 37.50 -7.46
N GLU B 324 32.76 36.44 -7.51
CA GLU B 324 33.87 36.35 -8.46
C GLU B 324 33.42 35.33 -9.51
N GLY B 325 33.20 35.79 -10.74
CA GLY B 325 32.76 34.94 -11.84
C GLY B 325 31.36 35.27 -12.33
N THR B 326 30.82 34.41 -13.21
CA THR B 326 29.49 34.58 -13.79
C THR B 326 28.53 33.57 -13.18
N GLY B 327 27.36 34.04 -12.77
CA GLY B 327 26.33 33.20 -12.16
C GLY B 327 25.01 33.25 -12.90
N ALA B 328 24.45 32.08 -13.19
CA ALA B 328 23.19 31.95 -13.91
C ALA B 328 22.04 31.72 -12.94
N VAL B 329 21.24 32.76 -12.73
CA VAL B 329 20.08 32.70 -11.84
C VAL B 329 18.84 32.49 -12.69
N ILE B 330 18.25 31.29 -12.61
CA ILE B 330 17.08 30.92 -13.42
C ILE B 330 15.77 30.88 -12.63
N GLU B 331 14.69 31.29 -13.28
CA GLU B 331 13.32 31.30 -12.73
C GLU B 331 12.39 30.33 -13.45
N THR B 332 11.62 29.56 -12.68
CA THR B 332 10.62 28.65 -13.27
C THR B 332 9.23 28.92 -12.68
N ILE B 333 9.17 29.54 -11.50
CA ILE B 333 7.91 29.85 -10.85
C ILE B 333 7.36 31.15 -11.46
N PHE B 334 8.12 32.23 -11.29
CA PHE B 334 7.77 33.55 -11.85
C PHE B 334 8.90 33.93 -12.79
N GLU B 335 8.72 33.55 -14.06
CA GLU B 335 9.74 33.72 -15.09
C GLU B 335 10.22 35.14 -15.45
N ASN B 336 9.70 36.17 -14.79
CA ASN B 336 10.21 37.51 -15.08
C ASN B 336 10.12 38.39 -13.83
N ARG B 337 10.54 37.80 -12.71
CA ARG B 337 10.59 38.48 -11.42
C ARG B 337 12.03 38.96 -11.28
N PHE B 338 12.35 40.05 -11.96
CA PHE B 338 13.68 40.63 -11.94
C PHE B 338 13.70 42.15 -11.85
N MET B 339 12.68 42.76 -11.23
CA MET B 339 12.65 44.22 -11.09
C MET B 339 13.89 44.72 -10.34
N HIS B 340 14.23 43.99 -9.28
CA HIS B 340 15.42 44.27 -8.45
C HIS B 340 16.71 44.36 -9.28
N VAL B 341 16.83 43.54 -10.32
CA VAL B 341 18.00 43.54 -11.21
C VAL B 341 18.23 44.91 -11.86
N TYR B 342 17.15 45.49 -12.39
CA TYR B 342 17.24 46.79 -13.07
C TYR B 342 17.50 47.94 -12.10
N GLU B 343 17.24 47.70 -10.81
CA GLU B 343 17.52 48.70 -9.77
C GLU B 343 19.00 48.58 -9.42
N MET B 344 19.54 47.37 -9.48
CA MET B 344 20.97 47.14 -9.19
C MET B 344 21.89 47.70 -10.28
N HIS B 345 21.38 47.86 -11.51
CA HIS B 345 22.18 48.48 -12.59
C HIS B 345 22.63 49.88 -12.16
N ARG B 346 21.79 50.54 -11.36
CA ARG B 346 22.09 51.87 -10.85
C ARG B 346 23.24 51.84 -9.85
N MET B 347 23.42 50.69 -9.20
CA MET B 347 24.49 50.51 -8.22
C MET B 347 25.76 49.88 -8.81
N GLY B 348 25.89 49.89 -10.14
CA GLY B 348 27.08 49.35 -10.82
C GLY B 348 27.09 47.85 -11.06
N ALA B 349 25.97 47.18 -10.80
CA ALA B 349 25.88 45.73 -11.00
C ALA B 349 25.79 45.38 -12.48
N GLN B 350 26.57 44.38 -12.90
CA GLN B 350 26.62 43.91 -14.28
C GLN B 350 25.72 42.68 -14.43
N ILE B 351 24.46 42.89 -14.84
CA ILE B 351 23.51 41.78 -14.98
C ILE B 351 22.73 41.85 -16.29
N GLN B 352 22.90 40.82 -17.13
CA GLN B 352 22.18 40.70 -18.40
C GLN B 352 20.98 39.80 -18.14
N VAL B 353 19.79 40.24 -18.53
CA VAL B 353 18.57 39.46 -18.35
C VAL B 353 17.98 39.03 -19.70
N GLU B 354 17.71 37.73 -19.83
CA GLU B 354 17.12 37.17 -21.03
C GLU B 354 16.04 36.18 -20.60
N GLY B 355 14.79 36.63 -20.68
CA GLY B 355 13.65 35.80 -20.31
C GLY B 355 13.66 35.50 -18.82
N ASN B 356 13.75 34.21 -18.49
CA ASN B 356 13.76 33.76 -17.10
C ASN B 356 15.17 33.57 -16.53
N THR B 357 16.20 33.90 -17.31
CA THR B 357 17.58 33.73 -16.88
C THR B 357 18.30 35.06 -16.71
N ALA B 358 18.99 35.20 -15.58
CA ALA B 358 19.76 36.39 -15.27
C ALA B 358 21.24 36.04 -15.20
N ILE B 359 22.02 36.54 -16.16
CA ILE B 359 23.46 36.29 -16.22
C ILE B 359 24.19 37.38 -15.43
N VAL B 360 24.39 37.11 -14.14
CA VAL B 360 25.05 38.05 -13.25
C VAL B 360 26.58 37.90 -13.32
N THR B 361 27.24 38.94 -13.82
CA THR B 361 28.70 38.97 -13.93
C THR B 361 29.20 39.75 -12.72
N GLY B 362 29.92 39.07 -11.83
CA GLY B 362 30.42 39.71 -10.62
C GLY B 362 31.47 40.80 -10.78
N VAL B 363 31.39 41.80 -9.89
CA VAL B 363 32.33 42.94 -9.87
C VAL B 363 32.95 43.09 -8.47
N LYS B 364 34.05 43.83 -8.38
CA LYS B 364 34.75 44.02 -7.10
C LYS B 364 33.93 44.77 -6.04
N ALA B 365 33.11 45.73 -6.47
CA ALA B 365 32.28 46.51 -5.54
C ALA B 365 31.16 47.26 -6.24
N LEU B 366 30.09 47.50 -5.48
CA LEU B 366 28.94 48.24 -5.97
C LEU B 366 29.03 49.70 -5.51
N LYS B 367 28.30 50.56 -6.21
CA LYS B 367 28.28 52.00 -5.94
C LYS B 367 26.91 52.37 -5.39
N GLY B 368 26.89 53.18 -4.33
CA GLY B 368 25.63 53.60 -3.71
C GLY B 368 24.84 54.56 -4.58
N ALA B 369 23.52 54.38 -4.59
CA ALA B 369 22.61 55.24 -5.37
C ALA B 369 21.17 55.02 -4.92
N PRO B 370 20.31 56.04 -5.03
CA PRO B 370 18.92 55.87 -4.61
C PRO B 370 18.16 54.88 -5.50
N VAL B 371 17.54 53.88 -4.87
CA VAL B 371 16.78 52.85 -5.58
C VAL B 371 15.33 52.80 -5.11
N MET B 372 14.53 51.95 -5.76
CA MET B 372 13.11 51.81 -5.45
C MET B 372 12.73 50.34 -5.27
N ALA B 373 11.97 50.06 -4.21
CA ALA B 373 11.51 48.70 -3.92
C ALA B 373 10.14 48.49 -4.57
N THR B 374 9.88 47.27 -5.03
CA THR B 374 8.60 46.94 -5.68
C THR B 374 8.01 45.59 -5.27
N ASP B 375 8.80 44.72 -4.65
CA ASP B 375 8.36 43.38 -4.25
C ASP B 375 8.57 43.15 -2.74
N LEU B 376 7.55 42.61 -2.06
CA LEU B 376 7.63 42.37 -0.60
C LEU B 376 8.72 41.40 -0.12
N ARG B 377 9.19 40.51 -1.02
CA ARG B 377 10.27 39.56 -0.71
C ARG B 377 11.57 39.86 -1.46
N ALA B 378 11.46 40.10 -2.76
CA ALA B 378 12.64 40.36 -3.59
C ALA B 378 13.35 41.69 -3.31
N SER B 379 12.61 42.72 -2.92
CA SER B 379 13.22 44.03 -2.63
C SER B 379 14.23 43.99 -1.47
N ALA B 380 14.22 42.90 -0.69
CA ALA B 380 15.20 42.74 0.39
C ALA B 380 16.61 42.66 -0.21
N SER B 381 16.69 42.29 -1.49
CA SER B 381 17.97 42.22 -2.20
C SER B 381 18.59 43.62 -2.39
N LEU B 382 17.74 44.66 -2.46
CA LEU B 382 18.20 46.05 -2.59
C LEU B 382 18.85 46.48 -1.29
N VAL B 383 18.31 45.99 -0.18
CA VAL B 383 18.83 46.26 1.14
C VAL B 383 20.19 45.54 1.30
N LEU B 384 20.29 44.33 0.74
CA LEU B 384 21.53 43.54 0.82
C LEU B 384 22.64 44.15 -0.04
N SER B 385 22.30 44.58 -1.26
CA SER B 385 23.27 45.20 -2.16
C SER B 385 23.82 46.49 -1.54
N ALA B 386 22.95 47.20 -0.83
CA ALA B 386 23.34 48.44 -0.16
C ALA B 386 24.37 48.23 0.97
N LEU B 387 24.40 47.01 1.53
CA LEU B 387 25.37 46.69 2.61
C LEU B 387 26.81 46.66 2.11
N VAL B 388 27.02 46.31 0.83
CA VAL B 388 28.37 46.25 0.23
C VAL B 388 28.59 47.31 -0.87
N ALA B 389 27.73 48.34 -0.88
CA ALA B 389 27.85 49.40 -1.86
C ALA B 389 28.62 50.58 -1.26
N GLU B 390 29.44 51.23 -2.08
CA GLU B 390 30.24 52.37 -1.64
C GLU B 390 29.31 53.56 -1.40
N GLY B 391 29.49 54.25 -0.28
CA GLY B 391 28.67 55.41 0.05
C GLY B 391 27.30 55.01 0.58
N ASP B 392 26.31 55.89 0.35
CA ASP B 392 24.93 55.69 0.80
C ASP B 392 23.97 55.20 -0.29
N THR B 393 22.94 54.50 0.14
CA THR B 393 21.89 53.95 -0.75
C THR B 393 20.54 54.29 -0.13
N LEU B 394 19.83 55.24 -0.73
CA LEU B 394 18.52 55.67 -0.25
C LEU B 394 17.42 54.84 -0.91
N ILE B 395 16.85 53.88 -0.18
CA ILE B 395 15.79 53.01 -0.70
C ILE B 395 14.42 53.64 -0.40
N ASP B 396 13.59 53.75 -1.43
CA ASP B 396 12.25 54.33 -1.32
C ASP B 396 11.20 53.21 -1.40
N ARG B 397 9.96 53.53 -1.03
CA ARG B 397 8.84 52.58 -1.05
C ARG B 397 9.13 51.32 -0.23
N ILE B 398 9.58 51.54 1.01
CA ILE B 398 9.91 50.44 1.90
C ILE B 398 8.66 49.74 2.47
N TYR B 399 7.47 50.30 2.22
CA TYR B 399 6.22 49.67 2.68
C TYR B 399 6.09 48.25 2.11
N HIS B 400 6.72 48.00 0.96
CA HIS B 400 6.74 46.66 0.36
C HIS B 400 7.55 45.73 1.25
N ILE B 401 8.72 46.18 1.68
CA ILE B 401 9.59 45.38 2.55
C ILE B 401 8.93 45.11 3.91
N ASP B 402 8.21 46.11 4.44
CA ASP B 402 7.54 45.96 5.74
C ASP B 402 6.44 44.89 5.73
N ARG B 403 6.01 44.47 4.54
CA ARG B 403 5.01 43.41 4.40
C ARG B 403 5.64 42.04 4.58
N GLY B 404 6.81 41.84 3.98
CA GLY B 404 7.50 40.55 4.03
C GLY B 404 8.59 40.39 5.07
N TYR B 405 8.93 41.46 5.80
CA TYR B 405 9.98 41.40 6.82
C TYR B 405 9.66 42.17 8.10
N GLU B 406 9.88 41.52 9.24
CA GLU B 406 9.63 42.11 10.56
C GLU B 406 10.75 43.10 10.89
N CYS B 407 10.41 44.40 10.77
CA CYS B 407 11.32 45.52 11.04
C CYS B 407 12.78 45.20 10.68
N ILE B 408 13.00 45.03 9.38
CA ILE B 408 14.29 44.67 8.81
C ILE B 408 15.50 45.47 9.29
N GLU B 409 15.35 46.79 9.50
CA GLU B 409 16.50 47.61 9.93
C GLU B 409 17.00 47.29 11.34
N GLU B 410 16.08 47.06 12.29
CA GLU B 410 16.47 46.74 13.68
C GLU B 410 17.28 45.45 13.80
N LYS B 411 16.96 44.45 12.98
CA LYS B 411 17.68 43.18 13.01
C LYS B 411 19.06 43.34 12.36
N LEU B 412 19.17 44.23 11.39
CA LEU B 412 20.46 44.50 10.76
C LEU B 412 21.32 45.35 11.71
N GLN B 413 20.66 46.13 12.57
CA GLN B 413 21.37 46.94 13.57
C GLN B 413 22.07 46.02 14.58
N MET B 414 21.43 44.90 14.92
CA MET B 414 22.02 43.91 15.84
C MET B 414 23.33 43.35 15.27
N LEU B 415 23.40 43.23 13.95
CA LEU B 415 24.58 42.70 13.26
C LEU B 415 25.63 43.78 12.94
N GLY B 416 25.37 45.02 13.35
CA GLY B 416 26.32 46.12 13.15
C GLY B 416 26.26 46.87 11.82
N ALA B 417 25.17 46.72 11.09
CA ALA B 417 25.03 47.38 9.79
C ALA B 417 24.59 48.84 9.95
N LYS B 418 25.16 49.72 9.12
CA LYS B 418 24.78 51.13 9.15
C LYS B 418 23.50 51.30 8.33
N ILE B 419 22.36 51.08 8.97
CA ILE B 419 21.04 51.22 8.34
C ILE B 419 20.12 52.01 9.26
N ARG B 420 19.36 52.94 8.66
CA ARG B 420 18.48 53.83 9.42
C ARG B 420 17.20 54.19 8.64
N ARG B 421 16.08 54.23 9.36
CA ARG B 421 14.77 54.56 8.79
C ARG B 421 14.53 56.07 8.94
N VAL B 422 14.17 56.74 7.84
CA VAL B 422 13.92 58.18 7.83
C VAL B 422 12.66 58.53 7.04
N PRO B 423 11.56 58.88 7.74
CA PRO B 423 10.33 59.28 7.03
C PRO B 423 10.47 60.62 6.29
N GLY B 424 9.65 60.81 5.26
CA GLY B 424 9.67 62.04 4.46
C GLY B 424 10.74 62.03 3.38
N MET C 4 14.58 -0.27 -43.89
CA MET C 4 13.78 -0.11 -42.64
C MET C 4 12.27 -0.30 -42.90
N ASP C 5 11.59 -0.91 -41.94
CA ASP C 5 10.15 -1.19 -42.04
C ASP C 5 9.27 0.05 -41.92
N LYS C 6 7.99 -0.12 -42.27
CA LYS C 6 6.99 0.95 -42.21
C LYS C 6 5.66 0.41 -41.68
N LEU C 7 4.83 1.30 -41.15
CA LEU C 7 3.51 0.94 -40.64
C LEU C 7 2.45 1.61 -41.50
N ILE C 8 1.55 0.81 -42.06
CA ILE C 8 0.44 1.33 -42.88
C ILE C 8 -0.84 1.16 -42.05
N ILE C 9 -1.54 2.27 -41.83
CA ILE C 9 -2.75 2.29 -41.01
C ILE C 9 -3.94 2.86 -41.75
N THR C 10 -5.09 2.17 -41.64
CA THR C 10 -6.34 2.63 -42.24
C THR C 10 -7.23 3.03 -41.09
N GLY C 11 -7.53 4.32 -40.98
CA GLY C 11 -8.37 4.82 -39.90
C GLY C 11 -9.85 4.58 -40.12
N GLY C 12 -10.65 5.05 -39.15
CA GLY C 12 -12.11 4.93 -39.21
C GLY C 12 -12.70 3.88 -38.27
N ALA C 13 -11.93 2.84 -37.94
CA ALA C 13 -12.41 1.77 -37.05
C ALA C 13 -12.49 2.21 -35.59
N ARG C 14 -13.57 1.78 -34.91
CA ARG C 14 -13.77 2.08 -33.50
C ARG C 14 -13.23 0.86 -32.75
N LEU C 15 -12.18 1.10 -31.97
CA LEU C 15 -11.49 0.05 -31.24
C LEU C 15 -12.32 -0.55 -30.11
N ASP C 16 -12.18 -1.86 -29.94
CA ASP C 16 -12.90 -2.59 -28.90
C ASP C 16 -12.17 -3.91 -28.70
N GLY C 17 -11.77 -4.17 -27.46
CA GLY C 17 -11.04 -5.38 -27.10
C GLY C 17 -10.30 -5.22 -25.79
N GLU C 18 -9.29 -6.06 -25.56
CA GLU C 18 -8.51 -6.00 -24.32
C GLU C 18 -7.09 -6.54 -24.53
N ILE C 19 -6.11 -5.83 -23.97
CA ILE C 19 -4.70 -6.23 -24.09
C ILE C 19 -4.03 -6.31 -22.71
N ARG C 20 -2.82 -6.85 -22.72
CA ARG C 20 -2.01 -7.02 -21.52
C ARG C 20 -0.81 -6.07 -21.56
N ILE C 21 -0.64 -5.29 -20.50
CA ILE C 21 0.46 -4.33 -20.42
C ILE C 21 1.77 -5.02 -20.07
N SER C 22 2.83 -4.57 -20.73
CA SER C 22 4.17 -5.11 -20.55
C SER C 22 4.87 -4.43 -19.38
N GLY C 23 6.11 -4.85 -19.12
CA GLY C 23 6.90 -4.27 -18.06
C GLY C 23 7.35 -2.89 -18.45
N ALA C 24 7.56 -2.04 -17.45
CA ALA C 24 7.99 -0.66 -17.68
C ALA C 24 9.39 -0.59 -18.27
N LYS C 25 9.54 0.18 -19.34
CA LYS C 25 10.82 0.35 -20.00
C LYS C 25 11.76 1.18 -19.11
N ASN C 26 11.22 2.27 -18.55
CA ASN C 26 12.02 3.15 -17.68
C ASN C 26 12.24 2.58 -16.27
N ALA C 27 11.72 1.38 -15.98
CA ALA C 27 11.94 0.69 -14.70
C ALA C 27 12.91 -0.45 -14.98
N ALA C 28 12.68 -1.16 -16.08
CA ALA C 28 13.53 -2.26 -16.50
C ALA C 28 14.96 -1.80 -16.76
N LEU C 29 15.12 -0.63 -17.39
CA LEU C 29 16.46 -0.10 -17.70
C LEU C 29 17.33 0.12 -16.44
N PRO C 30 16.79 0.81 -15.40
CA PRO C 30 17.58 0.97 -14.19
C PRO C 30 17.68 -0.31 -13.36
N ILE C 31 16.65 -1.14 -13.38
CA ILE C 31 16.67 -2.42 -12.64
C ILE C 31 17.70 -3.38 -13.23
N LEU C 32 17.80 -3.40 -14.56
CA LEU C 32 18.81 -4.23 -15.24
C LEU C 32 20.19 -3.70 -14.87
N ALA C 33 20.35 -2.38 -14.94
CA ALA C 33 21.63 -1.75 -14.59
C ALA C 33 21.99 -2.03 -13.14
N ALA C 34 20.95 -2.10 -12.28
CA ALA C 34 21.13 -2.38 -10.85
C ALA C 34 21.65 -3.77 -10.55
N THR C 35 21.52 -4.70 -11.51
CA THR C 35 22.04 -6.06 -11.30
C THR C 35 23.58 -6.07 -11.20
N LEU C 36 24.21 -5.00 -11.69
CA LEU C 36 25.67 -4.86 -11.61
C LEU C 36 26.14 -4.72 -10.17
N LEU C 37 25.24 -4.33 -9.28
CA LEU C 37 25.53 -4.18 -7.86
C LEU C 37 25.58 -5.54 -7.15
N ALA C 38 24.89 -6.53 -7.71
CA ALA C 38 24.80 -7.87 -7.12
C ALA C 38 26.14 -8.59 -6.93
N ASP C 39 26.13 -9.51 -5.97
CA ASP C 39 27.28 -10.34 -5.62
C ASP C 39 26.88 -11.81 -5.86
N GLY C 40 26.06 -12.01 -6.89
CA GLY C 40 25.55 -13.33 -7.26
C GLY C 40 24.57 -13.21 -8.41
N PRO C 41 23.98 -14.34 -8.86
CA PRO C 41 23.03 -14.31 -9.97
C PRO C 41 21.65 -13.74 -9.58
N VAL C 42 21.17 -12.77 -10.37
CA VAL C 42 19.89 -12.11 -10.13
C VAL C 42 19.01 -12.29 -11.37
N THR C 43 17.72 -12.55 -11.15
CA THR C 43 16.75 -12.75 -12.23
C THR C 43 15.75 -11.60 -12.27
N VAL C 44 15.55 -11.03 -13.46
CA VAL C 44 14.62 -9.91 -13.67
C VAL C 44 13.50 -10.37 -14.60
N GLY C 45 12.26 -10.27 -14.12
CA GLY C 45 11.08 -10.71 -14.89
C GLY C 45 10.21 -9.60 -15.45
N ASN C 46 9.26 -10.01 -16.27
CA ASN C 46 8.28 -9.14 -16.93
C ASN C 46 8.94 -8.07 -17.83
N LEU C 47 10.10 -8.38 -18.39
CA LEU C 47 10.79 -7.43 -19.26
C LEU C 47 9.98 -7.21 -20.54
N PRO C 48 9.95 -5.98 -21.07
CA PRO C 48 9.21 -5.74 -22.31
C PRO C 48 10.02 -6.15 -23.53
N HIS C 49 9.34 -6.65 -24.57
CA HIS C 49 10.02 -7.06 -25.79
C HIS C 49 10.11 -5.85 -26.72
N LEU C 50 11.05 -4.95 -26.40
CA LEU C 50 11.32 -3.75 -27.18
C LEU C 50 12.83 -3.56 -27.32
N HIS C 51 13.26 -2.74 -28.27
CA HIS C 51 14.68 -2.56 -28.58
C HIS C 51 15.60 -1.94 -27.51
N ASP C 52 15.09 -1.05 -26.64
CA ASP C 52 15.95 -0.47 -25.58
C ASP C 52 16.51 -1.57 -24.67
N ILE C 53 15.69 -2.58 -24.38
CA ILE C 53 16.13 -3.69 -23.53
C ILE C 53 17.20 -4.48 -24.28
N THR C 54 17.02 -4.66 -25.58
CA THR C 54 18.00 -5.39 -26.40
C THR C 54 19.35 -4.65 -26.40
N THR C 55 19.31 -3.32 -26.40
CA THR C 55 20.53 -2.50 -26.38
C THR C 55 21.22 -2.60 -25.01
N MET C 56 20.44 -2.71 -23.94
CA MET C 56 21.00 -2.84 -22.58
C MET C 56 21.70 -4.21 -22.46
N ILE C 57 21.11 -5.25 -23.06
CA ILE C 57 21.73 -6.59 -23.05
C ILE C 57 23.06 -6.54 -23.80
N GLU C 58 23.09 -5.85 -24.93
CA GLU C 58 24.32 -5.68 -25.71
C GLU C 58 25.39 -4.95 -24.88
N LEU C 59 24.96 -3.97 -24.09
CA LEU C 59 25.88 -3.22 -23.21
C LEU C 59 26.53 -4.16 -22.19
N PHE C 60 25.74 -5.10 -21.66
CA PHE C 60 26.24 -6.11 -20.72
C PHE C 60 27.20 -7.04 -21.45
N GLY C 61 26.89 -7.33 -22.72
CA GLY C 61 27.74 -8.15 -23.58
C GLY C 61 29.14 -7.55 -23.70
N ARG C 62 29.20 -6.25 -24.00
CA ARG C 62 30.47 -5.54 -24.12
C ARG C 62 31.32 -5.62 -22.85
N MET C 63 30.64 -5.63 -21.69
CA MET C 63 31.31 -5.69 -20.40
C MET C 63 31.72 -7.10 -19.95
N GLY C 64 31.42 -8.11 -20.75
CA GLY C 64 31.77 -9.49 -20.42
C GLY C 64 30.68 -10.32 -19.74
N ILE C 65 29.51 -9.70 -19.56
CA ILE C 65 28.37 -10.39 -18.96
C ILE C 65 27.53 -10.90 -20.13
N GLU C 66 27.06 -12.14 -20.03
CA GLU C 66 26.26 -12.74 -21.10
C GLU C 66 24.88 -13.13 -20.56
N PRO C 67 23.97 -12.14 -20.44
CA PRO C 67 22.61 -12.36 -19.93
C PRO C 67 21.88 -13.56 -20.53
N VAL C 68 21.37 -14.42 -19.64
CA VAL C 68 20.66 -15.64 -20.03
C VAL C 68 19.20 -15.35 -20.34
N ILE C 69 18.89 -15.03 -21.60
CA ILE C 69 17.50 -14.77 -22.00
C ILE C 69 16.78 -16.11 -22.09
N ASP C 70 15.48 -16.08 -21.83
CA ASP C 70 14.64 -17.28 -21.85
C ASP C 70 13.31 -16.88 -22.50
N GLU C 71 12.41 -17.84 -22.68
CA GLU C 71 11.10 -17.56 -23.25
C GLU C 71 10.31 -16.66 -22.28
N LYS C 72 9.17 -16.14 -22.72
CA LYS C 72 8.31 -15.23 -21.93
C LYS C 72 9.03 -14.05 -21.18
N LEU C 73 10.19 -13.65 -21.71
CA LEU C 73 10.97 -12.50 -21.20
C LEU C 73 11.51 -12.40 -19.77
N SER C 74 12.49 -13.25 -19.45
CA SER C 74 13.11 -13.35 -18.12
C SER C 74 14.62 -13.37 -18.36
N VAL C 75 15.37 -12.63 -17.55
CA VAL C 75 16.83 -12.56 -17.73
C VAL C 75 17.62 -12.73 -16.43
N GLU C 76 18.48 -13.75 -16.40
CA GLU C 76 19.35 -14.02 -15.26
C GLU C 76 20.69 -13.35 -15.53
N ILE C 77 21.15 -12.53 -14.58
CA ILE C 77 22.39 -11.79 -14.71
C ILE C 77 23.33 -12.05 -13.54
N ASP C 78 24.53 -12.57 -13.85
CA ASP C 78 25.56 -12.82 -12.85
C ASP C 78 26.67 -11.81 -13.19
N PRO C 79 26.75 -10.70 -12.42
CA PRO C 79 27.75 -9.66 -12.70
C PRO C 79 29.19 -10.00 -12.28
N ARG C 80 29.39 -11.12 -11.60
CA ARG C 80 30.73 -11.53 -11.17
C ARG C 80 31.63 -11.94 -12.35
N THR C 81 31.03 -12.16 -13.51
CA THR C 81 31.75 -12.52 -14.73
C THR C 81 32.10 -11.30 -15.60
N ILE C 82 32.01 -10.10 -15.03
CA ILE C 82 32.32 -8.85 -15.75
C ILE C 82 33.82 -8.83 -16.08
N LYS C 83 34.17 -8.26 -17.23
CA LYS C 83 35.57 -8.22 -17.69
C LYS C 83 36.05 -6.83 -18.07
N THR C 84 35.26 -6.12 -18.87
CA THR C 84 35.61 -4.78 -19.33
C THR C 84 34.75 -3.74 -18.66
N LEU C 85 35.36 -2.90 -17.80
CA LEU C 85 34.61 -1.86 -17.11
C LEU C 85 34.44 -0.62 -17.99
N VAL C 86 33.78 -0.82 -19.13
CA VAL C 86 33.54 0.26 -20.10
C VAL C 86 32.15 0.16 -20.74
N ALA C 87 31.52 1.32 -20.93
CA ALA C 87 30.22 1.43 -21.59
C ALA C 87 30.53 2.22 -22.86
N PRO C 88 30.86 1.52 -23.97
CA PRO C 88 31.29 2.17 -25.23
C PRO C 88 30.32 3.14 -25.90
N TYR C 89 30.88 4.23 -26.41
CA TYR C 89 30.14 5.28 -27.12
C TYR C 89 29.28 4.74 -28.27
N GLU C 90 29.72 3.64 -28.87
CA GLU C 90 29.01 3.00 -29.98
C GLU C 90 27.60 2.59 -29.56
N LEU C 91 27.44 2.24 -28.28
CA LEU C 91 26.12 1.85 -27.72
C LEU C 91 25.42 3.03 -27.02
N VAL C 92 26.19 3.88 -26.35
CA VAL C 92 25.62 5.04 -25.64
C VAL C 92 25.06 6.10 -26.61
N LYS C 93 25.59 6.18 -27.83
CA LYS C 93 25.11 7.15 -28.81
C LYS C 93 23.71 6.80 -29.32
N THR C 94 23.33 5.52 -29.22
CA THR C 94 22.01 5.05 -29.68
C THR C 94 20.97 5.09 -28.56
N MET C 95 21.42 5.20 -27.31
CA MET C 95 20.52 5.24 -26.16
C MET C 95 21.25 5.85 -24.96
N ARG C 96 20.90 7.10 -24.62
CA ARG C 96 21.52 7.82 -23.50
C ARG C 96 21.18 7.25 -22.11
N ALA C 97 20.18 6.37 -22.05
CA ALA C 97 19.82 5.70 -20.78
C ALA C 97 20.92 4.70 -20.35
N SER C 98 21.93 4.54 -21.21
CA SER C 98 23.06 3.68 -20.92
C SER C 98 23.94 4.27 -19.81
N ILE C 99 23.74 5.55 -19.49
CA ILE C 99 24.51 6.21 -18.42
C ILE C 99 24.11 5.66 -17.03
N LEU C 100 22.99 4.95 -16.96
CA LEU C 100 22.52 4.33 -15.72
C LEU C 100 23.50 3.30 -15.15
N VAL C 101 24.41 2.80 -15.98
CA VAL C 101 25.40 1.82 -15.51
C VAL C 101 26.56 2.50 -14.75
N LEU C 102 26.76 3.80 -14.96
CA LEU C 102 27.85 4.55 -14.29
C LEU C 102 27.83 4.40 -12.77
N GLY C 103 26.73 4.82 -12.15
CA GLY C 103 26.56 4.74 -10.68
C GLY C 103 26.91 3.41 -10.03
N PRO C 104 26.17 2.33 -10.38
CA PRO C 104 26.41 1.02 -9.77
C PRO C 104 27.74 0.37 -10.11
N MET C 105 28.30 0.75 -11.26
CA MET C 105 29.57 0.20 -11.73
C MET C 105 30.77 0.83 -10.98
N VAL C 106 30.61 2.07 -10.54
CA VAL C 106 31.65 2.79 -9.78
C VAL C 106 31.60 2.33 -8.32
N ALA C 107 30.38 2.11 -7.82
CA ALA C 107 30.17 1.70 -6.43
C ALA C 107 30.50 0.23 -6.15
N ARG C 108 30.27 -0.65 -7.13
CA ARG C 108 30.54 -2.09 -6.97
C ARG C 108 31.95 -2.52 -7.37
N PHE C 109 32.48 -1.92 -8.43
CA PHE C 109 33.80 -2.28 -8.94
C PHE C 109 34.90 -1.23 -8.77
N GLY C 110 34.57 -0.06 -8.23
CA GLY C 110 35.56 0.99 -7.99
C GLY C 110 35.87 1.93 -9.13
N GLU C 111 35.56 1.55 -10.37
CA GLU C 111 35.81 2.42 -11.52
C GLU C 111 34.85 2.13 -12.67
N ALA C 112 34.77 3.06 -13.60
CA ALA C 112 33.92 2.92 -14.78
C ALA C 112 34.24 4.00 -15.81
N GLU C 113 34.13 3.64 -17.08
CA GLU C 113 34.36 4.56 -18.18
C GLU C 113 33.12 4.51 -19.06
N VAL C 114 32.21 5.46 -18.87
CA VAL C 114 30.96 5.52 -19.64
C VAL C 114 30.94 6.75 -20.53
N ALA C 115 30.66 6.54 -21.82
CA ALA C 115 30.63 7.63 -22.79
C ALA C 115 29.61 8.69 -22.41
N LEU C 116 30.02 9.96 -22.53
CA LEU C 116 29.14 11.08 -22.20
C LEU C 116 28.09 11.17 -23.31
N PRO C 117 26.80 11.14 -22.94
CA PRO C 117 25.75 11.23 -23.95
C PRO C 117 25.90 12.44 -24.88
N GLY C 118 25.52 12.24 -26.14
CA GLY C 118 25.58 13.32 -27.13
C GLY C 118 24.27 14.08 -27.15
N GLY C 119 23.92 14.61 -28.31
CA GLY C 119 22.68 15.36 -28.47
C GLY C 119 21.48 14.45 -28.63
N CYS C 120 20.30 15.00 -28.36
CA CYS C 120 19.05 14.27 -28.48
C CYS C 120 18.03 15.23 -29.06
N ALA C 121 17.34 14.82 -30.12
CA ALA C 121 16.34 15.64 -30.79
C ALA C 121 15.25 16.19 -29.85
N ILE C 122 14.86 15.40 -28.84
CA ILE C 122 13.84 15.81 -27.86
C ILE C 122 14.13 17.19 -27.26
N GLY C 123 15.35 17.39 -26.79
CA GLY C 123 15.75 18.67 -26.20
C GLY C 123 16.98 18.63 -25.32
N SER C 124 17.08 19.61 -24.44
CA SER C 124 18.20 19.74 -23.52
C SER C 124 18.18 18.64 -22.47
N ARG C 125 19.16 17.72 -22.53
CA ARG C 125 19.24 16.61 -21.60
C ARG C 125 20.67 16.36 -21.09
N PRO C 126 21.22 17.31 -20.30
CA PRO C 126 22.57 17.16 -19.76
C PRO C 126 22.63 16.13 -18.62
N VAL C 127 23.85 15.78 -18.20
CA VAL C 127 24.06 14.80 -17.13
C VAL C 127 25.05 15.31 -16.07
N ASP C 128 24.98 16.61 -15.77
CA ASP C 128 25.85 17.22 -14.77
C ASP C 128 25.55 16.72 -13.35
N LEU C 129 24.26 16.51 -13.06
CA LEU C 129 23.81 16.02 -11.75
C LEU C 129 24.21 14.57 -11.50
N HIS C 130 24.36 13.80 -12.57
CA HIS C 130 24.79 12.39 -12.47
C HIS C 130 26.25 12.36 -12.00
N ILE C 131 27.07 13.18 -12.66
CA ILE C 131 28.50 13.32 -12.36
C ILE C 131 28.72 13.95 -10.99
N ARG C 132 27.99 15.03 -10.72
CA ARG C 132 28.13 15.77 -9.46
C ARG C 132 27.71 14.91 -8.25
N GLY C 133 26.72 14.04 -8.44
CA GLY C 133 26.26 13.17 -7.36
C GLY C 133 27.32 12.17 -6.95
N LEU C 134 28.05 11.64 -7.94
CA LEU C 134 29.13 10.69 -7.68
C LEU C 134 30.36 11.40 -7.11
N GLU C 135 30.55 12.68 -7.47
CA GLU C 135 31.65 13.47 -6.92
C GLU C 135 31.38 13.76 -5.43
N ALA C 136 30.11 13.89 -5.07
CA ALA C 136 29.71 14.13 -3.68
C ALA C 136 29.99 12.91 -2.80
N MET C 137 30.17 11.75 -3.43
CA MET C 137 30.46 10.50 -2.71
C MET C 137 31.96 10.15 -2.75
N GLY C 138 32.80 11.14 -3.06
CA GLY C 138 34.26 10.95 -3.10
C GLY C 138 34.90 10.50 -4.39
N ALA C 139 34.10 10.18 -5.40
CA ALA C 139 34.65 9.72 -6.68
C ALA C 139 35.26 10.85 -7.51
N LYS C 140 36.48 10.63 -8.02
CA LYS C 140 37.17 11.60 -8.85
C LYS C 140 36.81 11.30 -10.31
N ILE C 141 36.19 12.27 -10.98
CA ILE C 141 35.75 12.11 -12.36
C ILE C 141 36.37 13.17 -13.27
N GLU C 142 36.65 12.78 -14.51
CA GLU C 142 37.22 13.68 -15.51
C GLU C 142 36.70 13.24 -16.89
N VAL C 143 36.33 14.22 -17.72
CA VAL C 143 35.82 13.95 -19.05
C VAL C 143 37.00 13.94 -20.03
N GLU C 144 37.19 12.83 -20.74
CA GLU C 144 38.28 12.71 -21.69
C GLU C 144 37.95 11.69 -22.79
N GLY C 145 38.34 12.01 -24.03
CA GLY C 145 38.08 11.14 -25.19
C GLY C 145 36.61 10.87 -25.43
N GLY C 146 35.75 11.73 -24.88
CA GLY C 146 34.30 11.56 -24.99
C GLY C 146 33.76 10.56 -23.97
N TYR C 147 34.56 10.27 -22.94
CA TYR C 147 34.18 9.32 -21.88
C TYR C 147 34.25 9.93 -20.48
N ILE C 148 33.30 9.51 -19.64
CA ILE C 148 33.23 9.92 -18.24
C ILE C 148 34.07 8.88 -17.50
N LYS C 149 35.32 9.22 -17.20
CA LYS C 149 36.23 8.33 -16.49
C LYS C 149 36.11 8.54 -14.98
N ALA C 150 35.37 7.65 -14.33
CA ALA C 150 35.16 7.73 -12.89
C ALA C 150 36.03 6.77 -12.10
N LYS C 151 36.53 7.24 -10.96
CA LYS C 151 37.35 6.45 -10.05
C LYS C 151 36.90 6.75 -8.62
N ALA C 152 36.64 5.70 -7.83
CA ALA C 152 36.26 5.85 -6.44
C ALA C 152 37.53 5.74 -5.60
N PRO C 153 37.52 6.24 -4.35
CA PRO C 153 38.71 6.13 -3.50
C PRO C 153 38.99 4.67 -3.09
N GLU C 154 40.04 4.46 -2.30
CA GLU C 154 40.40 3.11 -1.87
C GLU C 154 39.31 2.41 -1.03
N GLY C 155 38.79 3.11 -0.03
CA GLY C 155 37.75 2.56 0.84
C GLY C 155 36.39 2.37 0.18
N GLY C 156 36.18 2.97 -0.99
CA GLY C 156 34.92 2.88 -1.72
C GLY C 156 34.18 4.21 -1.63
N LEU C 157 32.92 4.23 -2.07
CA LEU C 157 32.12 5.46 -2.01
C LEU C 157 31.65 5.74 -0.58
N ARG C 158 31.71 7.01 -0.16
CA ARG C 158 31.28 7.43 1.17
C ARG C 158 29.93 8.12 1.06
N GLY C 159 28.98 7.70 1.89
CA GLY C 159 27.64 8.30 1.88
C GLY C 159 27.66 9.79 2.17
N ALA C 160 26.76 10.53 1.54
CA ALA C 160 26.69 11.98 1.71
C ALA C 160 25.33 12.53 1.32
N HIS C 161 25.01 13.71 1.88
CA HIS C 161 23.75 14.39 1.59
C HIS C 161 23.91 15.12 0.26
N PHE C 162 23.25 14.63 -0.79
CA PHE C 162 23.30 15.26 -2.11
C PHE C 162 21.94 15.85 -2.48
N PHE C 163 21.98 17.09 -2.99
CA PHE C 163 20.78 17.82 -3.40
C PHE C 163 20.70 18.02 -4.91
N PHE C 164 19.59 17.59 -5.52
CA PHE C 164 19.37 17.76 -6.96
C PHE C 164 18.75 19.13 -7.23
N ASP C 165 19.47 19.98 -7.97
CA ASP C 165 18.97 21.32 -8.31
C ASP C 165 17.75 21.24 -9.22
N THR C 166 17.72 20.21 -10.06
CA THR C 166 16.62 19.96 -10.96
C THR C 166 16.18 18.53 -10.74
N VAL C 167 14.86 18.30 -10.75
CA VAL C 167 14.35 16.95 -10.55
C VAL C 167 14.76 16.09 -11.75
N SER C 168 15.48 15.00 -11.47
CA SER C 168 15.98 14.08 -12.51
C SER C 168 15.62 12.64 -12.18
N VAL C 169 14.99 11.96 -13.13
CA VAL C 169 14.58 10.56 -12.94
C VAL C 169 15.80 9.63 -12.95
N THR C 170 16.56 9.63 -14.04
CA THR C 170 17.77 8.78 -14.14
C THR C 170 18.88 9.25 -13.19
N GLY C 171 18.88 10.55 -12.86
CA GLY C 171 19.86 11.11 -11.92
C GLY C 171 19.68 10.48 -10.56
N THR C 172 18.45 10.49 -10.06
CA THR C 172 18.10 9.88 -8.76
C THR C 172 18.49 8.40 -8.74
N GLU C 173 18.18 7.70 -9.82
CA GLU C 173 18.48 6.27 -9.96
C GLU C 173 19.97 5.98 -9.87
N ASN C 174 20.80 6.71 -10.62
CA ASN C 174 22.26 6.53 -10.54
C ASN C 174 22.83 6.75 -9.15
N ILE C 175 22.44 7.85 -8.52
CA ILE C 175 22.92 8.19 -7.19
C ILE C 175 22.34 7.23 -6.13
N MET C 176 21.12 6.75 -6.36
CA MET C 176 20.50 5.79 -5.43
C MET C 176 21.30 4.50 -5.45
N MET C 177 21.51 3.96 -6.64
CA MET C 177 22.29 2.72 -6.84
C MET C 177 23.70 2.80 -6.27
N ALA C 178 24.34 3.96 -6.42
CA ALA C 178 25.70 4.16 -5.90
C ALA C 178 25.75 4.18 -4.37
N ALA C 179 24.75 4.80 -3.77
CA ALA C 179 24.65 4.90 -2.31
C ALA C 179 24.32 3.57 -1.62
N ALA C 180 23.86 2.58 -2.39
CA ALA C 180 23.50 1.27 -1.83
C ALA C 180 24.70 0.50 -1.29
N LEU C 181 25.86 0.65 -1.94
CA LEU C 181 27.09 -0.03 -1.51
C LEU C 181 28.07 0.91 -0.82
N ALA C 182 27.72 2.20 -0.76
CA ALA C 182 28.57 3.19 -0.10
C ALA C 182 28.61 2.99 1.41
N LYS C 183 29.66 3.50 2.04
CA LYS C 183 29.84 3.39 3.49
C LYS C 183 29.17 4.55 4.22
N GLY C 184 28.12 4.23 4.98
CA GLY C 184 27.38 5.22 5.76
C GLY C 184 26.05 5.57 5.11
N ARG C 185 25.29 6.43 5.78
CA ARG C 185 23.99 6.87 5.30
C ARG C 185 24.10 7.94 4.20
N SER C 186 23.14 7.92 3.27
CA SER C 186 23.06 8.88 2.17
C SER C 186 21.63 9.36 2.07
N VAL C 187 21.45 10.68 1.93
CA VAL C 187 20.12 11.29 1.83
C VAL C 187 20.02 12.08 0.52
N LEU C 188 19.17 11.61 -0.39
CA LEU C 188 18.97 12.28 -1.67
C LEU C 188 17.83 13.29 -1.52
N GLN C 189 18.17 14.57 -1.64
CA GLN C 189 17.22 15.67 -1.48
C GLN C 189 16.69 16.14 -2.83
N ASN C 190 15.39 16.44 -2.89
CA ASN C 190 14.69 16.86 -4.11
C ASN C 190 14.79 15.74 -5.16
N ALA C 191 14.56 14.52 -4.70
CA ALA C 191 14.63 13.34 -5.55
C ALA C 191 13.38 13.19 -6.41
N ALA C 192 13.55 12.46 -7.52
CA ALA C 192 12.46 12.20 -8.44
C ALA C 192 11.50 11.21 -7.78
N ARG C 193 10.21 11.46 -7.97
CA ARG C 193 9.14 10.66 -7.38
C ARG C 193 8.48 9.68 -8.34
N GLU C 194 8.97 9.58 -9.58
CA GLU C 194 8.40 8.65 -10.56
C GLU C 194 8.32 7.22 -9.98
N PRO C 195 7.26 6.46 -10.33
CA PRO C 195 7.11 5.08 -9.83
C PRO C 195 8.23 4.10 -10.19
N GLU C 196 9.00 4.39 -11.25
CA GLU C 196 10.12 3.51 -11.65
C GLU C 196 11.27 3.65 -10.66
N VAL C 197 11.37 4.79 -9.98
CA VAL C 197 12.39 5.04 -8.96
C VAL C 197 12.06 4.17 -7.76
N VAL C 198 10.76 4.09 -7.44
CA VAL C 198 10.27 3.27 -6.33
C VAL C 198 10.49 1.79 -6.65
N ASP C 199 10.20 1.41 -7.90
CA ASP C 199 10.34 0.02 -8.33
C ASP C 199 11.81 -0.43 -8.26
N LEU C 200 12.73 0.49 -8.54
CA LEU C 200 14.18 0.22 -8.44
C LEU C 200 14.55 0.06 -6.96
N ALA C 201 14.03 0.96 -6.12
CA ALA C 201 14.29 0.92 -4.68
C ALA C 201 13.86 -0.41 -4.09
N ASN C 202 12.66 -0.86 -4.47
CA ASN C 202 12.12 -2.14 -3.99
C ASN C 202 12.92 -3.33 -4.52
N PHE C 203 13.52 -3.16 -5.70
CA PHE C 203 14.38 -4.20 -6.29
C PHE C 203 15.69 -4.30 -5.51
N ILE C 204 16.26 -3.15 -5.14
CA ILE C 204 17.50 -3.12 -4.36
C ILE C 204 17.26 -3.64 -2.92
N ASN C 205 16.04 -3.46 -2.42
CA ASN C 205 15.67 -3.96 -1.08
C ASN C 205 15.53 -5.49 -1.09
N ALA C 206 15.08 -6.04 -2.21
CA ALA C 206 14.95 -7.50 -2.35
C ALA C 206 16.34 -8.13 -2.39
N MET C 207 17.31 -7.40 -2.95
CA MET C 207 18.70 -7.85 -3.02
C MET C 207 19.46 -7.70 -1.69
N GLY C 208 18.85 -7.02 -0.71
CA GLY C 208 19.46 -6.82 0.61
C GLY C 208 19.65 -5.37 1.03
N GLY C 209 19.43 -4.42 0.12
CA GLY C 209 19.60 -3.00 0.43
C GLY C 209 18.55 -2.45 1.38
N ASN C 210 18.81 -1.27 1.92
CA ASN C 210 17.90 -0.60 2.85
C ASN C 210 17.63 0.82 2.37
N ILE C 211 16.69 0.95 1.43
CA ILE C 211 16.32 2.25 0.86
C ILE C 211 14.92 2.64 1.33
N GLN C 212 14.84 3.77 2.03
CA GLN C 212 13.59 4.31 2.55
C GLN C 212 13.27 5.64 1.86
N GLY C 213 11.98 5.95 1.76
CA GLY C 213 11.52 7.21 1.16
C GLY C 213 11.33 7.27 -0.35
N ALA C 214 11.64 6.18 -1.05
CA ALA C 214 11.46 6.14 -2.51
C ALA C 214 10.01 6.43 -2.83
N GLY C 215 9.78 7.49 -3.61
CA GLY C 215 8.44 7.92 -3.98
C GLY C 215 8.12 9.30 -3.40
N THR C 216 8.97 9.75 -2.46
CA THR C 216 8.82 11.06 -1.82
C THR C 216 9.98 11.96 -2.25
N ASP C 217 9.93 13.22 -1.81
CA ASP C 217 10.99 14.21 -2.15
C ASP C 217 12.37 13.87 -1.57
N THR C 218 12.41 12.98 -0.59
CA THR C 218 13.65 12.61 0.07
C THR C 218 13.82 11.09 0.15
N ILE C 219 14.99 10.59 -0.26
CA ILE C 219 15.30 9.16 -0.23
C ILE C 219 16.50 8.97 0.68
N THR C 220 16.37 8.08 1.67
CA THR C 220 17.44 7.80 2.63
C THR C 220 17.98 6.40 2.37
N ILE C 221 19.29 6.28 2.20
CA ILE C 221 19.93 4.99 1.94
C ILE C 221 20.97 4.66 3.01
N ASP C 222 20.78 3.52 3.69
CA ASP C 222 21.74 3.02 4.67
C ASP C 222 22.53 1.97 3.93
N GLY C 223 23.71 2.35 3.44
CA GLY C 223 24.59 1.48 2.67
C GLY C 223 24.98 0.17 3.31
N VAL C 224 25.25 -0.83 2.47
CA VAL C 224 25.63 -2.17 2.92
C VAL C 224 26.90 -2.69 2.22
N GLU C 225 27.43 -3.80 2.75
CA GLU C 225 28.64 -4.43 2.22
C GLU C 225 28.42 -5.07 0.85
N ARG C 226 27.40 -5.93 0.77
CA ARG C 226 27.06 -6.67 -0.44
C ARG C 226 25.55 -6.81 -0.65
N LEU C 227 25.17 -7.28 -1.82
CA LEU C 227 23.77 -7.51 -2.19
C LEU C 227 23.59 -8.93 -2.76
N ASP C 228 22.77 -9.74 -2.08
CA ASP C 228 22.52 -11.14 -2.45
C ASP C 228 21.59 -11.30 -3.68
N SER C 229 21.35 -12.56 -4.04
CA SER C 229 20.51 -12.92 -5.18
C SER C 229 19.02 -12.59 -4.93
N ALA C 230 18.26 -12.51 -6.01
CA ALA C 230 16.81 -12.21 -5.93
C ALA C 230 16.11 -12.39 -7.29
N ASN C 231 14.85 -12.80 -7.25
CA ASN C 231 14.02 -12.97 -8.44
C ASN C 231 12.99 -11.85 -8.32
N TYR C 232 12.90 -10.97 -9.31
CA TYR C 232 11.99 -9.81 -9.23
C TYR C 232 11.31 -9.38 -10.55
N ARG C 233 9.98 -9.36 -10.54
CA ARG C 233 9.20 -8.93 -11.70
C ARG C 233 9.03 -7.40 -11.69
N VAL C 234 9.30 -6.75 -12.83
CA VAL C 234 9.17 -5.28 -12.91
C VAL C 234 7.70 -4.82 -12.96
N MET C 235 7.50 -3.53 -12.71
CA MET C 235 6.16 -2.93 -12.71
C MET C 235 5.57 -2.76 -14.12
N PRO C 236 4.23 -2.57 -14.22
CA PRO C 236 3.62 -2.35 -15.53
C PRO C 236 4.01 -0.99 -16.10
N ASP C 237 4.05 -0.88 -17.42
CA ASP C 237 4.43 0.38 -18.07
C ASP C 237 3.25 1.36 -18.09
N ARG C 238 3.42 2.47 -17.37
CA ARG C 238 2.37 3.49 -17.26
C ARG C 238 2.15 4.27 -18.57
N ILE C 239 3.21 4.48 -19.35
CA ILE C 239 3.09 5.20 -20.63
C ILE C 239 2.37 4.34 -21.67
N GLU C 240 2.67 3.03 -21.66
CA GLU C 240 2.02 2.09 -22.59
C GLU C 240 0.54 2.03 -22.22
N THR C 241 0.26 1.96 -20.92
CA THR C 241 -1.11 1.92 -20.40
C THR C 241 -1.89 3.14 -20.89
N GLY C 242 -1.32 4.31 -20.69
CA GLY C 242 -1.95 5.55 -21.12
C GLY C 242 -2.13 5.66 -22.62
N THR C 243 -1.17 5.14 -23.37
CA THR C 243 -1.22 5.19 -24.84
C THR C 243 -2.42 4.42 -25.41
N TYR C 244 -2.66 3.22 -24.88
CA TYR C 244 -3.79 2.41 -25.36
C TYR C 244 -5.14 2.94 -24.86
N LEU C 245 -5.13 3.69 -23.76
CA LEU C 245 -6.36 4.31 -23.25
C LEU C 245 -6.76 5.45 -24.19
N VAL C 246 -5.76 6.13 -24.77
CA VAL C 246 -6.01 7.22 -25.72
C VAL C 246 -6.46 6.60 -27.05
N ALA C 247 -5.90 5.45 -27.41
CA ALA C 247 -6.27 4.75 -28.65
C ALA C 247 -7.78 4.48 -28.71
N ALA C 248 -8.35 4.15 -27.56
CA ALA C 248 -9.79 3.92 -27.46
C ALA C 248 -10.53 5.25 -27.47
N ALA C 249 -9.99 6.23 -26.74
CA ALA C 249 -10.59 7.56 -26.64
C ALA C 249 -10.66 8.34 -27.96
N VAL C 250 -9.62 8.23 -28.79
CA VAL C 250 -9.61 8.94 -30.08
C VAL C 250 -10.60 8.34 -31.08
N THR C 251 -10.67 7.01 -31.10
CA THR C 251 -11.56 6.29 -31.99
C THR C 251 -12.99 6.18 -31.45
N GLY C 252 -13.20 6.63 -30.21
CA GLY C 252 -14.52 6.58 -29.60
C GLY C 252 -14.94 5.20 -29.12
N GLY C 253 -13.99 4.28 -29.00
CA GLY C 253 -14.27 2.91 -28.59
C GLY C 253 -13.92 2.63 -27.14
N ARG C 254 -13.88 1.34 -26.79
CA ARG C 254 -13.54 0.92 -25.43
C ARG C 254 -12.32 0.02 -25.44
N VAL C 255 -11.66 -0.07 -24.29
CA VAL C 255 -10.48 -0.91 -24.15
C VAL C 255 -10.22 -1.23 -22.69
N LYS C 256 -10.09 -2.51 -22.37
CA LYS C 256 -9.76 -2.92 -21.02
C LYS C 256 -8.26 -3.13 -21.05
N VAL C 257 -7.57 -2.55 -20.08
CA VAL C 257 -6.13 -2.67 -20.00
C VAL C 257 -5.80 -3.61 -18.83
N LYS C 258 -5.35 -4.83 -19.16
CA LYS C 258 -5.01 -5.85 -18.15
C LYS C 258 -3.56 -5.77 -17.68
N ASP C 259 -3.25 -6.50 -16.59
CA ASP C 259 -1.91 -6.55 -16.01
C ASP C 259 -1.26 -5.18 -15.86
N THR C 260 -2.00 -4.22 -15.31
CA THR C 260 -1.47 -2.87 -15.11
C THR C 260 -1.75 -2.37 -13.69
N ASP C 261 -1.75 -1.04 -13.50
CA ASP C 261 -1.99 -0.44 -12.19
C ASP C 261 -2.60 0.96 -12.41
N PRO C 262 -3.83 1.19 -11.91
CA PRO C 262 -4.42 2.52 -12.10
C PRO C 262 -3.79 3.63 -11.25
N THR C 263 -3.13 3.28 -10.15
CA THR C 263 -2.53 4.28 -9.25
C THR C 263 -1.31 5.01 -9.83
N ILE C 264 -0.64 4.42 -10.82
CA ILE C 264 0.56 5.06 -11.40
C ILE C 264 0.28 6.07 -12.54
N LEU C 265 -0.98 6.47 -12.75
CA LEU C 265 -1.30 7.45 -13.81
C LEU C 265 -2.60 8.20 -13.54
N GLU C 266 -2.75 8.73 -12.33
CA GLU C 266 -3.95 9.49 -11.95
C GLU C 266 -4.16 10.74 -12.82
N ALA C 267 -3.05 11.37 -13.23
CA ALA C 267 -3.09 12.57 -14.06
C ALA C 267 -3.68 12.30 -15.44
N VAL C 268 -3.25 11.18 -16.04
CA VAL C 268 -3.72 10.78 -17.37
C VAL C 268 -5.20 10.39 -17.33
N LEU C 269 -5.62 9.68 -16.28
CA LEU C 269 -7.02 9.28 -16.14
C LEU C 269 -7.92 10.50 -15.94
N GLU C 270 -7.42 11.50 -15.21
CA GLU C 270 -8.19 12.72 -14.95
C GLU C 270 -8.41 13.54 -16.23
N LYS C 271 -7.40 13.61 -17.09
CA LYS C 271 -7.53 14.34 -18.36
C LYS C 271 -8.45 13.59 -19.32
N LEU C 272 -8.58 12.28 -19.12
CA LEU C 272 -9.49 11.46 -19.91
C LEU C 272 -10.93 11.70 -19.45
N LYS C 273 -11.15 11.93 -18.15
CA LYS C 273 -12.50 12.29 -17.64
C LYS C 273 -12.95 13.61 -18.26
N GLU C 274 -12.07 14.61 -18.24
CA GLU C 274 -12.35 15.93 -18.82
C GLU C 274 -12.72 15.84 -20.30
N ALA C 275 -12.10 14.91 -21.01
CA ALA C 275 -12.38 14.69 -22.42
C ALA C 275 -13.76 14.05 -22.65
N GLY C 276 -14.35 13.50 -21.58
CA GLY C 276 -15.67 12.88 -21.60
C GLY C 276 -15.66 11.36 -21.62
N ALA C 277 -14.60 10.75 -21.07
CA ALA C 277 -14.47 9.30 -21.07
C ALA C 277 -15.00 8.65 -19.80
N ASP C 278 -15.68 7.52 -19.96
CA ASP C 278 -16.22 6.73 -18.85
C ASP C 278 -15.08 5.79 -18.49
N ILE C 279 -14.59 5.89 -17.26
CA ILE C 279 -13.47 5.08 -16.80
C ILE C 279 -13.74 4.33 -15.50
N ASN C 280 -13.42 3.03 -15.52
CA ASN C 280 -13.54 2.15 -14.36
C ASN C 280 -12.17 1.58 -14.09
N THR C 281 -11.85 1.36 -12.81
CA THR C 281 -10.56 0.79 -12.43
C THR C 281 -10.74 -0.34 -11.44
N GLY C 282 -9.82 -1.29 -11.54
CA GLY C 282 -9.78 -2.44 -10.65
C GLY C 282 -8.38 -2.55 -10.11
N GLU C 283 -8.12 -3.62 -9.38
CA GLU C 283 -6.79 -3.85 -8.80
C GLU C 283 -5.67 -3.91 -9.85
N ASP C 284 -5.83 -4.73 -10.90
CA ASP C 284 -4.80 -4.82 -11.95
C ASP C 284 -5.28 -4.36 -13.33
N TRP C 285 -6.36 -3.58 -13.39
CA TRP C 285 -6.87 -3.14 -14.69
C TRP C 285 -7.57 -1.78 -14.73
N ILE C 286 -7.68 -1.24 -15.94
CA ILE C 286 -8.34 0.02 -16.24
C ILE C 286 -9.19 -0.18 -17.49
N GLU C 287 -10.41 0.35 -17.49
CA GLU C 287 -11.29 0.24 -18.63
C GLU C 287 -11.88 1.61 -19.00
N LEU C 288 -11.47 2.13 -20.14
CA LEU C 288 -11.97 3.41 -20.65
C LEU C 288 -12.99 3.10 -21.75
N ASP C 289 -14.03 3.93 -21.85
CA ASP C 289 -15.06 3.75 -22.86
C ASP C 289 -15.67 5.12 -23.19
N MET C 290 -15.43 5.60 -24.41
CA MET C 290 -15.98 6.89 -24.87
C MET C 290 -17.44 6.81 -25.31
N HIS C 291 -17.94 5.59 -25.52
CA HIS C 291 -19.32 5.37 -25.98
C HIS C 291 -19.58 6.10 -27.30
N GLY C 292 -18.58 6.07 -28.18
CA GLY C 292 -18.66 6.71 -29.49
C GLY C 292 -18.78 8.22 -29.49
N LYS C 293 -18.35 8.86 -28.41
CA LYS C 293 -18.42 10.33 -28.33
C LYS C 293 -17.17 10.99 -28.86
N ARG C 294 -17.38 12.17 -29.46
CA ARG C 294 -16.27 12.97 -29.96
C ARG C 294 -15.64 13.53 -28.68
N PRO C 295 -14.30 13.49 -28.57
CA PRO C 295 -13.72 13.99 -27.34
C PRO C 295 -13.87 15.49 -27.16
N LYS C 296 -13.82 15.92 -25.90
CA LYS C 296 -13.91 17.33 -25.56
C LYS C 296 -12.47 17.79 -25.33
N ALA C 297 -12.14 18.98 -25.83
CA ALA C 297 -10.79 19.53 -25.72
C ALA C 297 -10.32 19.63 -24.27
N VAL C 298 -9.01 19.45 -24.06
CA VAL C 298 -8.42 19.53 -22.72
C VAL C 298 -7.09 20.27 -22.73
N ASN C 299 -6.86 21.05 -21.68
CA ASN C 299 -5.60 21.78 -21.50
C ASN C 299 -4.78 20.92 -20.56
N LEU C 300 -3.47 20.83 -20.80
CA LEU C 300 -2.60 20.02 -19.93
C LEU C 300 -1.25 20.69 -19.76
N ARG C 301 -0.53 20.29 -18.72
CA ARG C 301 0.77 20.85 -18.42
C ARG C 301 1.68 19.74 -17.90
N THR C 302 2.74 19.43 -18.65
CA THR C 302 3.67 18.38 -18.25
C THR C 302 4.55 18.85 -17.10
N ALA C 303 4.85 17.93 -16.19
CA ALA C 303 5.70 18.24 -15.04
C ALA C 303 6.14 16.92 -14.40
N PRO C 304 7.10 16.96 -13.45
CA PRO C 304 7.53 15.72 -12.82
C PRO C 304 6.39 14.98 -12.11
N TYR C 305 6.47 13.66 -12.03
CA TYR C 305 5.44 12.83 -11.38
C TYR C 305 5.16 13.37 -9.96
N PRO C 306 3.91 13.33 -9.48
CA PRO C 306 2.73 12.78 -10.15
C PRO C 306 1.99 13.70 -11.15
N ALA C 307 2.65 14.76 -11.63
CA ALA C 307 2.01 15.64 -12.61
C ALA C 307 1.88 14.90 -13.93
N PHE C 308 1.26 15.54 -14.92
CA PHE C 308 1.08 14.92 -16.23
C PHE C 308 2.47 14.58 -16.81
N PRO C 309 2.64 13.36 -17.35
CA PRO C 309 3.96 12.98 -17.90
C PRO C 309 4.23 13.50 -19.31
N THR C 310 5.46 13.91 -19.58
CA THR C 310 5.84 14.42 -20.91
C THR C 310 5.75 13.35 -22.01
N ASP C 311 5.89 12.07 -21.63
CA ASP C 311 5.80 10.97 -22.59
C ASP C 311 4.36 10.73 -23.09
N MET C 312 3.38 11.37 -22.45
CA MET C 312 1.97 11.28 -22.86
C MET C 312 1.49 12.56 -23.56
N GLN C 313 2.32 13.60 -23.57
CA GLN C 313 2.00 14.90 -24.18
C GLN C 313 1.60 14.80 -25.65
N ALA C 314 2.34 14.01 -26.42
CA ALA C 314 2.05 13.82 -27.84
C ALA C 314 0.74 13.08 -28.09
N GLN C 315 0.48 12.05 -27.29
CA GLN C 315 -0.74 11.26 -27.43
C GLN C 315 -2.00 12.12 -27.20
N PHE C 316 -1.94 13.08 -26.27
CA PHE C 316 -3.08 13.98 -26.01
C PHE C 316 -3.29 15.06 -27.07
N ILE C 317 -2.25 15.33 -27.87
CA ILE C 317 -2.40 16.25 -28.99
C ILE C 317 -3.23 15.53 -30.07
N SER C 318 -3.03 14.21 -30.20
CA SER C 318 -3.81 13.41 -31.14
C SER C 318 -5.27 13.41 -30.72
N LEU C 319 -5.49 13.35 -29.39
CA LEU C 319 -6.83 13.38 -28.82
C LEU C 319 -7.48 14.74 -29.07
N ASN C 320 -6.73 15.82 -28.83
CA ASN C 320 -7.23 17.19 -29.06
C ASN C 320 -7.41 17.56 -30.53
N ALA C 321 -6.71 16.87 -31.43
CA ALA C 321 -6.79 17.14 -32.88
C ALA C 321 -8.19 16.93 -33.46
N ILE C 322 -8.92 15.95 -32.94
CA ILE C 322 -10.29 15.66 -33.38
C ILE C 322 -11.29 15.92 -32.25
N ALA C 323 -10.88 16.77 -31.31
CA ALA C 323 -11.70 17.12 -30.15
C ALA C 323 -12.58 18.33 -30.44
N GLU C 324 -13.54 18.57 -29.58
CA GLU C 324 -14.47 19.68 -29.73
C GLU C 324 -13.89 20.83 -28.90
N GLY C 325 -13.52 21.92 -29.57
CA GLY C 325 -12.95 23.10 -28.92
C GLY C 325 -11.45 23.20 -29.10
N THR C 326 -10.84 24.14 -28.37
CA THR C 326 -9.40 24.38 -28.43
C THR C 326 -8.75 23.93 -27.12
N GLY C 327 -7.55 23.35 -27.21
CA GLY C 327 -6.80 22.87 -26.05
C GLY C 327 -5.38 23.40 -26.01
N ALA C 328 -4.89 23.73 -24.82
CA ALA C 328 -3.54 24.24 -24.64
C ALA C 328 -2.66 23.15 -24.03
N VAL C 329 -1.76 22.61 -24.84
CA VAL C 329 -0.83 21.56 -24.42
C VAL C 329 0.52 22.23 -24.12
N ILE C 330 0.88 22.28 -22.85
CA ILE C 330 2.11 22.93 -22.40
C ILE C 330 3.19 21.94 -21.92
N GLU C 331 4.44 22.27 -22.25
CA GLU C 331 5.62 21.48 -21.88
C GLU C 331 6.52 22.30 -20.94
N THR C 332 6.85 21.75 -19.77
CA THR C 332 7.77 22.43 -18.84
C THR C 332 9.08 21.65 -18.71
N ILE C 333 9.08 20.39 -19.13
CA ILE C 333 10.27 19.55 -19.09
C ILE C 333 11.02 19.72 -20.41
N PHE C 334 10.45 19.18 -21.49
CA PHE C 334 11.06 19.31 -22.82
C PHE C 334 10.22 20.33 -23.59
N GLU C 335 10.60 21.59 -23.47
CA GLU C 335 9.87 22.71 -24.09
C GLU C 335 9.72 22.70 -25.60
N ASN C 336 10.69 22.17 -26.34
CA ASN C 336 10.58 22.14 -27.81
C ASN C 336 10.52 20.70 -28.32
N ARG C 337 9.58 19.94 -27.73
CA ARG C 337 9.33 18.54 -28.06
C ARG C 337 7.99 18.49 -28.81
N PHE C 338 7.96 19.08 -30.00
CA PHE C 338 6.72 19.11 -30.79
C PHE C 338 6.90 18.72 -32.26
N MET C 339 7.84 17.83 -32.55
CA MET C 339 8.05 17.36 -33.93
C MET C 339 6.79 16.67 -34.48
N HIS C 340 6.14 15.89 -33.64
CA HIS C 340 4.90 15.19 -34.02
C HIS C 340 3.77 16.13 -34.47
N VAL C 341 3.80 17.38 -33.99
CA VAL C 341 2.79 18.37 -34.35
C VAL C 341 2.87 18.72 -35.85
N TYR C 342 4.09 18.88 -36.36
CA TYR C 342 4.30 19.23 -37.77
C TYR C 342 3.99 18.06 -38.70
N GLU C 343 4.07 16.85 -38.17
CA GLU C 343 3.73 15.64 -38.94
C GLU C 343 2.21 15.51 -38.98
N MET C 344 1.55 15.95 -37.91
CA MET C 344 0.09 15.94 -37.86
C MET C 344 -0.49 17.04 -38.74
N HIS C 345 0.27 18.12 -38.99
CA HIS C 345 -0.20 19.17 -39.91
C HIS C 345 -0.46 18.56 -41.27
N ARG C 346 0.38 17.58 -41.63
CA ARG C 346 0.24 16.88 -42.90
C ARG C 346 -1.05 16.07 -42.93
N MET C 347 -1.50 15.62 -41.77
CA MET C 347 -2.76 14.86 -41.69
C MET C 347 -4.00 15.77 -41.58
N GLY C 348 -3.82 17.08 -41.69
CA GLY C 348 -4.92 18.03 -41.65
C GLY C 348 -5.24 18.67 -40.30
N ALA C 349 -4.44 18.37 -39.27
CA ALA C 349 -4.66 18.95 -37.95
C ALA C 349 -4.32 20.44 -37.96
N GLN C 350 -4.91 21.17 -37.01
CA GLN C 350 -4.69 22.61 -36.89
C GLN C 350 -4.08 22.90 -35.53
N ILE C 351 -2.75 23.04 -35.49
CA ILE C 351 -2.02 23.29 -34.26
C ILE C 351 -1.02 24.43 -34.41
N GLN C 352 -1.17 25.47 -33.60
CA GLN C 352 -0.24 26.60 -33.60
C GLN C 352 0.73 26.34 -32.46
N VAL C 353 2.02 26.25 -32.78
CA VAL C 353 3.05 26.01 -31.78
C VAL C 353 3.83 27.30 -31.52
N GLU C 354 3.91 27.69 -30.25
CA GLU C 354 4.66 28.86 -29.84
C GLU C 354 5.45 28.48 -28.60
N GLY C 355 6.76 28.34 -28.77
CA GLY C 355 7.65 27.97 -27.68
C GLY C 355 7.29 26.63 -27.07
N ASN C 356 6.93 26.65 -25.79
CA ASN C 356 6.57 25.44 -25.06
C ASN C 356 5.06 25.10 -25.09
N THR C 357 4.25 25.96 -25.71
CA THR C 357 2.82 25.77 -25.78
C THR C 357 2.35 25.41 -27.19
N ALA C 358 1.50 24.39 -27.27
CA ALA C 358 0.92 23.94 -28.54
C ALA C 358 -0.60 24.15 -28.46
N ILE C 359 -1.09 25.17 -29.16
CA ILE C 359 -2.50 25.50 -29.19
C ILE C 359 -3.16 24.61 -30.23
N VAL C 360 -3.85 23.57 -29.77
CA VAL C 360 -4.51 22.60 -30.66
C VAL C 360 -5.99 22.95 -30.85
N THR C 361 -6.34 23.31 -32.08
CA THR C 361 -7.71 23.64 -32.47
C THR C 361 -8.28 22.39 -33.13
N GLY C 362 -9.23 21.74 -32.46
CA GLY C 362 -9.83 20.52 -32.96
C GLY C 362 -10.71 20.64 -34.21
N VAL C 363 -10.51 19.72 -35.14
CA VAL C 363 -11.29 19.66 -36.39
C VAL C 363 -12.18 18.41 -36.34
N LYS C 364 -13.08 18.29 -37.30
CA LYS C 364 -14.02 17.15 -37.31
C LYS C 364 -13.35 15.83 -37.77
N ALA C 365 -12.34 15.91 -38.63
CA ALA C 365 -11.66 14.70 -39.12
C ALA C 365 -10.26 14.95 -39.69
N LEU C 366 -9.41 13.93 -39.59
CA LEU C 366 -8.05 13.98 -40.11
C LEU C 366 -8.03 13.28 -41.47
N LYS C 367 -6.94 13.48 -42.21
CA LYS C 367 -6.78 12.94 -43.56
C LYS C 367 -5.49 12.12 -43.64
N GLY C 368 -5.59 10.87 -44.09
CA GLY C 368 -4.43 9.99 -44.20
C GLY C 368 -3.36 10.52 -45.13
N ALA C 369 -2.11 10.46 -44.68
CA ALA C 369 -0.97 10.93 -45.48
C ALA C 369 0.33 10.36 -44.91
N PRO C 370 1.38 10.28 -45.74
CA PRO C 370 2.65 9.72 -45.25
C PRO C 370 3.32 10.63 -44.23
N VAL C 371 3.66 10.07 -43.07
CA VAL C 371 4.31 10.80 -41.97
C VAL C 371 5.62 10.13 -41.60
N MET C 372 6.31 10.70 -40.61
CA MET C 372 7.63 10.23 -40.22
C MET C 372 7.79 10.31 -38.68
N ALA C 373 8.26 9.23 -38.07
CA ALA C 373 8.47 9.21 -36.61
C ALA C 373 9.90 9.64 -36.28
N THR C 374 10.07 10.26 -35.10
CA THR C 374 11.42 10.71 -34.65
C THR C 374 11.67 10.56 -33.13
N ASP C 375 10.62 10.28 -32.36
CA ASP C 375 10.71 10.17 -30.89
C ASP C 375 10.15 8.82 -30.44
N LEU C 376 10.91 8.07 -29.64
CA LEU C 376 10.48 6.74 -29.20
C LEU C 376 9.13 6.66 -28.49
N ARG C 377 8.77 7.68 -27.71
CA ARG C 377 7.47 7.72 -27.01
C ARG C 377 6.44 8.65 -27.66
N ALA C 378 6.89 9.84 -28.04
CA ALA C 378 6.01 10.84 -28.65
C ALA C 378 5.46 10.44 -30.03
N SER C 379 6.27 9.74 -30.82
CA SER C 379 5.81 9.33 -32.17
C SER C 379 4.60 8.39 -32.18
N ALA C 380 4.23 7.83 -31.03
CA ALA C 380 3.04 6.97 -30.96
C ALA C 380 1.80 7.79 -31.30
N SER C 381 1.91 9.09 -31.11
CA SER C 381 0.84 10.05 -31.41
C SER C 381 0.43 10.01 -32.89
N LEU C 382 1.40 9.72 -33.75
CA LEU C 382 1.18 9.62 -35.19
C LEU C 382 0.35 8.38 -35.50
N VAL C 383 0.59 7.30 -34.75
CA VAL C 383 -0.18 6.07 -34.91
C VAL C 383 -1.60 6.33 -34.42
N LEU C 384 -1.73 6.99 -33.27
CA LEU C 384 -3.04 7.33 -32.70
C LEU C 384 -3.85 8.25 -33.62
N SER C 385 -3.18 9.20 -34.26
CA SER C 385 -3.87 10.12 -35.19
C SER C 385 -4.30 9.39 -36.46
N ALA C 386 -3.52 8.37 -36.84
CA ALA C 386 -3.83 7.56 -38.03
C ALA C 386 -5.05 6.66 -37.83
N LEU C 387 -5.33 6.31 -36.57
CA LEU C 387 -6.48 5.47 -36.24
C LEU C 387 -7.82 6.18 -36.51
N VAL C 388 -7.82 7.52 -36.45
CA VAL C 388 -9.04 8.31 -36.70
C VAL C 388 -9.10 8.93 -38.10
N ALA C 389 -7.94 9.20 -38.70
CA ALA C 389 -7.86 9.80 -40.04
C ALA C 389 -8.52 8.98 -41.15
N GLU C 390 -8.94 9.68 -42.20
CA GLU C 390 -9.61 9.07 -43.36
C GLU C 390 -8.57 8.58 -44.38
N GLY C 391 -8.64 7.30 -44.74
CA GLY C 391 -7.72 6.70 -45.69
C GLY C 391 -6.52 6.05 -45.02
N ASP C 392 -5.46 5.84 -45.80
CA ASP C 392 -4.22 5.19 -45.33
C ASP C 392 -3.17 6.19 -44.84
N THR C 393 -2.46 5.82 -43.76
CA THR C 393 -1.39 6.62 -43.18
C THR C 393 -0.13 5.77 -43.12
N LEU C 394 0.84 6.10 -43.97
CA LEU C 394 2.11 5.37 -44.02
C LEU C 394 3.13 6.04 -43.08
N ILE C 395 3.42 5.39 -41.95
CA ILE C 395 4.39 5.90 -40.97
C ILE C 395 5.77 5.29 -41.24
N ASP C 396 6.75 6.14 -41.53
CA ASP C 396 8.12 5.70 -41.83
C ASP C 396 8.99 5.89 -40.58
N ARG C 397 10.18 5.28 -40.59
CA ARG C 397 11.11 5.37 -39.47
C ARG C 397 10.49 4.86 -38.16
N ILE C 398 9.81 3.72 -38.25
CA ILE C 398 9.14 3.12 -37.09
C ILE C 398 10.10 2.45 -36.10
N TYR C 399 11.41 2.48 -36.38
CA TYR C 399 12.37 1.90 -35.42
C TYR C 399 12.33 2.68 -34.09
N HIS C 400 11.92 3.96 -34.15
CA HIS C 400 11.77 4.80 -32.96
C HIS C 400 10.62 4.24 -32.13
N ILE C 401 9.50 3.93 -32.77
CA ILE C 401 8.33 3.36 -32.08
C ILE C 401 8.68 2.01 -31.47
N ASP C 402 9.46 1.21 -32.21
CA ASP C 402 9.89 -0.12 -31.74
C ASP C 402 10.80 -0.09 -30.52
N ARG C 403 11.34 1.09 -30.18
CA ARG C 403 12.17 1.23 -28.99
C ARG C 403 11.31 1.39 -27.73
N GLY C 404 10.26 2.20 -27.84
CA GLY C 404 9.37 2.49 -26.71
C GLY C 404 8.09 1.71 -26.55
N TYR C 405 7.74 0.84 -27.50
CA TYR C 405 6.49 0.06 -27.40
C TYR C 405 6.63 -1.38 -27.92
N GLU C 406 6.19 -2.33 -27.10
CA GLU C 406 6.23 -3.77 -27.45
C GLU C 406 5.22 -4.28 -28.48
N CYS C 407 5.69 -4.49 -29.73
CA CYS C 407 4.86 -4.83 -30.91
C CYS C 407 3.53 -4.10 -31.18
N ILE C 408 3.61 -2.79 -31.30
CA ILE C 408 2.43 -1.91 -31.32
C ILE C 408 1.34 -2.36 -32.30
N GLU C 409 1.73 -2.94 -33.44
CA GLU C 409 0.73 -3.39 -34.43
C GLU C 409 -0.06 -4.61 -33.94
N GLU C 410 0.60 -5.55 -33.25
CA GLU C 410 -0.07 -6.75 -32.76
C GLU C 410 -1.09 -6.49 -31.64
N LYS C 411 -0.86 -5.43 -30.86
CA LYS C 411 -1.79 -5.09 -29.76
C LYS C 411 -2.96 -4.29 -30.26
N LEU C 412 -2.71 -3.36 -31.19
CA LEU C 412 -3.79 -2.57 -31.80
C LEU C 412 -4.68 -3.48 -32.64
N GLN C 413 -4.09 -4.52 -33.24
CA GLN C 413 -4.86 -5.50 -34.03
C GLN C 413 -5.87 -6.25 -33.18
N MET C 414 -5.54 -6.50 -31.91
CA MET C 414 -6.49 -7.18 -31.01
C MET C 414 -7.68 -6.28 -30.70
N LEU C 415 -7.49 -4.97 -30.86
CA LEU C 415 -8.57 -3.99 -30.61
C LEU C 415 -9.36 -3.69 -31.91
N GLY C 416 -9.11 -4.45 -32.98
CA GLY C 416 -9.83 -4.31 -34.25
C GLY C 416 -9.35 -3.22 -35.19
N ALA C 417 -8.13 -2.75 -35.01
CA ALA C 417 -7.57 -1.68 -35.85
C ALA C 417 -6.94 -2.21 -37.13
N LYS C 418 -7.10 -1.46 -38.23
CA LYS C 418 -6.48 -1.80 -39.52
C LYS C 418 -5.06 -1.27 -39.52
N ILE C 419 -4.12 -2.09 -39.06
CA ILE C 419 -2.71 -1.73 -39.00
C ILE C 419 -1.89 -2.93 -39.47
N ARG C 420 -0.79 -2.66 -40.16
CA ARG C 420 0.05 -3.71 -40.72
C ARG C 420 1.50 -3.27 -40.92
N ARG C 421 2.43 -4.15 -40.60
CA ARG C 421 3.87 -3.89 -40.75
C ARG C 421 4.28 -4.27 -42.17
N VAL C 422 4.94 -3.35 -42.87
CA VAL C 422 5.40 -3.57 -44.24
C VAL C 422 6.93 -3.44 -44.27
N PRO C 423 7.65 -4.59 -44.35
CA PRO C 423 9.12 -4.52 -44.41
C PRO C 423 9.67 -3.88 -45.70
N GLY C 424 10.95 -3.53 -45.67
CA GLY C 424 11.63 -2.90 -46.82
C GLY C 424 12.13 -3.89 -47.85
N MET D 4 27.30 7.51 -44.23
CA MET D 4 28.46 6.58 -44.43
C MET D 4 29.79 7.32 -44.32
N ASP D 5 29.89 8.47 -45.00
CA ASP D 5 31.12 9.28 -44.97
C ASP D 5 31.33 9.91 -43.60
N LYS D 6 32.60 10.09 -43.24
CA LYS D 6 32.99 10.69 -41.95
C LYS D 6 34.18 11.61 -42.15
N LEU D 7 34.41 12.49 -41.19
CA LEU D 7 35.54 13.42 -41.22
C LEU D 7 36.36 13.24 -39.95
N ILE D 8 37.63 12.91 -40.12
CA ILE D 8 38.54 12.75 -39.00
C ILE D 8 39.41 14.01 -38.99
N ILE D 9 39.35 14.76 -37.90
CA ILE D 9 40.08 16.04 -37.76
C ILE D 9 41.00 16.04 -36.55
N THR D 10 42.29 16.30 -36.80
CA THR D 10 43.30 16.39 -35.75
C THR D 10 43.53 17.87 -35.45
N GLY D 11 43.23 18.28 -34.23
CA GLY D 11 43.37 19.68 -33.84
C GLY D 11 44.79 20.16 -33.62
N GLY D 12 44.90 21.43 -33.20
CA GLY D 12 46.18 22.08 -32.92
C GLY D 12 46.67 22.98 -34.04
N ALA D 13 46.48 22.53 -35.29
CA ALA D 13 46.93 23.28 -36.47
C ALA D 13 46.32 24.68 -36.57
N ARG D 14 47.21 25.64 -36.88
CA ARG D 14 46.85 27.05 -37.05
C ARG D 14 46.56 27.26 -38.53
N LEU D 15 45.43 27.87 -38.85
CA LEU D 15 45.05 28.08 -40.24
C LEU D 15 45.73 29.30 -40.87
N ASP D 16 46.12 29.16 -42.13
CA ASP D 16 46.77 30.25 -42.86
C ASP D 16 46.67 29.93 -44.36
N GLY D 17 46.05 30.84 -45.11
CA GLY D 17 45.88 30.66 -46.56
C GLY D 17 44.74 31.49 -47.10
N GLU D 18 44.23 31.10 -48.26
CA GLU D 18 43.13 31.80 -48.90
C GLU D 18 42.31 30.88 -49.78
N ILE D 19 40.98 31.05 -49.74
CA ILE D 19 40.04 30.23 -50.50
C ILE D 19 38.99 31.07 -51.23
N ARG D 20 38.41 30.49 -52.28
CA ARG D 20 37.36 31.16 -53.05
C ARG D 20 36.00 30.72 -52.55
N ILE D 21 35.14 31.69 -52.27
CA ILE D 21 33.78 31.45 -51.78
C ILE D 21 32.85 31.02 -52.89
N SER D 22 31.94 30.11 -52.54
CA SER D 22 30.95 29.58 -53.46
C SER D 22 29.70 30.45 -53.48
N GLY D 23 28.81 30.18 -54.44
CA GLY D 23 27.57 30.93 -54.54
C GLY D 23 26.68 30.65 -53.34
N ALA D 24 25.82 31.60 -53.01
CA ALA D 24 24.92 31.45 -51.88
C ALA D 24 23.96 30.31 -52.12
N LYS D 25 23.96 29.36 -51.19
CA LYS D 25 23.05 28.23 -51.24
C LYS D 25 21.60 28.71 -51.20
N ASN D 26 21.29 29.59 -50.25
CA ASN D 26 19.93 30.13 -50.07
C ASN D 26 19.51 31.17 -51.13
N ALA D 27 20.39 31.47 -52.08
CA ALA D 27 20.08 32.38 -53.19
C ALA D 27 19.91 31.55 -54.45
N ALA D 28 20.72 30.50 -54.56
CA ALA D 28 20.66 29.60 -55.72
C ALA D 28 19.35 28.81 -55.76
N LEU D 29 18.84 28.42 -54.59
CA LEU D 29 17.58 27.66 -54.53
C LEU D 29 16.38 28.48 -55.03
N PRO D 30 16.17 29.70 -54.48
CA PRO D 30 15.05 30.51 -54.98
C PRO D 30 15.22 30.96 -56.45
N ILE D 31 16.46 31.18 -56.89
CA ILE D 31 16.73 31.58 -58.29
C ILE D 31 16.46 30.41 -59.23
N LEU D 32 16.82 29.20 -58.80
CA LEU D 32 16.52 28.01 -59.61
C LEU D 32 15.01 27.86 -59.72
N ALA D 33 14.30 28.12 -58.63
CA ALA D 33 12.84 28.04 -58.62
C ALA D 33 12.25 29.14 -59.51
N ALA D 34 12.92 30.29 -59.55
CA ALA D 34 12.48 31.42 -60.38
C ALA D 34 12.67 31.19 -61.88
N THR D 35 13.46 30.18 -62.27
CA THR D 35 13.67 29.88 -63.69
C THR D 35 12.36 29.38 -64.33
N LEU D 36 11.47 28.85 -63.49
CA LEU D 36 10.17 28.35 -63.95
C LEU D 36 9.29 29.49 -64.48
N LEU D 37 9.58 30.72 -64.03
CA LEU D 37 8.85 31.93 -64.46
C LEU D 37 9.20 32.34 -65.89
N ALA D 38 10.38 31.94 -66.36
CA ALA D 38 10.85 32.30 -67.71
C ALA D 38 10.09 31.57 -68.80
N ASP D 39 10.22 32.11 -70.02
CA ASP D 39 9.57 31.56 -71.22
C ASP D 39 10.61 31.00 -72.20
N GLY D 40 11.70 30.46 -71.65
CA GLY D 40 12.77 29.91 -72.47
C GLY D 40 13.96 29.48 -71.63
N PRO D 41 15.06 29.07 -72.30
CA PRO D 41 16.26 28.61 -71.59
C PRO D 41 16.92 29.72 -70.78
N VAL D 42 17.26 29.41 -69.52
CA VAL D 42 17.88 30.36 -68.61
C VAL D 42 19.08 29.70 -67.93
N THR D 43 20.26 30.32 -68.03
CA THR D 43 21.47 29.78 -67.41
C THR D 43 21.73 30.47 -66.07
N VAL D 44 21.84 29.67 -65.00
CA VAL D 44 22.12 30.19 -63.66
C VAL D 44 23.55 29.83 -63.30
N GLY D 45 24.37 30.86 -63.06
CA GLY D 45 25.80 30.68 -62.74
C GLY D 45 26.21 30.81 -61.29
N ASN D 46 27.49 30.55 -61.05
CA ASN D 46 28.12 30.58 -59.73
C ASN D 46 27.38 29.74 -58.69
N LEU D 47 26.90 28.57 -59.10
CA LEU D 47 26.20 27.67 -58.18
C LEU D 47 27.21 26.95 -57.29
N PRO D 48 26.84 26.69 -56.01
CA PRO D 48 27.76 25.97 -55.14
C PRO D 48 27.59 24.46 -55.34
N HIS D 49 28.69 23.72 -55.28
CA HIS D 49 28.62 22.26 -55.45
C HIS D 49 28.29 21.60 -54.09
N LEU D 50 27.02 21.67 -53.73
CA LEU D 50 26.51 21.07 -52.49
C LEU D 50 25.20 20.33 -52.78
N HIS D 51 24.86 19.37 -51.93
CA HIS D 51 23.69 18.48 -52.15
C HIS D 51 22.32 19.14 -52.36
N ASP D 52 22.02 20.25 -51.67
CA ASP D 52 20.70 20.92 -51.85
C ASP D 52 20.47 21.41 -53.28
N ILE D 53 21.54 21.73 -54.00
CA ILE D 53 21.42 22.13 -55.40
C ILE D 53 21.09 20.87 -56.22
N THR D 54 21.71 19.75 -55.84
CA THR D 54 21.47 18.47 -56.53
C THR D 54 20.03 17.98 -56.31
N THR D 55 19.48 18.19 -55.11
CA THR D 55 18.09 17.79 -54.82
C THR D 55 17.12 18.66 -55.61
N MET D 56 17.49 19.92 -55.81
CA MET D 56 16.66 20.86 -56.58
C MET D 56 16.65 20.44 -58.06
N ILE D 57 17.79 19.94 -58.54
CA ILE D 57 17.91 19.44 -59.92
C ILE D 57 17.06 18.17 -60.12
N GLU D 58 17.03 17.29 -59.11
CA GLU D 58 16.21 16.06 -59.19
C GLU D 58 14.74 16.43 -59.28
N LEU D 59 14.33 17.38 -58.45
CA LEU D 59 12.94 17.86 -58.41
C LEU D 59 12.47 18.32 -59.78
N PHE D 60 13.34 19.07 -60.47
CA PHE D 60 13.06 19.54 -61.83
C PHE D 60 12.96 18.36 -62.79
N GLY D 61 13.71 17.30 -62.51
CA GLY D 61 13.66 16.08 -63.31
C GLY D 61 12.29 15.43 -63.17
N ARG D 62 11.84 15.31 -61.91
CA ARG D 62 10.53 14.71 -61.61
C ARG D 62 9.37 15.49 -62.22
N MET D 63 9.58 16.78 -62.51
CA MET D 63 8.56 17.63 -63.12
C MET D 63 8.56 17.55 -64.66
N GLY D 64 9.63 17.00 -65.23
CA GLY D 64 9.75 16.88 -66.69
C GLY D 64 10.87 17.72 -67.30
N ILE D 65 11.36 18.69 -66.54
CA ILE D 65 12.45 19.57 -66.98
C ILE D 65 13.77 18.82 -66.91
N GLU D 66 14.58 18.95 -67.96
CA GLU D 66 15.89 18.31 -68.03
C GLU D 66 16.99 19.37 -67.98
N PRO D 67 17.62 19.55 -66.81
CA PRO D 67 18.69 20.55 -66.71
C PRO D 67 19.94 20.14 -67.49
N VAL D 68 20.70 21.13 -67.93
CA VAL D 68 21.91 20.90 -68.71
C VAL D 68 23.07 21.66 -68.07
N ILE D 69 24.15 20.93 -67.75
CA ILE D 69 25.33 21.52 -67.13
C ILE D 69 26.31 21.90 -68.25
N ASP D 70 26.30 23.16 -68.67
CA ASP D 70 27.20 23.64 -69.74
C ASP D 70 28.64 23.80 -69.24
N GLU D 71 28.78 24.05 -67.94
CA GLU D 71 30.06 24.23 -67.31
C GLU D 71 29.87 23.89 -65.82
N LYS D 72 30.96 23.58 -65.12
CA LYS D 72 30.88 23.29 -63.69
C LYS D 72 30.30 24.53 -63.00
N LEU D 73 29.44 24.30 -62.00
CA LEU D 73 28.81 25.38 -61.22
C LEU D 73 27.84 26.24 -62.05
N SER D 74 27.26 25.66 -63.10
CA SER D 74 26.32 26.37 -63.99
C SER D 74 25.25 25.44 -64.58
N VAL D 75 23.97 25.86 -64.51
CA VAL D 75 22.84 25.05 -65.00
C VAL D 75 21.88 25.79 -65.95
N GLU D 76 21.57 25.17 -67.08
CA GLU D 76 20.62 25.73 -68.05
C GLU D 76 19.28 25.06 -67.81
N ILE D 77 18.26 25.87 -67.53
CA ILE D 77 16.91 25.38 -67.26
C ILE D 77 15.94 25.89 -68.32
N ASP D 78 15.20 24.97 -68.94
CA ASP D 78 14.18 25.29 -69.93
C ASP D 78 12.85 24.80 -69.34
N PRO D 79 12.00 25.75 -68.87
CA PRO D 79 10.72 25.35 -68.28
C PRO D 79 9.62 24.98 -69.28
N ARG D 80 9.92 25.07 -70.58
CA ARG D 80 8.93 24.75 -71.61
C ARG D 80 8.68 23.25 -71.78
N THR D 81 9.52 22.40 -71.18
CA THR D 81 9.36 20.95 -71.29
C THR D 81 8.73 20.33 -70.03
N ILE D 82 8.06 21.16 -69.22
CA ILE D 82 7.43 20.70 -67.98
C ILE D 82 6.21 19.81 -68.26
N LYS D 83 6.14 18.67 -67.57
CA LYS D 83 5.08 17.68 -67.76
C LYS D 83 4.18 17.51 -66.54
N THR D 84 4.80 17.39 -65.38
CA THR D 84 4.08 17.16 -64.12
C THR D 84 4.26 18.34 -63.16
N LEU D 85 3.19 19.10 -62.94
CA LEU D 85 3.23 20.23 -62.01
C LEU D 85 3.09 19.72 -60.57
N VAL D 86 4.04 18.89 -60.16
CA VAL D 86 4.03 18.28 -58.83
C VAL D 86 5.43 18.23 -58.19
N ALA D 87 5.50 18.60 -56.92
CA ALA D 87 6.73 18.53 -56.14
C ALA D 87 6.46 17.36 -55.18
N PRO D 88 6.72 16.11 -55.63
CA PRO D 88 6.39 14.94 -54.81
C PRO D 88 7.01 14.90 -53.42
N TYR D 89 6.29 14.28 -52.49
CA TYR D 89 6.73 14.14 -51.10
C TYR D 89 8.03 13.36 -50.97
N GLU D 90 8.29 12.43 -51.90
CA GLU D 90 9.53 11.63 -51.89
C GLU D 90 10.79 12.50 -51.87
N LEU D 91 10.70 13.71 -52.45
CA LEU D 91 11.81 14.68 -52.49
C LEU D 91 11.64 15.83 -51.51
N VAL D 92 10.41 16.30 -51.34
CA VAL D 92 10.15 17.41 -50.41
C VAL D 92 10.46 17.04 -48.96
N LYS D 93 10.31 15.76 -48.61
CA LYS D 93 10.59 15.30 -47.24
C LYS D 93 12.08 15.42 -46.91
N THR D 94 12.93 15.40 -47.94
CA THR D 94 14.38 15.51 -47.78
C THR D 94 14.86 16.97 -47.71
N MET D 95 14.10 17.88 -48.33
CA MET D 95 14.46 19.30 -48.35
C MET D 95 13.19 20.17 -48.41
N ARG D 96 12.83 20.76 -47.27
CA ARG D 96 11.62 21.59 -47.17
C ARG D 96 11.68 22.87 -48.01
N ALA D 97 12.87 23.25 -48.48
CA ALA D 97 13.03 24.43 -49.33
C ALA D 97 12.45 24.18 -50.74
N SER D 98 12.04 22.93 -51.01
CA SER D 98 11.42 22.58 -52.29
C SER D 98 10.12 23.32 -52.49
N ILE D 99 9.55 23.84 -51.39
CA ILE D 99 8.29 24.59 -51.44
C ILE D 99 8.42 25.89 -52.25
N LEU D 100 9.66 26.36 -52.44
CA LEU D 100 9.91 27.58 -53.24
C LEU D 100 9.36 27.47 -54.66
N VAL D 101 9.11 26.26 -55.14
CA VAL D 101 8.55 26.07 -56.48
C VAL D 101 7.05 26.39 -56.54
N LEU D 102 6.37 26.35 -55.39
CA LEU D 102 4.92 26.62 -55.30
C LEU D 102 4.49 27.94 -55.92
N GLY D 103 5.16 29.02 -55.51
CA GLY D 103 4.85 30.37 -56.01
C GLY D 103 4.91 30.57 -57.52
N PRO D 104 6.10 30.35 -58.12
CA PRO D 104 6.24 30.52 -59.57
C PRO D 104 5.42 29.54 -60.39
N MET D 105 5.37 28.30 -59.94
CA MET D 105 4.61 27.26 -60.63
C MET D 105 3.14 27.63 -60.73
N VAL D 106 2.59 28.22 -59.67
CA VAL D 106 1.18 28.65 -59.65
C VAL D 106 0.96 29.91 -60.49
N ALA D 107 1.91 30.84 -60.45
CA ALA D 107 1.81 32.10 -61.19
C ALA D 107 2.13 32.01 -62.67
N ARG D 108 2.90 30.99 -63.08
CA ARG D 108 3.29 30.81 -64.49
C ARG D 108 2.41 29.81 -65.24
N PHE D 109 2.15 28.67 -64.60
CA PHE D 109 1.38 27.60 -65.22
C PHE D 109 -0.06 27.48 -64.74
N GLY D 110 -0.41 28.20 -63.67
CA GLY D 110 -1.79 28.20 -63.16
C GLY D 110 -2.17 27.22 -62.07
N GLU D 111 -1.29 26.26 -61.77
CA GLU D 111 -1.60 25.29 -60.71
C GLU D 111 -0.33 24.65 -60.16
N ALA D 112 -0.47 23.98 -59.02
CA ALA D 112 0.65 23.28 -58.38
C ALA D 112 0.16 22.35 -57.28
N GLU D 113 0.91 21.26 -57.07
CA GLU D 113 0.62 20.27 -56.03
C GLU D 113 1.93 20.00 -55.31
N VAL D 114 2.26 20.86 -54.34
CA VAL D 114 3.50 20.72 -53.57
C VAL D 114 3.24 20.01 -52.26
N ALA D 115 4.06 19.01 -51.93
CA ALA D 115 3.92 18.26 -50.68
C ALA D 115 4.14 19.21 -49.50
N LEU D 116 3.29 19.12 -48.49
CA LEU D 116 3.40 19.98 -47.31
C LEU D 116 4.55 19.49 -46.46
N PRO D 117 5.56 20.34 -46.21
CA PRO D 117 6.69 19.90 -45.37
C PRO D 117 6.29 19.33 -44.02
N GLY D 118 7.01 18.32 -43.56
CA GLY D 118 6.78 17.70 -42.27
C GLY D 118 7.59 18.44 -41.22
N GLY D 119 8.11 17.70 -40.26
CA GLY D 119 8.92 18.29 -39.20
C GLY D 119 10.37 18.42 -39.61
N CYS D 120 11.08 19.32 -38.92
CA CYS D 120 12.49 19.58 -39.14
C CYS D 120 13.12 19.76 -37.77
N ALA D 121 14.24 19.06 -37.53
CA ALA D 121 14.95 19.09 -36.22
C ALA D 121 15.22 20.47 -35.64
N ILE D 122 15.62 21.42 -36.49
CA ILE D 122 15.90 22.81 -36.07
C ILE D 122 14.82 23.40 -35.15
N GLY D 123 13.55 23.22 -35.51
CA GLY D 123 12.45 23.73 -34.69
C GLY D 123 11.13 23.88 -35.41
N SER D 124 10.40 24.94 -35.05
CA SER D 124 9.11 25.26 -35.64
C SER D 124 9.31 25.99 -36.97
N ARG D 125 8.85 25.38 -38.06
CA ARG D 125 9.00 25.97 -39.39
C ARG D 125 7.76 25.78 -40.24
N PRO D 126 6.61 26.32 -39.80
CA PRO D 126 5.37 26.20 -40.57
C PRO D 126 5.43 27.04 -41.84
N VAL D 127 4.51 26.81 -42.77
CA VAL D 127 4.46 27.54 -44.03
C VAL D 127 3.11 28.25 -44.26
N ASP D 128 2.43 28.60 -43.16
CA ASP D 128 1.13 29.28 -43.24
C ASP D 128 1.15 30.57 -44.07
N LEU D 129 2.23 31.34 -43.95
CA LEU D 129 2.38 32.61 -44.69
C LEU D 129 2.49 32.39 -46.20
N HIS D 130 3.13 31.29 -46.60
CA HIS D 130 3.28 30.94 -48.01
C HIS D 130 1.91 30.72 -48.66
N ILE D 131 1.04 30.03 -47.92
CA ILE D 131 -0.30 29.72 -48.40
C ILE D 131 -1.20 30.95 -48.42
N ARG D 132 -1.26 31.72 -47.32
CA ARG D 132 -2.13 32.90 -47.26
C ARG D 132 -1.71 33.98 -48.27
N GLY D 133 -0.42 34.09 -48.55
CA GLY D 133 0.09 35.06 -49.52
C GLY D 133 -0.43 34.76 -50.92
N LEU D 134 -0.49 33.49 -51.28
CA LEU D 134 -1.02 33.07 -52.59
C LEU D 134 -2.54 33.19 -52.66
N GLU D 135 -3.21 33.06 -51.51
CA GLU D 135 -4.66 33.21 -51.43
C GLU D 135 -5.04 34.68 -51.59
N ALA D 136 -4.16 35.57 -51.11
CA ALA D 136 -4.38 37.02 -51.23
C ALA D 136 -4.38 37.45 -52.70
N MET D 137 -3.84 36.60 -53.56
CA MET D 137 -3.78 36.83 -55.01
C MET D 137 -4.85 36.07 -55.80
N GLY D 138 -5.86 35.55 -55.10
CA GLY D 138 -6.96 34.83 -55.74
C GLY D 138 -6.87 33.32 -55.90
N ALA D 139 -5.73 32.73 -55.55
CA ALA D 139 -5.54 31.29 -55.69
C ALA D 139 -6.32 30.47 -54.66
N LYS D 140 -6.99 29.41 -55.14
CA LYS D 140 -7.75 28.48 -54.28
C LYS D 140 -6.83 27.34 -53.88
N ILE D 141 -6.45 27.30 -52.60
CA ILE D 141 -5.55 26.29 -52.08
C ILE D 141 -6.22 25.41 -51.03
N GLU D 142 -5.82 24.14 -50.98
CA GLU D 142 -6.34 23.18 -50.01
C GLU D 142 -5.29 22.14 -49.65
N VAL D 143 -5.20 21.80 -48.37
CA VAL D 143 -4.26 20.80 -47.88
C VAL D 143 -5.02 19.49 -47.81
N GLU D 144 -4.61 18.51 -48.61
CA GLU D 144 -5.29 17.22 -48.65
C GLU D 144 -4.34 16.13 -49.13
N GLY D 145 -4.24 15.05 -48.36
CA GLY D 145 -3.35 13.92 -48.70
C GLY D 145 -1.87 14.27 -48.57
N GLY D 146 -1.57 15.31 -47.79
CA GLY D 146 -0.20 15.77 -47.59
C GLY D 146 0.32 16.73 -48.65
N TYR D 147 -0.56 17.17 -49.55
CA TYR D 147 -0.17 18.11 -50.62
C TYR D 147 -0.92 19.44 -50.56
N ILE D 148 -0.20 20.49 -50.94
CA ILE D 148 -0.73 21.84 -51.02
C ILE D 148 -1.22 21.94 -52.46
N LYS D 149 -2.50 21.63 -52.66
CA LYS D 149 -3.08 21.68 -53.99
C LYS D 149 -3.57 23.09 -54.29
N ALA D 150 -2.72 23.85 -54.99
CA ALA D 150 -3.00 25.23 -55.36
C ALA D 150 -3.47 25.32 -56.80
N LYS D 151 -4.35 26.28 -57.07
CA LYS D 151 -4.85 26.53 -58.42
C LYS D 151 -5.24 27.99 -58.54
N ALA D 152 -4.56 28.71 -59.43
CA ALA D 152 -4.84 30.12 -59.66
C ALA D 152 -6.21 30.28 -60.32
N PRO D 153 -6.85 31.44 -60.16
CA PRO D 153 -8.14 31.64 -60.79
C PRO D 153 -7.96 31.93 -62.26
N GLU D 154 -9.00 31.72 -63.07
CA GLU D 154 -8.91 31.98 -64.50
C GLU D 154 -8.53 33.45 -64.69
N GLY D 155 -7.54 33.68 -65.56
CA GLY D 155 -7.04 35.02 -65.82
C GLY D 155 -5.80 35.29 -64.98
N GLY D 156 -5.23 34.23 -64.39
CA GLY D 156 -4.03 34.34 -63.56
C GLY D 156 -4.23 34.99 -62.20
N LEU D 157 -3.12 35.10 -61.47
CA LEU D 157 -3.12 35.71 -60.13
C LEU D 157 -3.32 37.21 -60.23
N ARG D 158 -3.89 37.79 -59.17
CA ARG D 158 -4.14 39.24 -59.10
C ARG D 158 -3.19 39.86 -58.07
N GLY D 159 -2.76 41.09 -58.33
CA GLY D 159 -1.86 41.79 -57.40
C GLY D 159 -2.60 42.17 -56.13
N ALA D 160 -1.89 42.17 -55.01
CA ALA D 160 -2.52 42.51 -53.72
C ALA D 160 -1.49 42.97 -52.69
N HIS D 161 -2.01 43.67 -51.67
CA HIS D 161 -1.21 44.14 -50.55
C HIS D 161 -1.25 43.02 -49.51
N PHE D 162 -0.12 42.34 -49.33
CA PHE D 162 -0.03 41.24 -48.35
C PHE D 162 0.99 41.56 -47.25
N PHE D 163 0.59 41.34 -45.99
CA PHE D 163 1.43 41.61 -44.84
C PHE D 163 1.89 40.32 -44.16
N PHE D 164 3.21 40.22 -43.94
CA PHE D 164 3.79 39.06 -43.27
C PHE D 164 3.78 39.34 -41.77
N ASP D 165 3.05 38.52 -41.01
CA ASP D 165 2.96 38.70 -39.55
C ASP D 165 4.34 38.52 -38.90
N THR D 166 5.10 37.57 -39.45
CA THR D 166 6.45 37.28 -39.03
C THR D 166 7.33 37.41 -40.25
N VAL D 167 8.56 37.87 -40.07
CA VAL D 167 9.48 38.00 -41.20
C VAL D 167 9.89 36.60 -41.65
N SER D 168 9.70 36.32 -42.94
CA SER D 168 10.05 35.02 -43.53
C SER D 168 10.88 35.22 -44.79
N VAL D 169 12.01 34.52 -44.89
CA VAL D 169 12.88 34.61 -46.05
C VAL D 169 12.23 33.94 -47.25
N THR D 170 12.03 32.63 -47.19
CA THR D 170 11.40 31.90 -48.31
C THR D 170 9.94 32.31 -48.54
N GLY D 171 9.28 32.81 -47.50
CA GLY D 171 7.90 33.28 -47.63
C GLY D 171 7.86 34.49 -48.55
N THR D 172 8.77 35.44 -48.32
CA THR D 172 8.89 36.64 -49.14
C THR D 172 9.24 36.27 -50.58
N GLU D 173 10.09 35.26 -50.73
CA GLU D 173 10.54 34.78 -52.03
C GLU D 173 9.39 34.18 -52.86
N ASN D 174 8.58 33.29 -52.28
CA ASN D 174 7.42 32.72 -53.00
C ASN D 174 6.45 33.78 -53.51
N ILE D 175 6.05 34.70 -52.62
CA ILE D 175 5.10 35.75 -52.99
C ILE D 175 5.73 36.77 -53.96
N MET D 176 7.04 36.98 -53.86
CA MET D 176 7.71 37.89 -54.79
C MET D 176 7.64 37.28 -56.18
N MET D 177 8.03 36.02 -56.29
CA MET D 177 7.99 35.30 -57.57
C MET D 177 6.59 35.27 -58.18
N ALA D 178 5.58 35.00 -57.35
CA ALA D 178 4.20 34.95 -57.82
C ALA D 178 3.71 36.33 -58.26
N ALA D 179 4.07 37.35 -57.48
CA ALA D 179 3.70 38.73 -57.77
C ALA D 179 4.27 39.25 -59.09
N ALA D 180 5.42 38.72 -59.50
CA ALA D 180 6.08 39.13 -60.76
C ALA D 180 5.27 38.82 -62.01
N LEU D 181 4.41 37.79 -61.95
CA LEU D 181 3.55 37.41 -63.09
C LEU D 181 2.06 37.70 -62.89
N ALA D 182 1.69 38.11 -61.67
CA ALA D 182 0.30 38.45 -61.37
C ALA D 182 -0.10 39.72 -62.11
N LYS D 183 -1.40 39.92 -62.29
CA LYS D 183 -1.90 41.10 -62.96
C LYS D 183 -2.11 42.23 -61.95
N GLY D 184 -1.53 43.39 -62.24
CA GLY D 184 -1.62 44.55 -61.36
C GLY D 184 -0.43 44.69 -60.43
N ARG D 185 -0.55 45.62 -59.49
CA ARG D 185 0.50 45.89 -58.51
C ARG D 185 0.33 45.08 -57.22
N SER D 186 1.44 44.53 -56.74
CA SER D 186 1.48 43.76 -55.50
C SER D 186 2.43 44.48 -54.55
N VAL D 187 2.05 44.62 -53.28
CA VAL D 187 2.90 45.30 -52.29
C VAL D 187 3.10 44.40 -51.07
N LEU D 188 4.33 43.95 -50.87
CA LEU D 188 4.67 43.06 -49.76
C LEU D 188 5.16 43.88 -48.57
N GLN D 189 4.50 43.73 -47.42
CA GLN D 189 4.82 44.48 -46.21
C GLN D 189 5.46 43.59 -45.13
N ASN D 190 6.47 44.16 -44.44
CA ASN D 190 7.25 43.45 -43.41
C ASN D 190 8.00 42.30 -44.09
N ALA D 191 8.56 42.62 -45.24
CA ALA D 191 9.28 41.64 -46.04
C ALA D 191 10.65 41.32 -45.48
N ALA D 192 11.17 40.15 -45.85
CA ALA D 192 12.50 39.71 -45.43
C ALA D 192 13.51 40.60 -46.16
N ARG D 193 14.50 41.06 -45.41
CA ARG D 193 15.52 41.96 -45.93
C ARG D 193 16.86 41.26 -46.25
N GLU D 194 16.87 39.92 -46.19
CA GLU D 194 18.07 39.14 -46.48
C GLU D 194 18.55 39.39 -47.92
N PRO D 195 19.89 39.41 -48.16
CA PRO D 195 20.44 39.64 -49.50
C PRO D 195 19.98 38.63 -50.57
N GLU D 196 19.63 37.41 -50.16
CA GLU D 196 19.14 36.40 -51.10
C GLU D 196 17.87 36.94 -51.79
N VAL D 197 17.06 37.67 -51.01
CA VAL D 197 15.83 38.30 -51.53
C VAL D 197 16.19 39.33 -52.60
N VAL D 198 17.20 40.14 -52.31
CA VAL D 198 17.66 41.17 -53.24
C VAL D 198 18.22 40.50 -54.50
N ASP D 199 19.02 39.46 -54.29
CA ASP D 199 19.63 38.74 -55.41
C ASP D 199 18.58 38.07 -56.28
N LEU D 200 17.49 37.61 -55.66
CA LEU D 200 16.37 37.00 -56.39
C LEU D 200 15.64 38.07 -57.21
N ALA D 201 15.43 39.25 -56.62
CA ALA D 201 14.76 40.35 -57.30
C ALA D 201 15.55 40.82 -58.52
N ASN D 202 16.87 40.92 -58.37
CA ASN D 202 17.75 41.34 -59.47
C ASN D 202 17.73 40.34 -60.63
N PHE D 203 17.36 39.10 -60.33
CA PHE D 203 17.24 38.03 -61.35
C PHE D 203 15.94 38.23 -62.14
N ILE D 204 14.83 38.47 -61.43
CA ILE D 204 13.53 38.69 -62.06
C ILE D 204 13.54 40.01 -62.85
N ASN D 205 14.22 41.02 -62.31
CA ASN D 205 14.33 42.33 -62.98
C ASN D 205 15.16 42.22 -64.26
N ALA D 206 16.16 41.35 -64.23
CA ALA D 206 17.02 41.13 -65.40
C ALA D 206 16.20 40.49 -66.51
N MET D 207 15.20 39.71 -66.11
CA MET D 207 14.29 39.04 -67.06
C MET D 207 13.14 39.92 -67.57
N GLY D 208 13.05 41.16 -67.08
CA GLY D 208 11.99 42.08 -67.49
C GLY D 208 10.95 42.32 -66.40
N GLY D 209 11.26 41.88 -65.19
CA GLY D 209 10.35 42.07 -64.05
C GLY D 209 10.43 43.50 -63.53
N ASN D 210 9.41 43.92 -62.81
CA ASN D 210 9.34 45.27 -62.25
C ASN D 210 9.21 45.18 -60.72
N ILE D 211 10.33 44.83 -60.09
CA ILE D 211 10.42 44.69 -58.64
C ILE D 211 11.32 45.77 -58.05
N GLN D 212 10.80 46.53 -57.08
CA GLN D 212 11.58 47.57 -56.42
C GLN D 212 11.24 47.51 -54.94
N GLY D 213 12.26 47.65 -54.10
CA GLY D 213 12.09 47.61 -52.65
C GLY D 213 12.87 46.52 -51.97
N ALA D 214 13.20 45.45 -52.71
CA ALA D 214 13.96 44.34 -52.16
C ALA D 214 15.15 44.87 -51.38
N GLY D 215 15.28 44.41 -50.13
CA GLY D 215 16.31 44.87 -49.22
C GLY D 215 15.66 45.66 -48.10
N THR D 216 14.52 46.29 -48.42
CA THR D 216 13.76 47.07 -47.43
C THR D 216 12.50 46.29 -47.02
N ASP D 217 11.87 46.76 -45.96
CA ASP D 217 10.66 46.12 -45.43
C ASP D 217 9.43 46.17 -46.37
N THR D 218 9.48 47.01 -47.40
CA THR D 218 8.38 47.14 -48.36
C THR D 218 8.82 46.88 -49.80
N ILE D 219 8.41 45.74 -50.36
CA ILE D 219 8.75 45.38 -51.74
C ILE D 219 7.50 45.63 -52.59
N THR D 220 7.69 46.37 -53.68
CA THR D 220 6.61 46.73 -54.61
C THR D 220 6.83 45.99 -55.92
N ILE D 221 5.82 45.24 -56.37
CA ILE D 221 5.92 44.46 -57.61
C ILE D 221 4.84 44.89 -58.61
N ASP D 222 5.26 45.22 -59.83
CA ASP D 222 4.32 45.58 -60.90
C ASP D 222 4.33 44.41 -61.89
N GLY D 223 3.23 43.66 -61.90
CA GLY D 223 3.10 42.49 -62.74
C GLY D 223 3.28 42.67 -64.24
N VAL D 224 3.86 41.65 -64.87
CA VAL D 224 4.08 41.61 -66.31
C VAL D 224 3.51 40.27 -66.82
N GLU D 225 3.17 40.21 -68.09
CA GLU D 225 2.60 39.00 -68.68
C GLU D 225 3.62 37.89 -68.94
N ARG D 226 4.87 38.25 -69.21
CA ARG D 226 5.92 37.26 -69.51
C ARG D 226 7.33 37.79 -69.24
N LEU D 227 8.13 36.96 -68.56
CA LEU D 227 9.52 37.29 -68.22
C LEU D 227 10.50 36.70 -69.23
N ASP D 228 11.14 37.55 -70.04
CA ASP D 228 12.10 37.09 -71.06
C ASP D 228 13.32 36.43 -70.40
N SER D 229 13.86 35.40 -71.06
CA SER D 229 15.02 34.69 -70.54
C SER D 229 16.25 35.58 -70.48
N ALA D 230 17.09 35.33 -69.47
CA ALA D 230 18.33 36.10 -69.27
C ALA D 230 19.22 35.38 -68.28
N ASN D 231 20.52 35.30 -68.59
CA ASN D 231 21.50 34.63 -67.72
C ASN D 231 21.78 35.47 -66.47
N TYR D 232 22.33 34.82 -65.44
CA TYR D 232 22.62 35.49 -64.17
C TYR D 232 23.56 34.66 -63.31
N ARG D 233 24.43 35.32 -62.54
CA ARG D 233 25.34 34.63 -61.63
C ARG D 233 24.95 34.89 -60.18
N VAL D 234 24.74 33.82 -59.43
CA VAL D 234 24.31 33.87 -58.03
C VAL D 234 25.34 34.57 -57.14
N MET D 235 24.84 35.29 -56.13
CA MET D 235 25.68 36.02 -55.19
C MET D 235 26.53 35.09 -54.30
N PRO D 236 27.58 35.64 -53.66
CA PRO D 236 28.40 34.81 -52.75
C PRO D 236 27.64 34.41 -51.48
N ASP D 237 28.03 33.28 -50.89
CA ASP D 237 27.38 32.78 -49.68
C ASP D 237 27.93 33.51 -48.44
N ARG D 238 27.06 34.28 -47.79
CA ARG D 238 27.44 35.06 -46.62
C ARG D 238 27.73 34.16 -45.39
N ILE D 239 27.08 33.00 -45.34
CA ILE D 239 27.25 32.05 -44.24
C ILE D 239 28.57 31.28 -44.37
N GLU D 240 28.91 30.89 -45.59
CA GLU D 240 30.15 30.18 -45.85
C GLU D 240 31.30 31.14 -45.51
N THR D 241 31.23 32.34 -46.07
CA THR D 241 32.21 33.39 -45.84
C THR D 241 32.52 33.52 -44.35
N GLY D 242 31.47 33.75 -43.55
CA GLY D 242 31.61 33.89 -42.11
C GLY D 242 32.18 32.65 -41.44
N THR D 243 31.74 31.48 -41.88
CA THR D 243 32.21 30.21 -41.30
C THR D 243 33.72 30.03 -41.43
N TYR D 244 34.31 30.43 -42.56
CA TYR D 244 35.76 30.32 -42.73
C TYR D 244 36.55 31.41 -41.96
N LEU D 245 35.91 32.55 -41.72
CA LEU D 245 36.52 33.63 -40.93
C LEU D 245 36.62 33.17 -39.46
N VAL D 246 35.59 32.46 -39.00
CA VAL D 246 35.56 31.93 -37.64
C VAL D 246 36.59 30.79 -37.52
N ALA D 247 36.70 29.97 -38.57
CA ALA D 247 37.66 28.86 -38.59
C ALA D 247 39.07 29.37 -38.32
N ALA D 248 39.39 30.52 -38.90
CA ALA D 248 40.68 31.15 -38.70
C ALA D 248 40.75 31.73 -37.29
N ALA D 249 39.67 32.40 -36.87
CA ALA D 249 39.59 33.01 -35.55
C ALA D 249 39.77 31.99 -34.43
N VAL D 250 39.01 30.91 -34.49
CA VAL D 250 39.07 29.83 -33.48
C VAL D 250 40.49 29.28 -33.33
N THR D 251 41.17 29.02 -34.45
CA THR D 251 42.54 28.50 -34.45
C THR D 251 43.62 29.56 -34.19
N GLY D 252 43.23 30.83 -34.19
CA GLY D 252 44.17 31.93 -33.97
C GLY D 252 45.00 32.29 -35.20
N GLY D 253 44.70 31.67 -36.34
CA GLY D 253 45.44 31.93 -37.58
C GLY D 253 44.83 33.05 -38.39
N ARG D 254 45.08 33.01 -39.71
CA ARG D 254 44.55 34.01 -40.63
C ARG D 254 43.92 33.36 -41.86
N VAL D 255 43.18 34.16 -42.61
CA VAL D 255 42.54 33.71 -43.84
C VAL D 255 42.07 34.91 -44.67
N LYS D 256 42.19 34.78 -45.99
CA LYS D 256 41.72 35.81 -46.93
C LYS D 256 40.62 35.15 -47.74
N VAL D 257 39.38 35.42 -47.36
CA VAL D 257 38.22 34.86 -48.02
C VAL D 257 37.96 35.68 -49.30
N LYS D 258 38.06 35.03 -50.46
CA LYS D 258 37.90 35.70 -51.76
C LYS D 258 36.54 35.44 -52.41
N ASP D 259 36.23 36.26 -53.43
CA ASP D 259 34.98 36.19 -54.19
C ASP D 259 33.72 36.34 -53.34
N THR D 260 33.81 37.15 -52.29
CA THR D 260 32.68 37.38 -51.39
C THR D 260 32.28 38.85 -51.40
N ASP D 261 31.58 39.30 -50.35
CA ASP D 261 31.12 40.68 -50.24
C ASP D 261 31.11 41.05 -48.75
N PRO D 262 31.85 42.11 -48.36
CA PRO D 262 31.86 42.48 -46.93
C PRO D 262 30.58 43.15 -46.43
N THR D 263 29.76 43.72 -47.33
CA THR D 263 28.53 44.41 -46.94
C THR D 263 27.34 43.51 -46.57
N ILE D 264 27.48 42.19 -46.73
CA ILE D 264 26.38 41.25 -46.42
C ILE D 264 26.56 40.46 -45.11
N LEU D 265 27.44 40.91 -44.23
CA LEU D 265 27.65 40.25 -42.93
C LEU D 265 28.31 41.21 -41.91
N GLU D 266 27.80 42.44 -41.86
CA GLU D 266 28.30 43.47 -40.95
C GLU D 266 28.27 43.00 -39.50
N ALA D 267 27.13 42.43 -39.10
CA ALA D 267 26.95 41.93 -37.74
C ALA D 267 27.98 40.85 -37.36
N VAL D 268 28.29 39.98 -38.31
CA VAL D 268 29.26 38.89 -38.08
C VAL D 268 30.68 39.45 -37.96
N LEU D 269 31.03 40.40 -38.83
CA LEU D 269 32.35 41.05 -38.78
C LEU D 269 32.52 41.86 -37.50
N GLU D 270 31.44 42.50 -37.07
CA GLU D 270 31.46 43.32 -35.85
C GLU D 270 31.67 42.46 -34.59
N LYS D 271 31.11 41.24 -34.59
CA LYS D 271 31.29 40.32 -33.46
C LYS D 271 32.70 39.72 -33.46
N LEU D 272 33.31 39.61 -34.64
CA LEU D 272 34.67 39.09 -34.76
C LEU D 272 35.68 40.11 -34.20
N LYS D 273 35.37 41.41 -34.33
CA LYS D 273 36.23 42.48 -33.79
C LYS D 273 36.14 42.54 -32.27
N GLU D 274 34.94 42.30 -31.73
CA GLU D 274 34.74 42.27 -30.27
C GLU D 274 35.49 41.10 -29.65
N ALA D 275 35.67 40.02 -30.42
CA ALA D 275 36.40 38.83 -29.97
C ALA D 275 37.93 39.01 -30.04
N GLY D 276 38.38 40.15 -30.59
CA GLY D 276 39.80 40.48 -30.69
C GLY D 276 40.46 40.16 -32.03
N ALA D 277 39.69 40.25 -33.12
CA ALA D 277 40.22 39.97 -34.45
C ALA D 277 40.43 41.25 -35.24
N ASP D 278 41.44 41.25 -36.10
CA ASP D 278 41.75 42.36 -36.98
C ASP D 278 41.16 41.98 -38.33
N ILE D 279 40.36 42.86 -38.90
CA ILE D 279 39.70 42.59 -40.18
C ILE D 279 40.02 43.65 -41.22
N ASN D 280 40.38 43.20 -42.41
CA ASN D 280 40.67 44.06 -43.56
C ASN D 280 39.75 43.56 -44.65
N THR D 281 39.25 44.47 -45.49
CA THR D 281 38.33 44.10 -46.56
C THR D 281 38.55 44.89 -47.84
N GLY D 282 38.19 44.27 -48.96
CA GLY D 282 38.29 44.87 -50.29
C GLY D 282 36.92 44.95 -50.90
N GLU D 283 36.88 45.06 -52.23
CA GLU D 283 35.61 45.16 -52.95
C GLU D 283 34.95 43.77 -52.99
N ASP D 284 35.75 42.72 -53.23
CA ASP D 284 35.24 41.34 -53.28
C ASP D 284 36.05 40.36 -52.41
N TRP D 285 36.59 40.85 -51.30
CA TRP D 285 37.35 39.97 -50.39
C TRP D 285 37.39 40.47 -48.95
N ILE D 286 37.63 39.54 -48.04
CA ILE D 286 37.73 39.82 -46.59
C ILE D 286 38.95 39.09 -46.05
N GLU D 287 39.67 39.72 -45.12
CA GLU D 287 40.87 39.15 -44.51
C GLU D 287 40.80 39.33 -43.01
N LEU D 288 40.86 38.21 -42.27
CA LEU D 288 40.80 38.23 -40.81
C LEU D 288 42.06 37.59 -40.24
N ASP D 289 42.58 38.16 -39.16
CA ASP D 289 43.78 37.65 -38.51
C ASP D 289 43.74 37.94 -37.01
N MET D 290 43.72 36.88 -36.20
CA MET D 290 43.72 37.00 -34.74
C MET D 290 45.12 37.24 -34.21
N HIS D 291 46.12 36.83 -35.00
CA HIS D 291 47.53 36.96 -34.62
C HIS D 291 47.81 36.01 -33.45
N GLY D 292 47.22 34.82 -33.49
CA GLY D 292 47.39 33.81 -32.45
C GLY D 292 46.89 34.14 -31.05
N LYS D 293 45.97 35.10 -30.94
CA LYS D 293 45.41 35.49 -29.63
C LYS D 293 44.20 34.64 -29.27
N ARG D 294 44.05 34.34 -27.99
CA ARG D 294 42.90 33.60 -27.49
C ARG D 294 41.77 34.63 -27.52
N PRO D 295 40.66 34.31 -28.20
CA PRO D 295 39.58 35.31 -28.27
C PRO D 295 38.90 35.61 -26.94
N LYS D 296 38.23 36.77 -26.88
CA LYS D 296 37.46 37.16 -25.70
C LYS D 296 36.00 36.85 -25.97
N ALA D 297 35.31 36.32 -24.97
CA ALA D 297 33.91 35.94 -25.12
C ALA D 297 33.06 37.13 -25.56
N VAL D 298 32.09 36.85 -26.43
CA VAL D 298 31.19 37.88 -26.94
C VAL D 298 29.75 37.39 -26.82
N ASN D 299 28.84 38.33 -26.62
CA ASN D 299 27.41 38.05 -26.53
C ASN D 299 26.82 38.27 -27.91
N LEU D 300 25.75 37.56 -28.25
CA LEU D 300 25.10 37.74 -29.54
C LEU D 300 23.64 37.33 -29.45
N ARG D 301 22.83 37.91 -30.32
CA ARG D 301 21.40 37.64 -30.37
C ARG D 301 21.03 37.47 -31.82
N THR D 302 20.49 36.30 -32.18
CA THR D 302 20.08 36.06 -33.57
C THR D 302 18.78 36.81 -33.85
N ALA D 303 18.61 37.19 -35.12
CA ALA D 303 17.42 37.91 -35.56
C ALA D 303 17.46 38.02 -37.08
N PRO D 304 16.36 38.51 -37.70
CA PRO D 304 16.40 38.66 -39.16
C PRO D 304 17.43 39.69 -39.62
N TYR D 305 17.99 39.47 -40.81
CA TYR D 305 18.98 40.35 -41.42
C TYR D 305 18.44 41.79 -41.41
N PRO D 306 19.27 42.82 -41.24
CA PRO D 306 20.73 42.75 -41.08
C PRO D 306 21.28 42.36 -39.69
N ALA D 307 20.46 41.74 -38.85
CA ALA D 307 20.93 41.31 -37.54
C ALA D 307 21.83 40.08 -37.70
N PHE D 308 22.31 39.53 -36.59
CA PHE D 308 23.17 38.36 -36.60
C PHE D 308 22.35 37.17 -37.11
N PRO D 309 22.84 36.46 -38.15
CA PRO D 309 22.07 35.35 -38.69
C PRO D 309 22.12 34.07 -37.84
N THR D 310 21.00 33.36 -37.77
CA THR D 310 20.93 32.12 -37.01
C THR D 310 21.85 31.03 -37.57
N ASP D 311 22.12 31.08 -38.88
CA ASP D 311 23.01 30.10 -39.51
C ASP D 311 24.49 30.25 -39.05
N MET D 312 24.80 31.33 -38.32
CA MET D 312 26.15 31.55 -37.74
C MET D 312 26.17 31.35 -36.21
N GLN D 313 24.99 31.20 -35.62
CA GLN D 313 24.87 31.01 -34.17
C GLN D 313 25.74 29.89 -33.61
N ALA D 314 25.67 28.72 -34.24
CA ALA D 314 26.46 27.58 -33.79
C ALA D 314 27.96 27.85 -33.92
N GLN D 315 28.36 28.47 -35.04
CA GLN D 315 29.77 28.75 -35.30
C GLN D 315 30.41 29.63 -34.22
N PHE D 316 29.65 30.59 -33.69
CA PHE D 316 30.17 31.44 -32.61
C PHE D 316 30.21 30.74 -31.25
N ILE D 317 29.44 29.67 -31.08
CA ILE D 317 29.49 28.92 -29.82
C ILE D 317 30.84 28.17 -29.77
N SER D 318 31.32 27.70 -30.92
CA SER D 318 32.62 27.02 -30.98
C SER D 318 33.77 28.02 -30.77
N LEU D 319 33.47 29.32 -30.97
CA LEU D 319 34.46 30.38 -30.73
C LEU D 319 34.49 30.72 -29.25
N ASN D 320 33.30 30.88 -28.64
CA ASN D 320 33.19 31.17 -27.20
C ASN D 320 33.67 30.00 -26.33
N ALA D 321 33.61 28.78 -26.88
CA ALA D 321 34.02 27.56 -26.16
C ALA D 321 35.48 27.58 -25.71
N ILE D 322 36.34 28.22 -26.51
CA ILE D 322 37.78 28.33 -26.18
C ILE D 322 38.20 29.79 -25.93
N ALA D 323 37.22 30.66 -25.76
CA ALA D 323 37.47 32.08 -25.52
C ALA D 323 37.82 32.32 -24.05
N GLU D 324 38.02 33.57 -23.67
CA GLU D 324 38.36 33.90 -22.29
C GLU D 324 37.17 34.69 -21.73
N GLY D 325 36.49 34.11 -20.74
CA GLY D 325 35.31 34.73 -20.11
C GLY D 325 34.01 34.04 -20.51
N THR D 326 32.88 34.63 -20.10
CA THR D 326 31.55 34.08 -20.40
C THR D 326 30.83 34.83 -21.55
N GLY D 327 30.22 34.07 -22.46
CA GLY D 327 29.50 34.61 -23.61
C GLY D 327 28.07 34.06 -23.63
N ALA D 328 27.10 34.93 -23.91
CA ALA D 328 25.68 34.57 -23.95
C ALA D 328 25.19 34.58 -25.40
N VAL D 329 24.99 33.38 -25.96
CA VAL D 329 24.54 33.19 -27.33
C VAL D 329 23.03 32.91 -27.32
N ILE D 330 22.24 33.93 -27.68
CA ILE D 330 20.77 33.85 -27.66
C ILE D 330 20.14 33.66 -29.05
N GLU D 331 19.07 32.86 -29.08
CA GLU D 331 18.29 32.59 -30.30
C GLU D 331 16.92 33.25 -30.20
N THR D 332 16.48 33.90 -31.27
CA THR D 332 15.13 34.49 -31.35
C THR D 332 14.38 33.90 -32.56
N ILE D 333 15.12 33.29 -33.50
CA ILE D 333 14.51 32.67 -34.67
C ILE D 333 14.14 31.23 -34.29
N PHE D 334 15.15 30.39 -34.08
CA PHE D 334 14.95 28.97 -33.71
C PHE D 334 15.48 28.76 -32.28
N GLU D 335 14.56 28.78 -31.32
CA GLU D 335 14.92 28.71 -29.90
C GLU D 335 15.41 27.36 -29.32
N ASN D 336 15.49 26.31 -30.14
CA ASN D 336 16.01 25.01 -29.68
C ASN D 336 17.10 24.52 -30.61
N ARG D 337 17.73 25.45 -31.34
CA ARG D 337 18.78 25.07 -32.27
C ARG D 337 20.11 25.05 -31.53
N PHE D 338 20.27 24.07 -30.63
CA PHE D 338 21.50 23.91 -29.84
C PHE D 338 21.97 22.46 -29.74
N MET D 339 21.66 21.64 -30.76
CA MET D 339 22.10 20.24 -30.77
C MET D 339 23.61 20.15 -30.71
N HIS D 340 24.26 21.05 -31.44
CA HIS D 340 25.72 21.13 -31.44
C HIS D 340 26.33 21.31 -30.04
N VAL D 341 25.63 22.03 -29.16
CA VAL D 341 26.10 22.25 -27.79
C VAL D 341 26.30 20.94 -27.01
N TYR D 342 25.37 20.00 -27.15
CA TYR D 342 25.43 18.72 -26.43
C TYR D 342 26.49 17.78 -27.01
N GLU D 343 26.93 18.05 -28.24
CA GLU D 343 28.01 17.28 -28.85
C GLU D 343 29.33 17.86 -28.35
N MET D 344 29.38 19.18 -28.18
CA MET D 344 30.58 19.87 -27.67
C MET D 344 30.86 19.50 -26.21
N HIS D 345 29.83 19.15 -25.44
CA HIS D 345 30.02 18.68 -24.06
C HIS D 345 31.03 17.54 -24.03
N ARG D 346 30.95 16.68 -25.04
CA ARG D 346 31.86 15.53 -25.18
C ARG D 346 33.30 15.95 -25.47
N MET D 347 33.47 17.13 -26.09
CA MET D 347 34.80 17.66 -26.41
C MET D 347 35.38 18.55 -25.29
N GLY D 348 34.72 18.58 -24.13
CA GLY D 348 35.20 19.36 -22.99
C GLY D 348 34.71 20.80 -22.90
N ALA D 349 33.76 21.18 -23.75
CA ALA D 349 33.22 22.53 -23.74
C ALA D 349 32.22 22.68 -22.59
N GLN D 350 32.35 23.78 -21.85
CA GLN D 350 31.46 24.05 -20.73
C GLN D 350 30.37 25.03 -21.20
N ILE D 351 29.16 24.51 -21.38
CA ILE D 351 28.04 25.35 -21.84
C ILE D 351 26.74 24.92 -21.15
N GLN D 352 26.02 25.90 -20.62
CA GLN D 352 24.73 25.68 -19.97
C GLN D 352 23.68 26.25 -20.91
N VAL D 353 22.69 25.43 -21.27
CA VAL D 353 21.62 25.86 -22.14
C VAL D 353 20.30 25.87 -21.37
N GLU D 354 19.69 27.05 -21.30
CA GLU D 354 18.40 27.23 -20.64
C GLU D 354 17.48 27.93 -21.63
N GLY D 355 16.57 27.14 -22.22
CA GLY D 355 15.62 27.66 -23.19
C GLY D 355 16.30 28.07 -24.47
N ASN D 356 16.16 29.35 -24.82
CA ASN D 356 16.75 29.90 -26.04
C ASN D 356 18.15 30.51 -25.84
N THR D 357 18.72 30.39 -24.64
CA THR D 357 20.03 30.95 -24.37
C THR D 357 21.07 29.87 -24.05
N ALA D 358 22.27 30.06 -24.59
CA ALA D 358 23.40 29.15 -24.38
C ALA D 358 24.50 29.96 -23.71
N ILE D 359 24.71 29.72 -22.41
CA ILE D 359 25.74 30.43 -21.67
C ILE D 359 27.04 29.64 -21.84
N VAL D 360 28.00 30.22 -22.56
CA VAL D 360 29.27 29.55 -22.83
C VAL D 360 30.40 30.06 -21.94
N THR D 361 31.05 29.15 -21.21
CA THR D 361 32.18 29.48 -20.36
C THR D 361 33.43 28.96 -21.08
N GLY D 362 34.26 29.87 -21.55
CA GLY D 362 35.46 29.51 -22.29
C GLY D 362 36.56 28.83 -21.48
N VAL D 363 37.00 27.67 -21.94
CA VAL D 363 38.07 26.90 -21.30
C VAL D 363 39.34 27.02 -22.16
N LYS D 364 40.49 26.66 -21.59
CA LYS D 364 41.76 26.76 -22.31
C LYS D 364 41.71 26.12 -23.70
N ALA D 365 41.50 24.81 -23.75
CA ALA D 365 41.43 24.07 -25.01
C ALA D 365 40.45 22.90 -24.94
N LEU D 366 40.03 22.43 -26.12
CA LEU D 366 39.08 21.32 -26.22
C LEU D 366 39.78 19.97 -26.33
N LYS D 367 39.02 18.90 -26.18
CA LYS D 367 39.50 17.52 -26.23
C LYS D 367 38.82 16.79 -27.37
N GLY D 368 39.55 15.94 -28.06
CA GLY D 368 39.01 15.19 -29.20
C GLY D 368 38.05 14.09 -28.75
N ALA D 369 36.97 13.94 -29.52
CA ALA D 369 35.94 12.92 -29.22
C ALA D 369 35.04 12.74 -30.44
N PRO D 370 34.56 11.52 -30.69
CA PRO D 370 33.67 11.33 -31.84
C PRO D 370 32.32 12.02 -31.64
N VAL D 371 31.90 12.82 -32.62
CA VAL D 371 30.63 13.56 -32.57
C VAL D 371 29.76 13.24 -33.78
N MET D 372 28.50 13.69 -33.73
CA MET D 372 27.51 13.43 -34.76
C MET D 372 26.88 14.75 -35.26
N ALA D 373 26.89 14.95 -36.58
CA ALA D 373 26.31 16.14 -37.21
C ALA D 373 24.82 15.91 -37.45
N THR D 374 24.00 16.95 -37.25
CA THR D 374 22.54 16.87 -37.44
C THR D 374 21.86 18.15 -37.97
N ASP D 375 22.65 19.10 -38.48
CA ASP D 375 22.10 20.36 -38.99
C ASP D 375 22.99 20.87 -40.12
N LEU D 376 22.41 21.02 -41.31
CA LEU D 376 23.16 21.45 -42.50
C LEU D 376 24.08 22.68 -42.37
N ARG D 377 23.72 23.61 -41.49
CA ARG D 377 24.54 24.81 -41.21
C ARG D 377 25.18 24.84 -39.82
N ALA D 378 24.43 24.46 -38.80
CA ALA D 378 24.93 24.48 -37.42
C ALA D 378 26.02 23.45 -37.15
N SER D 379 25.94 22.27 -37.78
CA SER D 379 26.94 21.21 -37.58
C SER D 379 28.36 21.62 -38.04
N ALA D 380 28.50 22.78 -38.67
CA ALA D 380 29.81 23.27 -39.06
C ALA D 380 30.59 23.60 -37.80
N SER D 381 29.87 23.97 -36.74
CA SER D 381 30.49 24.27 -35.45
C SER D 381 31.27 23.08 -34.89
N LEU D 382 30.84 21.87 -35.23
CA LEU D 382 31.53 20.65 -34.81
C LEU D 382 32.85 20.52 -35.58
N VAL D 383 32.86 20.97 -36.83
CA VAL D 383 34.07 20.95 -37.66
C VAL D 383 35.04 22.01 -37.13
N LEU D 384 34.50 23.15 -36.69
CA LEU D 384 35.31 24.26 -36.15
C LEU D 384 35.91 23.93 -34.78
N SER D 385 35.13 23.28 -33.92
CA SER D 385 35.61 22.90 -32.58
C SER D 385 36.74 21.85 -32.66
N ALA D 386 36.63 20.96 -33.65
CA ALA D 386 37.61 19.90 -33.86
C ALA D 386 39.00 20.41 -34.27
N LEU D 387 39.04 21.58 -34.89
CA LEU D 387 40.31 22.21 -35.32
C LEU D 387 41.18 22.68 -34.16
N VAL D 388 40.58 22.90 -32.99
CA VAL D 388 41.29 23.35 -31.79
C VAL D 388 41.13 22.39 -30.59
N ALA D 389 40.99 21.11 -30.90
CA ALA D 389 40.81 20.08 -29.90
C ALA D 389 42.01 19.14 -29.83
N GLU D 390 42.52 18.92 -28.62
CA GLU D 390 43.66 18.03 -28.38
C GLU D 390 43.30 16.63 -28.89
N GLY D 391 44.01 16.15 -29.91
CA GLY D 391 43.76 14.82 -30.48
C GLY D 391 42.85 14.78 -31.69
N ASP D 392 42.33 13.58 -31.99
CA ASP D 392 41.46 13.34 -33.13
C ASP D 392 39.97 13.45 -32.80
N THR D 393 39.21 13.98 -33.76
CA THR D 393 37.78 14.17 -33.65
C THR D 393 37.12 13.57 -34.89
N LEU D 394 36.36 12.49 -34.69
CA LEU D 394 35.68 11.80 -35.80
C LEU D 394 34.22 12.26 -35.89
N ILE D 395 33.91 13.04 -36.93
CA ILE D 395 32.55 13.58 -37.13
C ILE D 395 31.73 12.66 -38.06
N ASP D 396 30.69 12.04 -37.51
CA ASP D 396 29.82 11.12 -38.26
C ASP D 396 28.59 11.87 -38.81
N ARG D 397 27.89 11.25 -39.76
CA ARG D 397 26.69 11.82 -40.41
C ARG D 397 26.97 13.19 -41.05
N ILE D 398 28.04 13.24 -41.85
CA ILE D 398 28.43 14.50 -42.50
C ILE D 398 27.59 14.84 -43.73
N TYR D 399 26.67 13.95 -44.12
CA TYR D 399 25.81 14.26 -45.27
C TYR D 399 25.06 15.57 -45.03
N HIS D 400 24.81 15.89 -43.76
CA HIS D 400 24.16 17.16 -43.39
C HIS D 400 25.09 18.31 -43.79
N ILE D 401 26.37 18.19 -43.44
CA ILE D 401 27.37 19.23 -43.76
C ILE D 401 27.51 19.39 -45.27
N ASP D 402 27.46 18.29 -46.01
CA ASP D 402 27.54 18.33 -47.49
C ASP D 402 26.36 19.10 -48.11
N ARG D 403 25.24 19.18 -47.40
CA ARG D 403 24.08 19.92 -47.89
C ARG D 403 24.29 21.43 -47.84
N GLY D 404 24.94 21.90 -46.76
CA GLY D 404 25.16 23.34 -46.55
C GLY D 404 26.50 23.95 -46.93
N TYR D 405 27.48 23.13 -47.27
CA TYR D 405 28.81 23.63 -47.61
C TYR D 405 29.47 22.88 -48.77
N GLU D 406 30.04 23.64 -49.70
CA GLU D 406 30.77 23.09 -50.83
C GLU D 406 32.19 22.64 -50.53
N CYS D 407 32.44 21.33 -50.65
CA CYS D 407 33.71 20.69 -50.25
C CYS D 407 34.49 21.12 -48.99
N ILE D 408 33.80 21.18 -47.84
CA ILE D 408 34.35 21.76 -46.60
C ILE D 408 35.75 21.22 -46.29
N GLU D 409 35.96 19.95 -46.59
CA GLU D 409 37.25 19.30 -46.38
C GLU D 409 38.38 19.91 -47.21
N GLU D 410 38.13 20.13 -48.51
CA GLU D 410 39.14 20.67 -49.42
C GLU D 410 39.54 22.10 -49.11
N LYS D 411 38.57 22.92 -48.72
CA LYS D 411 38.83 24.33 -48.40
C LYS D 411 39.66 24.49 -47.14
N LEU D 412 39.40 23.66 -46.13
CA LEU D 412 40.16 23.71 -44.88
C LEU D 412 41.57 23.15 -45.10
N GLN D 413 41.70 22.16 -45.99
CA GLN D 413 43.01 21.57 -46.31
C GLN D 413 43.97 22.58 -46.95
N MET D 414 43.42 23.57 -47.66
CA MET D 414 44.25 24.62 -48.28
C MET D 414 44.75 25.61 -47.23
N LEU D 415 44.02 25.69 -46.12
CA LEU D 415 44.39 26.58 -45.01
C LEU D 415 45.34 25.91 -44.00
N GLY D 416 45.86 24.72 -44.34
CA GLY D 416 46.79 23.99 -43.47
C GLY D 416 46.13 23.11 -42.42
N ALA D 417 44.82 22.90 -42.52
CA ALA D 417 44.08 22.08 -41.55
C ALA D 417 44.32 20.60 -41.82
N LYS D 418 44.45 19.83 -40.74
CA LYS D 418 44.65 18.39 -40.81
C LYS D 418 43.28 17.73 -40.72
N ILE D 419 42.63 17.59 -41.88
CA ILE D 419 41.29 16.99 -42.00
C ILE D 419 41.21 16.10 -43.25
N ARG D 420 40.54 14.96 -43.12
CA ARG D 420 40.39 13.98 -44.20
C ARG D 420 38.99 13.33 -44.18
N ARG D 421 38.50 12.95 -45.36
CA ARG D 421 37.20 12.27 -45.48
C ARG D 421 37.43 10.76 -45.44
N VAL D 422 36.62 10.07 -44.65
CA VAL D 422 36.72 8.61 -44.49
C VAL D 422 35.41 7.93 -44.90
N PRO D 423 35.34 7.44 -46.16
CA PRO D 423 34.12 6.74 -46.61
C PRO D 423 33.96 5.38 -45.94
N GLY D 424 32.77 5.10 -45.41
CA GLY D 424 32.49 3.83 -44.73
C GLY D 424 32.39 2.64 -45.67
N MET E 4 -12.93 -60.05 0.37
CA MET E 4 -12.78 -60.00 -1.12
C MET E 4 -14.13 -59.67 -1.77
N ASP E 5 -15.23 -60.14 -1.17
CA ASP E 5 -16.59 -59.86 -1.66
C ASP E 5 -17.06 -58.48 -1.19
N LYS E 6 -18.16 -57.99 -1.79
CA LYS E 6 -18.71 -56.67 -1.47
C LYS E 6 -20.23 -56.70 -1.32
N LEU E 7 -20.77 -55.61 -0.76
CA LEU E 7 -22.22 -55.44 -0.59
C LEU E 7 -22.69 -54.30 -1.48
N ILE E 8 -23.68 -54.57 -2.33
CA ILE E 8 -24.25 -53.55 -3.23
C ILE E 8 -25.66 -53.25 -2.70
N ILE E 9 -25.96 -51.95 -2.52
CA ILE E 9 -27.24 -51.51 -1.96
C ILE E 9 -27.95 -50.46 -2.80
N THR E 10 -29.23 -50.69 -3.08
CA THR E 10 -30.04 -49.74 -3.84
C THR E 10 -30.96 -49.06 -2.83
N GLY E 11 -30.86 -47.73 -2.75
CA GLY E 11 -31.68 -46.95 -1.81
C GLY E 11 -33.08 -46.65 -2.31
N GLY E 12 -33.90 -46.07 -1.42
CA GLY E 12 -35.28 -45.71 -1.72
C GLY E 12 -36.34 -46.59 -1.10
N ALA E 13 -35.99 -47.84 -0.79
CA ALA E 13 -36.93 -48.81 -0.20
C ALA E 13 -37.23 -48.53 1.26
N ARG E 14 -38.51 -48.62 1.61
CA ARG E 14 -39.00 -48.41 2.97
C ARG E 14 -39.03 -49.76 3.67
N LEU E 15 -38.18 -49.93 4.69
CA LEU E 15 -38.09 -51.20 5.40
C LEU E 15 -39.34 -51.51 6.23
N ASP E 16 -39.69 -52.78 6.28
CA ASP E 16 -40.86 -53.23 7.03
C ASP E 16 -40.75 -54.74 7.23
N GLY E 17 -40.72 -55.18 8.49
CA GLY E 17 -40.64 -56.60 8.80
C GLY E 17 -40.25 -56.91 10.24
N GLU E 18 -39.77 -58.13 10.46
CA GLU E 18 -39.33 -58.59 11.78
C GLU E 18 -38.08 -59.43 11.67
N ILE E 19 -37.22 -59.37 12.69
CA ILE E 19 -35.98 -60.15 12.75
C ILE E 19 -35.71 -60.61 14.17
N ARG E 20 -34.98 -61.71 14.29
CA ARG E 20 -34.60 -62.27 15.58
C ARG E 20 -33.20 -61.82 15.90
N ILE E 21 -33.05 -61.15 17.05
CA ILE E 21 -31.76 -60.63 17.51
C ILE E 21 -30.82 -61.75 17.96
N SER E 22 -29.56 -61.62 17.56
CA SER E 22 -28.51 -62.58 17.87
C SER E 22 -27.96 -62.35 19.26
N GLY E 23 -27.04 -63.22 19.68
CA GLY E 23 -26.41 -63.08 20.98
C GLY E 23 -25.46 -61.92 20.98
N ALA E 24 -25.25 -61.33 22.15
CA ALA E 24 -24.36 -60.18 22.29
C ALA E 24 -22.91 -60.57 22.01
N LYS E 25 -22.32 -59.90 21.03
CA LYS E 25 -20.93 -60.12 20.64
C LYS E 25 -19.97 -59.87 21.81
N ASN E 26 -20.11 -58.71 22.44
CA ASN E 26 -19.26 -58.31 23.58
C ASN E 26 -19.59 -59.06 24.88
N ALA E 27 -20.64 -59.88 24.85
CA ALA E 27 -21.00 -60.71 26.00
C ALA E 27 -20.39 -62.09 25.77
N ALA E 28 -20.38 -62.52 24.51
CA ALA E 28 -19.83 -63.82 24.16
C ALA E 28 -18.31 -63.90 24.33
N LEU E 29 -17.60 -62.90 23.79
CA LEU E 29 -16.12 -62.88 23.86
C LEU E 29 -15.57 -63.09 25.28
N PRO E 30 -16.08 -62.34 26.29
CA PRO E 30 -15.59 -62.58 27.66
C PRO E 30 -16.09 -63.90 28.27
N ILE E 31 -17.33 -64.30 27.94
CA ILE E 31 -17.89 -65.57 28.41
C ILE E 31 -17.06 -66.73 27.87
N LEU E 32 -16.66 -66.62 26.60
CA LEU E 32 -15.81 -67.64 25.98
C LEU E 32 -14.44 -67.66 26.68
N ALA E 33 -13.94 -66.48 27.03
CA ALA E 33 -12.65 -66.37 27.73
C ALA E 33 -12.76 -66.93 29.15
N ALA E 34 -13.93 -66.81 29.74
CA ALA E 34 -14.19 -67.32 31.10
C ALA E 34 -14.25 -68.85 31.19
N THR E 35 -14.38 -69.53 30.04
CA THR E 35 -14.41 -71.00 30.04
C THR E 35 -13.04 -71.57 30.43
N LEU E 36 -11.99 -70.76 30.29
CA LEU E 36 -10.64 -71.17 30.67
C LEU E 36 -10.57 -71.40 32.19
N LEU E 37 -11.39 -70.67 32.95
CA LEU E 37 -11.49 -70.81 34.41
C LEU E 37 -12.10 -72.16 34.76
N ALA E 38 -12.95 -72.67 33.86
CA ALA E 38 -13.65 -73.95 34.06
C ALA E 38 -12.74 -75.13 34.31
N ASP E 39 -13.28 -76.10 35.04
CA ASP E 39 -12.59 -77.30 35.41
C ASP E 39 -13.35 -78.50 34.79
N GLY E 40 -14.15 -78.20 33.76
CA GLY E 40 -14.95 -79.22 33.06
C GLY E 40 -15.61 -78.66 31.81
N PRO E 41 -16.18 -79.55 30.95
CA PRO E 41 -16.82 -79.12 29.69
C PRO E 41 -18.00 -78.15 29.86
N VAL E 42 -17.83 -76.93 29.35
CA VAL E 42 -18.86 -75.88 29.44
C VAL E 42 -19.58 -75.77 28.09
N THR E 43 -20.81 -75.25 28.10
CA THR E 43 -21.59 -75.10 26.86
C THR E 43 -22.23 -73.71 26.77
N VAL E 44 -21.69 -72.87 25.89
CA VAL E 44 -22.21 -71.53 25.69
C VAL E 44 -23.22 -71.57 24.54
N GLY E 45 -24.37 -70.94 24.75
CA GLY E 45 -25.44 -70.91 23.74
C GLY E 45 -25.74 -69.53 23.20
N ASN E 46 -26.57 -69.50 22.15
CA ASN E 46 -27.01 -68.28 21.47
C ASN E 46 -25.86 -67.41 20.96
N LEU E 47 -24.73 -68.02 20.61
CA LEU E 47 -23.60 -67.26 20.07
C LEU E 47 -23.93 -66.74 18.68
N PRO E 48 -23.59 -65.48 18.40
CA PRO E 48 -23.85 -64.94 17.06
C PRO E 48 -22.82 -65.47 16.06
N HIS E 49 -23.23 -65.63 14.81
CA HIS E 49 -22.33 -66.10 13.75
C HIS E 49 -21.64 -64.91 13.09
N LEU E 50 -20.57 -64.45 13.74
CA LEU E 50 -19.76 -63.35 13.25
C LEU E 50 -18.28 -63.70 13.44
N HIS E 51 -17.41 -63.06 12.66
CA HIS E 51 -15.98 -63.39 12.65
C HIS E 51 -15.23 -63.29 13.99
N ASP E 52 -15.64 -62.39 14.89
CA ASP E 52 -14.95 -62.30 16.20
C ASP E 52 -15.09 -63.55 17.06
N ILE E 53 -16.22 -64.25 16.94
CA ILE E 53 -16.41 -65.51 17.67
C ILE E 53 -15.48 -66.54 17.05
N THR E 54 -15.36 -66.52 15.72
CA THR E 54 -14.48 -67.43 15.00
C THR E 54 -13.01 -67.19 15.39
N THR E 55 -12.65 -65.92 15.57
CA THR E 55 -11.27 -65.53 15.94
C THR E 55 -10.92 -65.99 17.36
N MET E 56 -11.90 -65.99 18.27
CA MET E 56 -11.67 -66.43 19.65
C MET E 56 -11.52 -67.96 19.68
N ILE E 57 -12.33 -68.67 18.90
CA ILE E 57 -12.27 -70.13 18.83
C ILE E 57 -10.93 -70.57 18.24
N GLU E 58 -10.42 -69.79 17.29
CA GLU E 58 -9.11 -70.07 16.69
C GLU E 58 -8.00 -69.78 17.69
N LEU E 59 -8.21 -68.81 18.59
CA LEU E 59 -7.23 -68.51 19.64
C LEU E 59 -7.14 -69.69 20.59
N PHE E 60 -8.28 -70.31 20.88
CA PHE E 60 -8.33 -71.50 21.72
C PHE E 60 -7.60 -72.65 21.04
N GLY E 61 -7.69 -72.71 19.72
CA GLY E 61 -7.00 -73.74 18.94
C GLY E 61 -5.49 -73.68 19.07
N ARG E 62 -4.94 -72.47 19.15
CA ARG E 62 -3.47 -72.27 19.28
C ARG E 62 -2.98 -72.68 20.68
N MET E 63 -3.90 -72.75 21.64
CA MET E 63 -3.59 -73.14 23.02
C MET E 63 -3.84 -74.62 23.30
N GLY E 64 -4.41 -75.34 22.31
CA GLY E 64 -4.68 -76.78 22.45
C GLY E 64 -6.11 -77.12 22.85
N ILE E 65 -7.04 -76.21 22.57
CA ILE E 65 -8.45 -76.41 22.89
C ILE E 65 -9.24 -76.29 21.58
N GLU E 66 -9.98 -77.33 21.22
CA GLU E 66 -10.78 -77.32 19.98
C GLU E 66 -12.27 -77.42 20.28
N PRO E 67 -12.97 -76.25 20.33
CA PRO E 67 -14.41 -76.25 20.58
C PRO E 67 -15.20 -76.95 19.49
N VAL E 68 -15.98 -77.96 19.89
CA VAL E 68 -16.79 -78.71 18.94
C VAL E 68 -18.19 -78.10 18.93
N ILE E 69 -18.77 -77.95 17.74
CA ILE E 69 -20.10 -77.35 17.61
C ILE E 69 -21.16 -78.36 18.07
N ASP E 70 -21.94 -77.96 19.08
CA ASP E 70 -23.00 -78.79 19.67
C ASP E 70 -24.33 -78.55 18.91
N GLU E 71 -25.40 -79.22 19.35
CA GLU E 71 -26.74 -79.10 18.76
C GLU E 71 -27.20 -77.63 18.69
N LYS E 72 -28.14 -77.36 17.77
CA LYS E 72 -28.68 -76.00 17.53
C LYS E 72 -27.60 -74.88 17.51
N LEU E 73 -26.47 -75.17 16.88
CA LEU E 73 -25.35 -74.25 16.74
C LEU E 73 -24.69 -73.71 18.04
N SER E 74 -24.95 -74.37 19.18
CA SER E 74 -24.33 -73.97 20.46
C SER E 74 -22.93 -74.57 20.50
N VAL E 75 -22.03 -73.99 21.31
CA VAL E 75 -20.64 -74.44 21.38
C VAL E 75 -20.24 -75.03 22.75
N GLU E 76 -19.69 -76.25 22.71
CA GLU E 76 -19.21 -76.95 23.91
C GLU E 76 -17.69 -76.79 23.96
N ILE E 77 -17.18 -76.36 25.12
CA ILE E 77 -15.75 -76.09 25.28
C ILE E 77 -15.15 -76.81 26.49
N ASP E 78 -14.10 -77.59 26.25
CA ASP E 78 -13.40 -78.32 27.30
C ASP E 78 -11.99 -77.72 27.45
N PRO E 79 -11.73 -77.02 28.58
CA PRO E 79 -10.41 -76.41 28.83
C PRO E 79 -9.35 -77.32 29.47
N ARG E 80 -9.75 -78.53 29.88
CA ARG E 80 -8.80 -79.47 30.51
C ARG E 80 -7.74 -79.97 29.51
N THR E 81 -8.01 -79.82 28.22
CA THR E 81 -7.09 -80.23 27.15
C THR E 81 -6.06 -79.16 26.76
N ILE E 82 -6.06 -78.03 27.47
CA ILE E 82 -5.14 -76.93 27.17
C ILE E 82 -3.68 -77.37 27.34
N LYS E 83 -2.82 -77.03 26.36
CA LYS E 83 -1.40 -77.40 26.39
C LYS E 83 -0.41 -76.22 26.38
N THR E 84 -0.78 -75.12 25.74
CA THR E 84 0.10 -73.95 25.64
C THR E 84 -0.58 -72.71 26.25
N LEU E 85 0.04 -72.12 27.26
CA LEU E 85 -0.48 -70.93 27.93
C LEU E 85 0.04 -69.66 27.25
N VAL E 86 -0.25 -69.53 25.95
CA VAL E 86 0.20 -68.38 25.17
C VAL E 86 -0.87 -67.92 24.18
N ALA E 87 -1.06 -66.60 24.09
CA ALA E 87 -1.98 -65.98 23.14
C ALA E 87 -1.05 -65.24 22.19
N PRO E 88 -0.72 -65.85 21.04
CA PRO E 88 0.26 -65.26 20.11
C PRO E 88 -0.15 -63.95 19.44
N TYR E 89 0.85 -63.11 19.18
CA TYR E 89 0.68 -61.80 18.51
C TYR E 89 0.01 -61.93 17.14
N GLU E 90 0.19 -63.08 16.50
CA GLU E 90 -0.40 -63.34 15.17
C GLU E 90 -1.93 -63.22 15.19
N LEU E 91 -2.55 -63.62 16.31
CA LEU E 91 -4.02 -63.52 16.46
C LEU E 91 -4.46 -62.26 17.23
N VAL E 92 -3.71 -61.89 18.27
CA VAL E 92 -4.08 -60.71 19.08
C VAL E 92 -4.05 -59.41 18.26
N LYS E 93 -3.19 -59.33 17.25
CA LYS E 93 -3.11 -58.14 16.41
C LYS E 93 -4.39 -57.94 15.57
N THR E 94 -5.09 -59.04 15.27
CA THR E 94 -6.33 -58.99 14.47
C THR E 94 -7.55 -58.65 15.31
N MET E 95 -7.49 -58.97 16.61
CA MET E 95 -8.61 -58.72 17.52
C MET E 95 -8.04 -58.46 18.91
N ARG E 96 -8.04 -57.19 19.33
CA ARG E 96 -7.50 -56.81 20.65
C ARG E 96 -8.32 -57.34 21.82
N ALA E 97 -9.55 -57.78 21.55
CA ALA E 97 -10.41 -58.36 22.58
C ALA E 97 -9.81 -59.68 23.12
N SER E 98 -8.83 -60.21 22.40
CA SER E 98 -8.14 -61.44 22.81
C SER E 98 -7.47 -61.29 24.17
N ILE E 99 -7.20 -60.07 24.60
CA ILE E 99 -6.58 -59.81 25.91
C ILE E 99 -7.45 -60.33 27.07
N LEU E 100 -8.73 -60.58 26.78
CA LEU E 100 -9.66 -61.13 27.78
C LEU E 100 -9.23 -62.51 28.31
N VAL E 101 -8.28 -63.16 27.64
CA VAL E 101 -7.79 -64.47 28.10
C VAL E 101 -6.73 -64.33 29.22
N LEU E 102 -6.07 -63.17 29.32
CA LEU E 102 -5.03 -62.94 30.33
C LEU E 102 -5.51 -63.21 31.76
N GLY E 103 -6.56 -62.50 32.17
CA GLY E 103 -7.14 -62.63 33.51
C GLY E 103 -7.40 -64.07 33.93
N PRO E 104 -8.24 -64.80 33.17
CA PRO E 104 -8.54 -66.20 33.51
C PRO E 104 -7.33 -67.12 33.53
N MET E 105 -6.38 -66.94 32.60
CA MET E 105 -5.20 -67.79 32.59
C MET E 105 -4.37 -67.67 33.85
N VAL E 106 -4.02 -66.43 34.19
CA VAL E 106 -3.22 -66.16 35.39
C VAL E 106 -3.90 -66.70 36.66
N ALA E 107 -5.20 -66.44 36.77
CA ALA E 107 -5.97 -66.89 37.94
C ALA E 107 -6.16 -68.41 38.00
N ARG E 108 -6.21 -69.06 36.85
CA ARG E 108 -6.42 -70.52 36.77
C ARG E 108 -5.15 -71.35 36.67
N PHE E 109 -4.25 -70.97 35.77
CA PHE E 109 -3.01 -71.73 35.53
C PHE E 109 -1.74 -71.12 36.15
N GLY E 110 -1.86 -69.98 36.82
CA GLY E 110 -0.72 -69.34 37.48
C GLY E 110 0.24 -68.53 36.63
N GLU E 111 0.02 -68.51 35.31
CA GLU E 111 0.89 -67.78 34.39
C GLU E 111 0.22 -67.60 33.03
N ALA E 112 0.75 -66.66 32.24
CA ALA E 112 0.23 -66.38 30.91
C ALA E 112 1.17 -65.48 30.12
N GLU E 113 1.14 -65.65 28.80
CA GLU E 113 1.92 -64.83 27.89
C GLU E 113 0.96 -64.38 26.81
N VAL E 114 0.37 -63.20 27.01
CA VAL E 114 -0.61 -62.62 26.12
C VAL E 114 -0.02 -61.41 25.39
N ALA E 115 0.00 -61.45 24.06
CA ALA E 115 0.55 -60.35 23.25
C ALA E 115 -0.14 -59.03 23.57
N LEU E 116 0.65 -58.00 23.82
CA LEU E 116 0.12 -56.67 24.15
C LEU E 116 -0.51 -56.04 22.91
N PRO E 117 -1.83 -55.72 22.94
CA PRO E 117 -2.47 -55.11 21.77
C PRO E 117 -1.79 -53.84 21.26
N GLY E 118 -1.75 -53.70 19.94
CA GLY E 118 -1.15 -52.55 19.29
C GLY E 118 -2.18 -51.46 19.07
N GLY E 119 -1.98 -50.66 18.04
CA GLY E 119 -2.88 -49.57 17.71
C GLY E 119 -4.17 -50.05 17.06
N CYS E 120 -5.19 -49.20 17.12
CA CYS E 120 -6.50 -49.48 16.55
C CYS E 120 -7.00 -48.17 15.94
N ALA E 121 -7.54 -48.23 14.72
CA ALA E 121 -8.01 -47.03 14.02
C ALA E 121 -9.06 -46.20 14.77
N ILE E 122 -9.76 -46.82 15.74
CA ILE E 122 -10.78 -46.14 16.53
C ILE E 122 -10.20 -45.02 17.41
N GLY E 123 -9.15 -45.33 18.17
CA GLY E 123 -8.50 -44.33 19.03
C GLY E 123 -7.60 -44.91 20.11
N SER E 124 -7.48 -44.18 21.22
CA SER E 124 -6.66 -44.61 22.36
C SER E 124 -7.34 -45.75 23.08
N ARG E 125 -6.72 -46.93 23.06
CA ARG E 125 -7.26 -48.10 23.74
C ARG E 125 -6.15 -48.88 24.44
N PRO E 126 -5.47 -48.23 25.41
CA PRO E 126 -4.40 -48.92 26.15
C PRO E 126 -4.96 -49.96 27.11
N VAL E 127 -4.08 -50.81 27.64
CA VAL E 127 -4.49 -51.87 28.57
C VAL E 127 -3.67 -51.82 29.86
N ASP E 128 -3.42 -50.59 30.34
CA ASP E 128 -2.68 -50.37 31.58
C ASP E 128 -3.47 -50.79 32.85
N LEU E 129 -4.78 -50.59 32.83
CA LEU E 129 -5.65 -50.96 33.96
C LEU E 129 -5.71 -52.48 34.17
N HIS E 130 -5.67 -53.22 33.06
CA HIS E 130 -5.67 -54.69 33.09
C HIS E 130 -4.41 -55.18 33.83
N ILE E 131 -3.28 -54.58 33.50
CA ILE E 131 -2.00 -54.92 34.11
C ILE E 131 -2.00 -54.51 35.59
N ARG E 132 -2.33 -53.25 35.87
CA ARG E 132 -2.35 -52.78 37.27
C ARG E 132 -3.34 -53.56 38.14
N GLY E 133 -4.47 -53.97 37.55
CA GLY E 133 -5.46 -54.76 38.27
C GLY E 133 -4.89 -56.10 38.68
N LEU E 134 -4.21 -56.76 37.75
CA LEU E 134 -3.58 -58.06 38.02
C LEU E 134 -2.40 -57.92 38.97
N GLU E 135 -1.67 -56.81 38.89
CA GLU E 135 -0.53 -56.58 39.79
C GLU E 135 -0.98 -56.36 41.23
N ALA E 136 -2.16 -55.78 41.39
CA ALA E 136 -2.72 -55.53 42.72
C ALA E 136 -3.03 -56.86 43.43
N MET E 137 -3.15 -57.93 42.64
CA MET E 137 -3.42 -59.27 43.17
C MET E 137 -2.14 -60.10 43.39
N GLY E 138 -0.96 -59.47 43.27
CA GLY E 138 0.32 -60.13 43.50
C GLY E 138 1.06 -60.68 42.29
N ALA E 139 0.46 -60.57 41.11
CA ALA E 139 1.09 -61.09 39.90
C ALA E 139 2.20 -60.17 39.40
N LYS E 140 3.32 -60.77 39.00
CA LYS E 140 4.45 -60.03 38.43
C LYS E 140 4.34 -59.98 36.91
N ILE E 141 4.03 -58.79 36.39
CA ILE E 141 3.86 -58.58 34.97
C ILE E 141 5.00 -57.76 34.39
N GLU E 142 5.41 -58.13 33.18
CA GLU E 142 6.47 -57.44 32.45
C GLU E 142 6.21 -57.59 30.95
N VAL E 143 6.61 -56.59 30.18
CA VAL E 143 6.45 -56.61 28.74
C VAL E 143 7.80 -56.99 28.13
N GLU E 144 7.81 -58.05 27.33
CA GLU E 144 9.04 -58.52 26.70
C GLU E 144 8.71 -59.18 25.35
N GLY E 145 9.32 -58.70 24.28
CA GLY E 145 9.08 -59.22 22.93
C GLY E 145 7.66 -58.97 22.46
N GLY E 146 7.02 -57.91 22.99
CA GLY E 146 5.65 -57.57 22.65
C GLY E 146 4.60 -58.38 23.39
N TYR E 147 5.03 -59.24 24.33
CA TYR E 147 4.13 -60.08 25.11
C TYR E 147 4.03 -59.64 26.55
N ILE E 148 2.83 -59.79 27.13
CA ILE E 148 2.59 -59.46 28.54
C ILE E 148 2.90 -60.74 29.28
N LYS E 149 4.09 -60.81 29.90
CA LYS E 149 4.50 -61.99 30.65
C LYS E 149 4.12 -61.87 32.12
N ALA E 150 2.94 -62.41 32.44
CA ALA E 150 2.38 -62.40 33.78
C ALA E 150 2.55 -63.74 34.46
N LYS E 151 2.88 -63.71 35.75
CA LYS E 151 3.05 -64.92 36.54
C LYS E 151 2.54 -64.63 37.96
N ALA E 152 1.47 -65.32 38.34
CA ALA E 152 0.88 -65.16 39.67
C ALA E 152 1.80 -65.77 40.73
N PRO E 153 1.67 -65.33 42.00
CA PRO E 153 2.51 -65.91 43.04
C PRO E 153 2.08 -67.33 43.37
N GLU E 154 3.01 -68.14 43.89
CA GLU E 154 2.67 -69.52 44.26
C GLU E 154 1.49 -69.46 45.24
N GLY E 155 0.46 -70.26 44.95
CA GLY E 155 -0.76 -70.28 45.76
C GLY E 155 -1.87 -69.46 45.10
N GLY E 156 -1.62 -68.97 43.89
CA GLY E 156 -2.60 -68.19 43.16
C GLY E 156 -2.68 -66.73 43.54
N LEU E 157 -3.60 -66.03 42.90
CA LEU E 157 -3.83 -64.61 43.13
C LEU E 157 -4.53 -64.37 44.46
N ARG E 158 -4.34 -63.18 45.02
CA ARG E 158 -4.97 -62.81 46.28
C ARG E 158 -6.03 -61.76 45.98
N GLY E 159 -7.05 -61.69 46.82
CA GLY E 159 -8.13 -60.70 46.64
C GLY E 159 -7.60 -59.31 46.96
N ALA E 160 -8.18 -58.29 46.32
CA ALA E 160 -7.74 -56.90 46.55
C ALA E 160 -8.79 -55.89 46.14
N HIS E 161 -8.72 -54.72 46.79
CA HIS E 161 -9.60 -53.60 46.47
C HIS E 161 -8.91 -52.82 45.35
N PHE E 162 -9.41 -52.96 44.12
CA PHE E 162 -8.82 -52.25 42.98
C PHE E 162 -9.76 -51.18 42.45
N PHE E 163 -9.20 -50.00 42.19
CA PHE E 163 -9.95 -48.87 41.68
C PHE E 163 -9.61 -48.56 40.22
N PHE E 164 -10.64 -48.48 39.38
CA PHE E 164 -10.47 -48.15 37.97
C PHE E 164 -10.48 -46.64 37.78
N ASP E 165 -9.33 -46.07 37.41
CA ASP E 165 -9.20 -44.63 37.18
C ASP E 165 -10.11 -44.16 36.06
N THR E 166 -10.44 -45.07 35.16
CA THR E 166 -11.34 -44.77 34.06
C THR E 166 -12.22 -46.00 33.88
N VAL E 167 -13.50 -45.78 33.59
CA VAL E 167 -14.44 -46.89 33.40
C VAL E 167 -14.02 -47.71 32.17
N SER E 168 -13.65 -48.97 32.41
CA SER E 168 -13.20 -49.89 31.36
C SER E 168 -14.04 -51.15 31.36
N VAL E 169 -14.64 -51.46 30.21
CA VAL E 169 -15.48 -52.65 30.05
C VAL E 169 -14.66 -53.94 30.14
N THR E 170 -13.69 -54.12 29.23
CA THR E 170 -12.83 -55.31 29.24
C THR E 170 -11.86 -55.31 30.43
N GLY E 171 -11.62 -54.13 31.00
CA GLY E 171 -10.78 -54.00 32.18
C GLY E 171 -11.53 -54.54 33.38
N THR E 172 -12.83 -54.26 33.45
CA THR E 172 -13.69 -54.76 34.52
C THR E 172 -13.82 -56.28 34.41
N GLU E 173 -13.95 -56.76 33.18
CA GLU E 173 -14.10 -58.19 32.88
C GLU E 173 -12.88 -59.04 33.27
N ASN E 174 -11.68 -58.63 32.83
CA ASN E 174 -10.44 -59.37 33.17
C ASN E 174 -10.18 -59.50 34.66
N ILE E 175 -10.35 -58.39 35.38
CA ILE E 175 -10.11 -58.38 36.80
C ILE E 175 -11.20 -59.17 37.54
N MET E 176 -12.41 -59.17 36.97
CA MET E 176 -13.53 -59.92 37.54
C MET E 176 -13.28 -61.42 37.42
N MET E 177 -12.86 -61.86 36.24
CA MET E 177 -12.56 -63.27 35.99
C MET E 177 -11.37 -63.73 36.83
N ALA E 178 -10.40 -62.83 37.01
CA ALA E 178 -9.21 -63.14 37.80
C ALA E 178 -9.57 -63.25 39.28
N ALA E 179 -10.46 -62.37 39.74
CA ALA E 179 -10.91 -62.35 41.13
C ALA E 179 -11.77 -63.56 41.49
N ALA E 180 -12.36 -64.19 40.48
CA ALA E 180 -13.23 -65.36 40.69
C ALA E 180 -12.50 -66.56 41.32
N LEU E 181 -11.20 -66.72 41.03
CA LEU E 181 -10.40 -67.83 41.58
C LEU E 181 -9.34 -67.40 42.60
N ALA E 182 -9.24 -66.10 42.88
CA ALA E 182 -8.26 -65.59 43.83
C ALA E 182 -8.64 -65.92 45.27
N LYS E 183 -7.65 -65.91 46.17
CA LYS E 183 -7.92 -66.15 47.60
C LYS E 183 -8.36 -64.86 48.28
N GLY E 184 -9.50 -64.91 48.96
CA GLY E 184 -10.04 -63.76 49.69
C GLY E 184 -11.06 -62.98 48.87
N ARG E 185 -11.42 -61.81 49.38
CA ARG E 185 -12.37 -60.93 48.72
C ARG E 185 -11.72 -59.83 47.90
N SER E 186 -12.32 -59.54 46.76
CA SER E 186 -11.88 -58.46 45.88
C SER E 186 -13.04 -57.50 45.77
N VAL E 187 -12.74 -56.22 45.66
CA VAL E 187 -13.78 -55.19 45.52
C VAL E 187 -13.33 -54.27 44.40
N LEU E 188 -14.02 -54.36 43.26
CA LEU E 188 -13.72 -53.56 42.09
C LEU E 188 -14.55 -52.29 42.13
N GLN E 189 -13.87 -51.16 42.30
CA GLN E 189 -14.52 -49.85 42.41
C GLN E 189 -14.49 -49.09 41.09
N ASN E 190 -15.56 -48.33 40.83
CA ASN E 190 -15.74 -47.56 39.58
C ASN E 190 -15.71 -48.54 38.39
N ALA E 191 -16.38 -49.67 38.59
CA ALA E 191 -16.45 -50.71 37.59
C ALA E 191 -17.42 -50.36 36.47
N ALA E 192 -17.25 -51.04 35.34
CA ALA E 192 -18.12 -50.84 34.18
C ALA E 192 -19.48 -51.46 34.48
N ARG E 193 -20.55 -50.73 34.15
CA ARG E 193 -21.92 -51.19 34.40
C ARG E 193 -22.62 -51.75 33.15
N GLU E 194 -21.88 -51.85 32.03
CA GLU E 194 -22.43 -52.40 30.79
C GLU E 194 -23.13 -53.75 31.02
N PRO E 195 -24.26 -54.01 30.31
CA PRO E 195 -24.98 -55.28 30.43
C PRO E 195 -24.12 -56.54 30.20
N GLU E 196 -23.10 -56.44 29.36
CA GLU E 196 -22.22 -57.58 29.10
C GLU E 196 -21.39 -57.97 30.34
N VAL E 197 -21.13 -57.00 31.23
CA VAL E 197 -20.40 -57.25 32.48
C VAL E 197 -21.28 -58.09 33.42
N VAL E 198 -22.59 -57.78 33.41
CA VAL E 198 -23.57 -58.50 34.22
C VAL E 198 -23.72 -59.93 33.69
N ASP E 199 -23.74 -60.07 32.37
CA ASP E 199 -23.92 -61.38 31.73
C ASP E 199 -22.72 -62.28 32.04
N LEU E 200 -21.52 -61.69 32.09
CA LEU E 200 -20.30 -62.43 32.43
C LEU E 200 -20.36 -62.88 33.88
N ALA E 201 -20.85 -61.99 34.75
CA ALA E 201 -20.98 -62.28 36.17
C ALA E 201 -21.95 -63.43 36.42
N ASN E 202 -23.07 -63.41 35.69
CA ASN E 202 -24.09 -64.46 35.79
C ASN E 202 -23.49 -65.81 35.38
N PHE E 203 -22.68 -65.78 34.32
CA PHE E 203 -22.02 -66.99 33.79
C PHE E 203 -21.05 -67.59 34.80
N ILE E 204 -20.24 -66.73 35.43
CA ILE E 204 -19.27 -67.19 36.42
C ILE E 204 -20.00 -67.73 37.65
N ASN E 205 -21.16 -67.15 37.96
CA ASN E 205 -21.99 -67.62 39.09
C ASN E 205 -22.64 -68.95 38.74
N ALA E 206 -22.97 -69.13 37.45
CA ALA E 206 -23.56 -70.37 36.96
C ALA E 206 -22.56 -71.52 37.10
N MET E 207 -21.28 -71.20 36.94
CA MET E 207 -20.20 -72.18 37.08
C MET E 207 -19.83 -72.44 38.55
N GLY E 208 -20.48 -71.74 39.49
CA GLY E 208 -20.22 -71.91 40.93
C GLY E 208 -19.50 -70.74 41.58
N GLY E 209 -19.37 -69.62 40.86
CA GLY E 209 -18.69 -68.43 41.38
C GLY E 209 -19.50 -67.67 42.41
N ASN E 210 -18.95 -66.53 42.83
CA ASN E 210 -19.59 -65.67 43.83
C ASN E 210 -19.27 -64.19 43.53
N ILE E 211 -19.93 -63.67 42.50
CA ILE E 211 -19.78 -62.28 42.04
C ILE E 211 -21.04 -61.50 42.36
N GLN E 212 -20.90 -60.46 43.17
CA GLN E 212 -22.01 -59.64 43.60
C GLN E 212 -21.90 -58.22 43.04
N GLY E 213 -23.03 -57.53 42.98
CA GLY E 213 -23.07 -56.14 42.52
C GLY E 213 -22.76 -55.87 41.05
N ALA E 214 -22.81 -56.89 40.21
CA ALA E 214 -22.55 -56.69 38.78
C ALA E 214 -23.71 -55.85 38.23
N GLY E 215 -23.36 -54.79 37.49
CA GLY E 215 -24.35 -53.86 36.95
C GLY E 215 -24.30 -52.52 37.67
N THR E 216 -23.54 -52.49 38.78
CA THR E 216 -23.35 -51.27 39.58
C THR E 216 -21.87 -50.89 39.52
N ASP E 217 -21.53 -49.76 40.15
CA ASP E 217 -20.14 -49.26 40.15
C ASP E 217 -19.22 -49.96 41.17
N THR E 218 -19.77 -50.88 41.96
CA THR E 218 -19.00 -51.60 42.96
C THR E 218 -19.30 -53.10 42.88
N ILE E 219 -18.32 -53.86 42.38
CA ILE E 219 -18.45 -55.30 42.24
C ILE E 219 -17.56 -55.95 43.30
N THR E 220 -18.17 -56.79 44.15
CA THR E 220 -17.45 -57.50 45.19
C THR E 220 -17.39 -58.98 44.79
N ILE E 221 -16.18 -59.54 44.75
CA ILE E 221 -15.99 -60.93 44.37
C ILE E 221 -15.27 -61.73 45.47
N ASP E 222 -15.92 -62.79 45.93
CA ASP E 222 -15.35 -63.68 46.92
C ASP E 222 -14.87 -64.86 46.09
N GLY E 223 -13.57 -65.12 46.07
CA GLY E 223 -13.01 -66.20 45.28
C GLY E 223 -13.39 -67.58 45.73
N VAL E 224 -13.28 -68.54 44.82
CA VAL E 224 -13.57 -69.96 45.09
C VAL E 224 -12.43 -70.83 44.57
N GLU E 225 -12.31 -72.03 45.14
CA GLU E 225 -11.22 -72.96 44.77
C GLU E 225 -11.25 -73.40 43.30
N ARG E 226 -12.45 -73.70 42.78
CA ARG E 226 -12.61 -74.08 41.37
C ARG E 226 -14.02 -73.85 40.88
N LEU E 227 -14.14 -73.52 39.59
CA LEU E 227 -15.41 -73.27 38.95
C LEU E 227 -15.73 -74.40 37.99
N ASP E 228 -16.58 -75.32 38.44
CA ASP E 228 -16.96 -76.49 37.62
C ASP E 228 -17.94 -76.11 36.49
N SER E 229 -18.10 -77.03 35.54
CA SER E 229 -18.94 -76.86 34.33
C SER E 229 -20.36 -76.26 34.47
N ALA E 230 -20.85 -75.73 33.36
CA ALA E 230 -22.17 -75.12 33.29
C ALA E 230 -22.68 -75.12 31.84
N ASN E 231 -23.90 -74.64 31.66
CA ASN E 231 -24.54 -74.54 30.34
C ASN E 231 -25.25 -73.20 30.37
N TYR E 232 -24.70 -72.20 29.68
CA TYR E 232 -25.24 -70.84 29.71
C TYR E 232 -25.64 -70.24 28.37
N ARG E 233 -26.72 -69.45 28.40
CA ARG E 233 -27.27 -68.79 27.23
C ARG E 233 -26.84 -67.31 27.28
N VAL E 234 -26.11 -66.82 26.26
CA VAL E 234 -25.66 -65.41 26.27
C VAL E 234 -26.84 -64.45 26.09
N MET E 235 -26.64 -63.21 26.51
CA MET E 235 -27.68 -62.18 26.43
C MET E 235 -27.89 -61.70 24.99
N PRO E 236 -28.98 -60.94 24.75
CA PRO E 236 -29.21 -60.39 23.42
C PRO E 236 -28.28 -59.21 23.14
N ASP E 237 -28.00 -58.98 21.85
CA ASP E 237 -27.09 -57.91 21.42
C ASP E 237 -27.84 -56.58 21.31
N ARG E 238 -27.58 -55.69 22.26
CA ARG E 238 -28.20 -54.37 22.29
C ARG E 238 -27.76 -53.45 21.13
N ILE E 239 -26.54 -53.64 20.63
CA ILE E 239 -26.03 -52.83 19.53
C ILE E 239 -26.67 -53.26 18.23
N GLU E 240 -26.77 -54.58 18.04
CA GLU E 240 -27.40 -55.13 16.85
C GLU E 240 -28.85 -54.65 16.84
N THR E 241 -29.48 -54.69 18.02
CA THR E 241 -30.87 -54.24 18.17
C THR E 241 -31.04 -52.79 17.69
N GLY E 242 -30.24 -51.89 18.24
CA GLY E 242 -30.30 -50.47 17.87
C GLY E 242 -30.04 -50.23 16.39
N THR E 243 -29.10 -50.99 15.83
CA THR E 243 -28.75 -50.85 14.41
C THR E 243 -29.95 -51.13 13.49
N TYR E 244 -30.70 -52.18 13.79
CA TYR E 244 -31.88 -52.52 12.97
C TYR E 244 -33.07 -51.60 13.23
N LEU E 245 -33.07 -50.92 14.39
CA LEU E 245 -34.12 -49.95 14.70
C LEU E 245 -33.86 -48.66 13.90
N VAL E 246 -32.59 -48.32 13.72
CA VAL E 246 -32.19 -47.13 12.97
C VAL E 246 -32.44 -47.35 11.47
N ALA E 247 -32.27 -48.58 11.01
CA ALA E 247 -32.50 -48.92 9.60
C ALA E 247 -33.95 -48.65 9.22
N ALA E 248 -34.87 -48.96 10.13
CA ALA E 248 -36.30 -48.72 9.92
C ALA E 248 -36.64 -47.24 10.11
N ALA E 249 -35.91 -46.59 11.01
CA ALA E 249 -36.13 -45.17 11.29
C ALA E 249 -35.66 -44.28 10.13
N VAL E 250 -34.43 -44.51 9.68
CA VAL E 250 -33.83 -43.73 8.60
C VAL E 250 -34.62 -43.84 7.29
N THR E 251 -35.28 -44.98 7.07
CA THR E 251 -36.07 -45.22 5.84
C THR E 251 -37.56 -44.85 5.95
N GLY E 252 -37.99 -44.38 7.12
CA GLY E 252 -39.39 -44.01 7.33
C GLY E 252 -40.34 -45.18 7.43
N GLY E 253 -39.80 -46.37 7.71
CA GLY E 253 -40.58 -47.59 7.81
C GLY E 253 -40.65 -48.11 9.22
N ARG E 254 -41.05 -49.38 9.36
CA ARG E 254 -41.17 -50.02 10.67
C ARG E 254 -40.34 -51.29 10.80
N VAL E 255 -40.21 -51.76 12.04
CA VAL E 255 -39.46 -52.98 12.34
C VAL E 255 -39.80 -53.44 13.75
N LYS E 256 -39.81 -54.76 13.94
CA LYS E 256 -40.03 -55.36 15.25
C LYS E 256 -38.86 -56.29 15.51
N VAL E 257 -38.04 -55.94 16.49
CA VAL E 257 -36.89 -56.76 16.85
C VAL E 257 -37.27 -57.73 17.96
N LYS E 258 -37.28 -59.02 17.62
CA LYS E 258 -37.64 -60.09 18.55
C LYS E 258 -36.40 -60.63 19.24
N ASP E 259 -36.61 -61.36 20.33
CA ASP E 259 -35.53 -61.97 21.13
C ASP E 259 -34.46 -60.96 21.57
N THR E 260 -34.92 -59.80 22.02
CA THR E 260 -34.04 -58.74 22.51
C THR E 260 -34.49 -58.32 23.90
N ASP E 261 -34.17 -57.10 24.30
CA ASP E 261 -34.52 -56.63 25.63
C ASP E 261 -34.50 -55.10 25.63
N PRO E 262 -35.67 -54.45 25.84
CA PRO E 262 -35.69 -52.98 25.82
C PRO E 262 -34.95 -52.29 26.97
N THR E 263 -34.78 -52.97 28.11
CA THR E 263 -34.11 -52.39 29.27
C THR E 263 -32.59 -52.21 29.13
N ILE E 264 -31.97 -52.75 28.07
CA ILE E 264 -30.51 -52.61 27.85
C ILE E 264 -30.16 -51.55 26.80
N LEU E 265 -31.12 -50.68 26.45
CA LEU E 265 -30.85 -49.60 25.50
C LEU E 265 -31.85 -48.45 25.65
N GLU E 266 -32.14 -48.07 26.89
CA GLU E 266 -33.08 -46.97 27.16
C GLU E 266 -32.59 -45.64 26.60
N ALA E 267 -31.27 -45.47 26.58
CA ALA E 267 -30.66 -44.26 26.03
C ALA E 267 -30.91 -44.21 24.53
N VAL E 268 -30.71 -45.35 23.86
CA VAL E 268 -30.90 -45.44 22.42
C VAL E 268 -32.37 -45.23 22.07
N LEU E 269 -33.27 -45.93 22.79
CA LEU E 269 -34.73 -45.82 22.57
C LEU E 269 -35.26 -44.41 22.76
N GLU E 270 -34.71 -43.69 23.73
CA GLU E 270 -35.13 -42.31 24.00
C GLU E 270 -34.81 -41.37 22.84
N LYS E 271 -33.61 -41.52 22.26
CA LYS E 271 -33.18 -40.69 21.12
C LYS E 271 -34.01 -40.96 19.87
N LEU E 272 -34.52 -42.19 19.74
CA LEU E 272 -35.38 -42.56 18.63
C LEU E 272 -36.73 -41.86 18.79
N LYS E 273 -37.20 -41.71 20.04
CA LYS E 273 -38.46 -41.00 20.31
C LYS E 273 -38.30 -39.51 20.02
N GLU E 274 -37.13 -38.96 20.35
CA GLU E 274 -36.83 -37.54 20.07
C GLU E 274 -36.82 -37.32 18.56
N ALA E 275 -36.40 -38.34 17.81
CA ALA E 275 -36.37 -38.27 16.36
C ALA E 275 -37.77 -38.37 15.71
N GLY E 276 -38.81 -38.59 16.52
CA GLY E 276 -40.19 -38.69 16.03
C GLY E 276 -40.77 -40.09 15.92
N ALA E 277 -39.96 -41.12 16.21
CA ALA E 277 -40.41 -42.51 16.13
C ALA E 277 -41.42 -42.90 17.21
N ASP E 278 -42.33 -43.79 16.84
CA ASP E 278 -43.36 -44.31 17.73
C ASP E 278 -42.84 -45.70 18.14
N ILE E 279 -42.62 -45.89 19.45
CA ILE E 279 -42.06 -47.16 19.97
C ILE E 279 -42.91 -47.90 21.00
N ASN E 280 -43.09 -49.20 20.76
CA ASN E 280 -43.81 -50.12 21.65
C ASN E 280 -42.80 -51.18 22.10
N THR E 281 -42.83 -51.55 23.38
CA THR E 281 -41.90 -52.53 23.92
C THR E 281 -42.61 -53.62 24.69
N GLY E 282 -41.98 -54.79 24.72
CA GLY E 282 -42.48 -55.96 25.43
C GLY E 282 -41.39 -56.53 26.31
N GLU E 283 -41.61 -57.72 26.86
CA GLU E 283 -40.61 -58.37 27.72
C GLU E 283 -39.32 -58.68 26.97
N ASP E 284 -39.46 -59.13 25.71
CA ASP E 284 -38.29 -59.47 24.89
C ASP E 284 -38.38 -58.94 23.45
N TRP E 285 -39.03 -57.79 23.26
CA TRP E 285 -39.14 -57.20 21.94
C TRP E 285 -39.34 -55.68 21.95
N ILE E 286 -39.05 -55.06 20.81
CA ILE E 286 -39.18 -53.62 20.63
C ILE E 286 -39.69 -53.40 19.21
N GLU E 287 -40.74 -52.59 19.08
CA GLU E 287 -41.31 -52.26 17.76
C GLU E 287 -41.16 -50.76 17.53
N LEU E 288 -40.65 -50.39 16.35
CA LEU E 288 -40.46 -48.99 15.98
C LEU E 288 -41.17 -48.73 14.65
N ASP E 289 -41.78 -47.54 14.53
CA ASP E 289 -42.50 -47.17 13.32
C ASP E 289 -42.49 -45.64 13.15
N MET E 290 -41.95 -45.19 12.02
CA MET E 290 -41.88 -43.75 11.69
C MET E 290 -43.13 -43.26 10.97
N HIS E 291 -43.92 -44.19 10.44
CA HIS E 291 -45.15 -43.86 9.72
C HIS E 291 -44.89 -42.99 8.48
N GLY E 292 -43.72 -43.19 7.86
CA GLY E 292 -43.34 -42.43 6.66
C GLY E 292 -42.78 -41.03 6.89
N LYS E 293 -42.81 -40.55 8.14
CA LYS E 293 -42.31 -39.20 8.42
C LYS E 293 -40.80 -39.12 8.45
N ARG E 294 -40.28 -37.96 8.07
CA ARG E 294 -38.85 -37.69 8.08
C ARG E 294 -38.46 -37.45 9.54
N PRO E 295 -37.34 -38.06 10.00
CA PRO E 295 -36.99 -37.87 11.41
C PRO E 295 -36.43 -36.47 11.72
N LYS E 296 -36.60 -36.04 12.97
CA LYS E 296 -36.09 -34.75 13.43
C LYS E 296 -34.63 -34.97 13.81
N ALA E 297 -33.80 -33.95 13.57
CA ALA E 297 -32.39 -34.04 13.91
C ALA E 297 -32.26 -34.13 15.43
N VAL E 298 -31.44 -35.06 15.89
CA VAL E 298 -31.24 -35.25 17.33
C VAL E 298 -29.79 -35.01 17.73
N ASN E 299 -29.64 -34.64 19.00
CA ASN E 299 -28.36 -34.39 19.62
C ASN E 299 -28.09 -35.55 20.56
N LEU E 300 -26.81 -35.89 20.73
CA LEU E 300 -26.44 -36.99 21.61
C LEU E 300 -25.00 -36.86 22.08
N ARG E 301 -24.71 -37.51 23.21
CA ARG E 301 -23.39 -37.49 23.83
C ARG E 301 -23.10 -38.91 24.32
N THR E 302 -22.10 -39.55 23.72
CA THR E 302 -21.73 -40.91 24.14
C THR E 302 -21.04 -40.89 25.50
N ALA E 303 -21.24 -41.97 26.25
CA ALA E 303 -20.64 -42.13 27.58
C ALA E 303 -20.87 -43.57 28.04
N PRO E 304 -20.18 -44.00 29.12
CA PRO E 304 -20.40 -45.38 29.59
C PRO E 304 -21.87 -45.66 29.95
N TYR E 305 -22.29 -46.91 29.78
CA TYR E 305 -23.66 -47.34 30.09
C TYR E 305 -24.03 -46.94 31.54
N PRO E 306 -25.28 -46.55 31.82
CA PRO E 306 -26.42 -46.51 30.90
C PRO E 306 -26.49 -45.35 29.90
N ALA E 307 -25.48 -44.50 29.82
CA ALA E 307 -25.50 -43.40 28.85
C ALA E 307 -25.50 -43.95 27.42
N PHE E 308 -25.64 -43.06 26.43
CA PHE E 308 -25.67 -43.48 25.01
C PHE E 308 -24.36 -44.20 24.66
N PRO E 309 -24.45 -45.39 24.01
CA PRO E 309 -23.22 -46.12 23.69
C PRO E 309 -22.48 -45.63 22.45
N THR E 310 -21.16 -45.68 22.49
CA THR E 310 -20.32 -45.26 21.37
C THR E 310 -20.47 -46.18 20.15
N ASP E 311 -20.90 -47.43 20.38
CA ASP E 311 -21.11 -48.38 19.28
C ASP E 311 -22.36 -48.06 18.45
N MET E 312 -23.19 -47.13 18.94
CA MET E 312 -24.39 -46.65 18.22
C MET E 312 -24.23 -45.23 17.70
N GLN E 313 -23.10 -44.60 18.01
CA GLN E 313 -22.81 -43.23 17.57
C GLN E 313 -22.85 -43.05 16.05
N ALA E 314 -22.17 -43.91 15.32
CA ALA E 314 -22.12 -43.82 13.86
C ALA E 314 -23.48 -44.04 13.21
N GLN E 315 -24.26 -44.97 13.78
CA GLN E 315 -25.58 -45.29 13.23
C GLN E 315 -26.51 -44.08 13.31
N PHE E 316 -26.42 -43.30 14.40
CA PHE E 316 -27.24 -42.08 14.54
C PHE E 316 -26.78 -40.91 13.65
N ILE E 317 -25.58 -41.00 13.10
CA ILE E 317 -25.12 -39.98 12.16
C ILE E 317 -25.85 -40.22 10.82
N SER E 318 -26.05 -41.51 10.49
CA SER E 318 -26.78 -41.89 9.25
C SER E 318 -28.20 -41.38 9.34
N LEU E 319 -28.79 -41.50 10.53
CA LEU E 319 -30.14 -41.05 10.79
C LEU E 319 -30.25 -39.53 10.65
N ASN E 320 -29.29 -38.82 11.25
CA ASN E 320 -29.25 -37.34 11.16
C ASN E 320 -28.93 -36.82 9.75
N ALA E 321 -28.18 -37.59 8.98
CA ALA E 321 -27.79 -37.20 7.61
C ALA E 321 -28.99 -36.86 6.70
N ILE E 322 -30.14 -37.50 6.93
CA ILE E 322 -31.37 -37.26 6.16
C ILE E 322 -32.52 -36.75 7.02
N ALA E 323 -32.20 -36.28 8.22
CA ALA E 323 -33.19 -35.77 9.16
C ALA E 323 -33.51 -34.29 8.90
N GLU E 324 -34.49 -33.77 9.63
CA GLU E 324 -34.87 -32.37 9.50
C GLU E 324 -34.03 -31.55 10.47
N GLY E 325 -33.20 -30.65 9.92
CA GLY E 325 -32.35 -29.77 10.72
C GLY E 325 -30.94 -30.23 10.98
N THR E 326 -30.33 -29.67 12.03
CA THR E 326 -28.96 -29.97 12.43
C THR E 326 -28.90 -30.76 13.75
N GLY E 327 -28.01 -31.75 13.81
CA GLY E 327 -27.85 -32.59 15.00
C GLY E 327 -26.39 -32.71 15.42
N ALA E 328 -26.15 -32.59 16.71
CA ALA E 328 -24.79 -32.68 17.26
C ALA E 328 -24.56 -34.07 17.85
N VAL E 329 -23.57 -34.77 17.29
CA VAL E 329 -23.21 -36.12 17.72
C VAL E 329 -21.85 -36.06 18.40
N ILE E 330 -21.88 -36.04 19.74
CA ILE E 330 -20.66 -35.93 20.56
C ILE E 330 -20.13 -37.27 21.09
N GLU E 331 -18.79 -37.37 21.15
CA GLU E 331 -18.07 -38.54 21.68
C GLU E 331 -17.26 -38.15 22.93
N THR E 332 -17.31 -38.99 23.97
CA THR E 332 -16.50 -38.76 25.17
C THR E 332 -15.61 -39.97 25.45
N ILE E 333 -15.81 -41.06 24.70
CA ILE E 333 -15.04 -42.30 24.83
C ILE E 333 -13.96 -42.37 23.75
N PHE E 334 -14.37 -42.38 22.49
CA PHE E 334 -13.45 -42.41 21.35
C PHE E 334 -13.63 -41.10 20.59
N GLU E 335 -12.72 -40.17 20.81
CA GLU E 335 -12.81 -38.83 20.22
C GLU E 335 -12.62 -38.68 18.71
N ASN E 336 -11.97 -39.63 18.05
CA ASN E 336 -11.76 -39.54 16.58
C ASN E 336 -12.40 -40.73 15.87
N ARG E 337 -13.46 -41.28 16.46
CA ARG E 337 -14.14 -42.41 15.83
C ARG E 337 -15.18 -41.84 14.85
N PHE E 338 -14.69 -41.25 13.76
CA PHE E 338 -15.53 -40.65 12.72
C PHE E 338 -15.13 -41.00 11.28
N MET E 339 -14.38 -42.09 11.08
CA MET E 339 -13.98 -42.50 9.72
C MET E 339 -15.19 -42.59 8.79
N HIS E 340 -16.28 -43.14 9.33
CA HIS E 340 -17.53 -43.27 8.59
C HIS E 340 -18.08 -41.94 8.06
N VAL E 341 -17.87 -40.85 8.80
CA VAL E 341 -18.32 -39.51 8.41
C VAL E 341 -17.73 -39.06 7.07
N TYR E 342 -16.46 -39.37 6.85
CA TYR E 342 -15.78 -38.97 5.61
C TYR E 342 -16.22 -39.81 4.42
N GLU E 343 -16.66 -41.03 4.69
CA GLU E 343 -17.17 -41.91 3.64
C GLU E 343 -18.57 -41.42 3.25
N MET E 344 -19.32 -40.90 4.23
CA MET E 344 -20.65 -40.36 3.96
C MET E 344 -20.59 -39.04 3.18
N HIS E 345 -19.46 -38.31 3.24
CA HIS E 345 -19.32 -37.08 2.43
C HIS E 345 -19.37 -37.46 0.96
N ARG E 346 -18.88 -38.66 0.64
CA ARG E 346 -18.90 -39.17 -0.73
C ARG E 346 -20.32 -39.47 -1.18
N MET E 347 -21.22 -39.67 -0.22
CA MET E 347 -22.63 -39.96 -0.49
C MET E 347 -23.50 -38.70 -0.40
N GLY E 348 -22.88 -37.52 -0.29
CA GLY E 348 -23.61 -36.25 -0.21
C GLY E 348 -24.03 -35.75 1.16
N ALA E 349 -23.68 -36.50 2.22
CA ALA E 349 -24.04 -36.13 3.58
C ALA E 349 -23.27 -34.90 4.02
N GLN E 350 -24.00 -33.90 4.52
CA GLN E 350 -23.41 -32.65 4.98
C GLN E 350 -23.04 -32.80 6.46
N ILE E 351 -21.75 -32.99 6.73
CA ILE E 351 -21.26 -33.17 8.10
C ILE E 351 -19.95 -32.42 8.32
N GLN E 352 -19.86 -31.73 9.45
CA GLN E 352 -18.66 -30.99 9.85
C GLN E 352 -18.18 -31.56 11.17
N VAL E 353 -16.90 -31.95 11.23
CA VAL E 353 -16.31 -32.52 12.44
C VAL E 353 -15.26 -31.60 13.02
N GLU E 354 -15.31 -31.41 14.34
CA GLU E 354 -14.36 -30.60 15.07
C GLU E 354 -14.11 -31.32 16.40
N GLY E 355 -12.93 -31.90 16.53
CA GLY E 355 -12.56 -32.64 17.74
C GLY E 355 -13.45 -33.85 17.93
N ASN E 356 -14.15 -33.88 19.06
CA ASN E 356 -15.06 -34.99 19.40
C ASN E 356 -16.50 -34.73 18.98
N THR E 357 -16.77 -33.59 18.33
CA THR E 357 -18.11 -33.23 17.90
C THR E 357 -18.29 -33.37 16.40
N ALA E 358 -19.41 -33.95 15.99
CA ALA E 358 -19.76 -34.14 14.59
C ALA E 358 -21.10 -33.44 14.35
N ILE E 359 -21.03 -32.23 13.82
CA ILE E 359 -22.23 -31.43 13.54
C ILE E 359 -22.83 -31.89 12.22
N VAL E 360 -23.95 -32.60 12.28
CA VAL E 360 -24.61 -33.13 11.09
C VAL E 360 -25.79 -32.28 10.62
N THR E 361 -25.73 -31.85 9.36
CA THR E 361 -26.80 -31.06 8.76
C THR E 361 -27.57 -32.00 7.83
N GLY E 362 -28.86 -32.15 8.04
CA GLY E 362 -29.69 -33.04 7.24
C GLY E 362 -30.07 -32.55 5.85
N VAL E 363 -30.31 -33.51 4.95
CA VAL E 363 -30.71 -33.26 3.57
C VAL E 363 -31.85 -34.23 3.19
N LYS E 364 -32.55 -33.96 2.09
CA LYS E 364 -33.67 -34.81 1.64
C LYS E 364 -33.25 -36.26 1.43
N ALA E 365 -32.19 -36.45 0.68
CA ALA E 365 -31.69 -37.79 0.38
C ALA E 365 -30.22 -37.75 -0.01
N LEU E 366 -29.55 -38.87 0.26
CA LEU E 366 -28.15 -39.03 -0.07
C LEU E 366 -28.01 -39.54 -1.51
N LYS E 367 -26.77 -39.66 -1.96
CA LYS E 367 -26.44 -40.09 -3.32
C LYS E 367 -25.56 -41.33 -3.24
N GLY E 368 -25.85 -42.31 -4.09
CA GLY E 368 -25.08 -43.55 -4.10
C GLY E 368 -23.69 -43.38 -4.64
N ALA E 369 -22.72 -44.02 -3.97
CA ALA E 369 -21.32 -43.98 -4.36
C ALA E 369 -20.55 -45.12 -3.69
N PRO E 370 -19.46 -45.60 -4.33
CA PRO E 370 -18.70 -46.68 -3.71
C PRO E 370 -17.93 -46.18 -2.49
N VAL E 371 -18.16 -46.81 -1.34
CA VAL E 371 -17.50 -46.42 -0.08
C VAL E 371 -16.57 -47.55 0.39
N MET E 372 -16.10 -47.45 1.63
CA MET E 372 -15.16 -48.42 2.17
C MET E 372 -15.28 -48.46 3.69
N ALA E 373 -15.43 -49.66 4.24
CA ALA E 373 -15.58 -49.83 5.69
C ALA E 373 -14.23 -49.98 6.39
N THR E 374 -14.19 -49.62 7.67
CA THR E 374 -12.96 -49.70 8.48
C THR E 374 -13.18 -50.10 9.96
N ASP E 375 -14.37 -49.80 10.49
CA ASP E 375 -14.73 -50.07 11.89
C ASP E 375 -15.80 -51.18 11.96
N LEU E 376 -15.58 -52.18 12.81
CA LEU E 376 -16.53 -53.32 12.92
C LEU E 376 -17.97 -52.95 13.28
N ARG E 377 -18.15 -51.91 14.08
CA ARG E 377 -19.49 -51.43 14.47
C ARG E 377 -19.92 -50.15 13.77
N ALA E 378 -19.04 -49.16 13.75
CA ALA E 378 -19.36 -47.88 13.11
C ALA E 378 -19.66 -48.01 11.61
N SER E 379 -19.01 -48.95 10.93
CA SER E 379 -19.23 -49.13 9.48
C SER E 379 -20.62 -49.62 9.08
N ALA E 380 -21.44 -49.99 10.08
CA ALA E 380 -22.82 -50.38 9.80
C ALA E 380 -23.56 -49.14 9.30
N SER E 381 -23.04 -47.95 9.67
CA SER E 381 -23.61 -46.66 9.25
C SER E 381 -23.56 -46.47 7.74
N LEU E 382 -22.53 -47.03 7.09
CA LEU E 382 -22.41 -46.94 5.64
C LEU E 382 -23.55 -47.73 4.99
N VAL E 383 -23.90 -48.88 5.58
CA VAL E 383 -25.00 -49.72 5.09
C VAL E 383 -26.34 -48.99 5.27
N LEU E 384 -26.52 -48.35 6.42
CA LEU E 384 -27.74 -47.61 6.74
C LEU E 384 -27.92 -46.38 5.86
N SER E 385 -26.84 -45.61 5.66
CA SER E 385 -26.88 -44.42 4.83
C SER E 385 -27.16 -44.77 3.38
N ALA E 386 -26.75 -45.97 2.96
CA ALA E 386 -26.99 -46.44 1.59
C ALA E 386 -28.47 -46.69 1.33
N LEU E 387 -29.20 -47.12 2.37
CA LEU E 387 -30.64 -47.40 2.28
C LEU E 387 -31.46 -46.17 1.88
N VAL E 388 -30.92 -44.98 2.13
CA VAL E 388 -31.56 -43.71 1.78
C VAL E 388 -30.76 -42.94 0.72
N ALA E 389 -29.92 -43.66 -0.03
CA ALA E 389 -29.08 -43.05 -1.06
C ALA E 389 -29.63 -43.31 -2.45
N GLU E 390 -29.92 -42.23 -3.18
CA GLU E 390 -30.44 -42.32 -4.54
C GLU E 390 -29.39 -43.03 -5.41
N GLY E 391 -29.72 -44.25 -5.83
CA GLY E 391 -28.83 -45.06 -6.66
C GLY E 391 -28.19 -46.20 -5.92
N ASP E 392 -27.14 -46.77 -6.51
CA ASP E 392 -26.42 -47.90 -5.94
C ASP E 392 -25.18 -47.48 -5.15
N THR E 393 -24.94 -48.19 -4.06
CA THR E 393 -23.81 -47.95 -3.17
C THR E 393 -23.07 -49.26 -3.00
N LEU E 394 -21.81 -49.28 -3.42
CA LEU E 394 -20.96 -50.47 -3.33
C LEU E 394 -20.01 -50.31 -2.15
N ILE E 395 -20.20 -51.11 -1.11
CA ILE E 395 -19.36 -51.04 0.11
C ILE E 395 -18.24 -52.08 0.01
N ASP E 396 -16.99 -51.63 0.10
CA ASP E 396 -15.82 -52.52 0.00
C ASP E 396 -15.30 -52.82 1.41
N ARG E 397 -14.44 -53.83 1.52
CA ARG E 397 -13.86 -54.25 2.80
C ARG E 397 -14.96 -54.57 3.81
N ILE E 398 -15.84 -55.50 3.41
CA ILE E 398 -16.96 -55.94 4.22
C ILE E 398 -16.53 -56.80 5.41
N TYR E 399 -15.30 -57.31 5.38
CA TYR E 399 -14.78 -58.17 6.47
C TYR E 399 -14.90 -57.49 7.84
N HIS E 400 -14.88 -56.16 7.87
CA HIS E 400 -15.03 -55.41 9.13
C HIS E 400 -16.46 -55.57 9.65
N ILE E 401 -17.43 -55.40 8.75
CA ILE E 401 -18.85 -55.52 9.08
C ILE E 401 -19.21 -56.94 9.55
N ASP E 402 -18.62 -57.95 8.91
CA ASP E 402 -18.88 -59.35 9.26
C ASP E 402 -18.40 -59.73 10.67
N ARG E 403 -17.45 -58.96 11.20
CA ARG E 403 -16.94 -59.20 12.55
C ARG E 403 -17.97 -58.76 13.59
N GLY E 404 -18.64 -57.64 13.33
CA GLY E 404 -19.60 -57.07 14.25
C GLY E 404 -21.08 -57.40 14.08
N TYR E 405 -21.46 -57.95 12.93
CA TYR E 405 -22.88 -58.26 12.68
C TYR E 405 -23.07 -59.59 11.97
N GLU E 406 -24.03 -60.39 12.46
CA GLU E 406 -24.34 -61.69 11.90
C GLU E 406 -25.16 -61.62 10.62
N CYS E 407 -24.53 -61.95 9.48
CA CYS E 407 -25.13 -61.87 8.13
C CYS E 407 -26.06 -60.68 7.82
N ILE E 408 -25.53 -59.48 7.96
CA ILE E 408 -26.32 -58.25 7.87
C ILE E 408 -27.23 -58.18 6.63
N GLU E 409 -26.78 -58.72 5.49
CA GLU E 409 -27.61 -58.69 4.28
C GLU E 409 -28.85 -59.59 4.43
N GLU E 410 -28.68 -60.78 5.01
CA GLU E 410 -29.81 -61.70 5.20
C GLU E 410 -30.94 -61.10 6.05
N LYS E 411 -30.60 -60.27 7.03
CA LYS E 411 -31.61 -59.67 7.91
C LYS E 411 -32.26 -58.43 7.33
N LEU E 412 -31.50 -57.61 6.62
CA LEU E 412 -32.07 -56.41 5.97
C LEU E 412 -32.97 -56.84 4.80
N GLN E 413 -32.64 -57.97 4.16
CA GLN E 413 -33.46 -58.52 3.07
C GLN E 413 -34.85 -58.93 3.56
N MET E 414 -34.93 -59.40 4.82
CA MET E 414 -36.21 -59.77 5.43
C MET E 414 -37.12 -58.55 5.60
N LEU E 415 -36.50 -57.39 5.80
CA LEU E 415 -37.24 -56.14 5.97
C LEU E 415 -37.59 -55.46 4.64
N GLY E 416 -37.16 -56.04 3.53
CA GLY E 416 -37.44 -55.50 2.20
C GLY E 416 -36.35 -54.60 1.65
N ALA E 417 -35.15 -54.65 2.25
CA ALA E 417 -34.04 -53.84 1.78
C ALA E 417 -33.48 -54.46 0.51
N LYS E 418 -33.26 -53.63 -0.50
CA LYS E 418 -32.73 -54.09 -1.77
C LYS E 418 -31.20 -54.09 -1.61
N ILE E 419 -30.67 -55.20 -1.09
CA ILE E 419 -29.24 -55.40 -0.82
C ILE E 419 -28.83 -56.86 -1.03
N ARG E 420 -27.64 -57.08 -1.60
CA ARG E 420 -27.14 -58.44 -1.82
C ARG E 420 -25.60 -58.46 -1.78
N ARG E 421 -25.04 -59.57 -1.31
CA ARG E 421 -23.59 -59.76 -1.25
C ARG E 421 -23.15 -60.23 -2.63
N VAL E 422 -22.27 -59.46 -3.28
CA VAL E 422 -21.79 -59.79 -4.63
C VAL E 422 -20.27 -60.01 -4.66
N PRO E 423 -19.81 -61.14 -5.24
CA PRO E 423 -18.35 -61.34 -5.32
C PRO E 423 -17.66 -60.37 -6.29
N GLY E 424 -16.35 -60.24 -6.15
CA GLY E 424 -15.55 -59.34 -7.00
C GLY E 424 -15.62 -57.91 -6.52
N MET F 4 3.34 -57.56 1.63
CA MET F 4 4.19 -58.70 2.10
C MET F 4 5.57 -58.31 2.62
N ASP F 5 6.18 -57.26 2.07
CA ASP F 5 7.52 -56.83 2.54
C ASP F 5 7.51 -56.36 3.99
N LYS F 6 8.57 -56.73 4.72
CA LYS F 6 8.72 -56.37 6.13
C LYS F 6 10.13 -55.86 6.38
N LEU F 7 10.38 -55.36 7.59
CA LEU F 7 11.71 -54.88 7.97
C LEU F 7 12.07 -55.45 9.33
N ILE F 8 13.25 -56.07 9.42
CA ILE F 8 13.74 -56.61 10.69
C ILE F 8 14.95 -55.75 11.06
N ILE F 9 14.84 -55.05 12.20
CA ILE F 9 15.88 -54.13 12.68
C ILE F 9 16.41 -54.56 14.03
N THR F 10 17.75 -54.59 14.17
CA THR F 10 18.42 -54.93 15.41
C THR F 10 18.98 -53.63 15.96
N GLY F 11 18.45 -53.18 17.11
CA GLY F 11 18.87 -51.92 17.72
C GLY F 11 20.16 -51.97 18.52
N GLY F 12 20.49 -50.83 19.13
CA GLY F 12 21.69 -50.68 19.96
C GLY F 12 22.86 -49.92 19.33
N ALA F 13 23.00 -50.02 18.00
CA ALA F 13 24.10 -49.36 17.29
C ALA F 13 24.01 -47.84 17.34
N ARG F 14 25.18 -47.21 17.38
CA ARG F 14 25.33 -45.77 17.39
C ARG F 14 25.63 -45.40 15.93
N LEU F 15 24.74 -44.63 15.32
CA LEU F 15 24.87 -44.27 13.91
C LEU F 15 26.00 -43.30 13.59
N ASP F 16 26.54 -43.44 12.38
CA ASP F 16 27.61 -42.58 11.90
C ASP F 16 27.75 -42.81 10.39
N GLY F 17 27.61 -41.73 9.63
CA GLY F 17 27.70 -41.79 8.17
C GLY F 17 27.08 -40.55 7.56
N GLU F 18 26.90 -40.55 6.23
CA GLU F 18 26.29 -39.42 5.54
C GLU F 18 25.37 -39.89 4.42
N ILE F 19 24.35 -39.09 4.15
CA ILE F 19 23.35 -39.42 3.13
C ILE F 19 22.87 -38.17 2.39
N ARG F 20 22.45 -38.37 1.15
CA ARG F 20 21.94 -37.31 0.29
C ARG F 20 20.42 -37.29 0.33
N ILE F 21 19.85 -36.13 0.62
CA ILE F 21 18.40 -35.98 0.70
C ILE F 21 17.77 -35.95 -0.68
N SER F 22 16.63 -36.63 -0.81
CA SER F 22 15.90 -36.74 -2.06
C SER F 22 14.99 -35.52 -2.26
N GLY F 23 14.24 -35.54 -3.36
CA GLY F 23 13.32 -34.44 -3.66
C GLY F 23 12.14 -34.45 -2.72
N ALA F 24 11.54 -33.28 -2.54
CA ALA F 24 10.37 -33.13 -1.66
C ALA F 24 9.15 -33.83 -2.24
N LYS F 25 8.69 -34.86 -1.54
CA LYS F 25 7.51 -35.61 -1.94
C LYS F 25 6.29 -34.71 -2.06
N ASN F 26 6.04 -33.90 -1.03
CA ASN F 26 4.90 -32.98 -1.01
C ASN F 26 5.04 -31.75 -1.93
N ALA F 27 6.19 -31.64 -2.60
CA ALA F 27 6.42 -30.58 -3.58
C ALA F 27 6.33 -31.24 -4.96
N ALA F 28 6.81 -32.47 -5.03
CA ALA F 28 6.77 -33.23 -6.27
C ALA F 28 5.34 -33.49 -6.71
N LEU F 29 4.47 -33.80 -5.76
CA LEU F 29 3.06 -34.10 -6.08
C LEU F 29 2.31 -32.91 -6.72
N PRO F 30 2.33 -31.72 -6.08
CA PRO F 30 1.63 -30.60 -6.72
C PRO F 30 2.27 -30.13 -8.03
N ILE F 31 3.60 -30.19 -8.13
CA ILE F 31 4.31 -29.77 -9.35
C ILE F 31 3.98 -30.69 -10.52
N LEU F 32 3.84 -31.99 -10.24
CA LEU F 32 3.45 -32.94 -11.29
C LEU F 32 2.03 -32.63 -11.74
N ALA F 33 1.14 -32.38 -10.79
CA ALA F 33 -0.25 -32.02 -11.10
C ALA F 33 -0.30 -30.69 -11.85
N ALA F 34 0.66 -29.80 -11.55
CA ALA F 34 0.76 -28.50 -12.21
C ALA F 34 1.16 -28.63 -13.68
N THR F 35 1.76 -29.76 -14.06
CA THR F 35 2.14 -29.97 -15.47
C THR F 35 0.88 -30.01 -16.36
N LEU F 36 -0.27 -30.36 -15.79
CA LEU F 36 -1.53 -30.38 -16.54
C LEU F 36 -1.92 -28.98 -17.04
N LEU F 37 -1.36 -27.95 -16.42
CA LEU F 37 -1.59 -26.55 -16.82
C LEU F 37 -0.82 -26.26 -18.10
N ALA F 38 0.30 -26.95 -18.28
CA ALA F 38 1.18 -26.78 -19.44
C ALA F 38 0.48 -26.89 -20.79
N ASP F 39 1.03 -26.16 -21.76
CA ASP F 39 0.51 -26.17 -23.12
C ASP F 39 1.69 -26.58 -24.02
N GLY F 40 2.43 -27.59 -23.54
CA GLY F 40 3.60 -28.13 -24.22
C GLY F 40 4.35 -29.05 -23.24
N PRO F 41 5.32 -29.84 -23.74
CA PRO F 41 6.06 -30.76 -22.87
C PRO F 41 6.90 -30.05 -21.79
N VAL F 42 6.73 -30.47 -20.54
CA VAL F 42 7.46 -29.90 -19.40
C VAL F 42 8.19 -31.01 -18.64
N THR F 43 9.35 -30.67 -18.11
CA THR F 43 10.19 -31.63 -17.37
C THR F 43 10.24 -31.24 -15.88
N VAL F 44 9.99 -32.22 -15.00
CA VAL F 44 10.04 -32.02 -13.54
C VAL F 44 11.18 -32.91 -13.05
N GLY F 45 12.20 -32.31 -12.44
CA GLY F 45 13.38 -33.06 -11.98
C GLY F 45 13.52 -33.29 -10.49
N ASN F 46 14.59 -34.01 -10.13
CA ASN F 46 14.92 -34.36 -8.75
C ASN F 46 13.74 -35.02 -8.01
N LEU F 47 13.01 -35.89 -8.70
CA LEU F 47 11.89 -36.58 -8.08
C LEU F 47 12.38 -37.61 -7.06
N PRO F 48 11.60 -37.84 -6.00
CA PRO F 48 12.01 -38.85 -5.02
C PRO F 48 11.56 -40.23 -5.48
N HIS F 49 12.45 -41.21 -5.42
CA HIS F 49 12.14 -42.56 -5.84
C HIS F 49 11.32 -43.25 -4.73
N LEU F 50 10.02 -42.95 -4.71
CA LEU F 50 9.08 -43.51 -3.72
C LEU F 50 7.70 -43.72 -4.35
N HIS F 51 6.87 -44.56 -3.71
CA HIS F 51 5.56 -44.96 -4.27
C HIS F 51 4.52 -43.88 -4.62
N ASP F 52 4.40 -42.80 -3.83
CA ASP F 52 3.41 -41.75 -4.17
C ASP F 52 3.65 -41.11 -5.55
N ILE F 53 4.90 -41.13 -6.02
CA ILE F 53 5.22 -40.61 -7.35
C ILE F 53 4.63 -41.61 -8.33
N THR F 54 4.91 -42.89 -8.10
CA THR F 54 4.42 -43.96 -8.95
C THR F 54 2.91 -43.85 -9.13
N THR F 55 2.18 -43.62 -8.04
CA THR F 55 0.72 -43.50 -8.09
C THR F 55 0.27 -42.28 -8.91
N MET F 56 1.01 -41.18 -8.81
CA MET F 56 0.68 -39.97 -9.58
C MET F 56 0.96 -40.24 -11.07
N ILE F 57 2.00 -41.01 -11.37
CA ILE F 57 2.34 -41.35 -12.75
C ILE F 57 1.24 -42.26 -13.35
N GLU F 58 0.74 -43.21 -12.56
CA GLU F 58 -0.33 -44.11 -13.03
C GLU F 58 -1.59 -43.32 -13.33
N LEU F 59 -1.88 -42.32 -12.49
CA LEU F 59 -3.06 -41.46 -12.67
C LEU F 59 -2.98 -40.78 -14.05
N PHE F 60 -1.80 -40.27 -14.40
CA PHE F 60 -1.58 -39.65 -15.72
C PHE F 60 -1.76 -40.69 -16.82
N GLY F 61 -1.50 -41.95 -16.50
CA GLY F 61 -1.70 -43.06 -17.43
C GLY F 61 -3.17 -43.26 -17.69
N ARG F 62 -3.97 -43.27 -16.61
CA ARG F 62 -5.43 -43.43 -16.71
C ARG F 62 -6.05 -42.29 -17.50
N MET F 63 -5.43 -41.10 -17.44
CA MET F 63 -5.93 -39.93 -18.16
C MET F 63 -5.50 -39.88 -19.63
N GLY F 64 -4.65 -40.81 -20.05
CA GLY F 64 -4.19 -40.87 -21.44
C GLY F 64 -2.79 -40.36 -21.69
N ILE F 65 -2.20 -39.68 -20.71
CA ILE F 65 -0.85 -39.14 -20.83
C ILE F 65 0.16 -40.26 -20.59
N GLU F 66 1.25 -40.24 -21.35
CA GLU F 66 2.30 -41.25 -21.24
C GLU F 66 3.60 -40.54 -20.84
N PRO F 67 3.84 -40.39 -19.51
CA PRO F 67 5.04 -39.71 -19.03
C PRO F 67 6.35 -40.39 -19.45
N VAL F 68 7.30 -39.58 -19.92
CA VAL F 68 8.60 -40.08 -20.37
C VAL F 68 9.63 -39.95 -19.26
N ILE F 69 10.02 -41.08 -18.67
CA ILE F 69 11.02 -41.10 -17.59
C ILE F 69 12.41 -40.99 -18.23
N ASP F 70 13.27 -40.16 -17.63
CA ASP F 70 14.65 -39.95 -18.13
C ASP F 70 15.63 -40.82 -17.36
N GLU F 71 16.91 -40.77 -17.75
CA GLU F 71 17.97 -41.58 -17.09
C GLU F 71 18.11 -41.29 -15.60
N LYS F 72 17.99 -40.01 -15.24
CA LYS F 72 18.13 -39.56 -13.86
C LYS F 72 16.75 -39.52 -13.18
N LEU F 73 16.61 -38.73 -12.12
CA LEU F 73 15.36 -38.62 -11.38
C LEU F 73 14.48 -37.48 -11.93
N SER F 74 14.02 -37.64 -13.18
CA SER F 74 13.17 -36.61 -13.83
C SER F 74 12.15 -37.23 -14.80
N VAL F 75 11.02 -36.54 -14.97
CA VAL F 75 9.92 -36.99 -15.83
C VAL F 75 9.46 -35.84 -16.73
N GLU F 76 9.17 -36.16 -18.00
CA GLU F 76 8.68 -35.18 -18.98
C GLU F 76 7.22 -35.50 -19.28
N ILE F 77 6.34 -34.49 -19.12
CA ILE F 77 4.90 -34.66 -19.32
C ILE F 77 4.33 -33.66 -20.34
N ASP F 78 3.62 -34.18 -21.35
CA ASP F 78 2.97 -33.36 -22.38
C ASP F 78 1.45 -33.57 -22.24
N PRO F 79 0.77 -32.64 -21.54
CA PRO F 79 -0.68 -32.76 -21.29
C PRO F 79 -1.60 -32.56 -22.50
N ARG F 80 -1.06 -32.20 -23.66
CA ARG F 80 -1.89 -32.02 -24.86
C ARG F 80 -2.38 -33.39 -25.36
N THR F 81 -1.67 -34.45 -25.00
CA THR F 81 -2.01 -35.83 -25.37
C THR F 81 -3.07 -36.45 -24.43
N ILE F 82 -3.63 -35.66 -23.51
CA ILE F 82 -4.64 -36.14 -22.56
C ILE F 82 -5.90 -36.67 -23.27
N LYS F 83 -6.48 -37.73 -22.72
CA LYS F 83 -7.65 -38.40 -23.32
C LYS F 83 -8.88 -38.49 -22.40
N THR F 84 -8.66 -38.39 -21.09
CA THR F 84 -9.74 -38.51 -20.11
C THR F 84 -9.56 -37.45 -19.02
N LEU F 85 -10.63 -36.73 -18.70
CA LEU F 85 -10.61 -35.69 -17.68
C LEU F 85 -11.23 -36.26 -16.40
N VAL F 86 -10.77 -37.45 -16.01
CA VAL F 86 -11.29 -38.13 -14.83
C VAL F 86 -10.18 -38.71 -13.96
N ALA F 87 -10.32 -38.52 -12.65
CA ALA F 87 -9.40 -39.11 -11.67
C ALA F 87 -10.24 -40.21 -11.04
N PRO F 88 -10.12 -41.47 -11.54
CA PRO F 88 -10.97 -42.57 -11.06
C PRO F 88 -10.84 -42.90 -9.59
N TYR F 89 -11.94 -43.35 -8.99
CA TYR F 89 -11.98 -43.74 -7.58
C TYR F 89 -10.99 -44.86 -7.25
N GLU F 90 -10.67 -45.69 -8.24
CA GLU F 90 -9.75 -46.83 -8.06
C GLU F 90 -8.35 -46.39 -7.60
N LEU F 91 -7.91 -45.21 -8.06
CA LEU F 91 -6.60 -44.66 -7.68
C LEU F 91 -6.70 -43.65 -6.55
N VAL F 92 -7.72 -42.79 -6.58
CA VAL F 92 -7.89 -41.75 -5.55
C VAL F 92 -8.10 -42.34 -4.15
N LYS F 93 -8.72 -43.52 -4.06
CA LYS F 93 -8.93 -44.16 -2.76
C LYS F 93 -7.60 -44.58 -2.11
N THR F 94 -6.54 -44.68 -2.91
CA THR F 94 -5.21 -45.08 -2.43
C THR F 94 -4.32 -43.87 -2.10
N MET F 95 -4.73 -42.69 -2.56
CA MET F 95 -3.97 -41.47 -2.33
C MET F 95 -4.87 -40.24 -2.51
N ARG F 96 -5.29 -39.64 -1.39
CA ARG F 96 -6.17 -38.46 -1.42
C ARG F 96 -5.50 -37.23 -2.05
N ALA F 97 -4.16 -37.25 -2.12
CA ALA F 97 -3.40 -36.15 -2.74
C ALA F 97 -3.69 -36.06 -4.25
N SER F 98 -4.35 -37.10 -4.78
CA SER F 98 -4.74 -37.11 -6.19
C SER F 98 -5.67 -35.95 -6.53
N ILE F 99 -6.33 -35.41 -5.51
CA ILE F 99 -7.25 -34.27 -5.68
C ILE F 99 -6.52 -33.01 -6.20
N LEU F 100 -5.19 -33.06 -6.24
CA LEU F 100 -4.40 -31.93 -6.76
C LEU F 100 -4.56 -31.73 -8.27
N VAL F 101 -5.12 -32.71 -8.97
CA VAL F 101 -5.36 -32.59 -10.42
C VAL F 101 -6.65 -31.80 -10.71
N LEU F 102 -7.51 -31.64 -9.70
CA LEU F 102 -8.77 -30.91 -9.88
C LEU F 102 -8.54 -29.48 -10.36
N GLY F 103 -7.86 -28.67 -9.54
CA GLY F 103 -7.58 -27.27 -9.86
C GLY F 103 -7.07 -27.02 -11.28
N PRO F 104 -5.92 -27.62 -11.65
CA PRO F 104 -5.37 -27.41 -12.99
C PRO F 104 -6.19 -28.00 -14.14
N MET F 105 -6.82 -29.15 -13.90
CA MET F 105 -7.63 -29.79 -14.94
C MET F 105 -8.85 -28.95 -15.32
N VAL F 106 -9.45 -28.27 -14.33
CA VAL F 106 -10.62 -27.43 -14.57
C VAL F 106 -10.25 -26.14 -15.29
N ALA F 107 -9.17 -25.51 -14.85
CA ALA F 107 -8.69 -24.24 -15.42
C ALA F 107 -8.26 -24.39 -16.89
N ARG F 108 -7.45 -25.40 -17.16
CA ARG F 108 -6.93 -25.65 -18.51
C ARG F 108 -7.94 -26.26 -19.48
N PHE F 109 -8.64 -27.30 -19.05
CA PHE F 109 -9.57 -28.02 -19.95
C PHE F 109 -11.07 -27.70 -19.80
N GLY F 110 -11.42 -26.83 -18.84
CA GLY F 110 -12.81 -26.42 -18.64
C GLY F 110 -13.70 -27.31 -17.79
N GLU F 111 -13.25 -28.54 -17.51
CA GLU F 111 -14.03 -29.48 -16.70
C GLU F 111 -13.14 -30.56 -16.09
N ALA F 112 -13.66 -31.22 -15.06
CA ALA F 112 -12.93 -32.28 -14.39
C ALA F 112 -13.85 -33.11 -13.52
N GLU F 113 -13.53 -34.40 -13.38
CA GLU F 113 -14.29 -35.31 -12.54
C GLU F 113 -13.29 -36.08 -11.68
N VAL F 114 -13.00 -35.51 -10.50
CA VAL F 114 -12.04 -36.07 -9.56
C VAL F 114 -12.76 -36.70 -8.38
N ALA F 115 -12.53 -38.00 -8.15
CA ALA F 115 -13.18 -38.72 -7.05
C ALA F 115 -12.98 -38.01 -5.71
N LEU F 116 -14.06 -37.87 -4.95
CA LEU F 116 -14.02 -37.22 -3.65
C LEU F 116 -13.33 -38.15 -2.64
N PRO F 117 -12.23 -37.71 -2.02
CA PRO F 117 -11.53 -38.59 -1.06
C PRO F 117 -12.41 -39.09 0.09
N GLY F 118 -12.12 -40.30 0.57
CA GLY F 118 -12.85 -40.89 1.70
C GLY F 118 -12.10 -40.55 2.98
N GLY F 119 -12.12 -41.45 3.94
CA GLY F 119 -11.40 -41.25 5.20
C GLY F 119 -9.96 -41.72 5.14
N CYS F 120 -9.11 -41.11 5.96
CA CYS F 120 -7.69 -41.47 6.07
C CYS F 120 -7.43 -41.63 7.58
N ALA F 121 -6.90 -42.77 7.98
CA ALA F 121 -6.61 -43.08 9.39
C ALA F 121 -6.04 -41.92 10.23
N ILE F 122 -5.25 -41.06 9.58
CA ILE F 122 -4.64 -39.89 10.22
C ILE F 122 -5.70 -39.07 10.99
N GLY F 123 -6.80 -38.72 10.33
CA GLY F 123 -7.87 -37.96 10.96
C GLY F 123 -8.81 -37.20 10.03
N SER F 124 -9.33 -36.08 10.54
CA SER F 124 -10.25 -35.22 9.80
C SER F 124 -9.55 -34.50 8.66
N ARG F 125 -9.85 -34.91 7.43
CA ARG F 125 -9.21 -34.30 6.25
C ARG F 125 -10.20 -33.96 5.13
N PRO F 126 -11.24 -33.17 5.44
CA PRO F 126 -12.23 -32.81 4.42
C PRO F 126 -11.62 -31.90 3.35
N VAL F 127 -12.27 -31.81 2.20
CA VAL F 127 -11.78 -31.01 1.07
C VAL F 127 -12.78 -29.92 0.66
N ASP F 128 -13.54 -29.42 1.63
CA ASP F 128 -14.55 -28.38 1.36
C ASP F 128 -13.98 -27.03 0.87
N LEU F 129 -12.72 -26.74 1.22
CA LEU F 129 -12.08 -25.48 0.79
C LEU F 129 -11.62 -25.55 -0.67
N HIS F 130 -11.35 -26.76 -1.17
CA HIS F 130 -10.96 -26.95 -2.56
C HIS F 130 -12.14 -26.59 -3.45
N ILE F 131 -13.31 -27.10 -3.07
CA ILE F 131 -14.55 -26.89 -3.81
C ILE F 131 -15.01 -25.42 -3.79
N ARG F 132 -15.03 -24.82 -2.61
CA ARG F 132 -15.45 -23.41 -2.46
C ARG F 132 -14.56 -22.43 -3.22
N GLY F 133 -13.26 -22.69 -3.26
CA GLY F 133 -12.31 -21.85 -3.99
C GLY F 133 -12.57 -21.85 -5.48
N LEU F 134 -12.91 -23.02 -6.03
CA LEU F 134 -13.23 -23.15 -7.46
C LEU F 134 -14.59 -22.53 -7.76
N GLU F 135 -15.54 -22.65 -6.83
CA GLU F 135 -16.86 -22.04 -6.98
C GLU F 135 -16.76 -20.52 -7.01
N ALA F 136 -15.83 -19.98 -6.21
CA ALA F 136 -15.59 -18.53 -6.15
C ALA F 136 -15.12 -18.01 -7.51
N MET F 137 -14.50 -18.91 -8.30
CA MET F 137 -14.02 -18.57 -9.64
C MET F 137 -15.08 -18.82 -10.72
N GLY F 138 -16.31 -19.16 -10.31
CA GLY F 138 -17.42 -19.39 -11.26
C GLY F 138 -17.64 -20.83 -11.71
N ALA F 139 -16.94 -21.78 -11.10
CA ALA F 139 -17.06 -23.18 -11.48
C ALA F 139 -18.26 -23.85 -10.81
N LYS F 140 -19.14 -24.46 -11.60
CA LYS F 140 -20.31 -25.16 -11.08
C LYS F 140 -19.88 -26.57 -10.65
N ILE F 141 -19.88 -26.80 -9.34
CA ILE F 141 -19.46 -28.08 -8.75
C ILE F 141 -20.60 -28.80 -8.02
N GLU F 142 -20.56 -30.13 -8.09
CA GLU F 142 -21.54 -30.99 -7.44
C GLU F 142 -20.98 -32.41 -7.30
N VAL F 143 -21.38 -33.09 -6.24
CA VAL F 143 -20.93 -34.45 -5.97
C VAL F 143 -21.97 -35.43 -6.54
N GLU F 144 -21.50 -36.38 -7.34
CA GLU F 144 -22.37 -37.40 -7.95
C GLU F 144 -21.58 -38.68 -8.20
N GLY F 145 -22.13 -39.81 -7.78
CA GLY F 145 -21.48 -41.12 -7.95
C GLY F 145 -20.10 -41.19 -7.29
N GLY F 146 -19.89 -40.35 -6.27
CA GLY F 146 -18.62 -40.29 -5.57
C GLY F 146 -17.57 -39.46 -6.31
N TYR F 147 -18.00 -38.69 -7.31
CA TYR F 147 -17.09 -37.84 -8.10
C TYR F 147 -17.41 -36.36 -7.97
N ILE F 148 -16.37 -35.54 -7.76
CA ILE F 148 -16.49 -34.10 -7.69
C ILE F 148 -16.57 -33.67 -9.15
N LYS F 149 -17.75 -33.31 -9.61
CA LYS F 149 -17.96 -32.89 -11.00
C LYS F 149 -17.86 -31.38 -11.12
N ALA F 150 -16.76 -30.91 -11.70
CA ALA F 150 -16.52 -29.48 -11.88
C ALA F 150 -16.64 -29.08 -13.33
N LYS F 151 -17.16 -27.88 -13.56
CA LYS F 151 -17.33 -27.34 -14.90
C LYS F 151 -17.08 -25.86 -14.83
N ALA F 152 -15.97 -25.41 -15.43
CA ALA F 152 -15.67 -23.99 -15.48
C ALA F 152 -16.67 -23.36 -16.42
N PRO F 153 -17.01 -22.07 -16.19
CA PRO F 153 -17.99 -21.41 -17.06
C PRO F 153 -17.38 -21.08 -18.43
N GLU F 154 -18.25 -20.69 -19.37
CA GLU F 154 -17.81 -20.33 -20.73
C GLU F 154 -16.88 -19.11 -20.64
N GLY F 155 -15.69 -19.24 -21.21
CA GLY F 155 -14.67 -18.18 -21.15
C GLY F 155 -13.54 -18.58 -20.22
N GLY F 156 -13.82 -19.53 -19.31
CA GLY F 156 -12.84 -20.04 -18.36
C GLY F 156 -13.08 -19.53 -16.95
N LEU F 157 -12.23 -19.97 -16.03
CA LEU F 157 -12.31 -19.56 -14.63
C LEU F 157 -12.02 -18.07 -14.52
N ARG F 158 -12.70 -17.42 -13.59
CA ARG F 158 -12.61 -15.97 -13.36
C ARG F 158 -12.03 -15.67 -12.00
N GLY F 159 -10.85 -15.06 -11.98
CA GLY F 159 -10.13 -14.72 -10.75
C GLY F 159 -10.95 -14.01 -9.68
N ALA F 160 -10.66 -14.33 -8.43
CA ALA F 160 -11.38 -13.76 -7.29
C ALA F 160 -10.61 -13.86 -5.99
N HIS F 161 -11.05 -13.06 -5.02
CA HIS F 161 -10.47 -13.08 -3.68
C HIS F 161 -11.09 -14.26 -2.96
N PHE F 162 -10.26 -15.15 -2.41
CA PHE F 162 -10.76 -16.31 -1.67
C PHE F 162 -10.05 -16.47 -0.33
N PHE F 163 -10.86 -16.51 0.72
CA PHE F 163 -10.38 -16.64 2.09
C PHE F 163 -10.47 -18.08 2.59
N PHE F 164 -9.34 -18.61 3.04
CA PHE F 164 -9.29 -19.96 3.59
C PHE F 164 -9.58 -19.87 5.10
N ASP F 165 -10.71 -20.44 5.53
CA ASP F 165 -11.08 -20.44 6.95
C ASP F 165 -10.01 -21.11 7.81
N THR F 166 -9.36 -22.11 7.23
CA THR F 166 -8.29 -22.86 7.89
C THR F 166 -7.13 -22.97 6.91
N VAL F 167 -5.90 -22.87 7.43
CA VAL F 167 -4.71 -22.98 6.59
C VAL F 167 -4.61 -24.41 6.04
N SER F 168 -4.70 -24.51 4.71
CA SER F 168 -4.62 -25.79 4.01
C SER F 168 -3.47 -25.77 3.01
N VAL F 169 -2.64 -26.81 3.05
CA VAL F 169 -1.49 -26.93 2.15
C VAL F 169 -1.97 -27.21 0.72
N THR F 170 -2.62 -28.36 0.51
CA THR F 170 -3.13 -28.74 -0.83
C THR F 170 -4.29 -27.84 -1.30
N GLY F 171 -5.00 -27.22 -0.38
CA GLY F 171 -6.09 -26.30 -0.73
C GLY F 171 -5.48 -25.06 -1.36
N THR F 172 -4.44 -24.54 -0.73
CA THR F 172 -3.72 -23.37 -1.24
C THR F 172 -3.14 -23.70 -2.61
N GLU F 173 -2.64 -24.92 -2.76
CA GLU F 173 -2.04 -25.39 -4.01
C GLU F 173 -3.07 -25.49 -5.16
N ASN F 174 -4.22 -26.11 -4.91
CA ASN F 174 -5.26 -26.22 -5.95
C ASN F 174 -5.76 -24.89 -6.47
N ILE F 175 -6.14 -23.98 -5.57
CA ILE F 175 -6.66 -22.67 -5.99
C ILE F 175 -5.56 -21.83 -6.64
N MET F 176 -4.31 -22.07 -6.25
CA MET F 176 -3.15 -21.37 -6.84
C MET F 176 -2.96 -21.78 -8.29
N MET F 177 -3.00 -23.09 -8.53
CA MET F 177 -2.83 -23.64 -9.88
C MET F 177 -3.96 -23.21 -10.81
N ALA F 178 -5.19 -23.23 -10.30
CA ALA F 178 -6.36 -22.83 -11.09
C ALA F 178 -6.31 -21.33 -11.42
N ALA F 179 -5.88 -20.54 -10.45
CA ALA F 179 -5.75 -19.09 -10.62
C ALA F 179 -4.68 -18.71 -11.64
N ALA F 180 -3.73 -19.62 -11.87
CA ALA F 180 -2.65 -19.37 -12.83
C ALA F 180 -3.16 -19.14 -14.27
N LEU F 181 -4.27 -19.79 -14.62
CA LEU F 181 -4.85 -19.65 -15.96
C LEU F 181 -6.22 -18.96 -15.98
N ALA F 182 -6.64 -18.42 -14.85
CA ALA F 182 -7.94 -17.74 -14.77
C ALA F 182 -7.83 -16.31 -15.32
N LYS F 183 -8.97 -15.64 -15.47
CA LYS F 183 -9.00 -14.27 -15.96
C LYS F 183 -8.89 -13.30 -14.78
N GLY F 184 -8.03 -12.30 -14.92
CA GLY F 184 -7.83 -11.29 -13.89
C GLY F 184 -7.05 -11.75 -12.67
N ARG F 185 -7.00 -10.87 -11.67
CA ARG F 185 -6.28 -11.15 -10.43
C ARG F 185 -7.06 -11.99 -9.42
N SER F 186 -6.33 -12.84 -8.71
CA SER F 186 -6.86 -13.70 -7.65
C SER F 186 -6.01 -13.49 -6.40
N VAL F 187 -6.66 -13.35 -5.25
CA VAL F 187 -5.95 -13.15 -3.99
C VAL F 187 -6.35 -14.24 -3.01
N LEU F 188 -5.37 -15.05 -2.60
CA LEU F 188 -5.61 -16.12 -1.64
C LEU F 188 -5.27 -15.61 -0.24
N GLN F 189 -6.33 -15.30 0.51
CA GLN F 189 -6.22 -14.77 1.86
C GLN F 189 -6.11 -15.95 2.84
N ASN F 190 -5.10 -15.86 3.71
CA ASN F 190 -4.80 -16.89 4.73
C ASN F 190 -4.31 -18.17 4.05
N ALA F 191 -3.40 -17.99 3.11
CA ALA F 191 -2.83 -19.11 2.36
C ALA F 191 -1.80 -19.86 3.20
N ALA F 192 -1.51 -21.09 2.81
CA ALA F 192 -0.50 -21.91 3.49
C ALA F 192 0.88 -21.39 3.09
N ARG F 193 1.77 -21.33 4.07
CA ARG F 193 3.15 -20.82 3.88
C ARG F 193 4.22 -21.90 3.71
N GLU F 194 3.81 -23.18 3.68
CA GLU F 194 4.74 -24.29 3.51
C GLU F 194 5.71 -24.09 2.33
N PRO F 195 6.98 -24.52 2.47
CA PRO F 195 7.97 -24.38 1.39
C PRO F 195 7.57 -25.07 0.07
N GLU F 196 6.73 -26.10 0.17
CA GLU F 196 6.26 -26.82 -1.00
C GLU F 196 5.35 -25.91 -1.83
N VAL F 197 4.59 -25.05 -1.15
CA VAL F 197 3.71 -24.07 -1.82
C VAL F 197 4.58 -23.05 -2.58
N VAL F 198 5.69 -22.65 -1.96
CA VAL F 198 6.63 -21.71 -2.56
C VAL F 198 7.29 -22.35 -3.79
N ASP F 199 7.60 -23.64 -3.66
CA ASP F 199 8.25 -24.39 -4.73
C ASP F 199 7.30 -24.52 -5.94
N LEU F 200 6.02 -24.76 -5.65
CA LEU F 200 4.99 -24.88 -6.69
C LEU F 200 4.81 -23.56 -7.44
N ALA F 201 4.86 -22.45 -6.71
CA ALA F 201 4.72 -21.12 -7.30
C ALA F 201 5.89 -20.80 -8.22
N ASN F 202 7.09 -21.23 -7.82
CA ASN F 202 8.30 -21.02 -8.61
C ASN F 202 8.27 -21.83 -9.91
N PHE F 203 7.59 -22.97 -9.87
CA PHE F 203 7.44 -23.83 -11.04
C PHE F 203 6.47 -23.20 -12.05
N ILE F 204 5.34 -22.72 -11.54
CA ILE F 204 4.34 -22.06 -12.39
C ILE F 204 4.93 -20.79 -12.99
N ASN F 205 5.67 -20.02 -12.18
CA ASN F 205 6.34 -18.82 -12.66
C ASN F 205 7.38 -19.16 -13.74
N ALA F 206 8.09 -20.27 -13.55
CA ALA F 206 9.09 -20.74 -14.52
C ALA F 206 8.45 -21.05 -15.87
N MET F 207 7.16 -21.42 -15.84
CA MET F 207 6.39 -21.70 -17.06
C MET F 207 5.66 -20.45 -17.56
N GLY F 208 6.10 -19.26 -17.16
CA GLY F 208 5.47 -18.00 -17.60
C GLY F 208 4.33 -17.47 -16.75
N GLY F 209 4.08 -18.11 -15.61
CA GLY F 209 3.01 -17.68 -14.71
C GLY F 209 3.40 -16.44 -13.93
N ASN F 210 2.40 -15.87 -13.25
CA ASN F 210 2.60 -14.67 -12.43
C ASN F 210 1.95 -14.89 -11.08
N ILE F 211 2.75 -15.42 -10.15
CA ILE F 211 2.33 -15.70 -8.78
C ILE F 211 3.31 -15.01 -7.84
N GLN F 212 2.81 -14.04 -7.08
CA GLN F 212 3.62 -13.31 -6.12
C GLN F 212 3.11 -13.56 -4.69
N GLY F 213 4.02 -13.40 -3.73
CA GLY F 213 3.70 -13.59 -2.31
C GLY F 213 3.65 -15.03 -1.81
N ALA F 214 4.17 -15.98 -2.60
CA ALA F 214 4.17 -17.38 -2.18
C ALA F 214 5.13 -17.50 -1.01
N GLY F 215 4.66 -18.10 0.07
CA GLY F 215 5.46 -18.24 1.29
C GLY F 215 4.96 -17.32 2.39
N THR F 216 4.04 -16.41 2.04
CA THR F 216 3.42 -15.48 2.98
C THR F 216 1.93 -15.77 3.05
N ASP F 217 1.27 -15.20 4.06
CA ASP F 217 -0.17 -15.40 4.27
C ASP F 217 -1.10 -14.94 3.12
N THR F 218 -0.58 -14.09 2.23
CA THR F 218 -1.36 -13.59 1.10
C THR F 218 -0.65 -13.85 -0.24
N ILE F 219 -1.30 -14.64 -1.10
CA ILE F 219 -0.76 -15.00 -2.41
C ILE F 219 -1.58 -14.34 -3.52
N THR F 220 -0.93 -13.51 -4.33
CA THR F 220 -1.56 -12.80 -5.45
C THR F 220 -1.21 -13.48 -6.75
N ILE F 221 -2.23 -13.84 -7.54
CA ILE F 221 -2.01 -14.47 -8.84
C ILE F 221 -2.70 -13.70 -9.96
N ASP F 222 -1.95 -13.28 -10.96
CA ASP F 222 -2.50 -12.61 -12.14
C ASP F 222 -2.49 -13.64 -13.25
N GLY F 223 -3.66 -14.19 -13.54
CA GLY F 223 -3.79 -15.21 -14.57
C GLY F 223 -3.18 -14.86 -15.91
N VAL F 224 -2.54 -15.84 -16.53
CA VAL F 224 -1.91 -15.69 -17.83
C VAL F 224 -2.67 -16.52 -18.85
N GLU F 225 -2.38 -16.33 -20.14
CA GLU F 225 -3.08 -17.06 -21.19
C GLU F 225 -2.69 -18.54 -21.21
N ARG F 226 -1.40 -18.83 -21.36
CA ARG F 226 -0.93 -20.22 -21.40
C ARG F 226 0.38 -20.36 -20.63
N LEU F 227 0.76 -21.60 -20.35
CA LEU F 227 2.00 -21.92 -19.62
C LEU F 227 2.81 -22.92 -20.43
N ASP F 228 3.99 -22.50 -20.89
CA ASP F 228 4.84 -23.32 -21.77
C ASP F 228 5.99 -24.02 -21.02
N SER F 229 6.77 -24.80 -21.78
CA SER F 229 7.91 -25.61 -21.30
C SER F 229 8.88 -24.99 -20.27
N ALA F 230 9.44 -25.88 -19.45
CA ALA F 230 10.41 -25.54 -18.39
C ALA F 230 11.05 -26.82 -17.81
N ASN F 231 12.33 -26.74 -17.47
CA ASN F 231 13.08 -27.87 -16.90
C ASN F 231 13.40 -27.50 -15.42
N TYR F 232 12.43 -27.77 -14.55
CA TYR F 232 12.51 -27.41 -13.12
C TYR F 232 12.75 -28.60 -12.18
N ARG F 233 13.70 -28.46 -11.24
CA ARG F 233 14.02 -29.52 -10.29
C ARG F 233 13.48 -29.16 -8.91
N VAL F 234 12.74 -30.10 -8.29
CA VAL F 234 12.10 -29.87 -6.99
C VAL F 234 13.08 -29.68 -5.83
N MET F 235 12.56 -29.09 -4.76
CA MET F 235 13.34 -28.80 -3.56
C MET F 235 13.64 -30.06 -2.75
N PRO F 236 14.52 -29.95 -1.73
CA PRO F 236 14.79 -31.12 -0.90
C PRO F 236 13.63 -31.41 0.04
N ASP F 237 13.55 -32.65 0.51
CA ASP F 237 12.49 -33.08 1.41
C ASP F 237 12.87 -32.73 2.85
N ARG F 238 12.20 -31.73 3.42
CA ARG F 238 12.44 -31.31 4.81
C ARG F 238 12.03 -32.34 5.87
N ILE F 239 11.03 -33.17 5.54
CA ILE F 239 10.55 -34.22 6.46
C ILE F 239 11.55 -35.38 6.49
N GLU F 240 12.10 -35.69 5.31
CA GLU F 240 13.11 -36.75 5.19
C GLU F 240 14.36 -36.29 5.92
N THR F 241 14.73 -35.02 5.73
CA THR F 241 15.88 -34.43 6.40
C THR F 241 15.75 -34.55 7.92
N GLY F 242 14.59 -34.13 8.44
CA GLY F 242 14.33 -34.19 9.87
C GLY F 242 14.36 -35.60 10.44
N THR F 243 13.87 -36.56 9.67
CA THR F 243 13.82 -37.95 10.11
C THR F 243 15.20 -38.57 10.29
N TYR F 244 16.11 -38.33 9.35
CA TYR F 244 17.47 -38.90 9.47
C TYR F 244 18.30 -38.18 10.53
N LEU F 245 17.95 -36.93 10.83
CA LEU F 245 18.61 -36.20 11.91
C LEU F 245 18.18 -36.80 13.24
N VAL F 246 16.90 -37.21 13.33
CA VAL F 246 16.38 -37.85 14.55
C VAL F 246 16.99 -39.26 14.69
N ALA F 247 17.30 -39.89 13.56
CA ALA F 247 17.93 -41.23 13.57
C ALA F 247 19.28 -41.17 14.28
N ALA F 248 20.05 -40.13 14.01
CA ALA F 248 21.35 -39.95 14.67
C ALA F 248 21.15 -39.53 16.12
N ALA F 249 20.13 -38.71 16.36
CA ALA F 249 19.84 -38.22 17.71
C ALA F 249 19.45 -39.32 18.70
N VAL F 250 18.49 -40.17 18.32
CA VAL F 250 18.04 -41.26 19.19
C VAL F 250 19.14 -42.25 19.54
N THR F 251 19.96 -42.60 18.55
CA THR F 251 21.06 -43.55 18.73
C THR F 251 22.31 -42.94 19.38
N GLY F 252 22.27 -41.63 19.67
CA GLY F 252 23.41 -40.95 20.29
C GLY F 252 24.60 -40.74 19.36
N GLY F 253 24.39 -40.98 18.06
CA GLY F 253 25.46 -40.85 17.07
C GLY F 253 25.40 -39.54 16.31
N ARG F 254 25.97 -39.53 15.11
CA ARG F 254 25.99 -38.34 14.27
C ARG F 254 25.58 -38.68 12.84
N VAL F 255 25.38 -37.64 12.05
CA VAL F 255 25.01 -37.82 10.63
C VAL F 255 25.16 -36.50 9.85
N LYS F 256 25.67 -36.59 8.63
CA LYS F 256 25.81 -35.42 7.77
C LYS F 256 24.76 -35.56 6.66
N VAL F 257 23.80 -34.63 6.67
CA VAL F 257 22.71 -34.62 5.72
C VAL F 257 23.09 -33.71 4.54
N LYS F 258 23.27 -34.31 3.35
CA LYS F 258 23.67 -33.61 2.12
C LYS F 258 22.47 -33.32 1.19
N ASP F 259 22.64 -32.33 0.31
CA ASP F 259 21.61 -31.91 -0.67
C ASP F 259 20.28 -31.53 0.00
N THR F 260 20.37 -30.72 1.04
CA THR F 260 19.20 -30.26 1.79
C THR F 260 19.20 -28.74 1.91
N ASP F 261 18.47 -28.21 2.90
CA ASP F 261 18.36 -26.77 3.12
C ASP F 261 17.97 -26.55 4.59
N PRO F 262 18.84 -25.89 5.39
CA PRO F 262 18.51 -25.69 6.81
C PRO F 262 17.31 -24.77 7.08
N THR F 263 17.13 -23.74 6.25
CA THR F 263 16.04 -22.76 6.42
C THR F 263 14.63 -23.35 6.38
N ILE F 264 14.45 -24.51 5.74
CA ILE F 264 13.11 -25.14 5.65
C ILE F 264 12.73 -26.07 6.84
N LEU F 265 13.49 -26.03 7.94
CA LEU F 265 13.18 -26.84 9.13
C LEU F 265 13.83 -26.27 10.40
N GLU F 266 13.82 -24.95 10.54
CA GLU F 266 14.41 -24.28 11.72
C GLU F 266 13.68 -24.58 13.02
N ALA F 267 12.39 -24.92 12.92
CA ALA F 267 11.60 -25.30 14.10
C ALA F 267 12.06 -26.66 14.61
N VAL F 268 12.35 -27.57 13.68
CA VAL F 268 12.83 -28.91 14.00
C VAL F 268 14.25 -28.85 14.57
N LEU F 269 15.14 -28.11 13.89
CA LEU F 269 16.53 -27.96 14.33
C LEU F 269 16.62 -27.38 15.73
N GLU F 270 15.71 -26.45 16.07
CA GLU F 270 15.70 -25.84 17.39
C GLU F 270 15.32 -26.88 18.46
N LYS F 271 14.34 -27.74 18.15
CA LYS F 271 13.94 -28.77 19.09
C LYS F 271 15.07 -29.77 19.34
N LEU F 272 15.90 -29.99 18.32
CA LEU F 272 17.05 -30.89 18.44
C LEU F 272 18.10 -30.24 19.35
N LYS F 273 18.25 -28.92 19.26
CA LYS F 273 19.20 -28.18 20.11
C LYS F 273 18.82 -28.28 21.59
N GLU F 274 17.51 -28.20 21.88
CA GLU F 274 17.01 -28.32 23.25
C GLU F 274 17.13 -29.76 23.76
N ALA F 275 17.13 -30.71 22.83
CA ALA F 275 17.27 -32.13 23.17
C ALA F 275 18.72 -32.49 23.51
N GLY F 276 19.65 -31.56 23.28
CA GLY F 276 21.07 -31.77 23.58
C GLY F 276 21.97 -31.91 22.37
N ALA F 277 21.40 -31.94 21.17
CA ALA F 277 22.18 -32.09 19.93
C ALA F 277 22.92 -30.81 19.52
N ASP F 278 24.18 -30.98 19.14
CA ASP F 278 25.01 -29.87 18.68
C ASP F 278 24.83 -29.85 17.17
N ILE F 279 24.36 -28.71 16.65
CA ILE F 279 24.05 -28.57 15.23
C ILE F 279 24.87 -27.49 14.51
N ASN F 280 25.46 -27.88 13.39
CA ASN F 280 26.25 -27.00 12.53
C ASN F 280 25.72 -27.23 11.12
N THR F 281 25.51 -26.13 10.38
CA THR F 281 24.96 -26.20 9.03
C THR F 281 25.83 -25.53 7.96
N GLY F 282 25.36 -25.63 6.72
CA GLY F 282 26.01 -25.03 5.57
C GLY F 282 24.93 -24.45 4.67
N GLU F 283 25.27 -24.15 3.43
CA GLU F 283 24.29 -23.60 2.50
C GLU F 283 23.27 -24.68 2.12
N ASP F 284 23.75 -25.88 1.83
CA ASP F 284 22.87 -27.01 1.46
C ASP F 284 23.16 -28.32 2.22
N TRP F 285 23.56 -28.20 3.49
CA TRP F 285 23.83 -29.38 4.31
C TRP F 285 23.65 -29.11 5.80
N ILE F 286 23.39 -30.17 6.55
CA ILE F 286 23.18 -30.10 8.00
C ILE F 286 23.95 -31.26 8.63
N GLU F 287 24.60 -30.97 9.76
CA GLU F 287 25.35 -31.99 10.51
C GLU F 287 24.92 -31.93 11.96
N LEU F 288 24.53 -33.07 12.51
CA LEU F 288 24.10 -33.18 13.90
C LEU F 288 24.92 -34.27 14.58
N ASP F 289 25.32 -34.02 15.83
CA ASP F 289 26.11 -34.98 16.59
C ASP F 289 25.72 -34.91 18.07
N MET F 290 25.29 -36.05 18.63
CA MET F 290 24.91 -36.15 20.06
C MET F 290 26.10 -36.45 20.97
N HIS F 291 27.19 -36.96 20.39
CA HIS F 291 28.41 -37.29 21.13
C HIS F 291 28.16 -38.37 22.20
N GLY F 292 27.27 -39.31 21.87
CA GLY F 292 26.92 -40.41 22.78
C GLY F 292 26.00 -40.07 23.93
N LYS F 293 25.52 -38.83 23.99
CA LYS F 293 24.64 -38.41 25.08
C LYS F 293 23.20 -38.87 24.88
N ARG F 294 22.52 -39.07 26.00
CA ARG F 294 21.12 -39.45 26.01
C ARG F 294 20.37 -38.13 25.82
N PRO F 295 19.36 -38.09 24.93
CA PRO F 295 18.65 -36.82 24.71
C PRO F 295 17.80 -36.38 25.89
N LYS F 296 17.45 -35.10 25.93
CA LYS F 296 16.58 -34.56 26.99
C LYS F 296 15.17 -34.39 26.45
N ALA F 297 14.18 -34.61 27.33
CA ALA F 297 12.78 -34.50 26.96
C ALA F 297 12.45 -33.08 26.56
N VAL F 298 11.63 -32.94 25.51
CA VAL F 298 11.24 -31.63 25.01
C VAL F 298 9.74 -31.56 24.74
N ASN F 299 9.18 -30.39 24.96
CA ASN F 299 7.79 -30.12 24.70
C ASN F 299 7.71 -29.79 23.23
N LEU F 300 6.52 -29.90 22.65
CA LEU F 300 6.35 -29.67 21.22
C LEU F 300 4.87 -29.45 20.86
N ARG F 301 4.63 -28.56 19.92
CA ARG F 301 3.27 -28.24 19.47
C ARG F 301 3.26 -28.17 17.95
N THR F 302 2.54 -29.07 17.29
CA THR F 302 2.45 -29.04 15.82
C THR F 302 1.55 -27.90 15.40
N ALA F 303 1.85 -27.33 14.23
CA ALA F 303 1.08 -26.23 13.68
C ALA F 303 1.53 -26.01 12.24
N PRO F 304 0.86 -25.08 11.52
CA PRO F 304 1.29 -24.84 10.14
C PRO F 304 2.68 -24.21 10.08
N TYR F 305 3.44 -24.53 9.04
CA TYR F 305 4.79 -23.99 8.83
C TYR F 305 4.75 -22.45 8.93
N PRO F 306 5.81 -21.79 9.44
CA PRO F 306 7.07 -22.36 9.90
C PRO F 306 7.08 -23.13 11.23
N ALA F 307 5.92 -23.23 11.88
CA ALA F 307 5.82 -23.98 13.16
C ALA F 307 6.25 -25.43 12.99
N PHE F 308 6.36 -26.14 14.11
CA PHE F 308 6.77 -27.54 14.05
C PHE F 308 5.78 -28.33 13.19
N PRO F 309 6.29 -29.15 12.24
CA PRO F 309 5.39 -29.90 11.37
C PRO F 309 4.84 -31.21 11.96
N THR F 310 3.58 -31.50 11.65
CA THR F 310 2.92 -32.71 12.10
C THR F 310 3.60 -33.97 11.56
N ASP F 311 4.16 -33.89 10.34
CA ASP F 311 4.86 -35.02 9.73
C ASP F 311 6.14 -35.41 10.48
N MET F 312 6.56 -34.56 11.43
CA MET F 312 7.72 -34.83 12.28
C MET F 312 7.33 -35.16 13.73
N GLN F 313 6.06 -35.00 14.07
CA GLN F 313 5.57 -35.28 15.43
C GLN F 313 5.87 -36.68 15.95
N ALA F 314 5.62 -37.70 15.13
CA ALA F 314 5.88 -39.08 15.53
C ALA F 314 7.37 -39.34 15.79
N GLN F 315 8.22 -38.79 14.92
CA GLN F 315 9.67 -38.96 15.05
C GLN F 315 10.18 -38.48 16.39
N PHE F 316 9.65 -37.34 16.86
CA PHE F 316 10.06 -36.79 18.17
C PHE F 316 9.53 -37.57 19.36
N ILE F 317 8.46 -38.35 19.18
CA ILE F 317 7.97 -39.21 20.26
C ILE F 317 8.99 -40.33 20.46
N SER F 318 9.60 -40.79 19.36
CA SER F 318 10.63 -41.83 19.41
C SER F 318 11.85 -41.32 20.19
N LEU F 319 12.18 -40.04 19.97
CA LEU F 319 13.32 -39.40 20.63
C LEU F 319 13.01 -39.27 22.12
N ASN F 320 11.89 -38.63 22.45
CA ASN F 320 11.47 -38.47 23.86
C ASN F 320 11.30 -39.79 24.61
N ALA F 321 10.93 -40.86 23.89
CA ALA F 321 10.72 -42.17 24.50
C ALA F 321 11.95 -42.73 25.24
N ILE F 322 13.16 -42.39 24.78
CA ILE F 322 14.40 -42.85 25.45
C ILE F 322 15.18 -41.70 26.12
N ALA F 323 14.56 -40.53 26.19
CA ALA F 323 15.18 -39.33 26.76
C ALA F 323 15.06 -39.25 28.29
N GLU F 324 15.66 -38.20 28.87
CA GLU F 324 15.66 -37.95 30.30
C GLU F 324 14.59 -36.91 30.64
N GLY F 325 13.53 -37.34 31.32
CA GLY F 325 12.42 -36.45 31.71
C GLY F 325 11.15 -36.72 30.92
N THR F 326 10.10 -35.98 31.24
CA THR F 326 8.81 -36.11 30.57
C THR F 326 8.64 -35.01 29.51
N GLY F 327 8.14 -35.39 28.34
CA GLY F 327 7.94 -34.47 27.22
C GLY F 327 6.51 -34.51 26.74
N ALA F 328 5.92 -33.34 26.52
CA ALA F 328 4.54 -33.21 26.05
C ALA F 328 4.51 -32.92 24.56
N VAL F 329 4.11 -33.92 23.77
CA VAL F 329 4.03 -33.78 22.31
C VAL F 329 2.56 -33.48 21.99
N ILE F 330 2.30 -32.27 21.50
CA ILE F 330 0.94 -31.81 21.21
C ILE F 330 0.65 -31.63 19.72
N GLU F 331 -0.59 -31.97 19.33
CA GLU F 331 -1.08 -31.85 17.96
C GLU F 331 -2.18 -30.80 17.84
N THR F 332 -2.11 -29.99 16.78
CA THR F 332 -3.16 -28.99 16.51
C THR F 332 -3.73 -29.20 15.10
N ILE F 333 -2.99 -29.89 14.22
CA ILE F 333 -3.43 -30.18 12.86
C ILE F 333 -4.20 -31.50 12.81
N PHE F 334 -3.55 -32.59 13.19
CA PHE F 334 -4.19 -33.91 13.22
C PHE F 334 -4.21 -34.34 14.68
N GLU F 335 -5.27 -33.90 15.37
CA GLU F 335 -5.48 -34.11 16.81
C GLU F 335 -5.37 -35.54 17.34
N ASN F 336 -5.76 -36.54 16.55
CA ASN F 336 -5.67 -37.94 17.00
C ASN F 336 -4.77 -38.80 16.09
N ARG F 337 -3.63 -38.22 15.72
CA ARG F 337 -2.64 -38.89 14.87
C ARG F 337 -1.57 -39.48 15.80
N PHE F 338 -1.95 -40.54 16.52
CA PHE F 338 -1.04 -41.20 17.48
C PHE F 338 -1.01 -42.73 17.38
N MET F 339 -1.29 -43.30 16.21
CA MET F 339 -1.24 -44.75 16.05
C MET F 339 0.10 -45.31 16.51
N HIS F 340 1.18 -44.72 16.00
CA HIS F 340 2.54 -45.10 16.35
C HIS F 340 2.77 -45.22 17.87
N VAL F 341 2.14 -44.34 18.65
CA VAL F 341 2.25 -44.37 20.11
C VAL F 341 1.83 -45.71 20.68
N TYR F 342 0.70 -46.25 20.22
CA TYR F 342 0.20 -47.53 20.73
C TYR F 342 1.09 -48.69 20.27
N GLU F 343 1.76 -48.51 19.14
CA GLU F 343 2.68 -49.53 18.66
C GLU F 343 3.97 -49.46 19.50
N MET F 344 4.32 -48.26 19.98
CA MET F 344 5.49 -48.10 20.84
C MET F 344 5.26 -48.68 22.24
N HIS F 345 4.00 -48.77 22.67
CA HIS F 345 3.71 -49.39 23.98
C HIS F 345 4.18 -50.84 23.94
N ARG F 346 4.10 -51.44 22.75
CA ARG F 346 4.56 -52.83 22.55
C ARG F 346 6.07 -52.95 22.73
N MET F 347 6.79 -51.84 22.54
CA MET F 347 8.24 -51.80 22.72
C MET F 347 8.65 -51.28 24.12
N GLY F 348 7.70 -51.17 25.04
CA GLY F 348 7.96 -50.69 26.40
C GLY F 348 7.94 -49.17 26.59
N ALA F 349 7.53 -48.43 25.56
CA ALA F 349 7.48 -46.96 25.66
C ALA F 349 6.41 -46.52 26.66
N GLN F 350 6.74 -45.54 27.50
CA GLN F 350 5.82 -45.02 28.51
C GLN F 350 5.22 -43.72 27.99
N ILE F 351 4.05 -43.82 27.36
CA ILE F 351 3.39 -42.67 26.78
C ILE F 351 1.89 -42.67 27.09
N GLN F 352 1.43 -41.64 27.82
CA GLN F 352 0.02 -41.47 28.15
C GLN F 352 -0.59 -40.48 27.14
N VAL F 353 -1.65 -40.89 26.47
CA VAL F 353 -2.32 -40.05 25.47
C VAL F 353 -3.70 -39.60 25.94
N GLU F 354 -3.89 -38.29 26.06
CA GLU F 354 -5.17 -37.69 26.42
C GLU F 354 -5.49 -36.61 25.40
N GLY F 355 -6.42 -36.93 24.49
CA GLY F 355 -6.83 -36.01 23.44
C GLY F 355 -5.70 -35.78 22.48
N ASN F 356 -5.41 -34.51 22.21
CA ASN F 356 -4.35 -34.13 21.28
C ASN F 356 -2.95 -34.06 21.90
N THR F 357 -2.84 -34.42 23.18
CA THR F 357 -1.54 -34.40 23.87
C THR F 357 -1.02 -35.81 24.13
N ALA F 358 0.27 -36.00 23.88
CA ALA F 358 0.96 -37.27 24.10
C ALA F 358 2.05 -36.98 25.12
N ILE F 359 1.79 -37.38 26.37
CA ILE F 359 2.74 -37.16 27.47
C ILE F 359 3.75 -38.31 27.48
N VAL F 360 4.92 -38.07 26.89
CA VAL F 360 5.96 -39.10 26.81
C VAL F 360 6.88 -39.07 28.03
N THR F 361 7.00 -40.20 28.70
CA THR F 361 7.88 -40.38 29.85
C THR F 361 9.04 -41.21 29.31
N GLY F 362 10.25 -40.65 29.34
CA GLY F 362 11.43 -41.34 28.81
C GLY F 362 11.94 -42.49 29.66
N VAL F 363 12.45 -43.52 29.00
CA VAL F 363 13.00 -44.69 29.68
C VAL F 363 14.45 -44.89 29.21
N LYS F 364 15.18 -45.77 29.89
CA LYS F 364 16.59 -46.01 29.55
C LYS F 364 16.76 -46.70 28.19
N ALA F 365 15.83 -47.60 27.87
CA ALA F 365 15.88 -48.31 26.59
C ALA F 365 14.54 -48.98 26.25
N LEU F 366 14.29 -49.19 24.97
CA LEU F 366 13.08 -49.87 24.50
C LEU F 366 13.40 -51.34 24.30
N LYS F 367 12.36 -52.16 24.24
CA LYS F 367 12.49 -53.61 24.06
C LYS F 367 11.93 -53.95 22.68
N GLY F 368 12.70 -54.68 21.88
CA GLY F 368 12.26 -55.07 20.53
C GLY F 368 10.99 -55.90 20.54
N ALA F 369 10.13 -55.66 19.56
CA ALA F 369 8.85 -56.39 19.44
C ALA F 369 8.24 -56.18 18.07
N PRO F 370 7.49 -57.18 17.56
CA PRO F 370 6.86 -57.02 16.24
C PRO F 370 5.75 -55.96 16.25
N VAL F 371 5.87 -54.95 15.37
CA VAL F 371 4.91 -53.86 15.28
C VAL F 371 4.30 -53.74 13.89
N MET F 372 3.39 -52.78 13.72
CA MET F 372 2.68 -52.57 12.45
C MET F 372 2.63 -51.10 12.04
N ALA F 373 2.98 -50.82 10.79
CA ALA F 373 2.97 -49.45 10.24
C ALA F 373 1.61 -49.13 9.62
N THR F 374 1.21 -47.86 9.72
CA THR F 374 -0.08 -47.39 9.17
C THR F 374 -0.04 -45.98 8.53
N ASP F 375 0.92 -45.16 8.90
CA ASP F 375 1.01 -43.78 8.40
C ASP F 375 2.28 -43.61 7.55
N LEU F 376 2.12 -43.13 6.32
CA LEU F 376 3.26 -42.98 5.40
C LEU F 376 4.44 -42.15 5.91
N ARG F 377 4.19 -41.24 6.86
CA ARG F 377 5.23 -40.42 7.49
C ARG F 377 5.42 -40.73 8.98
N ALA F 378 4.31 -40.84 9.70
CA ALA F 378 4.37 -41.12 11.14
C ALA F 378 4.89 -42.52 11.50
N SER F 379 4.72 -43.50 10.60
CA SER F 379 5.22 -44.86 10.86
C SER F 379 6.74 -44.98 10.79
N ALA F 380 7.42 -43.92 10.30
CA ALA F 380 8.87 -43.91 10.26
C ALA F 380 9.39 -43.83 11.70
N SER F 381 8.50 -43.44 12.62
CA SER F 381 8.83 -43.37 14.04
C SER F 381 9.08 -44.77 14.60
N LEU F 382 8.46 -45.78 13.98
CA LEU F 382 8.63 -47.17 14.40
C LEU F 382 10.03 -47.66 14.07
N VAL F 383 10.59 -47.16 12.96
CA VAL F 383 11.94 -47.51 12.54
C VAL F 383 12.94 -46.86 13.51
N LEU F 384 12.74 -45.57 13.82
CA LEU F 384 13.61 -44.84 14.74
C LEU F 384 13.62 -45.46 16.14
N SER F 385 12.46 -45.86 16.63
CA SER F 385 12.34 -46.49 17.95
C SER F 385 13.00 -47.87 17.96
N ALA F 386 12.92 -48.57 16.82
CA ALA F 386 13.52 -49.89 16.68
C ALA F 386 15.05 -49.84 16.70
N LEU F 387 15.62 -48.70 16.26
CA LEU F 387 17.08 -48.51 16.22
C LEU F 387 17.76 -48.47 17.60
N VAL F 388 16.98 -48.16 18.64
CA VAL F 388 17.49 -48.11 20.03
C VAL F 388 16.82 -49.17 20.93
N ALA F 389 16.06 -50.08 20.32
CA ALA F 389 15.36 -51.11 21.07
C ALA F 389 16.21 -52.37 21.22
N GLU F 390 16.13 -53.00 22.39
CA GLU F 390 16.86 -54.23 22.69
C GLU F 390 16.39 -55.36 21.79
N GLY F 391 17.32 -56.00 21.07
CA GLY F 391 16.99 -57.12 20.19
C GLY F 391 16.40 -56.72 18.86
N ASP F 392 15.74 -57.66 18.21
CA ASP F 392 15.13 -57.46 16.90
C ASP F 392 13.71 -56.89 16.94
N THR F 393 13.37 -56.13 15.90
CA THR F 393 12.06 -55.48 15.76
C THR F 393 11.54 -55.75 14.36
N LEU F 394 10.42 -56.46 14.26
CA LEU F 394 9.80 -56.80 12.98
C LEU F 394 8.69 -55.80 12.65
N ILE F 395 8.90 -54.98 11.62
CA ILE F 395 7.92 -53.98 11.19
C ILE F 395 7.18 -54.49 9.95
N ASP F 396 5.88 -54.74 10.09
CA ASP F 396 5.04 -55.25 9.01
C ASP F 396 4.31 -54.07 8.34
N ARG F 397 3.74 -54.32 7.17
CA ARG F 397 3.01 -53.30 6.38
C ARG F 397 3.92 -52.11 6.03
N ILE F 398 5.09 -52.44 5.47
CA ILE F 398 6.10 -51.47 5.08
C ILE F 398 5.68 -50.58 3.91
N TYR F 399 4.75 -51.04 3.07
CA TYR F 399 4.30 -50.24 1.93
C TYR F 399 3.93 -48.82 2.34
N HIS F 400 3.45 -48.63 3.57
CA HIS F 400 3.12 -47.29 4.08
C HIS F 400 4.38 -46.43 4.12
N ILE F 401 5.46 -46.97 4.69
CA ILE F 401 6.75 -46.26 4.77
C ILE F 401 7.34 -46.03 3.36
N ASP F 402 7.11 -46.99 2.46
CA ASP F 402 7.60 -46.88 1.08
C ASP F 402 6.88 -45.77 0.28
N ARG F 403 5.75 -45.29 0.79
CA ARG F 403 5.05 -44.18 0.15
C ARG F 403 5.70 -42.84 0.49
N GLY F 404 6.17 -42.70 1.73
CA GLY F 404 6.79 -41.45 2.20
C GLY F 404 8.30 -41.32 2.22
N TYR F 405 9.04 -42.42 2.06
CA TYR F 405 10.50 -42.38 2.11
C TYR F 405 11.17 -43.26 1.06
N GLU F 406 12.16 -42.69 0.36
CA GLU F 406 12.91 -43.40 -0.67
C GLU F 406 13.98 -44.46 -0.36
N CYS F 407 13.60 -45.73 -0.40
CA CYS F 407 14.34 -46.89 0.15
C CYS F 407 15.01 -46.89 1.55
N ILE F 408 14.24 -46.43 2.53
CA ILE F 408 14.71 -46.06 3.88
C ILE F 408 15.79 -47.00 4.46
N GLU F 409 15.66 -48.31 4.26
CA GLU F 409 16.63 -49.26 4.80
C GLU F 409 18.02 -49.07 4.21
N GLU F 410 18.10 -48.72 2.92
CA GLU F 410 19.38 -48.52 2.22
C GLU F 410 20.13 -47.26 2.68
N LYS F 411 19.41 -46.29 3.24
CA LYS F 411 20.03 -45.06 3.74
C LYS F 411 20.46 -45.22 5.19
N LEU F 412 19.70 -46.00 5.97
CA LEU F 412 20.05 -46.27 7.37
C LEU F 412 21.22 -47.26 7.43
N GLN F 413 21.36 -48.10 6.40
CA GLN F 413 22.48 -49.05 6.31
C GLN F 413 23.79 -48.29 6.13
N MET F 414 23.75 -47.18 5.38
CA MET F 414 24.93 -46.33 5.15
C MET F 414 25.43 -45.68 6.44
N LEU F 415 24.57 -45.66 7.46
CA LEU F 415 24.90 -45.08 8.76
C LEU F 415 25.30 -46.14 9.79
N GLY F 416 25.44 -47.39 9.34
CA GLY F 416 25.85 -48.49 10.22
C GLY F 416 24.72 -49.15 11.02
N ALA F 417 23.48 -49.00 10.56
CA ALA F 417 22.34 -49.61 11.23
C ALA F 417 22.12 -51.04 10.73
N LYS F 418 21.91 -51.97 11.66
CA LYS F 418 21.66 -53.36 11.26
C LYS F 418 20.17 -53.47 10.90
N ILE F 419 19.85 -53.16 9.66
CA ILE F 419 18.48 -53.19 9.15
C ILE F 419 18.45 -53.85 7.78
N ARG F 420 17.39 -54.61 7.51
CA ARG F 420 17.22 -55.29 6.22
C ARG F 420 15.75 -55.54 5.86
N ARG F 421 15.49 -55.66 4.56
CA ARG F 421 14.15 -55.91 4.03
C ARG F 421 14.00 -57.40 3.74
N VAL F 422 12.99 -58.02 4.35
CA VAL F 422 12.72 -59.44 4.18
C VAL F 422 11.48 -59.60 3.27
N PRO F 423 11.66 -60.07 2.02
CA PRO F 423 10.51 -60.23 1.11
C PRO F 423 9.48 -61.28 1.55
N GLY F 424 9.91 -62.24 2.38
CA GLY F 424 9.02 -63.29 2.88
C GLY F 424 8.25 -62.85 4.12
N MET G 4 -19.99 -0.20 39.10
CA MET G 4 -21.12 0.72 39.43
C MET G 4 -22.04 0.95 38.23
N ASP G 5 -21.50 1.54 37.17
CA ASP G 5 -22.29 1.84 35.95
C ASP G 5 -22.95 0.61 35.32
N LYS G 6 -24.07 0.87 34.64
CA LYS G 6 -24.85 -0.17 33.95
C LYS G 6 -25.38 0.37 32.63
N LEU G 7 -25.78 -0.54 31.74
CA LEU G 7 -26.34 -0.19 30.43
C LEU G 7 -27.73 -0.82 30.26
N ILE G 8 -28.74 0.03 30.09
CA ILE G 8 -30.11 -0.44 29.86
C ILE G 8 -30.37 -0.25 28.36
N ILE G 9 -30.86 -1.31 27.71
CA ILE G 9 -31.09 -1.29 26.25
C ILE G 9 -32.46 -1.84 25.86
N THR G 10 -33.17 -1.10 25.01
CA THR G 10 -34.47 -1.51 24.49
C THR G 10 -34.22 -1.99 23.06
N GLY G 11 -34.63 -3.22 22.77
CA GLY G 11 -34.43 -3.81 21.45
C GLY G 11 -35.58 -3.60 20.48
N GLY G 12 -35.51 -4.32 19.36
CA GLY G 12 -36.53 -4.24 18.31
C GLY G 12 -36.42 -3.03 17.40
N ALA G 13 -35.32 -2.28 17.52
CA ALA G 13 -35.09 -1.07 16.72
C ALA G 13 -33.99 -1.28 15.69
N ARG G 14 -34.32 -1.09 14.42
CA ARG G 14 -33.37 -1.24 13.32
C ARG G 14 -32.39 -0.08 13.28
N LEU G 15 -31.10 -0.38 13.32
CA LEU G 15 -30.08 0.66 13.31
C LEU G 15 -29.84 1.22 11.91
N ASP G 16 -29.47 2.49 11.85
CA ASP G 16 -29.20 3.17 10.59
C ASP G 16 -28.46 4.46 10.93
N GLY G 17 -27.24 4.60 10.43
CA GLY G 17 -26.42 5.79 10.69
C GLY G 17 -24.97 5.54 10.32
N GLU G 18 -24.06 6.28 10.95
CA GLU G 18 -22.63 6.12 10.70
C GLU G 18 -21.82 6.52 11.93
N ILE G 19 -20.59 6.02 11.99
CA ILE G 19 -19.69 6.30 13.11
C ILE G 19 -18.22 6.42 12.68
N ARG G 20 -17.44 7.09 13.53
CA ARG G 20 -16.01 7.28 13.31
C ARG G 20 -15.24 6.32 14.21
N ILE G 21 -14.37 5.52 13.60
CA ILE G 21 -13.57 4.52 14.31
C ILE G 21 -12.38 5.12 15.04
N SER G 22 -12.17 4.62 16.25
CA SER G 22 -11.08 5.05 17.11
C SER G 22 -9.78 4.35 16.71
N GLY G 23 -8.72 4.62 17.45
CA GLY G 23 -7.44 3.96 17.21
C GLY G 23 -7.51 2.58 17.84
N ALA G 24 -6.70 1.66 17.33
CA ALA G 24 -6.67 0.30 17.85
C ALA G 24 -6.08 0.26 19.25
N LYS G 25 -6.82 -0.34 20.19
CA LYS G 25 -6.38 -0.47 21.57
C LYS G 25 -5.13 -1.34 21.64
N ASN G 26 -5.14 -2.44 20.88
CA ASN G 26 -4.01 -3.37 20.82
C ASN G 26 -2.80 -2.84 20.05
N ALA G 27 -2.93 -1.64 19.46
CA ALA G 27 -1.83 -0.98 18.75
C ALA G 27 -1.30 0.14 19.63
N ALA G 28 -2.20 0.79 20.36
CA ALA G 28 -1.84 1.87 21.27
C ALA G 28 -0.93 1.35 22.38
N LEU G 29 -1.34 0.26 23.04
CA LEU G 29 -0.59 -0.35 24.14
C LEU G 29 0.90 -0.68 23.83
N PRO G 30 1.19 -1.39 22.71
CA PRO G 30 2.59 -1.68 22.38
C PRO G 30 3.38 -0.44 21.91
N ILE G 31 2.70 0.47 21.21
CA ILE G 31 3.33 1.72 20.74
C ILE G 31 3.66 2.60 21.94
N LEU G 32 2.76 2.63 22.93
CA LEU G 32 2.98 3.39 24.15
C LEU G 32 4.18 2.79 24.89
N ALA G 33 4.25 1.47 24.92
CA ALA G 33 5.36 0.77 25.56
C ALA G 33 6.67 1.02 24.79
N ALA G 34 6.54 1.17 23.47
CA ALA G 34 7.71 1.42 22.59
C ALA G 34 8.31 2.83 22.78
N THR G 35 7.60 3.72 23.47
CA THR G 35 8.12 5.07 23.74
C THR G 35 9.27 5.01 24.75
N LEU G 36 9.36 3.89 25.48
CA LEU G 36 10.44 3.68 26.45
C LEU G 36 11.78 3.40 25.78
N LEU G 37 11.76 3.24 24.46
CA LEU G 37 12.97 3.01 23.66
C LEU G 37 13.55 4.35 23.20
N ALA G 38 12.70 5.37 23.11
CA ALA G 38 13.08 6.70 22.65
C ALA G 38 14.09 7.43 23.52
N ASP G 39 14.92 8.24 22.90
CA ASP G 39 15.90 9.06 23.61
C ASP G 39 15.22 10.39 23.92
N GLY G 40 14.62 11.03 22.92
CA GLY G 40 13.93 12.31 23.10
C GLY G 40 12.43 12.12 23.30
N PRO G 41 11.67 13.24 23.34
CA PRO G 41 10.21 13.18 23.50
C PRO G 41 9.50 12.58 22.28
N VAL G 42 8.43 11.81 22.52
CA VAL G 42 7.65 11.15 21.46
C VAL G 42 6.15 11.39 21.65
N THR G 43 5.44 11.61 20.54
CA THR G 43 3.99 11.85 20.56
C THR G 43 3.23 10.72 19.85
N VAL G 44 2.12 10.29 20.46
CA VAL G 44 1.28 9.20 19.91
C VAL G 44 -0.16 9.73 19.74
N GLY G 45 -0.64 9.72 18.50
CA GLY G 45 -1.98 10.23 18.19
C GLY G 45 -3.04 9.19 17.86
N ASN G 46 -4.28 9.67 17.75
CA ASN G 46 -5.46 8.86 17.43
C ASN G 46 -5.71 7.75 18.47
N LEU G 47 -5.33 7.99 19.72
CA LEU G 47 -5.55 7.00 20.77
C LEU G 47 -7.04 6.95 21.11
N PRO G 48 -7.55 5.77 21.50
CA PRO G 48 -8.96 5.64 21.86
C PRO G 48 -9.17 5.98 23.34
N HIS G 49 -10.28 6.66 23.64
CA HIS G 49 -10.56 7.03 25.03
C HIS G 49 -11.24 5.85 25.73
N LEU G 50 -10.40 4.95 26.26
CA LEU G 50 -10.86 3.77 26.99
C LEU G 50 -9.91 3.46 28.15
N HIS G 51 -10.45 2.83 29.18
CA HIS G 51 -9.73 2.55 30.44
C HIS G 51 -8.34 1.88 30.33
N ASP G 52 -8.10 1.04 29.32
CA ASP G 52 -6.77 0.39 29.17
C ASP G 52 -5.64 1.37 28.82
N ILE G 53 -5.97 2.48 28.17
CA ILE G 53 -4.96 3.50 27.87
C ILE G 53 -4.68 4.23 29.19
N THR G 54 -5.76 4.50 29.93
CA THR G 54 -5.64 5.16 31.24
C THR G 54 -4.81 4.29 32.19
N THR G 55 -5.02 2.97 32.15
CA THR G 55 -4.28 2.03 32.99
C THR G 55 -2.79 2.04 32.59
N MET G 56 -2.54 2.11 31.28
CA MET G 56 -1.17 2.16 30.75
C MET G 56 -0.49 3.48 31.14
N ILE G 57 -1.23 4.59 31.04
CA ILE G 57 -0.69 5.92 31.41
C ILE G 57 -0.31 5.96 32.89
N GLU G 58 -1.12 5.32 33.74
CA GLU G 58 -0.82 5.26 35.17
C GLU G 58 0.42 4.39 35.43
N LEU G 59 0.68 3.43 34.55
CA LEU G 59 1.88 2.60 34.70
C LEU G 59 3.10 3.50 34.58
N PHE G 60 3.09 4.42 33.61
CA PHE G 60 4.18 5.38 33.42
C PHE G 60 4.32 6.29 34.62
N GLY G 61 3.19 6.61 35.26
CA GLY G 61 3.18 7.44 36.47
C GLY G 61 3.95 6.78 37.60
N ARG G 62 3.69 5.49 37.80
CA ARG G 62 4.36 4.69 38.85
C ARG G 62 5.87 4.54 38.52
N MET G 63 6.20 4.52 37.24
CA MET G 63 7.60 4.41 36.79
C MET G 63 8.39 5.72 36.87
N GLY G 64 7.69 6.85 37.04
CA GLY G 64 8.33 8.17 37.15
C GLY G 64 8.17 9.09 35.96
N ILE G 65 7.61 8.59 34.85
CA ILE G 65 7.40 9.37 33.64
C ILE G 65 6.03 10.06 33.68
N GLU G 66 6.00 11.39 33.59
CA GLU G 66 4.76 12.16 33.62
C GLU G 66 4.44 12.68 32.21
N PRO G 67 3.42 12.09 31.53
CA PRO G 67 3.10 12.54 30.18
C PRO G 67 2.32 13.85 30.11
N VAL G 68 2.05 14.30 28.89
CA VAL G 68 1.30 15.52 28.61
C VAL G 68 0.09 15.15 27.76
N ILE G 69 -1.07 14.99 28.41
CA ILE G 69 -2.31 14.62 27.73
C ILE G 69 -2.97 15.88 27.16
N ASP G 70 -3.11 15.92 25.83
CA ASP G 70 -3.72 17.07 25.14
C ASP G 70 -5.25 16.89 25.10
N GLU G 71 -5.95 17.80 24.39
CA GLU G 71 -7.41 17.68 24.23
C GLU G 71 -7.63 16.34 23.53
N LYS G 72 -8.58 15.57 24.03
CA LYS G 72 -8.84 14.20 23.54
C LYS G 72 -7.59 13.39 23.90
N LEU G 73 -6.95 12.71 22.94
CA LEU G 73 -5.74 11.94 23.26
C LEU G 73 -4.62 12.06 22.22
N SER G 74 -3.64 12.91 22.54
CA SER G 74 -2.44 13.13 21.73
C SER G 74 -1.31 13.23 22.74
N VAL G 75 -1.14 12.13 23.48
CA VAL G 75 -0.15 12.03 24.56
C VAL G 75 1.30 12.21 24.09
N GLU G 76 2.09 12.92 24.90
CA GLU G 76 3.50 13.17 24.64
C GLU G 76 4.30 12.59 25.82
N ILE G 77 5.05 11.52 25.58
CA ILE G 77 5.85 10.85 26.63
C ILE G 77 7.36 11.09 26.47
N ASP G 78 8.00 11.51 27.56
CA ASP G 78 9.45 11.77 27.60
C ASP G 78 10.04 10.72 28.55
N PRO G 79 10.68 9.66 27.99
CA PRO G 79 11.24 8.54 28.77
C PRO G 79 12.55 8.77 29.53
N ARG G 80 13.24 9.88 29.30
CA ARG G 80 14.51 10.15 30.01
C ARG G 80 14.31 10.41 31.51
N THR G 81 13.09 10.77 31.90
CA THR G 81 12.76 11.06 33.31
C THR G 81 12.32 9.82 34.12
N ILE G 82 12.53 8.62 33.57
CA ILE G 82 12.14 7.39 34.27
C ILE G 82 13.00 7.22 35.53
N LYS G 83 12.35 6.94 36.65
CA LYS G 83 13.02 6.80 37.94
C LYS G 83 13.11 5.35 38.41
N THR G 84 11.96 4.67 38.45
CA THR G 84 11.86 3.30 38.91
C THR G 84 11.60 2.34 37.72
N LEU G 85 12.51 1.38 37.54
CA LEU G 85 12.38 0.41 36.44
C LEU G 85 11.56 -0.79 36.92
N VAL G 86 10.30 -0.53 37.27
CA VAL G 86 9.40 -1.57 37.78
C VAL G 86 7.95 -1.39 37.30
N ALA G 87 7.25 -2.51 37.11
CA ALA G 87 5.85 -2.52 36.74
C ALA G 87 5.20 -3.30 37.89
N PRO G 88 4.65 -2.59 38.89
CA PRO G 88 4.09 -3.25 40.08
C PRO G 88 2.88 -4.12 39.86
N TYR G 89 2.72 -5.09 40.77
CA TYR G 89 1.60 -6.05 40.74
C TYR G 89 0.23 -5.36 40.92
N GLU G 90 0.22 -4.25 41.66
CA GLU G 90 -1.01 -3.48 41.90
C GLU G 90 -1.73 -3.06 40.61
N LEU G 91 -0.96 -2.81 39.54
CA LEU G 91 -1.54 -2.42 38.25
C LEU G 91 -1.53 -3.56 37.22
N VAL G 92 -0.47 -4.37 37.24
CA VAL G 92 -0.34 -5.49 36.29
C VAL G 92 -1.46 -6.54 36.46
N LYS G 93 -1.95 -6.71 37.69
CA LYS G 93 -3.03 -7.68 37.93
C LYS G 93 -4.36 -7.27 37.29
N THR G 94 -4.51 -5.97 36.97
CA THR G 94 -5.73 -5.46 36.31
C THR G 94 -5.59 -5.45 34.80
N MET G 95 -4.36 -5.55 34.29
CA MET G 95 -4.13 -5.54 32.85
C MET G 95 -2.83 -6.30 32.52
N ARG G 96 -2.99 -7.54 32.05
CA ARG G 96 -1.83 -8.40 31.71
C ARG G 96 -1.04 -7.90 30.49
N ALA G 97 -1.63 -6.97 29.74
CA ALA G 97 -0.93 -6.37 28.60
C ALA G 97 0.22 -5.49 29.10
N SER G 98 0.26 -5.22 30.41
CA SER G 98 1.33 -4.43 31.01
C SER G 98 2.72 -5.05 30.78
N ILE G 99 2.76 -6.37 30.56
CA ILE G 99 4.02 -7.08 30.32
C ILE G 99 4.74 -6.55 29.06
N LEU G 100 4.02 -5.76 28.25
CA LEU G 100 4.61 -5.13 27.06
C LEU G 100 5.77 -4.20 27.38
N VAL G 101 5.86 -3.73 28.62
CA VAL G 101 6.96 -2.84 29.02
C VAL G 101 8.27 -3.61 29.28
N LEU G 102 8.18 -4.92 29.54
CA LEU G 102 9.36 -5.76 29.82
C LEU G 102 10.47 -5.69 28.76
N GLY G 103 10.12 -5.95 27.51
CA GLY G 103 11.10 -5.91 26.40
C GLY G 103 11.85 -4.60 26.26
N PRO G 104 11.13 -3.49 26.00
CA PRO G 104 11.79 -2.19 25.82
C PRO G 104 12.54 -1.65 27.03
N MET G 105 12.08 -1.99 28.23
CA MET G 105 12.70 -1.52 29.46
C MET G 105 14.05 -2.22 29.69
N VAL G 106 14.12 -3.52 29.39
CA VAL G 106 15.35 -4.30 29.55
C VAL G 106 16.42 -3.91 28.53
N ALA G 107 16.01 -3.76 27.28
CA ALA G 107 16.92 -3.40 26.19
C ALA G 107 17.49 -1.98 26.29
N ARG G 108 16.65 -1.03 26.70
CA ARG G 108 17.05 0.37 26.83
C ARG G 108 17.82 0.69 28.11
N PHE G 109 17.22 0.36 29.26
CA PHE G 109 17.78 0.69 30.56
C PHE G 109 18.62 -0.41 31.23
N GLY G 110 18.68 -1.60 30.63
CA GLY G 110 19.50 -2.69 31.16
C GLY G 110 18.82 -3.67 32.09
N GLU G 111 17.96 -3.19 32.99
CA GLU G 111 17.25 -4.04 33.96
C GLU G 111 15.78 -3.67 34.09
N ALA G 112 14.99 -4.61 34.61
CA ALA G 112 13.55 -4.41 34.81
C ALA G 112 12.93 -5.43 35.75
N GLU G 113 11.77 -5.08 36.31
CA GLU G 113 11.02 -5.96 37.20
C GLU G 113 9.53 -5.80 36.93
N VAL G 114 8.99 -6.67 36.08
CA VAL G 114 7.58 -6.62 35.74
C VAL G 114 6.86 -7.79 36.42
N ALA G 115 5.73 -7.50 37.04
CA ALA G 115 4.95 -8.52 37.73
C ALA G 115 4.49 -9.60 36.75
N LEU G 116 4.63 -10.85 37.14
CA LEU G 116 4.22 -11.98 36.29
C LEU G 116 2.68 -12.04 36.25
N PRO G 117 2.08 -11.90 35.06
CA PRO G 117 0.62 -11.93 34.98
C PRO G 117 0.01 -13.22 35.56
N GLY G 118 -1.09 -13.07 36.28
CA GLY G 118 -1.80 -14.20 36.89
C GLY G 118 -2.82 -14.79 35.94
N GLY G 119 -3.88 -15.35 36.52
CA GLY G 119 -4.94 -15.96 35.72
C GLY G 119 -5.85 -14.95 35.06
N CYS G 120 -6.54 -15.40 34.02
CA CYS G 120 -7.47 -14.58 33.27
C CYS G 120 -8.67 -15.44 32.90
N ALA G 121 -9.88 -14.93 33.12
CA ALA G 121 -11.12 -15.67 32.83
C ALA G 121 -11.20 -16.23 31.40
N ILE G 122 -10.67 -15.50 30.43
CA ILE G 122 -10.68 -15.91 29.02
C ILE G 122 -10.18 -17.35 28.85
N GLY G 123 -8.94 -17.62 29.28
CA GLY G 123 -8.36 -18.96 29.17
C GLY G 123 -6.90 -19.00 29.56
N SER G 124 -6.17 -19.97 29.00
CA SER G 124 -4.76 -20.15 29.29
C SER G 124 -3.95 -19.06 28.60
N ARG G 125 -3.38 -18.15 29.40
CA ARG G 125 -2.59 -17.04 28.86
C ARG G 125 -1.23 -16.91 29.54
N PRO G 126 -0.34 -17.89 29.33
CA PRO G 126 1.00 -17.83 29.91
C PRO G 126 1.90 -16.88 29.12
N VAL G 127 3.07 -16.59 29.68
CA VAL G 127 4.03 -15.68 29.06
C VAL G 127 5.45 -16.27 28.96
N ASP G 128 5.53 -17.60 28.80
CA ASP G 128 6.83 -18.28 28.73
C ASP G 128 7.68 -17.84 27.53
N LEU G 129 7.04 -17.48 26.42
CA LEU G 129 7.77 -17.05 25.21
C LEU G 129 8.43 -15.67 25.35
N HIS G 130 7.87 -14.82 26.22
CA HIS G 130 8.45 -13.51 26.50
C HIS G 130 9.78 -13.66 27.23
N ILE G 131 9.78 -14.50 28.27
CA ILE G 131 10.97 -14.76 29.07
C ILE G 131 12.05 -15.45 28.25
N ARG G 132 11.68 -16.56 27.63
CA ARG G 132 12.63 -17.35 26.80
C ARG G 132 13.14 -16.58 25.58
N GLY G 133 12.43 -15.53 25.18
CA GLY G 133 12.86 -14.69 24.06
C GLY G 133 14.00 -13.80 24.51
N LEU G 134 13.79 -13.10 25.62
CA LEU G 134 14.81 -12.21 26.19
C LEU G 134 16.05 -12.99 26.67
N GLU G 135 15.87 -14.24 27.10
CA GLU G 135 17.00 -15.09 27.53
C GLU G 135 17.92 -15.42 26.35
N ALA G 136 17.33 -15.59 25.16
CA ALA G 136 18.09 -15.89 23.94
C ALA G 136 18.93 -14.69 23.50
N MET G 137 18.71 -13.54 24.15
CA MET G 137 19.47 -12.31 23.89
C MET G 137 20.48 -12.07 25.04
N GLY G 138 20.85 -13.14 25.74
CA GLY G 138 21.82 -13.07 26.84
C GLY G 138 21.36 -12.44 28.15
N ALA G 139 20.04 -12.37 28.37
CA ALA G 139 19.52 -11.78 29.60
C ALA G 139 19.23 -12.83 30.67
N LYS G 140 19.68 -12.55 31.91
CA LYS G 140 19.39 -13.43 33.05
C LYS G 140 18.03 -13.02 33.58
N ILE G 141 17.11 -13.96 33.65
CA ILE G 141 15.76 -13.71 34.14
C ILE G 141 15.37 -14.73 35.20
N GLU G 142 15.14 -14.24 36.42
CA GLU G 142 14.74 -15.07 37.55
C GLU G 142 13.35 -14.61 38.01
N VAL G 143 12.56 -15.55 38.52
CA VAL G 143 11.21 -15.28 39.00
C VAL G 143 11.19 -15.35 40.53
N GLU G 144 10.96 -14.22 41.18
CA GLU G 144 10.90 -14.16 42.64
C GLU G 144 9.88 -13.12 43.07
N GLY G 145 9.10 -13.46 44.11
CA GLY G 145 8.07 -12.57 44.66
C GLY G 145 6.96 -12.22 43.68
N GLY G 146 6.74 -13.09 42.69
CA GLY G 146 5.71 -12.87 41.67
C GLY G 146 6.12 -11.85 40.61
N TYR G 147 7.42 -11.56 40.52
CA TYR G 147 7.96 -10.60 39.54
C TYR G 147 8.98 -11.24 38.60
N ILE G 148 9.05 -10.71 37.38
CA ILE G 148 10.01 -11.16 36.37
C ILE G 148 11.21 -10.23 36.52
N LYS G 149 12.18 -10.63 37.35
CA LYS G 149 13.38 -9.83 37.58
C LYS G 149 14.37 -10.08 36.44
N ALA G 150 14.25 -9.27 35.39
CA ALA G 150 15.08 -9.38 34.18
C ALA G 150 16.22 -8.38 34.15
N LYS G 151 17.39 -8.84 33.71
CA LYS G 151 18.56 -7.98 33.60
C LYS G 151 19.42 -8.40 32.41
N ALA G 152 19.80 -7.41 31.60
CA ALA G 152 20.62 -7.63 30.41
C ALA G 152 22.10 -7.74 30.79
N PRO G 153 22.92 -8.36 29.91
CA PRO G 153 24.35 -8.47 30.21
C PRO G 153 25.06 -7.16 29.84
N GLU G 154 26.38 -7.09 30.04
CA GLU G 154 27.12 -5.86 29.70
C GLU G 154 27.19 -5.63 28.19
N GLY G 155 26.97 -4.38 27.79
CA GLY G 155 26.97 -3.99 26.38
C GLY G 155 25.61 -4.15 25.72
N GLY G 156 24.55 -4.09 26.52
CA GLY G 156 23.17 -4.23 26.02
C GLY G 156 22.83 -5.65 25.62
N LEU G 157 21.67 -5.81 24.97
CA LEU G 157 21.21 -7.11 24.50
C LEU G 157 21.92 -7.48 23.20
N ARG G 158 22.20 -8.78 23.02
CA ARG G 158 22.84 -9.29 21.80
C ARG G 158 21.80 -9.90 20.88
N GLY G 159 21.97 -9.70 19.57
CA GLY G 159 21.02 -10.22 18.59
C GLY G 159 21.07 -11.73 18.46
N ALA G 160 19.92 -12.34 18.16
CA ALA G 160 19.82 -13.79 18.02
C ALA G 160 18.56 -14.21 17.28
N HIS G 161 18.61 -15.38 16.64
CA HIS G 161 17.48 -15.96 15.91
C HIS G 161 16.55 -16.62 16.92
N PHE G 162 15.40 -16.01 17.20
CA PHE G 162 14.45 -16.60 18.17
C PHE G 162 13.20 -17.16 17.49
N PHE G 163 12.80 -18.36 17.92
CA PHE G 163 11.65 -19.07 17.39
C PHE G 163 10.49 -19.18 18.38
N PHE G 164 9.31 -18.73 17.96
CA PHE G 164 8.09 -18.82 18.76
C PHE G 164 7.39 -20.13 18.43
N ASP G 165 7.20 -21.00 19.42
CA ASP G 165 6.52 -22.29 19.21
C ASP G 165 5.09 -22.09 18.73
N THR G 166 4.43 -21.09 19.30
CA THR G 166 3.04 -20.76 18.97
C THR G 166 3.01 -19.28 18.57
N VAL G 167 2.06 -18.93 17.71
CA VAL G 167 1.92 -17.54 17.26
C VAL G 167 1.44 -16.66 18.42
N SER G 168 2.33 -15.78 18.89
CA SER G 168 2.05 -14.87 20.00
C SER G 168 2.14 -13.41 19.55
N VAL G 169 1.07 -12.65 19.77
CA VAL G 169 1.03 -11.23 19.39
C VAL G 169 1.91 -10.38 20.32
N THR G 170 1.57 -10.32 21.61
CA THR G 170 2.36 -9.52 22.56
C THR G 170 3.78 -10.06 22.73
N GLY G 171 3.96 -11.36 22.54
CA GLY G 171 5.29 -11.98 22.63
C GLY G 171 6.17 -11.42 21.54
N THR G 172 5.65 -11.43 20.31
CA THR G 172 6.35 -10.89 19.15
C THR G 172 6.61 -9.39 19.29
N GLU G 173 5.71 -8.69 19.97
CA GLU G 173 5.84 -7.25 20.19
C GLU G 173 7.01 -6.93 21.14
N ASN G 174 7.16 -7.69 22.23
CA ASN G 174 8.27 -7.46 23.18
C ASN G 174 9.65 -7.79 22.61
N ILE G 175 9.79 -8.97 22.00
CA ILE G 175 11.07 -9.37 21.44
C ILE G 175 11.48 -8.43 20.30
N MET G 176 10.49 -7.86 19.60
CA MET G 176 10.73 -6.91 18.52
C MET G 176 11.28 -5.61 19.11
N MET G 177 10.61 -5.09 20.13
CA MET G 177 11.06 -3.86 20.80
C MET G 177 12.45 -4.04 21.41
N ALA G 178 12.69 -5.22 21.98
CA ALA G 178 13.99 -5.54 22.58
C ALA G 178 15.08 -5.66 21.52
N ALA G 179 14.74 -6.23 20.36
CA ALA G 179 15.68 -6.39 19.25
C ALA G 179 15.98 -5.06 18.54
N ALA G 180 15.13 -4.06 18.73
CA ALA G 180 15.32 -2.74 18.11
C ALA G 180 16.58 -2.03 18.60
N LEU G 181 16.95 -2.24 19.86
CA LEU G 181 18.15 -1.61 20.44
C LEU G 181 19.31 -2.61 20.69
N ALA G 182 19.04 -3.90 20.53
CA ALA G 182 20.08 -4.92 20.72
C ALA G 182 21.18 -4.82 19.67
N LYS G 183 22.42 -5.15 20.04
CA LYS G 183 23.54 -5.10 19.10
C LYS G 183 23.52 -6.33 18.18
N GLY G 184 23.61 -6.07 16.87
CA GLY G 184 23.59 -7.13 15.84
C GLY G 184 22.21 -7.30 15.24
N ARG G 185 22.04 -8.38 14.47
CA ARG G 185 20.76 -8.69 13.82
C ARG G 185 20.01 -9.77 14.58
N SER G 186 18.68 -9.64 14.62
CA SER G 186 17.78 -10.61 15.25
C SER G 186 16.70 -11.00 14.26
N VAL G 187 16.42 -12.30 14.15
CA VAL G 187 15.40 -12.81 13.22
C VAL G 187 14.28 -13.47 14.02
N LEU G 188 13.09 -12.89 13.95
CA LEU G 188 11.92 -13.42 14.66
C LEU G 188 11.21 -14.47 13.79
N GLN G 189 11.46 -15.74 14.09
CA GLN G 189 10.89 -16.86 13.35
C GLN G 189 9.49 -17.21 13.90
N ASN G 190 8.53 -17.40 13.01
CA ASN G 190 7.12 -17.72 13.36
C ASN G 190 6.50 -16.57 14.17
N ALA G 191 6.70 -15.34 13.68
CA ALA G 191 6.20 -14.14 14.35
C ALA G 191 4.72 -13.93 14.04
N ALA G 192 4.06 -13.13 14.89
CA ALA G 192 2.65 -12.80 14.73
C ALA G 192 2.47 -11.87 13.54
N ARG G 193 1.44 -12.14 12.74
CA ARG G 193 1.16 -11.38 11.53
C ARG G 193 0.08 -10.30 11.70
N GLU G 194 -0.43 -10.10 12.92
CA GLU G 194 -1.47 -9.10 13.16
C GLU G 194 -1.06 -7.70 12.69
N PRO G 195 -2.05 -6.86 12.28
CA PRO G 195 -1.71 -5.51 11.80
C PRO G 195 -1.13 -4.58 12.87
N GLU G 196 -1.49 -4.82 14.15
CA GLU G 196 -0.98 -3.99 15.25
C GLU G 196 0.54 -4.18 15.41
N VAL G 197 1.03 -5.38 15.06
CA VAL G 197 2.46 -5.67 15.11
C VAL G 197 3.16 -4.91 13.98
N VAL G 198 2.46 -4.79 12.84
CA VAL G 198 2.99 -4.05 11.69
C VAL G 198 3.04 -2.57 12.04
N ASP G 199 2.01 -2.09 12.73
CA ASP G 199 1.91 -0.69 13.13
C ASP G 199 2.99 -0.37 14.19
N LEU G 200 3.31 -1.36 15.02
CA LEU G 200 4.34 -1.22 16.04
C LEU G 200 5.73 -1.15 15.38
N ALA G 201 5.96 -2.03 14.41
CA ALA G 201 7.24 -2.06 13.69
C ALA G 201 7.48 -0.75 12.93
N ASN G 202 6.42 -0.18 12.36
CA ASN G 202 6.49 1.08 11.63
C ASN G 202 6.78 2.24 12.58
N PHE G 203 6.26 2.15 13.80
CA PHE G 203 6.48 3.17 14.83
C PHE G 203 7.96 3.25 15.22
N ILE G 204 8.59 2.10 15.42
CA ILE G 204 10.01 2.02 15.78
C ILE G 204 10.89 2.49 14.61
N ASN G 205 10.43 2.23 13.39
CA ASN G 205 11.15 2.66 12.19
C ASN G 205 11.09 4.18 12.05
N ALA G 206 9.93 4.76 12.40
CA ALA G 206 9.75 6.22 12.34
C ALA G 206 10.70 6.92 13.32
N MET G 207 11.21 6.16 14.30
CA MET G 207 12.18 6.65 15.28
C MET G 207 13.62 6.29 14.88
N GLY G 208 13.82 5.98 13.60
CA GLY G 208 15.15 5.62 13.11
C GLY G 208 15.55 4.15 13.28
N GLY G 209 14.59 3.28 13.56
CA GLY G 209 14.85 1.86 13.73
C GLY G 209 14.84 1.13 12.39
N ASN G 210 15.49 -0.03 12.32
CA ASN G 210 15.54 -0.83 11.10
C ASN G 210 14.78 -2.13 11.30
N ILE G 211 13.52 -2.14 10.89
CA ILE G 211 12.64 -3.31 10.99
C ILE G 211 11.88 -3.49 9.68
N GLN G 212 11.94 -4.69 9.11
CA GLN G 212 11.23 -5.00 7.87
C GLN G 212 10.56 -6.36 8.00
N GLY G 213 9.68 -6.67 7.06
CA GLY G 213 8.94 -7.93 7.06
C GLY G 213 7.86 -8.01 8.14
N ALA G 214 7.51 -6.87 8.72
CA ALA G 214 6.46 -6.82 9.74
C ALA G 214 5.12 -7.02 9.04
N GLY G 215 4.55 -8.21 9.22
CA GLY G 215 3.30 -8.58 8.58
C GLY G 215 3.41 -10.02 8.11
N THR G 216 4.65 -10.43 7.82
CA THR G 216 4.95 -11.80 7.41
C THR G 216 5.29 -12.62 8.66
N ASP G 217 5.56 -13.90 8.44
CA ASP G 217 5.91 -14.81 9.54
C ASP G 217 7.37 -14.67 10.00
N THR G 218 8.18 -13.97 9.23
CA THR G 218 9.61 -13.76 9.55
C THR G 218 9.96 -12.28 9.60
N ILE G 219 10.22 -11.77 10.80
CA ILE G 219 10.57 -10.36 11.01
C ILE G 219 12.05 -10.26 11.41
N THR G 220 12.85 -9.60 10.57
CA THR G 220 14.29 -9.42 10.82
C THR G 220 14.56 -7.98 11.26
N ILE G 221 15.19 -7.80 12.42
CA ILE G 221 15.49 -6.47 12.97
C ILE G 221 16.99 -6.24 13.08
N ASP G 222 17.46 -5.14 12.50
CA ASP G 222 18.88 -4.75 12.58
C ASP G 222 18.91 -3.67 13.66
N GLY G 223 19.39 -4.03 14.85
CA GLY G 223 19.43 -3.09 15.97
C GLY G 223 20.29 -1.85 15.78
N VAL G 224 20.02 -0.84 16.61
CA VAL G 224 20.73 0.45 16.57
C VAL G 224 21.16 0.88 17.98
N GLU G 225 21.93 1.96 18.07
CA GLU G 225 22.41 2.48 19.36
C GLU G 225 21.29 3.17 20.13
N ARG G 226 20.68 4.18 19.51
CA ARG G 226 19.58 4.96 20.09
C ARG G 226 18.43 5.13 19.10
N LEU G 227 17.35 5.75 19.58
CA LEU G 227 16.16 6.03 18.75
C LEU G 227 15.64 7.41 19.15
N ASP G 228 15.51 8.31 18.16
CA ASP G 228 15.08 9.70 18.41
C ASP G 228 13.55 9.95 18.32
N SER G 229 13.17 11.21 18.53
CA SER G 229 11.77 11.67 18.52
C SER G 229 10.98 11.35 17.25
N ALA G 230 9.66 11.34 17.39
CA ALA G 230 8.73 11.07 16.30
C ALA G 230 7.29 11.31 16.71
N ASN G 231 6.47 11.73 15.75
CA ASN G 231 5.04 11.98 15.98
C ASN G 231 4.35 10.92 15.11
N TYR G 232 3.55 10.06 15.73
CA TYR G 232 2.91 8.95 15.00
C TYR G 232 1.44 8.74 15.34
N ARG G 233 0.63 8.49 14.30
CA ARG G 233 -0.80 8.21 14.43
C ARG G 233 -1.05 6.70 14.37
N VAL G 234 -1.69 6.16 15.40
CA VAL G 234 -1.99 4.73 15.47
C VAL G 234 -3.07 4.33 14.46
N MET G 235 -2.99 3.09 13.99
CA MET G 235 -3.96 2.55 13.03
C MET G 235 -5.40 2.48 13.60
N PRO G 236 -6.41 2.33 12.71
CA PRO G 236 -7.79 2.19 13.20
C PRO G 236 -8.04 0.85 13.87
N ASP G 237 -9.06 0.79 14.73
CA ASP G 237 -9.41 -0.43 15.47
C ASP G 237 -10.28 -1.36 14.61
N ARG G 238 -9.69 -2.47 14.18
CA ARG G 238 -10.41 -3.46 13.37
C ARG G 238 -11.52 -4.20 14.14
N ILE G 239 -11.33 -4.38 15.45
CA ILE G 239 -12.33 -5.04 16.30
C ILE G 239 -13.53 -4.13 16.52
N GLU G 240 -13.27 -2.83 16.67
CA GLU G 240 -14.36 -1.87 16.85
C GLU G 240 -15.14 -1.81 15.53
N THR G 241 -14.41 -1.74 14.42
CA THR G 241 -14.99 -1.68 13.08
C THR G 241 -15.97 -2.83 12.89
N GLY G 242 -15.51 -4.04 13.18
CA GLY G 242 -16.32 -5.25 13.05
C GLY G 242 -17.51 -5.29 13.99
N THR G 243 -17.28 -4.92 15.25
CA THR G 243 -18.34 -4.92 16.27
C THR G 243 -19.56 -4.12 15.86
N TYR G 244 -19.35 -2.92 15.32
CA TYR G 244 -20.47 -2.06 14.89
C TYR G 244 -21.10 -2.55 13.58
N LEU G 245 -20.32 -3.29 12.77
CA LEU G 245 -20.88 -3.86 11.52
C LEU G 245 -21.94 -4.91 11.88
N VAL G 246 -21.68 -5.68 12.95
CA VAL G 246 -22.62 -6.72 13.40
C VAL G 246 -23.88 -6.09 14.03
N ALA G 247 -23.70 -4.95 14.71
CA ALA G 247 -24.83 -4.24 15.35
C ALA G 247 -25.94 -3.92 14.35
N ALA G 248 -25.54 -3.54 13.14
CA ALA G 248 -26.49 -3.24 12.08
C ALA G 248 -27.00 -4.54 11.47
N ALA G 249 -26.09 -5.50 11.32
CA ALA G 249 -26.41 -6.82 10.75
C ALA G 249 -27.45 -7.59 11.58
N VAL G 250 -27.27 -7.62 12.89
CA VAL G 250 -28.18 -8.34 13.80
C VAL G 250 -29.59 -7.72 13.85
N THR G 251 -29.66 -6.40 13.73
CA THR G 251 -30.93 -5.66 13.76
C THR G 251 -31.56 -5.51 12.37
N GLY G 252 -30.93 -6.11 11.36
CA GLY G 252 -31.42 -6.06 9.99
C GLY G 252 -31.27 -4.70 9.31
N GLY G 253 -30.54 -3.78 9.93
CA GLY G 253 -30.36 -2.43 9.39
C GLY G 253 -29.10 -2.22 8.57
N ARG G 254 -28.58 -1.01 8.63
CA ARG G 254 -27.35 -0.66 7.91
C ARG G 254 -26.45 0.20 8.79
N VAL G 255 -25.27 0.52 8.27
CA VAL G 255 -24.29 1.34 8.98
C VAL G 255 -23.09 1.66 8.08
N LYS G 256 -22.53 2.86 8.24
CA LYS G 256 -21.34 3.26 7.52
C LYS G 256 -20.27 3.43 8.59
N VAL G 257 -19.04 3.02 8.30
CA VAL G 257 -17.95 3.08 9.27
C VAL G 257 -16.72 3.77 8.66
N LYS G 258 -16.58 5.08 8.92
CA LYS G 258 -15.46 5.87 8.38
C LYS G 258 -14.21 5.75 9.25
N ASP G 259 -13.12 6.36 8.76
CA ASP G 259 -11.83 6.39 9.45
C ASP G 259 -11.33 5.00 9.84
N THR G 260 -11.49 4.04 8.94
CA THR G 260 -11.06 2.65 9.18
C THR G 260 -10.35 2.10 7.93
N ASP G 261 -10.07 0.80 7.94
CA ASP G 261 -9.38 0.15 6.83
C ASP G 261 -10.00 -1.23 6.59
N PRO G 262 -10.50 -1.50 5.36
CA PRO G 262 -11.10 -2.82 5.11
C PRO G 262 -10.06 -3.94 4.93
N THR G 263 -8.79 -3.60 4.65
CA THR G 263 -7.75 -4.62 4.45
C THR G 263 -7.24 -5.29 5.75
N ILE G 264 -7.77 -4.89 6.91
CA ILE G 264 -7.37 -5.48 8.20
C ILE G 264 -8.47 -6.36 8.82
N LEU G 265 -9.48 -6.71 8.03
CA LEU G 265 -10.56 -7.59 8.47
C LEU G 265 -11.25 -8.24 7.28
N GLU G 266 -10.45 -8.80 6.38
CA GLU G 266 -10.96 -9.47 5.19
C GLU G 266 -11.84 -10.64 5.61
N ALA G 267 -11.40 -11.35 6.65
CA ALA G 267 -12.12 -12.51 7.18
C ALA G 267 -13.49 -12.15 7.79
N VAL G 268 -13.55 -11.04 8.52
CA VAL G 268 -14.81 -10.59 9.15
C VAL G 268 -15.84 -10.17 8.10
N LEU G 269 -15.37 -9.50 7.05
CA LEU G 269 -16.26 -9.05 5.97
C LEU G 269 -16.83 -10.24 5.20
N GLU G 270 -16.01 -11.29 5.05
CA GLU G 270 -16.44 -12.50 4.35
C GLU G 270 -17.62 -13.19 5.07
N LYS G 271 -17.52 -13.32 6.40
CA LYS G 271 -18.59 -13.95 7.19
C LYS G 271 -19.89 -13.15 7.11
N LEU G 272 -19.77 -11.83 6.99
CA LEU G 272 -20.93 -10.95 6.88
C LEU G 272 -21.60 -11.17 5.51
N LYS G 273 -20.78 -11.37 4.45
CA LYS G 273 -21.32 -11.63 3.11
C LYS G 273 -22.08 -12.96 3.10
N GLU G 274 -21.55 -13.95 3.82
CA GLU G 274 -22.18 -15.28 3.92
C GLU G 274 -23.54 -15.22 4.62
N ALA G 275 -23.70 -14.24 5.51
CA ALA G 275 -24.96 -14.04 6.24
C ALA G 275 -25.97 -13.16 5.47
N GLY G 276 -25.72 -12.92 4.19
CA GLY G 276 -26.61 -12.13 3.35
C GLY G 276 -26.55 -10.65 3.65
N ALA G 277 -25.38 -10.05 3.41
CA ALA G 277 -25.17 -8.62 3.66
C ALA G 277 -24.49 -7.96 2.45
N ASP G 278 -25.04 -6.81 2.04
CA ASP G 278 -24.51 -6.04 0.93
C ASP G 278 -23.44 -5.13 1.54
N ILE G 279 -22.19 -5.33 1.12
CA ILE G 279 -21.06 -4.56 1.66
C ILE G 279 -20.23 -3.87 0.59
N ASN G 280 -20.21 -2.53 0.64
CA ASN G 280 -19.40 -1.72 -0.25
C ASN G 280 -18.24 -1.20 0.59
N THR G 281 -17.05 -1.13 -0.01
CA THR G 281 -15.86 -0.65 0.68
C THR G 281 -15.02 0.23 -0.23
N GLY G 282 -14.56 1.36 0.32
CA GLY G 282 -13.72 2.29 -0.40
C GLY G 282 -12.31 2.20 0.15
N GLU G 283 -11.60 3.32 0.11
CA GLU G 283 -10.22 3.36 0.60
C GLU G 283 -10.17 3.23 2.13
N ASP G 284 -11.08 3.91 2.83
CA ASP G 284 -11.11 3.91 4.30
C ASP G 284 -12.52 3.87 4.92
N TRP G 285 -13.43 3.12 4.31
CA TRP G 285 -14.79 3.00 4.83
C TRP G 285 -15.48 1.70 4.43
N ILE G 286 -16.55 1.36 5.15
CA ILE G 286 -17.32 0.14 4.91
C ILE G 286 -18.80 0.49 5.01
N GLU G 287 -19.63 -0.08 4.13
CA GLU G 287 -21.07 0.18 4.08
C GLU G 287 -21.86 -1.14 4.09
N LEU G 288 -22.23 -1.62 5.27
CA LEU G 288 -23.01 -2.84 5.39
C LEU G 288 -24.50 -2.48 5.37
N ASP G 289 -25.30 -3.31 4.72
CA ASP G 289 -26.75 -3.08 4.61
C ASP G 289 -27.47 -4.41 4.43
N MET G 290 -28.28 -4.79 5.43
CA MET G 290 -29.03 -6.05 5.38
C MET G 290 -30.36 -5.96 4.63
N HIS G 291 -30.81 -4.73 4.31
CA HIS G 291 -32.07 -4.49 3.59
C HIS G 291 -33.29 -5.06 4.34
N GLY G 292 -33.18 -5.12 5.68
CA GLY G 292 -34.26 -5.65 6.54
C GLY G 292 -34.36 -7.17 6.57
N LYS G 293 -33.38 -7.85 5.99
CA LYS G 293 -33.38 -9.31 5.91
C LYS G 293 -32.69 -9.98 7.10
N ARG G 294 -33.29 -11.08 7.56
CA ARG G 294 -32.78 -11.87 8.66
C ARG G 294 -31.45 -12.52 8.23
N PRO G 295 -30.41 -12.44 9.08
CA PRO G 295 -29.13 -13.06 8.70
C PRO G 295 -29.19 -14.58 8.59
N LYS G 296 -28.40 -15.15 7.68
CA LYS G 296 -28.32 -16.60 7.52
C LYS G 296 -27.23 -17.11 8.44
N ALA G 297 -27.44 -18.30 9.00
CA ALA G 297 -26.47 -18.88 9.91
C ALA G 297 -25.13 -19.08 9.23
N VAL G 298 -24.06 -18.74 9.94
CA VAL G 298 -22.70 -18.86 9.42
C VAL G 298 -21.78 -19.61 10.38
N ASN G 299 -20.84 -20.36 9.80
CA ASN G 299 -19.86 -21.12 10.54
C ASN G 299 -18.58 -20.30 10.54
N LEU G 300 -17.77 -20.44 11.59
CA LEU G 300 -16.51 -19.70 11.65
C LEU G 300 -15.52 -20.42 12.53
N ARG G 301 -14.24 -20.10 12.34
CA ARG G 301 -13.17 -20.69 13.09
C ARG G 301 -12.13 -19.63 13.41
N THR G 302 -11.89 -19.40 14.71
CA THR G 302 -10.89 -18.41 15.11
C THR G 302 -9.49 -18.97 14.88
N ALA G 303 -8.55 -18.08 14.58
CA ALA G 303 -7.16 -18.48 14.34
C ALA G 303 -6.31 -17.21 14.29
N PRO G 304 -4.98 -17.34 14.16
CA PRO G 304 -4.16 -16.14 14.09
C PRO G 304 -4.43 -15.33 12.81
N TYR G 305 -4.25 -14.01 12.87
CA TYR G 305 -4.47 -13.12 11.72
C TYR G 305 -3.63 -13.62 10.52
N PRO G 306 -4.11 -13.53 9.27
CA PRO G 306 -5.39 -12.93 8.88
C PRO G 306 -6.67 -13.78 9.05
N ALA G 307 -6.61 -14.85 9.83
CA ALA G 307 -7.81 -15.67 10.05
C ALA G 307 -8.79 -14.89 10.92
N PHE G 308 -9.99 -15.43 11.09
CA PHE G 308 -11.02 -14.77 11.89
C PHE G 308 -10.48 -14.52 13.31
N PRO G 309 -10.56 -13.27 13.79
CA PRO G 309 -10.03 -12.96 15.13
C PRO G 309 -10.92 -13.41 16.30
N THR G 310 -10.28 -13.86 17.39
CA THR G 310 -11.01 -14.31 18.58
C THR G 310 -11.77 -13.17 19.29
N ASP G 311 -11.32 -11.92 19.08
CA ASP G 311 -11.98 -10.75 19.66
C ASP G 311 -13.35 -10.46 19.02
N MET G 312 -13.61 -11.08 17.86
CA MET G 312 -14.89 -10.95 17.14
C MET G 312 -15.78 -12.18 17.31
N GLN G 313 -15.22 -13.27 17.82
CA GLN G 313 -15.96 -14.53 18.02
C GLN G 313 -17.31 -14.37 18.72
N ALA G 314 -17.31 -13.67 19.85
CA ALA G 314 -18.54 -13.43 20.62
C ALA G 314 -19.61 -12.69 19.82
N GLN G 315 -19.19 -11.66 19.09
CA GLN G 315 -20.11 -10.84 18.29
C GLN G 315 -20.88 -11.67 17.25
N PHE G 316 -20.23 -12.67 16.66
CA PHE G 316 -20.89 -13.54 15.67
C PHE G 316 -21.85 -14.56 16.28
N ILE G 317 -21.69 -14.86 17.58
CA ILE G 317 -22.64 -15.75 18.26
C ILE G 317 -23.96 -14.99 18.41
N SER G 318 -23.86 -13.69 18.70
CA SER G 318 -25.05 -12.85 18.82
C SER G 318 -25.75 -12.71 17.47
N LEU G 319 -24.95 -12.69 16.39
CA LEU G 319 -25.48 -12.61 15.03
C LEU G 319 -26.20 -13.93 14.70
N ASN G 320 -25.57 -15.05 15.04
CA ASN G 320 -26.16 -16.39 14.80
C ASN G 320 -27.36 -16.66 15.70
N ALA G 321 -27.40 -16.03 16.89
CA ALA G 321 -28.50 -16.23 17.85
C ALA G 321 -29.90 -15.97 17.27
N ILE G 322 -30.00 -15.02 16.34
CA ILE G 322 -31.29 -14.68 15.69
C ILE G 322 -31.32 -15.03 14.20
N ALA G 323 -30.28 -15.73 13.72
CA ALA G 323 -30.18 -16.10 12.31
C ALA G 323 -31.09 -17.28 11.94
N GLU G 324 -31.12 -17.59 10.64
CA GLU G 324 -31.90 -18.71 10.14
C GLU G 324 -30.94 -19.89 10.02
N GLY G 325 -31.30 -21.01 10.65
CA GLY G 325 -30.45 -22.20 10.62
C GLY G 325 -29.52 -22.31 11.80
N THR G 326 -28.53 -23.20 11.68
CA THR G 326 -27.54 -23.46 12.74
C THR G 326 -26.12 -23.01 12.35
N GLY G 327 -25.39 -22.46 13.32
CA GLY G 327 -24.02 -21.97 13.10
C GLY G 327 -23.03 -22.52 14.11
N ALA G 328 -21.91 -23.07 13.62
CA ALA G 328 -20.86 -23.64 14.47
C ALA G 328 -19.73 -22.64 14.66
N VAL G 329 -19.61 -22.09 15.87
CA VAL G 329 -18.58 -21.11 16.21
C VAL G 329 -17.43 -21.79 16.97
N ILE G 330 -16.30 -21.96 16.29
CA ILE G 330 -15.14 -22.66 16.84
C ILE G 330 -13.99 -21.74 17.25
N GLU G 331 -13.36 -22.09 18.38
CA GLU G 331 -12.20 -21.36 18.93
C GLU G 331 -10.94 -22.20 18.85
N THR G 332 -9.85 -21.64 18.34
CA THR G 332 -8.55 -22.36 18.31
C THR G 332 -7.48 -21.59 19.09
N ILE G 333 -7.83 -20.40 19.59
CA ILE G 333 -6.91 -19.58 20.38
C ILE G 333 -7.28 -19.73 21.85
N PHE G 334 -8.50 -19.32 22.20
CA PHE G 334 -9.01 -19.43 23.57
C PHE G 334 -10.18 -20.43 23.58
N GLU G 335 -9.87 -21.71 23.80
CA GLU G 335 -10.86 -22.80 23.80
C GLU G 335 -12.04 -22.71 24.76
N ASN G 336 -11.99 -21.82 25.76
CA ASN G 336 -13.10 -21.69 26.73
C ASN G 336 -13.68 -20.27 26.81
N ARG G 337 -13.47 -19.46 25.79
CA ARG G 337 -13.97 -18.08 25.79
C ARG G 337 -15.45 -18.08 25.38
N PHE G 338 -16.32 -18.51 26.30
CA PHE G 338 -17.75 -18.58 26.03
C PHE G 338 -18.65 -18.17 27.21
N MET G 339 -18.16 -17.28 28.08
CA MET G 339 -18.98 -16.80 29.22
C MET G 339 -20.23 -16.12 28.72
N HIS G 340 -20.05 -15.31 27.67
CA HIS G 340 -21.15 -14.60 27.03
C HIS G 340 -22.31 -15.52 26.57
N VAL G 341 -21.98 -16.74 26.16
CA VAL G 341 -22.99 -17.71 25.72
C VAL G 341 -23.98 -18.03 26.87
N TYR G 342 -23.45 -18.23 28.06
CA TYR G 342 -24.29 -18.58 29.22
C TYR G 342 -25.16 -17.39 29.65
N GLU G 343 -24.68 -16.17 29.39
CA GLU G 343 -25.45 -14.96 29.68
C GLU G 343 -26.56 -14.82 28.64
N MET G 344 -26.29 -15.24 27.40
CA MET G 344 -27.29 -15.18 26.35
C MET G 344 -28.40 -16.21 26.56
N HIS G 345 -28.13 -17.28 27.31
CA HIS G 345 -29.19 -18.27 27.62
C HIS G 345 -30.32 -17.58 28.37
N ARG G 346 -29.98 -16.59 29.19
CA ARG G 346 -30.96 -15.83 29.94
C ARG G 346 -31.86 -14.99 29.03
N MET G 347 -31.35 -14.67 27.83
CA MET G 347 -32.08 -13.88 26.84
C MET G 347 -32.84 -14.75 25.82
N GLY G 348 -32.90 -16.07 26.06
CA GLY G 348 -33.60 -17.01 25.19
C GLY G 348 -32.81 -17.52 24.00
N ALA G 349 -31.48 -17.42 24.06
CA ALA G 349 -30.62 -17.88 22.97
C ALA G 349 -30.40 -19.39 23.09
N GLN G 350 -30.57 -20.10 21.97
CA GLN G 350 -30.39 -21.56 21.94
C GLN G 350 -28.98 -21.89 21.45
N ILE G 351 -28.08 -22.12 22.40
CA ILE G 351 -26.67 -22.41 22.09
C ILE G 351 -26.18 -23.59 22.94
N GLN G 352 -25.48 -24.52 22.28
CA GLN G 352 -24.91 -25.71 22.92
C GLN G 352 -23.39 -25.59 22.80
N VAL G 353 -22.68 -25.71 23.92
CA VAL G 353 -21.22 -25.60 23.93
C VAL G 353 -20.55 -26.92 24.34
N GLU G 354 -19.69 -27.43 23.47
CA GLU G 354 -18.94 -28.64 23.72
C GLU G 354 -17.48 -28.34 23.46
N GLY G 355 -16.73 -28.10 24.53
CA GLY G 355 -15.31 -27.77 24.42
C GLY G 355 -15.11 -26.43 23.75
N ASN G 356 -14.38 -26.42 22.64
CA ASN G 356 -14.11 -25.18 21.90
C ASN G 356 -15.16 -24.89 20.81
N THR G 357 -16.21 -25.71 20.73
CA THR G 357 -17.27 -25.54 19.73
C THR G 357 -18.57 -25.04 20.37
N ALA G 358 -19.17 -24.02 19.75
CA ALA G 358 -20.43 -23.45 20.20
C ALA G 358 -21.44 -23.51 19.05
N ILE G 359 -22.36 -24.46 19.14
CA ILE G 359 -23.40 -24.66 18.11
C ILE G 359 -24.56 -23.74 18.45
N VAL G 360 -24.84 -22.78 17.57
CA VAL G 360 -25.89 -21.79 17.79
C VAL G 360 -27.10 -22.00 16.88
N THR G 361 -28.24 -22.36 17.47
CA THR G 361 -29.49 -22.57 16.72
C THR G 361 -30.31 -21.28 16.83
N GLY G 362 -30.68 -20.73 15.69
CA GLY G 362 -31.42 -19.46 15.63
C GLY G 362 -32.90 -19.46 15.95
N VAL G 363 -33.39 -18.27 16.28
CA VAL G 363 -34.79 -18.02 16.62
C VAL G 363 -35.16 -16.63 16.08
N LYS G 364 -36.46 -16.32 16.06
CA LYS G 364 -36.92 -15.01 15.54
C LYS G 364 -36.26 -13.84 16.26
N ALA G 365 -36.38 -13.81 17.59
CA ALA G 365 -35.80 -12.74 18.40
C ALA G 365 -35.53 -13.20 19.82
N LEU G 366 -34.61 -12.50 20.49
CA LEU G 366 -34.26 -12.80 21.87
C LEU G 366 -35.26 -12.13 22.81
N LYS G 367 -35.08 -12.36 24.10
CA LYS G 367 -35.96 -11.83 25.14
C LYS G 367 -35.14 -10.99 26.11
N GLY G 368 -35.71 -9.86 26.54
CA GLY G 368 -35.02 -8.97 27.46
C GLY G 368 -34.87 -9.59 28.84
N ALA G 369 -33.67 -9.47 29.40
CA ALA G 369 -33.37 -10.00 30.73
C ALA G 369 -32.06 -9.39 31.23
N PRO G 370 -31.93 -9.21 32.57
CA PRO G 370 -30.67 -8.64 33.08
C PRO G 370 -29.48 -9.60 32.92
N VAL G 371 -28.37 -9.08 32.39
CA VAL G 371 -27.16 -9.88 32.16
C VAL G 371 -25.96 -9.22 32.84
N MET G 372 -24.81 -9.88 32.78
CA MET G 372 -23.59 -9.42 33.44
C MET G 372 -22.35 -9.61 32.57
N ALA G 373 -21.63 -8.52 32.32
CA ALA G 373 -20.40 -8.55 31.48
C ALA G 373 -19.18 -9.05 32.26
N THR G 374 -18.29 -9.77 31.58
CA THR G 374 -17.06 -10.31 32.19
C THR G 374 -15.84 -10.34 31.25
N ASP G 375 -15.90 -9.66 30.10
CA ASP G 375 -14.79 -9.68 29.12
C ASP G 375 -14.78 -8.38 28.30
N LEU G 376 -13.63 -7.69 28.29
CA LEU G 376 -13.50 -6.38 27.60
C LEU G 376 -13.89 -6.31 26.12
N ARG G 377 -13.75 -7.41 25.39
CA ARG G 377 -14.15 -7.48 23.97
C ARG G 377 -15.35 -8.39 23.70
N ALA G 378 -15.39 -9.54 24.36
CA ALA G 378 -16.47 -10.51 24.16
C ALA G 378 -17.81 -10.05 24.74
N SER G 379 -17.79 -9.27 25.83
CA SER G 379 -19.05 -8.78 26.43
C SER G 379 -19.80 -7.79 25.55
N ALA G 380 -19.13 -7.26 24.51
CA ALA G 380 -19.80 -6.36 23.58
C ALA G 380 -20.96 -7.09 22.91
N SER G 381 -20.86 -8.43 22.84
CA SER G 381 -21.90 -9.27 22.26
C SER G 381 -23.20 -9.19 23.04
N LEU G 382 -23.10 -8.99 24.36
CA LEU G 382 -24.28 -8.85 25.22
C LEU G 382 -25.03 -7.56 24.85
N VAL G 383 -24.28 -6.53 24.43
CA VAL G 383 -24.86 -5.27 23.97
C VAL G 383 -25.55 -5.50 22.61
N LEU G 384 -24.90 -6.30 21.75
CA LEU G 384 -25.45 -6.62 20.42
C LEU G 384 -26.73 -7.45 20.54
N SER G 385 -26.69 -8.48 21.38
CA SER G 385 -27.86 -9.35 21.59
C SER G 385 -29.06 -8.59 22.19
N ALA G 386 -28.76 -7.55 22.96
CA ALA G 386 -29.80 -6.73 23.57
C ALA G 386 -30.58 -5.92 22.54
N LEU G 387 -29.91 -5.55 21.44
CA LEU G 387 -30.54 -4.77 20.37
C LEU G 387 -31.66 -5.52 19.63
N VAL G 388 -31.55 -6.85 19.58
CA VAL G 388 -32.56 -7.70 18.92
C VAL G 388 -33.35 -8.50 19.98
N ALA G 389 -33.50 -7.92 21.17
CA ALA G 389 -34.21 -8.57 22.28
C ALA G 389 -35.44 -7.76 22.70
N GLU G 390 -36.59 -8.44 22.80
CA GLU G 390 -37.85 -7.80 23.21
C GLU G 390 -37.75 -7.25 24.63
N GLY G 391 -38.23 -6.01 24.83
CA GLY G 391 -38.20 -5.37 26.14
C GLY G 391 -36.84 -4.80 26.48
N ASP G 392 -36.63 -4.53 27.76
CA ASP G 392 -35.38 -3.96 28.26
C ASP G 392 -34.34 -5.02 28.64
N THR G 393 -33.07 -4.64 28.53
CA THR G 393 -31.93 -5.50 28.85
C THR G 393 -30.96 -4.72 29.72
N LEU G 394 -30.95 -4.99 31.02
CA LEU G 394 -30.09 -4.30 31.97
C LEU G 394 -28.73 -5.01 32.12
N ILE G 395 -27.68 -4.43 31.51
CA ILE G 395 -26.33 -5.00 31.56
C ILE G 395 -25.54 -4.40 32.73
N ASP G 396 -25.01 -5.27 33.59
CA ASP G 396 -24.24 -4.88 34.76
C ASP G 396 -22.73 -5.10 34.52
N ARG G 397 -21.89 -4.48 35.37
CA ARG G 397 -20.42 -4.57 35.29
C ARG G 397 -19.90 -4.15 33.92
N ILE G 398 -20.35 -2.99 33.45
CA ILE G 398 -19.92 -2.48 32.14
C ILE G 398 -18.49 -1.91 32.13
N TYR G 399 -17.83 -1.87 33.29
CA TYR G 399 -16.45 -1.38 33.32
C TYR G 399 -15.55 -2.21 32.39
N HIS G 400 -15.88 -3.50 32.22
CA HIS G 400 -15.15 -4.38 31.29
C HIS G 400 -15.26 -3.83 29.87
N ILE G 401 -16.48 -3.51 29.45
CA ILE G 401 -16.75 -2.95 28.12
C ILE G 401 -16.00 -1.63 27.93
N ASP G 402 -16.02 -0.78 28.97
CA ASP G 402 -15.34 0.52 28.93
C ASP G 402 -13.82 0.40 28.74
N ARG G 403 -13.25 -0.76 29.06
CA ARG G 403 -11.82 -1.00 28.85
C ARG G 403 -11.55 -1.20 27.37
N GLY G 404 -12.40 -2.01 26.73
CA GLY G 404 -12.24 -2.36 25.32
C GLY G 404 -12.86 -1.46 24.26
N TYR G 405 -13.78 -0.57 24.64
CA TYR G 405 -14.44 0.30 23.65
C TYR G 405 -14.64 1.73 24.16
N GLU G 406 -14.39 2.70 23.28
CA GLU G 406 -14.59 4.11 23.60
C GLU G 406 -16.03 4.64 23.58
N CYS G 407 -16.62 4.80 24.77
CA CYS G 407 -18.06 5.06 24.99
C CYS G 407 -19.19 4.41 24.18
N ILE G 408 -19.18 3.08 24.17
CA ILE G 408 -20.00 2.27 23.27
C ILE G 408 -21.43 2.80 23.19
N GLU G 409 -21.96 3.26 24.33
CA GLU G 409 -23.31 3.83 24.38
C GLU G 409 -23.46 5.11 23.55
N GLU G 410 -22.38 5.87 23.41
CA GLU G 410 -22.38 7.11 22.64
C GLU G 410 -22.42 6.85 21.13
N LYS G 411 -21.60 5.91 20.66
CA LYS G 411 -21.52 5.60 19.23
C LYS G 411 -22.73 4.83 18.70
N LEU G 412 -23.43 4.10 19.56
CA LEU G 412 -24.63 3.37 19.13
C LEU G 412 -25.83 4.31 18.97
N GLN G 413 -25.75 5.51 19.56
CA GLN G 413 -26.83 6.50 19.45
C GLN G 413 -26.90 7.16 18.08
N MET G 414 -25.74 7.43 17.46
CA MET G 414 -25.75 8.00 16.09
C MET G 414 -26.32 6.97 15.11
N LEU G 415 -26.24 5.69 15.47
CA LEU G 415 -26.78 4.60 14.64
C LEU G 415 -28.28 4.39 14.88
N GLY G 416 -28.82 5.05 15.91
CA GLY G 416 -30.25 4.97 16.23
C GLY G 416 -30.64 3.97 17.32
N ALA G 417 -29.66 3.30 17.93
CA ALA G 417 -29.94 2.33 18.99
C ALA G 417 -30.47 3.04 20.24
N LYS G 418 -31.47 2.46 20.88
CA LYS G 418 -32.05 3.05 22.09
C LYS G 418 -31.32 2.49 23.32
N ILE G 419 -30.06 2.90 23.43
CA ILE G 419 -29.17 2.49 24.53
C ILE G 419 -29.00 3.65 25.50
N ARG G 420 -28.71 3.34 26.77
CA ARG G 420 -28.58 4.37 27.82
C ARG G 420 -27.68 3.91 28.97
N ARG G 421 -26.86 4.83 29.47
CA ARG G 421 -25.97 4.55 30.60
C ARG G 421 -26.68 4.94 31.89
N VAL G 422 -26.59 4.09 32.90
CA VAL G 422 -27.22 4.33 34.20
C VAL G 422 -26.20 4.08 35.32
N PRO G 423 -25.82 5.13 36.08
CA PRO G 423 -24.86 4.90 37.18
C PRO G 423 -25.52 4.13 38.35
N GLY G 424 -25.62 2.81 38.20
CA GLY G 424 -26.23 1.95 39.21
C GLY G 424 -25.34 1.64 40.40
N ALA H 3 -11.51 -2.98 51.57
CA ALA H 3 -12.82 -3.50 51.06
C ALA H 3 -13.01 -4.99 51.33
N MET H 4 -12.15 -5.82 50.74
CA MET H 4 -12.23 -7.28 50.86
C MET H 4 -11.12 -7.88 51.74
N ASP H 5 -11.46 -9.00 52.40
CA ASP H 5 -10.53 -9.69 53.29
C ASP H 5 -9.44 -10.42 52.51
N LYS H 6 -8.34 -10.71 53.19
CA LYS H 6 -7.20 -11.43 52.62
C LYS H 6 -6.63 -12.41 53.64
N LEU H 7 -5.83 -13.35 53.14
CA LEU H 7 -5.16 -14.37 53.96
C LEU H 7 -3.66 -14.34 53.70
N ILE H 8 -2.88 -14.02 54.72
CA ILE H 8 -1.43 -14.04 54.56
C ILE H 8 -0.96 -15.35 55.19
N ILE H 9 -0.23 -16.13 54.41
CA ILE H 9 0.24 -17.45 54.83
C ILE H 9 1.77 -17.55 54.71
N THR H 10 2.40 -18.09 55.75
CA THR H 10 3.84 -18.28 55.78
C THR H 10 4.08 -19.78 55.66
N GLY H 11 4.81 -20.19 54.62
CA GLY H 11 5.07 -21.63 54.37
C GLY H 11 6.33 -22.20 54.99
N GLY H 12 6.42 -23.53 54.96
CA GLY H 12 7.55 -24.28 55.50
C GLY H 12 7.20 -25.15 56.71
N ALA H 13 6.08 -24.84 57.36
CA ALA H 13 5.65 -25.60 58.55
C ALA H 13 5.00 -26.93 58.19
N ARG H 14 5.45 -27.99 58.88
CA ARG H 14 4.93 -29.33 58.69
C ARG H 14 3.68 -29.43 59.59
N LEU H 15 2.55 -29.81 59.00
CA LEU H 15 1.29 -29.88 59.77
C LEU H 15 1.20 -31.11 60.67
N ASP H 16 0.48 -30.94 61.78
CA ASP H 16 0.28 -31.99 62.77
C ASP H 16 -0.91 -31.61 63.65
N GLY H 17 -1.85 -32.53 63.80
CA GLY H 17 -3.04 -32.29 64.63
C GLY H 17 -4.23 -33.13 64.20
N GLU H 18 -5.42 -32.69 64.58
CA GLU H 18 -6.65 -33.38 64.23
C GLU H 18 -7.82 -32.39 64.26
N ILE H 19 -8.69 -32.49 63.27
CA ILE H 19 -9.84 -31.58 63.15
C ILE H 19 -11.16 -32.31 62.91
N ARG H 20 -12.25 -31.66 63.31
CA ARG H 20 -13.59 -32.21 63.11
C ARG H 20 -14.17 -31.69 61.80
N ILE H 21 -14.62 -32.62 60.97
CA ILE H 21 -15.19 -32.31 59.66
C ILE H 21 -16.61 -31.76 59.79
N SER H 22 -16.88 -30.75 58.96
CA SER H 22 -18.18 -30.08 58.93
C SER H 22 -19.15 -30.90 58.10
N GLY H 23 -20.40 -30.44 58.04
CA GLY H 23 -21.43 -31.11 57.25
C GLY H 23 -21.21 -30.80 55.77
N ALA H 24 -21.73 -31.67 54.92
CA ALA H 24 -21.60 -31.51 53.48
C ALA H 24 -22.38 -30.33 52.92
N LYS H 25 -21.66 -29.35 52.41
CA LYS H 25 -22.23 -28.17 51.78
C LYS H 25 -23.18 -28.57 50.65
N ASN H 26 -22.73 -29.48 49.79
CA ASN H 26 -23.53 -29.97 48.65
C ASN H 26 -24.66 -30.92 49.04
N ALA H 27 -24.76 -31.26 50.33
CA ALA H 27 -25.85 -32.10 50.85
C ALA H 27 -26.79 -31.19 51.66
N ALA H 28 -26.24 -30.12 52.24
CA ALA H 28 -27.04 -29.17 53.02
C ALA H 28 -27.95 -28.35 52.12
N LEU H 29 -27.42 -27.84 51.00
CA LEU H 29 -28.20 -27.03 50.05
C LEU H 29 -29.46 -27.77 49.51
N PRO H 30 -29.28 -28.97 48.94
CA PRO H 30 -30.48 -29.68 48.45
C PRO H 30 -31.44 -30.05 49.58
N ILE H 31 -30.91 -30.42 50.74
CA ILE H 31 -31.74 -30.78 51.90
C ILE H 31 -32.49 -29.56 52.42
N LEU H 32 -31.89 -28.38 52.30
CA LEU H 32 -32.57 -27.15 52.70
C LEU H 32 -33.72 -26.88 51.72
N ALA H 33 -33.45 -26.99 50.42
CA ALA H 33 -34.46 -26.80 49.39
C ALA H 33 -35.59 -27.83 49.52
N ALA H 34 -35.23 -29.04 49.95
CA ALA H 34 -36.18 -30.13 50.14
C ALA H 34 -37.10 -29.91 51.33
N THR H 35 -36.81 -28.91 52.17
CA THR H 35 -37.67 -28.61 53.32
C THR H 35 -39.00 -28.01 52.84
N LEU H 36 -38.99 -27.36 51.68
CA LEU H 36 -40.20 -26.77 51.09
C LEU H 36 -41.24 -27.83 50.78
N LEU H 37 -40.79 -29.06 50.54
CA LEU H 37 -41.66 -30.20 50.26
C LEU H 37 -42.51 -30.56 51.49
N ALA H 38 -41.99 -30.28 52.68
CA ALA H 38 -42.66 -30.63 53.94
C ALA H 38 -43.93 -29.85 54.27
N ASP H 39 -44.70 -30.44 55.17
CA ASP H 39 -45.95 -29.89 55.68
C ASP H 39 -45.76 -29.74 57.19
N GLY H 40 -45.20 -28.59 57.59
CA GLY H 40 -44.92 -28.30 58.99
C GLY H 40 -43.44 -28.04 59.21
N PRO H 41 -43.02 -27.67 60.44
CA PRO H 41 -41.62 -27.38 60.75
C PRO H 41 -40.65 -28.53 60.47
N VAL H 42 -39.42 -28.20 60.03
CA VAL H 42 -38.39 -29.18 59.72
C VAL H 42 -37.02 -28.65 60.19
N THR H 43 -36.32 -29.45 61.00
CA THR H 43 -35.01 -29.06 61.51
C THR H 43 -33.90 -29.80 60.76
N VAL H 44 -32.94 -29.03 60.25
CA VAL H 44 -31.79 -29.56 59.51
C VAL H 44 -30.52 -29.29 60.31
N GLY H 45 -29.93 -30.34 60.89
CA GLY H 45 -28.71 -30.22 61.71
C GLY H 45 -27.39 -30.49 61.01
N ASN H 46 -26.30 -30.21 61.72
CA ASN H 46 -24.92 -30.41 61.24
C ASN H 46 -24.57 -29.56 59.99
N LEU H 47 -25.17 -28.39 59.87
CA LEU H 47 -24.87 -27.51 58.73
C LEU H 47 -23.49 -26.88 58.90
N PRO H 48 -22.74 -26.72 57.80
CA PRO H 48 -21.44 -26.08 57.89
C PRO H 48 -21.59 -24.56 57.87
N HIS H 49 -20.81 -23.85 58.67
CA HIS H 49 -20.85 -22.39 58.69
C HIS H 49 -20.01 -21.80 57.57
N LEU H 50 -20.63 -21.67 56.40
CA LEU H 50 -20.02 -21.10 55.21
C LEU H 50 -21.07 -20.24 54.49
N HIS H 51 -20.61 -19.31 53.65
CA HIS H 51 -21.52 -18.35 53.00
C HIS H 51 -22.64 -18.90 52.10
N ASP H 52 -22.46 -20.06 51.45
CA ASP H 52 -23.53 -20.63 50.59
C ASP H 52 -24.78 -21.04 51.38
N ILE H 53 -24.61 -21.40 52.65
CA ILE H 53 -25.75 -21.75 53.51
C ILE H 53 -26.41 -20.43 53.93
N THR H 54 -25.61 -19.37 54.03
CA THR H 54 -26.12 -18.05 54.39
C THR H 54 -26.95 -17.49 53.23
N THR H 55 -26.47 -17.69 52.01
CA THR H 55 -27.16 -17.22 50.81
C THR H 55 -28.48 -17.98 50.60
N MET H 56 -28.49 -19.27 50.98
CA MET H 56 -29.70 -20.11 50.84
C MET H 56 -30.74 -19.66 51.88
N ILE H 57 -30.30 -19.42 53.11
CA ILE H 57 -31.18 -18.92 54.19
C ILE H 57 -31.71 -17.53 53.79
N GLU H 58 -30.86 -16.74 53.16
CA GLU H 58 -31.23 -15.40 52.68
C GLU H 58 -32.29 -15.52 51.57
N LEU H 59 -32.18 -16.55 50.73
CA LEU H 59 -33.16 -16.81 49.65
C LEU H 59 -34.55 -17.13 50.24
N PHE H 60 -34.55 -17.87 51.34
CA PHE H 60 -35.78 -18.23 52.05
C PHE H 60 -36.43 -17.00 52.68
N GLY H 61 -35.60 -16.03 53.07
CA GLY H 61 -36.08 -14.76 53.64
C GLY H 61 -36.80 -13.94 52.58
N ARG H 62 -36.29 -13.97 51.35
CA ARG H 62 -36.88 -13.25 50.23
C ARG H 62 -38.23 -13.85 49.83
N MET H 63 -38.38 -15.16 50.04
CA MET H 63 -39.64 -15.87 49.73
C MET H 63 -40.66 -15.75 50.86
N GLY H 64 -40.25 -15.19 51.99
CA GLY H 64 -41.13 -15.01 53.14
C GLY H 64 -40.92 -15.91 54.33
N ILE H 65 -40.12 -16.96 54.16
CA ILE H 65 -39.85 -17.91 55.23
C ILE H 65 -38.77 -17.34 56.16
N GLU H 66 -39.06 -17.26 57.45
CA GLU H 66 -38.10 -16.78 58.46
C GLU H 66 -37.55 -18.00 59.21
N PRO H 67 -36.33 -18.47 58.83
CA PRO H 67 -35.81 -19.64 59.55
C PRO H 67 -35.13 -19.26 60.86
N VAL H 68 -35.43 -20.00 61.92
CA VAL H 68 -34.84 -19.76 63.24
C VAL H 68 -33.48 -20.47 63.25
N ILE H 69 -32.41 -19.69 63.17
CA ILE H 69 -31.05 -20.24 63.13
C ILE H 69 -30.50 -20.43 64.56
N ASP H 70 -30.34 -21.68 64.98
CA ASP H 70 -29.81 -22.02 66.31
C ASP H 70 -28.30 -22.21 66.21
N GLU H 71 -27.56 -21.25 66.76
CA GLU H 71 -26.09 -21.25 66.73
C GLU H 71 -25.69 -21.18 65.23
N LYS H 72 -25.03 -22.20 64.69
CA LYS H 72 -24.64 -22.21 63.27
C LYS H 72 -24.90 -23.57 62.61
N LEU H 73 -25.30 -24.57 63.42
CA LEU H 73 -25.53 -25.92 62.91
C LEU H 73 -27.00 -26.18 62.56
N SER H 74 -27.86 -26.34 63.58
CA SER H 74 -29.28 -26.62 63.34
C SER H 74 -30.10 -25.39 62.92
N VAL H 75 -31.12 -25.62 62.09
CA VAL H 75 -32.02 -24.57 61.61
C VAL H 75 -33.42 -25.14 61.40
N GLU H 76 -34.42 -24.51 62.03
CA GLU H 76 -35.82 -24.93 61.92
C GLU H 76 -36.48 -24.12 60.80
N ILE H 77 -37.05 -24.82 59.81
CA ILE H 77 -37.70 -24.17 58.68
C ILE H 77 -39.17 -24.55 58.62
N ASP H 78 -40.02 -23.54 58.49
CA ASP H 78 -41.46 -23.74 58.40
C ASP H 78 -41.90 -23.24 57.01
N PRO H 79 -42.09 -24.16 56.05
CA PRO H 79 -42.47 -23.76 54.68
C PRO H 79 -43.90 -23.24 54.52
N ARG H 80 -44.72 -23.35 55.57
CA ARG H 80 -46.11 -22.89 55.52
C ARG H 80 -46.26 -21.37 55.50
N THR H 81 -45.17 -20.64 55.78
CA THR H 81 -45.20 -19.16 55.80
C THR H 81 -44.66 -18.51 54.52
N ILE H 82 -44.56 -19.28 53.43
CA ILE H 82 -44.04 -18.74 52.17
C ILE H 82 -45.04 -17.77 51.52
N LYS H 83 -44.60 -16.53 51.30
CA LYS H 83 -45.45 -15.48 50.72
C LYS H 83 -45.41 -15.52 49.20
N THR H 84 -44.18 -15.46 48.67
CA THR H 84 -43.94 -15.41 47.24
C THR H 84 -43.13 -16.60 46.75
N LEU H 85 -43.59 -17.20 45.65
CA LEU H 85 -42.92 -18.34 45.04
C LEU H 85 -41.94 -17.85 43.97
N VAL H 86 -40.97 -17.03 44.40
CA VAL H 86 -39.97 -16.46 43.49
C VAL H 86 -38.57 -16.45 44.10
N ALA H 87 -37.60 -16.96 43.34
CA ALA H 87 -36.19 -17.00 43.71
C ALA H 87 -35.56 -15.92 42.83
N PRO H 88 -35.52 -14.66 43.32
CA PRO H 88 -35.03 -13.51 42.52
C PRO H 88 -33.63 -13.63 41.91
N TYR H 89 -33.42 -12.88 40.84
CA TYR H 89 -32.13 -12.81 40.13
C TYR H 89 -31.04 -12.14 40.94
N GLU H 90 -31.42 -11.25 41.86
CA GLU H 90 -30.47 -10.55 42.72
C GLU H 90 -29.64 -11.53 43.55
N LEU H 91 -30.23 -12.68 43.89
CA LEU H 91 -29.53 -13.73 44.68
C LEU H 91 -29.03 -14.91 43.84
N VAL H 92 -29.82 -15.35 42.87
CA VAL H 92 -29.44 -16.49 42.02
C VAL H 92 -28.20 -16.20 41.16
N LYS H 93 -27.91 -14.92 40.92
CA LYS H 93 -26.73 -14.56 40.15
C LYS H 93 -25.45 -14.85 40.95
N THR H 94 -25.55 -14.76 42.28
CA THR H 94 -24.41 -15.03 43.18
C THR H 94 -24.24 -16.51 43.55
N MET H 95 -25.25 -17.34 43.26
CA MET H 95 -25.17 -18.77 43.58
C MET H 95 -26.17 -19.55 42.73
N ARG H 96 -25.67 -20.22 41.68
CA ARG H 96 -26.55 -21.01 40.78
C ARG H 96 -27.20 -22.21 41.47
N ALA H 97 -26.63 -22.65 42.60
CA ALA H 97 -27.21 -23.76 43.35
C ALA H 97 -28.63 -23.41 43.81
N SER H 98 -28.95 -22.11 43.78
CA SER H 98 -30.30 -21.63 44.13
C SER H 98 -31.37 -22.27 43.26
N ILE H 99 -30.98 -22.77 42.08
CA ILE H 99 -31.92 -23.43 41.18
C ILE H 99 -32.57 -24.67 41.83
N LEU H 100 -31.89 -25.23 42.85
CA LEU H 100 -32.41 -26.40 43.58
C LEU H 100 -33.81 -26.21 44.18
N VAL H 101 -34.25 -24.96 44.34
CA VAL H 101 -35.59 -24.70 44.90
C VAL H 101 -36.71 -24.96 43.87
N LEU H 102 -36.38 -24.83 42.58
CA LEU H 102 -37.35 -25.04 41.49
C LEU H 102 -38.15 -26.34 41.63
N GLY H 103 -37.46 -27.47 41.61
CA GLY H 103 -38.09 -28.78 41.72
C GLY H 103 -39.14 -28.91 42.81
N PRO H 104 -38.73 -28.79 44.08
CA PRO H 104 -39.67 -28.91 45.19
C PRO H 104 -40.73 -27.80 45.28
N MET H 105 -40.40 -26.60 44.83
CA MET H 105 -41.33 -25.47 44.88
C MET H 105 -42.49 -25.69 43.90
N VAL H 106 -42.18 -26.20 42.70
CA VAL H 106 -43.21 -26.48 41.68
C VAL H 106 -44.06 -27.68 42.09
N ALA H 107 -43.40 -28.73 42.54
CA ALA H 107 -44.06 -29.98 42.91
C ALA H 107 -44.93 -29.95 44.17
N ARG H 108 -44.79 -28.91 45.00
CA ARG H 108 -45.58 -28.84 46.24
C ARG H 108 -46.55 -27.67 46.24
N PHE H 109 -46.12 -26.52 45.70
CA PHE H 109 -46.97 -25.33 45.63
C PHE H 109 -47.64 -25.12 44.26
N GLY H 110 -47.33 -26.00 43.29
CA GLY H 110 -47.94 -25.93 41.96
C GLY H 110 -47.32 -24.97 40.95
N GLU H 111 -46.46 -24.07 41.40
CA GLU H 111 -45.82 -23.09 40.49
C GLU H 111 -44.57 -22.45 41.09
N ALA H 112 -43.72 -21.90 40.22
CA ALA H 112 -42.49 -21.23 40.64
C ALA H 112 -41.84 -20.45 39.50
N GLU H 113 -41.14 -19.37 39.86
CA GLU H 113 -40.42 -18.54 38.91
C GLU H 113 -38.99 -18.34 39.40
N VAL H 114 -38.11 -19.26 39.02
CA VAL H 114 -36.70 -19.23 39.41
C VAL H 114 -35.85 -18.59 38.32
N ALA H 115 -34.93 -17.71 38.71
CA ALA H 115 -34.06 -17.03 37.75
C ALA H 115 -33.09 -18.02 37.11
N LEU H 116 -32.98 -17.96 35.79
CA LEU H 116 -32.09 -18.86 35.05
C LEU H 116 -30.64 -18.42 35.31
N PRO H 117 -29.79 -19.32 35.86
CA PRO H 117 -28.41 -18.93 36.14
C PRO H 117 -27.63 -18.48 34.91
N GLY H 118 -26.79 -17.45 35.08
CA GLY H 118 -25.99 -16.92 33.99
C GLY H 118 -24.76 -17.78 33.77
N GLY H 119 -23.60 -17.15 33.75
CA GLY H 119 -22.33 -17.86 33.55
C GLY H 119 -21.49 -17.98 34.80
N CYS H 120 -20.75 -19.08 34.87
CA CYS H 120 -19.84 -19.35 35.98
C CYS H 120 -18.43 -19.46 35.39
N ALA H 121 -17.45 -18.83 36.05
CA ALA H 121 -16.04 -18.85 35.59
C ALA H 121 -15.43 -20.26 35.43
N ILE H 122 -16.01 -21.25 36.10
CA ILE H 122 -15.55 -22.65 36.03
C ILE H 122 -15.63 -23.18 34.59
N GLY H 123 -16.84 -23.22 34.05
CA GLY H 123 -17.04 -23.70 32.68
C GLY H 123 -18.50 -23.75 32.27
N SER H 124 -18.80 -24.61 31.31
CA SER H 124 -20.16 -24.77 30.80
C SER H 124 -21.07 -25.48 31.81
N ARG H 125 -22.12 -24.79 32.25
CA ARG H 125 -23.10 -25.37 33.18
C ARG H 125 -24.54 -24.95 32.85
N PRO H 126 -25.09 -25.51 31.76
CA PRO H 126 -26.48 -25.21 31.40
C PRO H 126 -27.39 -26.04 32.28
N VAL H 127 -28.64 -25.60 32.42
CA VAL H 127 -29.61 -26.32 33.26
C VAL H 127 -30.79 -26.84 32.44
N ASP H 128 -30.49 -27.35 31.25
CA ASP H 128 -31.52 -27.89 30.34
C ASP H 128 -32.18 -29.18 30.87
N LEU H 129 -31.40 -30.04 31.53
CA LEU H 129 -31.91 -31.29 32.08
C LEU H 129 -32.87 -31.05 33.24
N HIS H 130 -32.70 -29.91 33.93
CA HIS H 130 -33.58 -29.53 35.03
C HIS H 130 -34.98 -29.21 34.49
N ILE H 131 -35.02 -28.43 33.41
CA ILE H 131 -36.27 -28.02 32.78
C ILE H 131 -36.99 -29.20 32.14
N ARG H 132 -36.31 -29.97 31.28
CA ARG H 132 -36.94 -31.11 30.59
C ARG H 132 -37.35 -32.26 31.52
N GLY H 133 -36.82 -32.29 32.74
CA GLY H 133 -37.19 -33.32 33.73
C GLY H 133 -38.55 -33.01 34.34
N LEU H 134 -38.81 -31.72 34.54
CA LEU H 134 -40.09 -31.25 35.08
C LEU H 134 -41.15 -31.26 33.98
N GLU H 135 -40.73 -30.99 32.74
CA GLU H 135 -41.63 -31.02 31.58
C GLU H 135 -42.08 -32.46 31.32
N ALA H 136 -41.18 -33.41 31.58
CA ALA H 136 -41.50 -34.84 31.42
C ALA H 136 -42.60 -35.23 32.41
N MET H 137 -42.74 -34.44 33.47
CA MET H 137 -43.79 -34.65 34.48
C MET H 137 -45.04 -33.78 34.23
N GLY H 138 -45.16 -33.22 33.01
CA GLY H 138 -46.31 -32.40 32.64
C GLY H 138 -46.31 -30.92 32.99
N ALA H 139 -45.22 -30.42 33.55
CA ALA H 139 -45.12 -29.01 33.93
C ALA H 139 -44.77 -28.13 32.74
N LYS H 140 -45.64 -27.17 32.40
CA LYS H 140 -45.35 -26.25 31.30
C LYS H 140 -44.37 -25.20 31.82
N ILE H 141 -43.28 -25.00 31.08
CA ILE H 141 -42.23 -24.05 31.46
C ILE H 141 -41.85 -23.14 30.30
N GLU H 142 -41.62 -21.87 30.63
CA GLU H 142 -41.21 -20.85 29.65
C GLU H 142 -40.16 -19.95 30.30
N VAL H 143 -39.31 -19.35 29.48
CA VAL H 143 -38.26 -18.45 29.96
C VAL H 143 -38.57 -17.02 29.50
N GLU H 144 -39.00 -16.18 30.45
CA GLU H 144 -39.35 -14.79 30.15
C GLU H 144 -38.75 -13.87 31.23
N GLY H 145 -38.13 -12.78 30.79
CA GLY H 145 -37.52 -11.81 31.71
C GLY H 145 -36.38 -12.38 32.53
N GLY H 146 -35.68 -13.37 31.98
CA GLY H 146 -34.56 -14.02 32.68
C GLY H 146 -34.97 -15.00 33.76
N TYR H 147 -36.27 -15.35 33.81
CA TYR H 147 -36.80 -16.27 34.80
C TYR H 147 -37.42 -17.51 34.17
N ILE H 148 -37.23 -18.65 34.84
CA ILE H 148 -37.78 -19.93 34.43
C ILE H 148 -39.18 -20.00 35.04
N LYS H 149 -40.18 -19.47 34.34
CA LYS H 149 -41.55 -19.51 34.84
C LYS H 149 -42.13 -20.91 34.59
N ALA H 150 -42.33 -21.66 35.68
CA ALA H 150 -42.86 -23.01 35.63
C ALA H 150 -44.21 -23.10 36.35
N LYS H 151 -45.09 -23.93 35.82
CA LYS H 151 -46.41 -24.13 36.40
C LYS H 151 -46.86 -25.58 36.15
N ALA H 152 -47.20 -26.28 37.22
CA ALA H 152 -47.64 -27.67 37.15
C ALA H 152 -49.07 -27.76 36.62
N PRO H 153 -49.46 -28.92 36.07
CA PRO H 153 -50.83 -29.06 35.55
C PRO H 153 -51.83 -29.24 36.70
N GLU H 154 -53.11 -29.38 36.35
CA GLU H 154 -54.16 -29.55 37.36
C GLU H 154 -53.91 -30.86 38.12
N GLY H 155 -53.89 -30.78 39.44
CA GLY H 155 -53.66 -31.93 40.31
C GLY H 155 -52.21 -32.27 40.58
N GLY H 156 -51.32 -31.29 40.41
CA GLY H 156 -49.89 -31.50 40.66
C GLY H 156 -49.17 -32.25 39.54
N LEU H 157 -47.89 -32.53 39.76
CA LEU H 157 -47.05 -33.23 38.79
C LEU H 157 -47.38 -34.73 38.72
N ARG H 158 -46.97 -35.36 37.62
CA ARG H 158 -47.21 -36.78 37.38
C ARG H 158 -45.88 -37.51 37.16
N GLY H 159 -45.77 -38.73 37.68
CA GLY H 159 -44.55 -39.53 37.55
C GLY H 159 -44.26 -39.93 36.12
N ALA H 160 -42.97 -40.09 35.80
CA ALA H 160 -42.53 -40.48 34.46
C ALA H 160 -41.11 -40.99 34.46
N HIS H 161 -40.80 -41.82 33.46
CA HIS H 161 -39.46 -42.39 33.28
C HIS H 161 -38.58 -41.39 32.56
N PHE H 162 -37.80 -40.61 33.30
CA PHE H 162 -36.90 -39.61 32.71
C PHE H 162 -35.44 -40.07 32.68
N PHE H 163 -34.81 -39.87 31.52
CA PHE H 163 -33.43 -40.26 31.29
C PHE H 163 -32.52 -39.03 31.24
N PHE H 164 -31.38 -39.10 31.92
CA PHE H 164 -30.40 -38.01 31.94
C PHE H 164 -29.30 -38.30 30.93
N ASP H 165 -29.28 -37.55 29.82
CA ASP H 165 -28.25 -37.73 28.79
C ASP H 165 -26.85 -37.55 29.35
N THR H 166 -26.71 -36.60 30.26
CA THR H 166 -25.44 -36.32 30.93
C THR H 166 -25.70 -36.43 32.44
N VAL H 167 -24.78 -37.07 33.16
CA VAL H 167 -24.93 -37.23 34.60
C VAL H 167 -24.89 -35.85 35.27
N SER H 168 -25.96 -35.51 35.98
CA SER H 168 -26.07 -34.23 36.67
C SER H 168 -26.42 -34.45 38.12
N VAL H 169 -25.62 -33.85 39.01
CA VAL H 169 -25.83 -33.96 40.46
C VAL H 169 -27.07 -33.17 40.86
N THR H 170 -27.10 -31.87 40.57
CA THR H 170 -28.26 -31.03 40.92
C THR H 170 -29.48 -31.38 40.05
N GLY H 171 -29.23 -31.87 38.84
CA GLY H 171 -30.32 -32.28 37.94
C GLY H 171 -31.06 -33.46 38.53
N THR H 172 -30.31 -34.43 39.04
CA THR H 172 -30.87 -35.59 39.70
C THR H 172 -31.66 -35.18 40.93
N GLU H 173 -31.10 -34.24 41.69
CA GLU H 173 -31.72 -33.74 42.93
C GLU H 173 -33.08 -33.05 42.69
N ASN H 174 -33.15 -32.11 41.74
CA ASN H 174 -34.42 -31.42 41.43
C ASN H 174 -35.56 -32.36 41.03
N ILE H 175 -35.26 -33.30 40.12
CA ILE H 175 -36.27 -34.22 39.64
C ILE H 175 -36.60 -35.28 40.71
N MET H 176 -35.64 -35.57 41.60
CA MET H 176 -35.89 -36.52 42.67
C MET H 176 -36.91 -35.90 43.63
N MET H 177 -36.60 -34.68 44.08
CA MET H 177 -37.48 -33.95 44.98
C MET H 177 -38.88 -33.82 44.38
N ALA H 178 -38.94 -33.35 43.13
CA ALA H 178 -40.20 -33.18 42.42
C ALA H 178 -41.03 -34.47 42.33
N ALA H 179 -40.35 -35.59 42.08
CA ALA H 179 -41.01 -36.90 41.97
C ALA H 179 -41.64 -37.38 43.28
N ALA H 180 -41.06 -36.99 44.41
CA ALA H 180 -41.57 -37.39 45.74
C ALA H 180 -43.02 -36.98 46.01
N LEU H 181 -43.49 -35.93 45.34
CA LEU H 181 -44.88 -35.44 45.53
C LEU H 181 -45.79 -35.62 44.30
N ALA H 182 -45.24 -36.17 43.22
CA ALA H 182 -46.02 -36.41 41.99
C ALA H 182 -46.74 -37.74 42.08
N LYS H 183 -47.91 -37.85 41.46
CA LYS H 183 -48.68 -39.11 41.47
C LYS H 183 -47.97 -40.23 40.71
N GLY H 184 -48.17 -41.45 41.19
CA GLY H 184 -47.59 -42.63 40.57
C GLY H 184 -46.09 -42.78 40.80
N ARG H 185 -45.49 -43.66 39.99
CA ARG H 185 -44.06 -43.95 40.08
C ARG H 185 -43.23 -43.14 39.07
N SER H 186 -42.02 -42.79 39.49
CA SER H 186 -41.04 -42.09 38.66
C SER H 186 -39.79 -42.97 38.64
N VAL H 187 -39.05 -42.92 37.54
CA VAL H 187 -37.82 -43.70 37.40
C VAL H 187 -36.76 -42.84 36.76
N LEU H 188 -35.80 -42.39 37.57
CA LEU H 188 -34.70 -41.55 37.08
C LEU H 188 -33.62 -42.49 36.56
N GLN H 189 -33.25 -42.33 35.29
CA GLN H 189 -32.24 -43.18 34.64
C GLN H 189 -30.97 -42.40 34.31
N ASN H 190 -29.82 -43.02 34.63
CA ASN H 190 -28.48 -42.42 34.45
C ASN H 190 -28.33 -41.29 35.48
N ALA H 191 -28.80 -41.59 36.70
CA ALA H 191 -28.78 -40.64 37.80
C ALA H 191 -27.43 -40.53 38.47
N ALA H 192 -27.22 -39.38 39.12
CA ALA H 192 -25.99 -39.12 39.83
C ALA H 192 -25.90 -40.07 41.01
N ARG H 193 -24.71 -40.57 41.25
CA ARG H 193 -24.44 -41.52 42.33
C ARG H 193 -23.69 -40.88 43.50
N GLU H 194 -23.54 -39.55 43.49
CA GLU H 194 -22.85 -38.84 44.57
C GLU H 194 -23.52 -39.09 45.93
N PRO H 195 -22.73 -39.15 47.02
CA PRO H 195 -23.28 -39.35 48.36
C PRO H 195 -24.31 -38.30 48.81
N GLU H 196 -24.25 -37.09 48.23
CA GLU H 196 -25.20 -36.03 48.57
C GLU H 196 -26.62 -36.37 48.08
N VAL H 197 -26.71 -37.10 46.97
CA VAL H 197 -27.99 -37.53 46.41
C VAL H 197 -28.62 -38.58 47.34
N VAL H 198 -27.79 -39.45 47.90
CA VAL H 198 -28.22 -40.49 48.83
C VAL H 198 -28.69 -39.83 50.14
N ASP H 199 -27.89 -38.89 50.63
CA ASP H 199 -28.18 -38.16 51.87
C ASP H 199 -29.50 -37.42 51.70
N LEU H 200 -29.73 -36.91 50.48
CA LEU H 200 -30.97 -36.20 50.15
C LEU H 200 -32.13 -37.19 50.13
N ALA H 201 -31.88 -38.36 49.55
CA ALA H 201 -32.90 -39.41 49.46
C ALA H 201 -33.31 -39.88 50.85
N ASN H 202 -32.32 -40.12 51.71
CA ASN H 202 -32.57 -40.57 53.07
C ASN H 202 -33.34 -39.52 53.90
N PHE H 203 -33.20 -38.26 53.52
CA PHE H 203 -33.91 -37.14 54.18
C PHE H 203 -35.40 -37.13 53.82
N ILE H 204 -35.69 -37.26 52.53
CA ILE H 204 -37.07 -37.30 52.03
C ILE H 204 -37.78 -38.56 52.54
N ASN H 205 -37.03 -39.65 52.70
CA ASN H 205 -37.59 -40.90 53.22
C ASN H 205 -37.89 -40.75 54.71
N ALA H 206 -37.08 -39.94 55.41
CA ALA H 206 -37.30 -39.68 56.84
C ALA H 206 -38.61 -38.92 57.06
N MET H 207 -39.12 -38.31 55.99
CA MET H 207 -40.40 -37.59 56.00
C MET H 207 -41.55 -38.44 55.44
N GLY H 208 -41.32 -39.73 55.23
CA GLY H 208 -42.35 -40.63 54.69
C GLY H 208 -42.29 -40.81 53.19
N GLY H 209 -41.19 -40.38 52.56
CA GLY H 209 -41.01 -40.52 51.12
C GLY H 209 -40.63 -41.95 50.76
N ASN H 210 -40.84 -42.31 49.50
CA ASN H 210 -40.53 -43.66 49.02
C ASN H 210 -39.53 -43.58 47.87
N ILE H 211 -38.27 -43.33 48.23
CA ILE H 211 -37.18 -43.23 47.27
C ILE H 211 -36.29 -44.46 47.45
N GLN H 212 -36.16 -45.25 46.39
CA GLN H 212 -35.33 -46.46 46.39
C GLN H 212 -34.31 -46.38 45.26
N GLY H 213 -33.12 -46.91 45.51
CA GLY H 213 -32.03 -46.93 44.52
C GLY H 213 -31.15 -45.70 44.46
N ALA H 214 -31.16 -44.86 45.51
CA ALA H 214 -30.30 -43.69 45.54
C ALA H 214 -28.90 -44.17 45.72
N GLY H 215 -27.99 -43.69 44.86
CA GLY H 215 -26.59 -44.11 44.88
C GLY H 215 -26.26 -45.06 43.73
N THR H 216 -27.26 -45.32 42.88
CA THR H 216 -27.11 -46.18 41.71
C THR H 216 -27.65 -45.42 40.49
N ASP H 217 -27.50 -46.02 39.31
CA ASP H 217 -28.00 -45.43 38.05
C ASP H 217 -29.48 -45.15 38.09
N THR H 218 -30.23 -46.14 38.58
CA THR H 218 -31.69 -46.07 38.64
C THR H 218 -32.22 -45.70 40.03
N ILE H 219 -33.02 -44.62 40.08
CA ILE H 219 -33.66 -44.17 41.31
C ILE H 219 -35.17 -44.28 41.08
N THR H 220 -35.81 -45.20 41.80
CA THR H 220 -37.25 -45.42 41.68
C THR H 220 -37.98 -44.68 42.79
N ILE H 221 -38.83 -43.73 42.43
CA ILE H 221 -39.61 -42.96 43.40
C ILE H 221 -41.10 -43.21 43.23
N ASP H 222 -41.79 -43.50 44.34
CA ASP H 222 -43.23 -43.68 44.37
C ASP H 222 -43.75 -42.49 45.17
N GLY H 223 -44.48 -41.60 44.50
CA GLY H 223 -44.99 -40.38 45.14
C GLY H 223 -46.00 -40.57 46.25
N VAL H 224 -46.19 -39.50 47.03
CA VAL H 224 -47.13 -39.48 48.15
C VAL H 224 -47.86 -38.14 48.23
N GLU H 225 -48.95 -38.11 48.99
CA GLU H 225 -49.77 -36.90 49.16
C GLU H 225 -48.99 -35.78 49.85
N ARG H 226 -48.51 -36.07 51.06
CA ARG H 226 -47.75 -35.10 51.85
C ARG H 226 -46.56 -35.75 52.55
N LEU H 227 -45.51 -34.95 52.79
CA LEU H 227 -44.30 -35.40 53.48
C LEU H 227 -44.29 -34.74 54.86
N ASP H 228 -44.25 -35.56 55.91
CA ASP H 228 -44.29 -35.06 57.30
C ASP H 228 -43.01 -34.36 57.78
N SER H 229 -43.05 -33.88 59.02
CA SER H 229 -41.90 -33.22 59.64
C SER H 229 -40.82 -34.23 59.97
N ALA H 230 -39.59 -33.76 60.13
CA ALA H 230 -38.47 -34.63 60.45
C ALA H 230 -37.22 -33.87 60.88
N ASN H 231 -36.46 -34.47 61.78
CA ASN H 231 -35.20 -33.92 62.26
C ASN H 231 -34.14 -34.74 61.56
N TYR H 232 -33.15 -34.08 60.96
CA TYR H 232 -32.12 -34.80 60.21
C TYR H 232 -30.78 -34.08 60.19
N ARG H 233 -29.72 -34.81 60.53
CA ARG H 233 -28.37 -34.26 60.53
C ARG H 233 -27.73 -34.65 59.20
N VAL H 234 -27.18 -33.67 58.50
CA VAL H 234 -26.58 -33.92 57.18
C VAL H 234 -25.25 -34.68 57.30
N MET H 235 -24.91 -35.37 56.21
CA MET H 235 -23.69 -36.17 56.12
C MET H 235 -22.43 -35.31 56.20
N PRO H 236 -21.24 -35.94 56.39
CA PRO H 236 -20.00 -35.16 56.42
C PRO H 236 -19.58 -34.73 55.01
N ASP H 237 -18.71 -33.71 54.93
CA ASP H 237 -18.25 -33.18 53.64
C ASP H 237 -16.97 -33.90 53.17
N ARG H 238 -17.13 -34.70 52.12
CA ARG H 238 -16.01 -35.44 51.52
C ARG H 238 -14.94 -34.53 50.89
N ILE H 239 -15.35 -33.37 50.37
CA ILE H 239 -14.39 -32.42 49.76
C ILE H 239 -13.54 -31.76 50.84
N GLU H 240 -14.17 -31.40 51.96
CA GLU H 240 -13.45 -30.79 53.08
C GLU H 240 -12.51 -31.85 53.66
N THR H 241 -13.02 -33.08 53.81
CA THR H 241 -12.22 -34.20 54.33
C THR H 241 -10.95 -34.39 53.49
N GLY H 242 -11.10 -34.40 52.18
CA GLY H 242 -9.97 -34.56 51.28
C GLY H 242 -9.03 -33.37 51.30
N THR H 243 -9.59 -32.17 51.34
CA THR H 243 -8.78 -30.93 51.34
C THR H 243 -7.74 -30.93 52.47
N TYR H 244 -8.16 -31.21 53.70
CA TYR H 244 -7.23 -31.23 54.83
C TYR H 244 -6.29 -32.43 54.82
N LEU H 245 -6.66 -33.49 54.12
CA LEU H 245 -5.79 -34.66 53.97
C LEU H 245 -4.61 -34.26 53.07
N VAL H 246 -4.89 -33.46 52.05
CA VAL H 246 -3.85 -32.99 51.13
C VAL H 246 -2.92 -32.03 51.88
N ALA H 247 -3.51 -31.16 52.70
CA ALA H 247 -2.74 -30.18 53.49
C ALA H 247 -1.64 -30.85 54.31
N ALA H 248 -1.96 -32.02 54.86
CA ALA H 248 -0.99 -32.79 55.62
C ALA H 248 0.00 -33.41 54.65
N ALA H 249 -0.52 -33.90 53.51
CA ALA H 249 0.30 -34.54 52.48
C ALA H 249 1.35 -33.60 51.85
N VAL H 250 0.95 -32.39 51.45
CA VAL H 250 1.88 -31.43 50.83
C VAL H 250 3.04 -30.99 51.74
N THR H 251 2.74 -30.76 53.01
CA THR H 251 3.74 -30.34 53.97
C THR H 251 4.52 -31.53 54.54
N GLY H 252 4.09 -32.75 54.19
CA GLY H 252 4.72 -33.98 54.68
C GLY H 252 4.36 -34.25 56.14
N GLY H 253 3.30 -33.61 56.62
CA GLY H 253 2.85 -33.75 58.00
C GLY H 253 1.89 -34.90 58.20
N ARG H 254 1.00 -34.74 59.18
N ARG H 254 1.03 -34.77 59.21
CA ARG H 254 0.04 -35.78 59.51
CA ARG H 254 0.01 -35.77 59.51
C ARG H 254 -1.24 -35.11 60.00
C ARG H 254 -1.26 -35.08 59.95
N VAL H 255 -2.37 -35.81 59.87
CA VAL H 255 -3.66 -35.27 60.30
C VAL H 255 -4.66 -36.39 60.52
N LYS H 256 -5.56 -36.18 61.47
CA LYS H 256 -6.62 -37.13 61.76
C LYS H 256 -7.93 -36.39 61.56
N VAL H 257 -8.67 -36.75 60.51
CA VAL H 257 -9.94 -36.09 60.26
C VAL H 257 -11.02 -36.94 60.93
N LYS H 258 -11.79 -36.31 61.81
CA LYS H 258 -12.85 -36.98 62.57
C LYS H 258 -14.24 -36.60 62.07
N ASP H 259 -15.25 -37.33 62.54
CA ASP H 259 -16.65 -37.10 62.19
C ASP H 259 -16.87 -37.11 60.66
N THR H 260 -16.18 -38.02 59.97
CA THR H 260 -16.27 -38.16 58.52
C THR H 260 -16.64 -39.59 58.14
N ASP H 261 -16.26 -40.03 56.94
CA ASP H 261 -16.56 -41.37 56.47
C ASP H 261 -15.59 -41.69 55.32
N PRO H 262 -14.71 -42.71 55.50
CA PRO H 262 -13.77 -43.02 54.41
C PRO H 262 -14.43 -43.59 53.14
N THR H 263 -15.63 -44.15 53.27
CA THR H 263 -16.34 -44.72 52.13
C THR H 263 -16.88 -43.70 51.14
N ILE H 264 -16.88 -42.41 51.49
CA ILE H 264 -17.38 -41.37 50.56
C ILE H 264 -16.25 -40.64 49.77
N LEU H 265 -15.04 -41.22 49.78
CA LEU H 265 -13.91 -40.65 49.03
C LEU H 265 -12.79 -41.69 48.80
N GLU H 266 -13.18 -42.91 48.43
CA GLU H 266 -12.20 -43.99 48.19
C GLU H 266 -11.23 -43.65 47.06
N ALA H 267 -11.73 -42.95 46.04
CA ALA H 267 -10.90 -42.54 44.91
C ALA H 267 -9.79 -41.60 45.38
N VAL H 268 -10.17 -40.65 46.23
CA VAL H 268 -9.23 -39.68 46.79
C VAL H 268 -8.20 -40.37 47.70
N LEU H 269 -8.66 -41.30 48.54
CA LEU H 269 -7.77 -42.03 49.44
C LEU H 269 -6.76 -42.88 48.65
N GLU H 270 -7.21 -43.44 47.54
CA GLU H 270 -6.35 -44.27 46.70
C GLU H 270 -5.23 -43.41 46.09
N LYS H 271 -5.57 -42.20 45.63
CA LYS H 271 -4.57 -41.30 45.04
C LYS H 271 -3.51 -40.85 46.05
N LEU H 272 -3.92 -40.71 47.32
CA LEU H 272 -2.99 -40.33 48.38
C LEU H 272 -1.99 -41.46 48.68
N LYS H 273 -2.43 -42.72 48.60
CA LYS H 273 -1.54 -43.88 48.81
C LYS H 273 -0.49 -43.95 47.72
N GLU H 274 -0.92 -43.70 46.47
CA GLU H 274 -0.04 -43.68 45.32
C GLU H 274 1.04 -42.61 45.48
N ALA H 275 0.66 -41.49 46.07
CA ALA H 275 1.60 -40.40 46.33
C ALA H 275 2.58 -40.75 47.45
N GLY H 276 2.26 -41.76 48.26
CA GLY H 276 3.13 -42.21 49.37
C GLY H 276 2.57 -42.09 50.79
N ALA H 277 1.33 -41.64 50.94
CA ALA H 277 0.74 -41.48 52.27
C ALA H 277 0.42 -42.81 52.98
N ASP H 278 0.61 -42.82 54.29
CA ASP H 278 0.33 -43.98 55.14
C ASP H 278 -1.03 -43.67 55.77
N ILE H 279 -2.08 -44.33 55.27
CA ILE H 279 -3.45 -44.08 55.72
C ILE H 279 -4.08 -45.20 56.55
N ASN H 280 -4.71 -44.81 57.65
CA ASN H 280 -5.45 -45.71 58.56
C ASN H 280 -6.87 -45.17 58.59
N THR H 281 -7.87 -46.05 58.56
CA THR H 281 -9.27 -45.62 58.59
C THR H 281 -10.11 -46.36 59.65
N GLY H 282 -11.16 -45.71 60.11
CA GLY H 282 -12.10 -46.26 61.08
C GLY H 282 -13.52 -46.05 60.55
N GLU H 283 -14.53 -46.27 61.39
CA GLU H 283 -15.91 -46.10 60.93
C GLU H 283 -16.24 -44.64 60.63
N ASP H 284 -15.68 -43.70 61.39
CA ASP H 284 -15.95 -42.27 61.18
C ASP H 284 -14.71 -41.36 61.24
N TRP H 285 -13.52 -41.93 61.00
CA TRP H 285 -12.28 -41.16 61.03
C TRP H 285 -11.25 -41.66 60.02
N ILE H 286 -10.31 -40.78 59.66
CA ILE H 286 -9.23 -41.10 58.73
C ILE H 286 -7.94 -40.47 59.24
N GLU H 287 -6.91 -41.28 59.41
CA GLU H 287 -5.61 -40.81 59.89
C GLU H 287 -4.61 -40.96 58.73
N LEU H 288 -3.91 -39.88 58.42
CA LEU H 288 -2.92 -39.86 57.34
C LEU H 288 -1.63 -39.28 57.89
N ASP H 289 -0.50 -39.86 57.48
CA ASP H 289 0.81 -39.40 57.92
C ASP H 289 1.81 -39.71 56.80
N MET H 290 2.46 -38.66 56.29
CA MET H 290 3.47 -38.83 55.24
C MET H 290 4.81 -39.26 55.81
N HIS H 291 5.01 -39.09 57.11
CA HIS H 291 6.28 -39.42 57.78
C HIS H 291 7.42 -38.55 57.27
N GLY H 292 7.08 -37.30 56.96
CA GLY H 292 8.04 -36.31 56.47
C GLY H 292 8.54 -36.43 55.04
N LYS H 293 8.05 -37.42 54.29
CA LYS H 293 8.53 -37.62 52.92
C LYS H 293 7.74 -36.84 51.88
N ARG H 294 8.44 -36.51 50.81
CA ARG H 294 7.89 -35.76 49.70
C ARG H 294 6.89 -36.63 48.95
N PRO H 295 5.83 -36.01 48.40
CA PRO H 295 4.88 -36.81 47.64
C PRO H 295 5.42 -37.24 46.26
N LYS H 296 4.95 -38.39 45.78
CA LYS H 296 5.29 -38.89 44.45
C LYS H 296 4.19 -38.37 43.54
N ALA H 297 4.59 -37.78 42.41
CA ALA H 297 3.62 -37.21 41.47
C ALA H 297 2.57 -38.25 41.04
N VAL H 298 1.29 -37.89 41.14
CA VAL H 298 0.21 -38.80 40.76
C VAL H 298 -0.60 -38.27 39.57
N ASN H 299 -1.09 -39.22 38.77
CA ASN H 299 -1.93 -38.92 37.62
C ASN H 299 -3.36 -39.10 38.09
N LEU H 300 -4.28 -38.31 37.54
CA LEU H 300 -5.69 -38.44 37.93
C LEU H 300 -6.59 -37.99 36.79
N ARG H 301 -7.87 -38.32 36.92
CA ARG H 301 -8.86 -37.98 35.91
C ARG H 301 -10.20 -37.73 36.61
N THR H 302 -10.70 -36.50 36.56
CA THR H 302 -11.96 -36.18 37.20
C THR H 302 -13.10 -36.82 36.42
N ALA H 303 -14.15 -37.20 37.15
CA ALA H 303 -15.34 -37.84 36.56
C ALA H 303 -16.44 -37.95 37.63
N PRO H 304 -17.65 -38.37 37.24
CA PRO H 304 -18.71 -38.50 38.26
C PRO H 304 -18.40 -39.58 39.33
N TYR H 305 -18.94 -39.39 40.54
CA TYR H 305 -18.76 -40.34 41.64
C TYR H 305 -19.17 -41.75 41.18
N PRO H 306 -18.49 -42.83 41.59
CA PRO H 306 -17.37 -42.83 42.53
C PRO H 306 -15.99 -42.43 42.00
N ALA H 307 -15.91 -41.84 40.80
CA ALA H 307 -14.61 -41.41 40.28
C ALA H 307 -14.06 -40.22 41.06
N PHE H 308 -12.80 -39.88 40.80
CA PHE H 308 -12.12 -38.77 41.47
C PHE H 308 -12.93 -37.48 41.26
N PRO H 309 -13.30 -36.80 42.35
CA PRO H 309 -14.12 -35.58 42.21
C PRO H 309 -13.38 -34.38 41.64
N THR H 310 -14.08 -33.60 40.81
CA THR H 310 -13.48 -32.39 40.23
C THR H 310 -13.16 -31.33 41.31
N ASP H 311 -13.93 -31.35 42.41
CA ASP H 311 -13.71 -30.39 43.52
C ASP H 311 -12.38 -30.65 44.29
N MET H 312 -11.71 -31.77 43.98
CA MET H 312 -10.42 -32.12 44.59
C MET H 312 -9.25 -32.00 43.59
N GLN H 313 -9.57 -31.76 42.32
CA GLN H 313 -8.55 -31.63 41.28
C GLN H 313 -7.52 -30.51 41.53
N ALA H 314 -8.01 -29.32 41.87
CA ALA H 314 -7.12 -28.18 42.14
C ALA H 314 -6.16 -28.48 43.30
N GLN H 315 -6.63 -29.23 44.29
CA GLN H 315 -5.83 -29.60 45.46
C GLN H 315 -4.67 -30.55 45.11
N PHE H 316 -4.91 -31.49 44.19
CA PHE H 316 -3.85 -32.43 43.75
C PHE H 316 -2.85 -31.79 42.79
N ILE H 317 -3.20 -30.63 42.21
CA ILE H 317 -2.23 -29.91 41.38
C ILE H 317 -1.25 -29.26 42.35
N SER H 318 -1.76 -28.74 43.47
CA SER H 318 -0.91 -28.14 44.48
C SER H 318 -0.04 -29.25 45.12
N LEU H 319 -0.58 -30.46 45.21
CA LEU H 319 0.19 -31.60 45.75
C LEU H 319 1.28 -32.00 44.76
N ASN H 320 0.92 -32.10 43.48
CA ASN H 320 1.89 -32.45 42.42
C ASN H 320 2.92 -31.36 42.16
N ALA H 321 2.59 -30.11 42.51
CA ALA H 321 3.50 -28.97 42.31
C ALA H 321 4.83 -29.12 43.05
N ILE H 322 4.81 -29.89 44.14
CA ILE H 322 5.98 -30.15 44.99
C ILE H 322 6.41 -31.62 44.92
N ALA H 323 5.66 -32.42 44.18
CA ALA H 323 5.93 -33.85 44.10
C ALA H 323 7.15 -34.21 43.25
N GLU H 324 7.53 -35.47 43.31
CA GLU H 324 8.65 -36.00 42.57
C GLU H 324 8.12 -36.52 41.24
N GLY H 325 8.67 -36.01 40.14
CA GLY H 325 8.28 -36.41 38.79
C GLY H 325 7.18 -35.55 38.21
N THR H 326 6.63 -36.00 37.08
CA THR H 326 5.56 -35.29 36.39
C THR H 326 4.25 -36.02 36.62
N GLY H 327 3.17 -35.26 36.80
CA GLY H 327 1.84 -35.81 37.03
C GLY H 327 0.82 -35.15 36.11
N ALA H 328 -0.02 -35.98 35.49
CA ALA H 328 -1.06 -35.50 34.56
C ALA H 328 -2.41 -35.43 35.27
N VAL H 329 -2.95 -34.21 35.38
CA VAL H 329 -4.23 -33.97 36.03
C VAL H 329 -5.24 -33.62 34.92
N ILE H 330 -6.19 -34.53 34.70
CA ILE H 330 -7.17 -34.39 33.62
C ILE H 330 -8.60 -34.12 34.09
N GLU H 331 -9.29 -33.23 33.37
CA GLU H 331 -10.70 -32.88 33.62
C GLU H 331 -11.62 -33.45 32.55
N THR H 332 -12.74 -34.02 32.99
CA THR H 332 -13.76 -34.52 32.05
C THR H 332 -15.07 -33.81 32.37
N ILE H 333 -15.19 -33.28 33.59
CA ILE H 333 -16.37 -32.57 34.03
C ILE H 333 -16.30 -31.11 33.55
N PHE H 334 -15.26 -30.39 33.97
CA PHE H 334 -15.05 -28.99 33.57
C PHE H 334 -13.69 -28.85 32.92
N GLU H 335 -13.67 -28.97 31.59
CA GLU H 335 -12.42 -28.93 30.81
C GLU H 335 -11.51 -27.72 31.00
N ASN H 336 -12.02 -26.59 31.50
CA ASN H 336 -11.16 -25.41 31.71
C ASN H 336 -11.06 -25.00 33.17
N ARG H 337 -11.36 -25.89 34.10
CA ARG H 337 -11.26 -25.53 35.51
C ARG H 337 -9.79 -25.60 35.93
N PHE H 338 -9.02 -24.59 35.49
CA PHE H 338 -7.59 -24.50 35.79
C PHE H 338 -7.10 -23.09 36.09
N MET H 339 -8.00 -22.19 36.53
CA MET H 339 -7.59 -20.81 36.87
C MET H 339 -6.48 -20.80 37.90
N HIS H 340 -6.67 -21.58 38.95
CA HIS H 340 -5.69 -21.71 40.02
C HIS H 340 -4.26 -21.99 39.52
N VAL H 341 -4.14 -22.72 38.40
CA VAL H 341 -2.84 -23.04 37.81
C VAL H 341 -2.04 -21.80 37.40
N TYR H 342 -2.71 -20.80 36.84
CA TYR H 342 -2.02 -19.56 36.41
C TYR H 342 -1.61 -18.68 37.60
N GLU H 343 -2.27 -18.87 38.74
CA GLU H 343 -1.93 -18.17 39.98
C GLU H 343 -0.74 -18.88 40.60
N MET H 344 -0.63 -20.19 40.37
CA MET H 344 0.48 -20.98 40.89
C MET H 344 1.78 -20.70 40.12
N HIS H 345 1.68 -20.21 38.87
CA HIS H 345 2.88 -19.83 38.09
C HIS H 345 3.58 -18.65 38.78
N ARG H 346 2.80 -17.83 39.48
CA ARG H 346 3.33 -16.69 40.23
C ARG H 346 4.07 -17.16 41.46
N MET H 347 3.72 -18.36 41.93
CA MET H 347 4.35 -18.97 43.10
C MET H 347 5.47 -19.93 42.67
N GLY H 348 5.86 -19.89 41.39
CA GLY H 348 6.93 -20.74 40.86
C GLY H 348 6.58 -22.14 40.41
N ALA H 349 5.29 -22.49 40.41
CA ALA H 349 4.87 -23.84 39.99
C ALA H 349 5.10 -24.04 38.49
N GLN H 350 5.65 -25.20 38.13
CA GLN H 350 5.90 -25.55 36.73
C GLN H 350 4.78 -26.43 36.22
N ILE H 351 3.74 -25.79 35.73
CA ILE H 351 2.56 -26.48 35.22
C ILE H 351 2.31 -26.04 33.78
N GLN H 352 2.01 -27.01 32.90
CA GLN H 352 1.70 -26.73 31.50
C GLN H 352 0.28 -27.20 31.24
N VAL H 353 -0.56 -26.29 30.71
CA VAL H 353 -1.95 -26.61 30.43
C VAL H 353 -2.22 -26.66 28.93
N GLU H 354 -2.90 -27.73 28.51
CA GLU H 354 -3.30 -27.89 27.12
C GLU H 354 -4.66 -28.56 27.14
N GLY H 355 -5.69 -27.75 26.87
CA GLY H 355 -7.06 -28.21 26.85
C GLY H 355 -7.49 -28.62 28.24
N ASN H 356 -7.95 -29.85 28.37
CA ASN H 356 -8.39 -30.39 29.66
C ASN H 356 -7.27 -31.04 30.45
N THR H 357 -6.03 -30.99 29.95
CA THR H 357 -4.89 -31.62 30.61
C THR H 357 -3.90 -30.62 31.20
N ALA H 358 -3.58 -30.80 32.48
CA ALA H 358 -2.63 -29.96 33.19
C ALA H 358 -1.43 -30.83 33.56
N ILE H 359 -0.35 -30.71 32.79
CA ILE H 359 0.87 -31.49 33.03
C ILE H 359 1.64 -30.78 34.14
N VAL H 360 1.67 -31.38 35.32
CA VAL H 360 2.33 -30.79 36.49
C VAL H 360 3.74 -31.34 36.72
N THR H 361 4.74 -30.48 36.58
CA THR H 361 6.14 -30.85 36.82
C THR H 361 6.47 -30.36 38.23
N GLY H 362 6.83 -31.29 39.10
CA GLY H 362 7.14 -30.97 40.50
C GLY H 362 8.51 -30.38 40.74
N VAL H 363 8.58 -29.49 41.74
CA VAL H 363 9.82 -28.81 42.09
C VAL H 363 10.13 -28.91 43.58
N LYS H 364 11.30 -28.40 43.94
CA LYS H 364 11.80 -28.37 45.33
C LYS H 364 10.78 -27.73 46.26
N ALA H 365 10.44 -26.48 45.96
CA ALA H 365 9.48 -25.72 46.77
C ALA H 365 8.95 -24.54 45.98
N LEU H 366 7.85 -23.97 46.46
CA LEU H 366 7.23 -22.81 45.83
C LEU H 366 7.79 -21.53 46.45
N LYS H 367 7.53 -20.42 45.77
CA LYS H 367 8.01 -19.11 46.18
C LYS H 367 6.82 -18.27 46.55
N GLY H 368 6.83 -17.67 47.74
CA GLY H 368 5.72 -16.84 48.20
C GLY H 368 5.46 -15.67 47.29
N ALA H 369 4.18 -15.42 47.00
CA ALA H 369 3.79 -14.30 46.13
C ALA H 369 2.30 -14.01 46.27
N PRO H 370 1.87 -12.76 46.00
CA PRO H 370 0.45 -12.44 46.10
C PRO H 370 -0.36 -13.06 44.97
N VAL H 371 -1.37 -13.87 45.32
CA VAL H 371 -2.23 -14.55 44.35
C VAL H 371 -3.68 -14.06 44.49
N MET H 372 -4.60 -14.68 43.74
CA MET H 372 -6.01 -14.25 43.74
C MET H 372 -6.99 -15.42 43.57
N ALA H 373 -7.97 -15.51 44.48
CA ALA H 373 -8.96 -16.59 44.44
C ALA H 373 -10.16 -16.24 43.54
N THR H 374 -10.68 -17.25 42.84
CA THR H 374 -11.84 -17.04 41.95
C THR H 374 -12.84 -18.22 41.90
N ASP H 375 -12.52 -19.34 42.56
CA ASP H 375 -13.38 -20.53 42.56
C ASP H 375 -13.69 -20.93 44.02
N LEU H 376 -14.97 -21.18 44.33
CA LEU H 376 -15.37 -21.54 45.70
C LEU H 376 -14.74 -22.81 46.29
N ARG H 377 -14.36 -23.76 45.43
CA ARG H 377 -13.71 -25.02 45.84
C ARG H 377 -12.25 -25.14 45.41
N ALA H 378 -11.98 -24.76 44.16
CA ALA H 378 -10.62 -24.86 43.61
C ALA H 378 -9.61 -23.90 44.23
N SER H 379 -10.06 -22.74 44.70
CA SER H 379 -9.14 -21.77 45.30
C SER H 379 -8.49 -22.27 46.59
N ALA H 380 -8.98 -23.38 47.15
CA ALA H 380 -8.37 -23.99 48.33
C ALA H 380 -6.94 -24.41 47.98
N SER H 381 -6.71 -24.68 46.69
CA SER H 381 -5.39 -25.07 46.19
C SER H 381 -4.32 -24.00 46.41
N LEU H 382 -4.71 -22.72 46.35
CA LEU H 382 -3.79 -21.62 46.58
C LEU H 382 -3.38 -21.58 48.04
N VAL H 383 -4.31 -21.92 48.93
CA VAL H 383 -4.05 -21.98 50.38
C VAL H 383 -3.13 -23.17 50.66
N LEU H 384 -3.31 -24.26 49.91
CA LEU H 384 -2.47 -25.46 50.06
C LEU H 384 -1.08 -25.25 49.47
N SER H 385 -1.01 -24.50 48.37
CA SER H 385 0.28 -24.19 47.73
C SER H 385 1.11 -23.23 48.60
N ALA H 386 0.42 -22.31 49.28
CA ALA H 386 1.07 -21.35 50.15
C ALA H 386 1.70 -21.98 51.40
N LEU H 387 1.24 -23.17 51.79
CA LEU H 387 1.78 -23.88 52.96
C LEU H 387 3.21 -24.40 52.74
N VAL H 388 3.56 -24.61 51.46
CA VAL H 388 4.88 -25.10 51.06
C VAL H 388 5.64 -24.05 50.24
N ALA H 389 5.22 -22.79 50.37
CA ALA H 389 5.83 -21.68 49.66
C ALA H 389 6.77 -20.93 50.59
N GLU H 390 8.04 -20.84 50.23
CA GLU H 390 9.03 -20.15 51.04
C GLU H 390 8.71 -18.65 51.06
N GLY H 391 8.34 -18.14 52.23
CA GLY H 391 7.98 -16.73 52.42
C GLY H 391 6.49 -16.55 52.63
N ASP H 392 6.03 -15.31 52.54
CA ASP H 392 4.62 -14.98 52.71
C ASP H 392 3.83 -15.02 51.40
N THR H 393 2.56 -15.42 51.49
CA THR H 393 1.64 -15.52 50.35
C THR H 393 0.32 -14.84 50.71
N LEU H 394 0.05 -13.71 50.07
CA LEU H 394 -1.18 -12.93 50.31
C LEU H 394 -2.27 -13.37 49.32
N ILE H 395 -3.33 -14.00 49.82
CA ILE H 395 -4.45 -14.46 48.97
C ILE H 395 -5.61 -13.46 48.98
N ASP H 396 -5.81 -12.77 47.85
CA ASP H 396 -6.87 -11.77 47.71
C ASP H 396 -8.20 -12.40 47.27
N ARG H 397 -9.31 -11.69 47.56
CA ARG H 397 -10.68 -12.13 47.24
C ARG H 397 -11.04 -13.50 47.82
N ILE H 398 -10.85 -13.66 49.14
CA ILE H 398 -11.13 -14.93 49.83
C ILE H 398 -12.62 -15.24 50.03
N TYR H 399 -13.51 -14.30 49.71
CA TYR H 399 -14.95 -14.57 49.86
C TYR H 399 -15.33 -15.85 49.10
N HIS H 400 -14.58 -16.15 48.03
CA HIS H 400 -14.79 -17.38 47.26
C HIS H 400 -14.52 -18.59 48.16
N ILE H 401 -13.40 -18.57 48.87
CA ILE H 401 -13.02 -19.67 49.77
C ILE H 401 -14.03 -19.80 50.93
N ASP H 402 -14.59 -18.67 51.37
CA ASP H 402 -15.59 -18.66 52.45
C ASP H 402 -16.92 -19.29 52.08
N ARG H 403 -17.21 -19.36 50.79
CA ARG H 403 -18.44 -20.01 50.32
C ARG H 403 -18.35 -21.53 50.45
N GLY H 404 -17.17 -22.08 50.18
CA GLY H 404 -16.95 -23.52 50.21
C GLY H 404 -16.37 -24.16 51.45
N TYR H 405 -15.68 -23.39 52.31
CA TYR H 405 -15.04 -23.96 53.50
C TYR H 405 -15.34 -23.22 54.81
N GLU H 406 -15.66 -23.99 55.85
CA GLU H 406 -15.96 -23.44 57.17
C GLU H 406 -14.78 -22.91 57.99
N CYS H 407 -14.49 -21.62 57.85
CA CYS H 407 -13.30 -20.96 58.44
C CYS H 407 -11.93 -21.61 58.24
N ILE H 408 -11.63 -21.88 56.97
CA ILE H 408 -10.46 -22.66 56.54
C ILE H 408 -9.18 -22.35 57.34
N GLU H 409 -8.95 -21.06 57.60
CA GLU H 409 -7.75 -20.61 58.33
C GLU H 409 -7.73 -21.02 59.79
N GLU H 410 -8.87 -21.05 60.47
CA GLU H 410 -8.92 -21.44 61.88
C GLU H 410 -8.58 -22.93 62.04
N LYS H 411 -9.00 -23.76 61.08
CA LYS H 411 -8.72 -25.20 61.13
C LYS H 411 -7.27 -25.52 60.74
N LEU H 412 -6.67 -24.72 59.86
CA LEU H 412 -5.27 -24.91 59.47
C LEU H 412 -4.35 -24.50 60.62
N GLN H 413 -4.81 -23.57 61.45
CA GLN H 413 -4.06 -23.14 62.64
C GLN H 413 -4.02 -24.25 63.68
N MET H 414 -5.11 -25.01 63.82
CA MET H 414 -5.19 -26.14 64.74
C MET H 414 -4.15 -27.19 64.36
N LEU H 415 -3.82 -27.24 63.07
CA LEU H 415 -2.81 -28.18 62.54
C LEU H 415 -1.38 -27.61 62.58
N GLY H 416 -1.21 -26.38 63.07
CA GLY H 416 0.11 -25.75 63.19
C GLY H 416 0.57 -24.83 62.05
N ALA H 417 -0.32 -24.54 61.09
CA ALA H 417 0.03 -23.68 59.96
C ALA H 417 0.12 -22.20 60.39
N LYS H 418 1.01 -21.46 59.73
CA LYS H 418 1.20 -20.02 59.98
C LYS H 418 0.34 -19.25 58.97
N ILE H 419 -0.92 -19.04 59.35
CA ILE H 419 -1.90 -18.36 58.52
C ILE H 419 -2.80 -17.45 59.37
N ARG H 420 -2.98 -16.21 58.93
CA ARG H 420 -3.84 -15.25 59.63
C ARG H 420 -4.72 -14.50 58.62
N ARG H 421 -5.82 -13.94 59.13
CA ARG H 421 -6.78 -13.23 58.30
C ARG H 421 -6.54 -11.73 58.39
N VAL H 422 -6.67 -11.04 57.24
CA VAL H 422 -6.46 -9.60 57.14
C VAL H 422 -7.68 -8.93 56.52
N PRO H 423 -8.57 -8.35 57.36
CA PRO H 423 -9.73 -7.64 56.79
C PRO H 423 -9.27 -6.35 56.11
N GLY H 424 -9.82 -6.07 54.93
CA GLY H 424 -9.46 -4.87 54.17
C GLY H 424 -9.97 -3.58 54.79
#